data_6VYP
#
_entry.id   6VYP
#
_cell.length_a   103.771
_cell.length_b   335.770
_cell.length_c   174.633
_cell.angle_alpha   90.000
_cell.angle_beta   91.070
_cell.angle_gamma   90.000
#
_symmetry.space_group_name_H-M   'P 1 21 1'
#
loop_
_entity.id
_entity.type
_entity.pdbx_description
1 polymer 'Histone H3'
2 polymer 'Histone H4'
3 polymer 'Histone H2A type 1'
4 polymer 'Histone H2B 1.1'
5 polymer 'DNA (191-MER)'
6 polymer 'DNA (191-MER)'
7 polymer 'Lysine-specific histone demethylase 1A'
8 polymer 'REST corepressor 1'
9 non-polymer 'FLAVIN-ADENINE DINUCLEOTIDE'
#
loop_
_entity_poly.entity_id
_entity_poly.type
_entity_poly.pdbx_seq_one_letter_code
_entity_poly.pdbx_strand_id
1 'polypeptide(L)'
;ARTMQTARKSTGGKAPRKQLATKAARKSAPATGGVKKPHRYRPGTVALREIRRYQKSTELLIRKLPFQRLVREIAQDFKT
DLRFQSSAVMALQEASEAYLVALFEDTNLCAIHAKRVTIMPKDIQLARRIRGERA
;
A,E,a,e
2 'polypeptide(L)'
;SGRGKGGKGLGKGGAKRHRKVLRDNIQGITKPAIRRLARRGGVKRISGLIYEETRGVLKVFLENVIRDAVTYTEHAKRKT
VTAMDVVYALKRQGRTLYGFGG
;
B,F,b,f
3 'polypeptide(L)'
;SGRGKQGGKTRAKAKTRSSRAGLQFPVGRVHRLLRKGNYAERVGAGAPVYLAAVLEYLTAEILELAGNAARDNKKTRIIP
RHLQLAVRNDEELNKLLGRVTIAQGGVLPNIQSVLLPKKTESSKSAKSK
;
C,G,c,g
4 'polypeptide(L)'
;AKSAPAPKKGSKKAVTKTQKKDGKKRRKTRKESYAIYVYKVLKQVHPDTGISSKAMSIMNSFVNDVFERIAGEASRLAHY
NKRSTITSREIQTAVRLLLPGELAKHAVSEGTKAVTKYTSAK
;
D,H,d,h
5 'polydeoxyribonucleotide'
;(DA)(DT)(DC)(DG)(DA)(DC)(DC)(DC)(DT)(DA)(DT)(DA)(DC)(DG)(DC)(DG)(DG)(DC)(DC)(DG)
(DC)(DC)(DC)(DT)(DG)(DG)(DA)(DG)(DA)(DA)(DT)(DC)(DC)(DC)(DG)(DG)(DT)(DG)(DC)(DC)
(DG)(DA)(DG)(DG)(DC)(DC)(DG)(DC)(DT)(DC)(DA)(DA)(DT)(DT)(DG)(DG)(DT)(DC)(DG)(DT)
(DA)(DG)(DA)(DC)(DA)(DG)(DC)(DT)(DC)(DT)(DA)(DG)(DC)(DA)(DC)(DC)(DG)(DC)(DT)(DT)
(DA)(DA)(DA)(DC)(DG)(DC)(DA)(DC)(DG)(DT)(DA)(DC)(DG)(DC)(DG)(DC)(DT)(DG)(DT)(DC)
(DC)(DC)(DC)(DC)(DG)(DC)(DG)(DT)(DT)(DT)(DT)(DA)(DA)(DC)(DC)(DG)(DC)(DC)(DA)(DA)
(DG)(DG)(DG)(DG)(DA)(DT)(DT)(DA)(DC)(DT)(DC)(DC)(DC)(DT)(DA)(DG)(DT)(DC)(DT)(DC)
(DC)(DA)(DG)(DG)(DC)(DA)(DC)(DG)(DT)(DG)(DT)(DC)(DA)(DG)(DA)(DT)(DA)(DT)(DA)(DT)
(DA)(DC)(DA)(DT)(DC)(DC)(DT)(DG)(DT)(DG)(DC)(DA)(DT)(DG)(DT)(DA)(DT)(DT)(DG)(DA)
(DA)(DC)(DA)(DG)(DC)(DG)(DA)(DC)(DG)(DA)(DT)
;
I,i
6 'polydeoxyribonucleotide'
;(DA)(DT)(DC)(DG)(DT)(DC)(DG)(DC)(DT)(DG)(DT)(DT)(DC)(DA)(DA)(DT)(DA)(DC)(DA)(DT)
(DG)(DC)(DA)(DC)(DA)(DG)(DG)(DA)(DT)(DG)(DT)(DA)(DT)(DA)(DT)(DA)(DT)(DC)(DT)(DG)
(DA)(DC)(DA)(DC)(DG)(DT)(DG)(DC)(DC)(DT)(DG)(DG)(DA)(DG)(DA)(DC)(DT)(DA)(DG)(DG)
(DG)(DA)(DG)(DT)(DA)(DA)(DT)(DC)(DC)(DC)(DC)(DT)(DT)(DG)(DG)(DC)(DG)(DG)(DT)(DT)
(DA)(DA)(DA)(DA)(DC)(DG)(DC)(DG)(DG)(DG)(DG)(DG)(DA)(DC)(DA)(DG)(DC)(DG)(DC)(DG)
(DT)(DA)(DC)(DG)(DT)(DG)(DC)(DG)(DT)(DT)(DT)(DA)(DA)(DG)(DC)(DG)(DG)(DT)(DG)(DC)
(DT)(DA)(DG)(DA)(DG)(DC)(DT)(DG)(DT)(DC)(DT)(DA)(DC)(DG)(DA)(DC)(DC)(DA)(DA)(DT)
(DT)(DG)(DA)(DG)(DC)(DG)(DG)(DC)(DC)(DT)(DC)(DG)(DG)(DC)(DA)(DC)(DC)(DG)(DG)(DG)
(DA)(DT)(DT)(DC)(DT)(DC)(DC)(DA)(DG)(DG)(DG)(DC)(DG)(DG)(DC)(DC)(DG)(DC)(DG)(DT)
(DA)(DT)(DA)(DG)(DG)(DG)(DT)(DC)(DG)(DA)(DT)
;
J,j
7 'polypeptide(L)'
;GSPSGVEGAAFQSRLPHDRMTSQEAACFPDIISGPQQTQKVFLFIRNRTLQLWLDNPKIQLTFEATLQQLEAPYNSDTVL
VHRVHSYLERHGLINFGIYKRIKPLPTKKTGKVIIIGSGVSGLAAARQLQSFGMDVTLLEARDRVGGRVATFRKGNYVAD
LGAMVVTGLGGNPMAVVSKQVNMELAKIKQKCPLYEANGQAVPKEKDEMVEQEFNRLLEATSYLSHQLDFNVLNNKPVSL
GQALEVVIQLQEKHVKDEQIEHWKKIVKTQEELKELLNKMVNLKEKIKELHQQYKEASEVKPPRDITAEFLVKSKHRDLT
ALCKEYDELAETQGKLEEKLQELEANPPSDVYLSSRDRQILDWHFANLEFANATPLSTLSLKHWDQDDDFEFTGSHLTVR
NGYSCVPVALAEGLDIKLNTAVRQVRYTASGCEVIAVNTASTSQTFIYKCDAVLCTLPLGVLKQQPPAVQFVPPLPEWKT
SAVQRMGFGNLNKVVLCFDRVFWDPSVNLFGHVGSTTASRGELFLFWNLYKAPILLALVAGEAAGIMEAISDAVIVGRCL
AILKGIFGSSAVPQPKETVVSRWRADPWARGSYSYVAAGSSGNDYDLMAQPITPGPSIPGAPQPIPRLFFAGEHTIRNYP
ATVHGALLSGLREAGRIADQFLGAMYTLPRQATPGVPAQQSPSM
;
M,m,K,k
8 'polypeptide(L)'
;GSPTETVPQVKKEKHSTQAKNRAKRKPPKGMFLSQEDVEAVSANATAATTVLRQLDMELVSVKRQIQNIKQTNSALKEKL
DGGIEPYRLPEVIQKCNARWTTEEQLLAVQAIRKYGRDFQAISDVIGNKSVVQVKNFFVNYRRRFNIDEVLQEWEAE
;
N,n,L,l
#
loop_
_chem_comp.id
_chem_comp.type
_chem_comp.name
_chem_comp.formula
DA DNA linking 2'-DEOXYADENOSINE-5'-MONOPHOSPHATE 'C10 H14 N5 O6 P'
DC DNA linking 2'-DEOXYCYTIDINE-5'-MONOPHOSPHATE 'C9 H14 N3 O7 P'
DG DNA linking 2'-DEOXYGUANOSINE-5'-MONOPHOSPHATE 'C10 H14 N5 O7 P'
DT DNA linking THYMIDINE-5'-MONOPHOSPHATE 'C10 H15 N2 O8 P'
FAD non-polymer 'FLAVIN-ADENINE DINUCLEOTIDE' 'C27 H33 N9 O15 P2'
#
# COMPACT_ATOMS: atom_id res chain seq x y z
N THR A 3 -123.64 -25.02 -45.66
CA THR A 3 -123.75 -26.41 -46.11
C THR A 3 -124.85 -26.57 -47.14
N MET A 4 -125.89 -25.74 -47.05
CA MET A 4 -126.97 -25.74 -48.02
C MET A 4 -126.64 -24.93 -49.26
N GLN A 5 -125.35 -24.73 -49.54
CA GLN A 5 -124.89 -23.97 -50.70
C GLN A 5 -124.80 -24.91 -51.90
N THR A 6 -125.76 -24.81 -52.82
CA THR A 6 -125.78 -25.65 -54.01
C THR A 6 -125.39 -24.92 -55.28
N ALA A 7 -125.47 -23.59 -55.30
CA ALA A 7 -125.14 -22.79 -56.48
C ALA A 7 -124.14 -21.72 -56.07
N ARG A 8 -122.94 -21.76 -56.67
CA ARG A 8 -121.86 -20.84 -56.36
C ARG A 8 -121.57 -20.84 -54.86
N LYS A 9 -120.89 -21.88 -54.39
CA LYS A 9 -120.61 -22.03 -52.97
C LYS A 9 -119.66 -20.94 -52.49
N SER A 10 -119.74 -20.63 -51.20
CA SER A 10 -118.88 -19.62 -50.58
C SER A 10 -117.46 -20.17 -50.47
N THR A 11 -116.55 -19.64 -51.27
CA THR A 11 -115.16 -20.10 -51.24
C THR A 11 -114.51 -19.79 -49.90
N GLY A 12 -114.75 -18.60 -49.37
CA GLY A 12 -114.19 -18.21 -48.10
C GLY A 12 -114.81 -18.96 -46.94
N GLY A 13 -114.45 -18.52 -45.73
CA GLY A 13 -114.92 -19.18 -44.53
C GLY A 13 -114.38 -20.58 -44.34
N LYS A 14 -113.24 -20.90 -44.95
CA LYS A 14 -112.64 -22.23 -44.87
C LYS A 14 -111.16 -22.08 -44.59
N ALA A 15 -110.71 -22.58 -43.44
CA ALA A 15 -109.31 -22.49 -43.08
C ALA A 15 -108.91 -23.66 -42.17
N PRO A 38 -73.52 -36.41 -31.40
CA PRO A 38 -72.25 -35.79 -31.03
C PRO A 38 -72.04 -34.44 -31.73
N HIS A 39 -71.28 -33.55 -31.10
CA HIS A 39 -71.00 -32.23 -31.63
C HIS A 39 -69.55 -32.12 -32.05
N ARG A 40 -69.31 -31.55 -33.22
CA ARG A 40 -67.97 -31.38 -33.76
C ARG A 40 -67.88 -29.98 -34.36
N TYR A 41 -66.95 -29.17 -33.84
CA TYR A 41 -66.81 -27.81 -34.34
C TYR A 41 -66.25 -27.82 -35.76
N ARG A 42 -66.50 -26.72 -36.47
CA ARG A 42 -66.03 -26.60 -37.84
C ARG A 42 -64.50 -26.45 -37.85
N PRO A 43 -63.84 -26.92 -38.91
CA PRO A 43 -62.37 -26.84 -38.95
C PRO A 43 -61.89 -25.40 -38.93
N GLY A 44 -60.97 -25.12 -38.01
CA GLY A 44 -60.39 -23.81 -37.84
C GLY A 44 -60.78 -23.10 -36.57
N THR A 45 -61.83 -23.56 -35.89
CA THR A 45 -62.28 -22.90 -34.67
C THR A 45 -61.39 -23.25 -33.49
N VAL A 46 -61.15 -24.55 -33.26
CA VAL A 46 -60.29 -24.96 -32.17
C VAL A 46 -58.86 -24.47 -32.39
N ALA A 47 -58.43 -24.45 -33.66
CA ALA A 47 -57.09 -23.98 -33.98
C ALA A 47 -56.89 -22.53 -33.56
N LEU A 48 -57.84 -21.66 -33.92
CA LEU A 48 -57.74 -20.25 -33.52
C LEU A 48 -57.80 -20.10 -32.01
N ARG A 49 -58.67 -20.86 -31.35
CA ARG A 49 -58.76 -20.80 -29.90
C ARG A 49 -57.49 -21.34 -29.24
N GLU A 50 -56.87 -22.34 -29.85
CA GLU A 50 -55.59 -22.83 -29.36
C GLU A 50 -54.50 -21.78 -29.56
N ILE A 51 -54.55 -21.06 -30.68
CA ILE A 51 -53.60 -19.97 -30.92
C ILE A 51 -53.72 -18.91 -29.84
N ARG A 52 -54.95 -18.51 -29.51
CA ARG A 52 -55.15 -17.54 -28.43
C ARG A 52 -54.62 -18.08 -27.11
N ARG A 53 -54.78 -19.38 -26.87
CA ARG A 53 -54.35 -19.96 -25.60
C ARG A 53 -52.83 -19.91 -25.46
N TYR A 54 -52.10 -20.19 -26.55
CA TYR A 54 -50.64 -20.19 -26.48
C TYR A 54 -50.03 -18.81 -26.65
N GLN A 55 -50.75 -17.86 -27.26
CA GLN A 55 -50.25 -16.49 -27.33
C GLN A 55 -50.37 -15.76 -25.99
N LYS A 56 -51.24 -16.23 -25.10
CA LYS A 56 -51.37 -15.64 -23.78
C LYS A 56 -50.38 -16.20 -22.77
N SER A 57 -49.97 -17.46 -22.93
CA SER A 57 -49.02 -18.09 -22.03
C SER A 57 -47.61 -18.03 -22.61
N THR A 58 -46.62 -18.31 -21.76
CA THR A 58 -45.22 -18.28 -22.14
C THR A 58 -44.50 -19.55 -21.76
N GLU A 59 -45.23 -20.58 -21.32
CA GLU A 59 -44.59 -21.84 -20.96
C GLU A 59 -43.92 -22.47 -22.17
N LEU A 60 -42.82 -23.18 -21.92
CA LEU A 60 -42.10 -23.84 -22.99
C LEU A 60 -42.99 -24.92 -23.63
N LEU A 61 -42.86 -25.07 -24.94
CA LEU A 61 -43.75 -25.97 -25.68
C LEU A 61 -43.13 -27.32 -25.97
N ILE A 62 -41.84 -27.37 -26.30
CA ILE A 62 -41.15 -28.64 -26.47
C ILE A 62 -40.83 -29.21 -25.09
N ARG A 63 -41.05 -30.51 -24.93
CA ARG A 63 -40.82 -31.14 -23.63
C ARG A 63 -39.33 -31.16 -23.29
N LYS A 64 -39.04 -31.16 -21.99
CA LYS A 64 -37.68 -30.90 -21.52
C LYS A 64 -36.76 -32.10 -21.70
N LEU A 65 -37.25 -33.32 -21.40
CA LEU A 65 -36.37 -34.48 -21.43
C LEU A 65 -36.03 -34.92 -22.86
N PRO A 66 -36.98 -35.04 -23.79
CA PRO A 66 -36.58 -35.34 -25.18
C PRO A 66 -35.68 -34.28 -25.78
N PHE A 67 -35.90 -33.01 -25.43
CA PHE A 67 -35.02 -31.96 -25.92
C PHE A 67 -33.63 -32.07 -25.34
N GLN A 68 -33.53 -32.42 -24.05
CA GLN A 68 -32.23 -32.54 -23.41
C GLN A 68 -31.44 -33.71 -23.98
N ARG A 69 -32.12 -34.81 -24.31
CA ARG A 69 -31.44 -35.94 -24.92
C ARG A 69 -31.00 -35.61 -26.34
N LEU A 70 -31.79 -34.84 -27.07
CA LEU A 70 -31.42 -34.44 -28.43
C LEU A 70 -30.16 -33.59 -28.42
N VAL A 71 -30.06 -32.65 -27.49
CA VAL A 71 -28.89 -31.79 -27.43
C VAL A 71 -27.65 -32.59 -27.04
N ARG A 72 -27.81 -33.55 -26.13
CA ARG A 72 -26.69 -34.43 -25.78
C ARG A 72 -26.18 -35.18 -27.00
N GLU A 73 -27.09 -35.63 -27.85
CA GLU A 73 -26.67 -36.31 -29.09
C GLU A 73 -25.87 -35.36 -29.98
N ILE A 74 -26.36 -34.13 -30.13
CA ILE A 74 -25.67 -33.16 -31.00
C ILE A 74 -24.29 -32.82 -30.45
N ALA A 75 -24.17 -32.72 -29.13
CA ALA A 75 -22.88 -32.36 -28.54
C ALA A 75 -21.88 -33.51 -28.61
N GLN A 76 -22.35 -34.76 -28.58
CA GLN A 76 -21.43 -35.89 -28.67
C GLN A 76 -20.66 -35.88 -29.98
N ASP A 77 -21.27 -35.38 -31.05
CA ASP A 77 -20.59 -35.27 -32.34
C ASP A 77 -19.59 -34.13 -32.40
N PHE A 78 -19.57 -33.26 -31.39
CA PHE A 78 -18.62 -32.15 -31.34
C PHE A 78 -17.46 -32.41 -30.39
N LYS A 79 -17.74 -32.94 -29.20
CA LYS A 79 -16.70 -33.27 -28.24
C LYS A 79 -17.24 -34.35 -27.32
N THR A 80 -16.42 -35.34 -27.02
CA THR A 80 -16.86 -36.50 -26.28
C THR A 80 -16.75 -36.26 -24.77
N ASP A 81 -17.64 -36.93 -24.03
CA ASP A 81 -17.66 -36.87 -22.57
C ASP A 81 -17.87 -35.42 -22.08
N LEU A 82 -19.08 -34.94 -22.30
CA LEU A 82 -19.47 -33.59 -21.92
C LEU A 82 -20.61 -33.62 -20.93
N ARG A 83 -20.57 -32.71 -19.95
CA ARG A 83 -21.63 -32.53 -18.98
C ARG A 83 -22.26 -31.16 -19.18
N PHE A 84 -23.58 -31.08 -18.98
CA PHE A 84 -24.34 -29.85 -19.17
C PHE A 84 -24.95 -29.41 -17.84
N GLN A 85 -24.85 -28.11 -17.55
CA GLN A 85 -25.64 -27.54 -16.47
C GLN A 85 -27.10 -27.50 -16.89
N SER A 86 -27.99 -27.76 -15.93
CA SER A 86 -29.42 -27.74 -16.22
C SER A 86 -29.85 -26.38 -16.77
N SER A 87 -29.23 -25.30 -16.30
CA SER A 87 -29.53 -23.97 -16.83
C SER A 87 -29.06 -23.81 -18.26
N ALA A 88 -28.00 -24.52 -18.65
CA ALA A 88 -27.54 -24.46 -20.04
C ALA A 88 -28.57 -25.06 -20.99
N VAL A 89 -29.19 -26.18 -20.58
CA VAL A 89 -30.20 -26.80 -21.43
C VAL A 89 -31.43 -25.90 -21.54
N MET A 90 -31.86 -25.31 -20.42
CA MET A 90 -33.01 -24.43 -20.45
C MET A 90 -32.77 -23.21 -21.33
N ALA A 91 -31.55 -22.67 -21.30
CA ALA A 91 -31.24 -21.53 -22.16
C ALA A 91 -31.25 -21.93 -23.63
N LEU A 92 -30.76 -23.14 -23.94
CA LEU A 92 -30.82 -23.62 -25.32
C LEU A 92 -32.25 -23.79 -25.78
N GLN A 93 -33.12 -24.29 -24.89
CA GLN A 93 -34.53 -24.46 -25.24
C GLN A 93 -35.22 -23.12 -25.44
N GLU A 94 -34.89 -22.12 -24.62
CA GLU A 94 -35.50 -20.81 -24.73
C GLU A 94 -35.20 -20.17 -26.09
N ALA A 95 -33.92 -20.15 -26.47
CA ALA A 95 -33.53 -19.55 -27.74
C ALA A 95 -34.05 -20.35 -28.92
N SER A 96 -34.13 -21.68 -28.79
CA SER A 96 -34.60 -22.51 -29.88
C SER A 96 -36.08 -22.28 -30.16
N GLU A 97 -36.91 -22.28 -29.11
CA GLU A 97 -38.34 -22.08 -29.31
C GLU A 97 -38.65 -20.68 -29.81
N ALA A 98 -37.94 -19.68 -29.30
CA ALA A 98 -38.14 -18.31 -29.78
C ALA A 98 -37.78 -18.18 -31.24
N TYR A 99 -36.69 -18.84 -31.66
CA TYR A 99 -36.32 -18.83 -33.07
C TYR A 99 -37.38 -19.51 -33.93
N LEU A 100 -37.96 -20.62 -33.44
CA LEU A 100 -38.94 -21.36 -34.22
C LEU A 100 -40.27 -20.63 -34.28
N VAL A 101 -40.69 -20.01 -33.18
CA VAL A 101 -41.93 -19.24 -33.19
C VAL A 101 -41.80 -18.05 -34.14
N ALA A 102 -40.68 -17.34 -34.08
CA ALA A 102 -40.46 -16.22 -34.98
C ALA A 102 -40.40 -16.69 -36.43
N LEU A 103 -39.84 -17.87 -36.67
CA LEU A 103 -39.76 -18.40 -38.03
C LEU A 103 -41.14 -18.74 -38.57
N PHE A 104 -42.00 -19.32 -37.73
CA PHE A 104 -43.35 -19.64 -38.17
C PHE A 104 -44.18 -18.39 -38.41
N GLU A 105 -43.86 -17.29 -37.70
CA GLU A 105 -44.49 -16.02 -38.01
C GLU A 105 -44.15 -15.56 -39.42
N ASP A 106 -42.86 -15.59 -39.76
CA ASP A 106 -42.45 -15.26 -41.13
C ASP A 106 -42.99 -16.30 -42.11
N THR A 107 -43.06 -17.57 -41.70
CA THR A 107 -43.59 -18.60 -42.58
C THR A 107 -45.07 -18.37 -42.86
N ASN A 108 -45.85 -18.01 -41.83
CA ASN A 108 -47.28 -17.75 -42.04
C ASN A 108 -47.49 -16.54 -42.94
N LEU A 109 -46.65 -15.52 -42.81
CA LEU A 109 -46.75 -14.35 -43.68
C LEU A 109 -46.48 -14.73 -45.13
N CYS A 110 -45.52 -15.63 -45.38
CA CYS A 110 -45.24 -16.06 -46.74
C CYS A 110 -46.41 -16.83 -47.32
N ALA A 111 -47.02 -17.73 -46.53
CA ALA A 111 -48.14 -18.52 -47.03
C ALA A 111 -49.33 -17.64 -47.35
N ILE A 112 -49.60 -16.63 -46.53
CA ILE A 112 -50.69 -15.71 -46.81
C ILE A 112 -50.39 -14.88 -48.05
N HIS A 113 -49.12 -14.54 -48.27
CA HIS A 113 -48.75 -13.77 -49.46
C HIS A 113 -49.01 -14.56 -50.74
N ALA A 114 -48.88 -15.89 -50.69
CA ALA A 114 -49.14 -16.74 -51.85
C ALA A 114 -50.61 -17.10 -52.00
N LYS A 115 -51.51 -16.27 -51.45
CA LYS A 115 -52.96 -16.50 -51.52
C LYS A 115 -53.33 -17.85 -50.90
N ARG A 116 -52.57 -18.30 -49.91
CA ARG A 116 -52.81 -19.57 -49.24
C ARG A 116 -52.98 -19.34 -47.74
N VAL A 117 -53.38 -20.40 -47.04
CA VAL A 117 -53.56 -20.36 -45.60
C VAL A 117 -52.67 -21.42 -44.97
N THR A 118 -52.36 -22.46 -45.74
CA THR A 118 -51.58 -23.59 -45.25
C THR A 118 -50.09 -23.32 -45.45
N ILE A 119 -49.32 -23.51 -44.39
CA ILE A 119 -47.87 -23.40 -44.49
C ILE A 119 -47.31 -24.63 -45.18
N MET A 120 -46.23 -24.44 -45.93
CA MET A 120 -45.59 -25.50 -46.70
C MET A 120 -44.09 -25.34 -46.59
N PRO A 121 -43.33 -26.41 -46.85
CA PRO A 121 -41.86 -26.29 -46.76
C PRO A 121 -41.30 -25.20 -47.63
N LYS A 122 -41.94 -24.89 -48.77
CA LYS A 122 -41.47 -23.79 -49.60
C LYS A 122 -41.57 -22.45 -48.88
N ASP A 123 -42.50 -22.33 -47.93
CA ASP A 123 -42.62 -21.09 -47.16
C ASP A 123 -41.46 -20.91 -46.20
N ILE A 124 -41.09 -21.98 -45.48
CA ILE A 124 -39.95 -21.91 -44.57
C ILE A 124 -38.66 -21.66 -45.35
N GLN A 125 -38.50 -22.35 -46.48
CA GLN A 125 -37.30 -22.16 -47.29
C GLN A 125 -37.23 -20.74 -47.83
N LEU A 126 -38.38 -20.18 -48.24
CA LEU A 126 -38.39 -18.78 -48.68
C LEU A 126 -38.04 -17.84 -47.55
N ALA A 127 -38.55 -18.12 -46.34
CA ALA A 127 -38.25 -17.26 -45.20
C ALA A 127 -36.77 -17.30 -44.86
N ARG A 128 -36.17 -18.49 -44.84
CA ARG A 128 -34.75 -18.58 -44.52
C ARG A 128 -33.89 -18.05 -45.66
N ARG A 129 -34.40 -18.07 -46.88
CA ARG A 129 -33.69 -17.48 -48.00
C ARG A 129 -33.63 -15.95 -47.89
N ILE A 130 -34.74 -15.33 -47.48
CA ILE A 130 -34.77 -13.88 -47.31
C ILE A 130 -33.90 -13.47 -46.13
N ARG A 131 -33.89 -14.28 -45.07
CA ARG A 131 -33.05 -14.00 -43.91
C ARG A 131 -31.57 -14.10 -44.25
N GLY A 132 -31.21 -14.74 -45.35
CA GLY A 132 -29.84 -14.98 -45.71
C GLY A 132 -29.26 -16.27 -45.17
N GLU A 133 -30.04 -17.04 -44.42
CA GLU A 133 -29.61 -18.33 -43.90
C GLU A 133 -29.59 -19.34 -45.04
N ARG A 134 -28.40 -19.66 -45.53
CA ARG A 134 -28.25 -20.59 -46.65
C ARG A 134 -27.63 -21.91 -46.19
N VAL B 21 -39.15 -56.71 -21.77
CA VAL B 21 -38.03 -55.87 -22.18
C VAL B 21 -37.90 -55.90 -23.71
N LEU B 22 -38.42 -54.87 -24.37
CA LEU B 22 -38.36 -54.74 -25.82
C LEU B 22 -37.51 -53.56 -26.27
N ARG B 23 -37.65 -52.42 -25.58
CA ARG B 23 -36.83 -51.21 -25.82
C ARG B 23 -37.10 -50.72 -27.23
N ASP B 24 -36.09 -50.55 -28.09
CA ASP B 24 -36.24 -50.02 -29.44
C ASP B 24 -36.89 -48.64 -29.41
N ASN B 25 -36.10 -47.62 -29.06
CA ASN B 25 -36.55 -46.24 -29.01
C ASN B 25 -35.69 -45.38 -29.93
N ILE B 26 -36.08 -44.11 -30.06
CA ILE B 26 -35.40 -43.16 -30.94
C ILE B 26 -35.42 -41.78 -30.28
N GLN B 27 -34.66 -40.87 -30.87
CA GLN B 27 -34.59 -39.48 -30.43
C GLN B 27 -34.98 -38.55 -31.58
N GLY B 28 -35.12 -37.27 -31.25
CA GLY B 28 -35.56 -36.29 -32.22
C GLY B 28 -37.03 -36.46 -32.56
N ILE B 29 -37.89 -36.44 -31.54
CA ILE B 29 -39.32 -36.66 -31.73
C ILE B 29 -39.97 -35.35 -32.16
N THR B 30 -40.52 -34.61 -31.20
CA THR B 30 -41.12 -33.30 -31.44
C THR B 30 -42.20 -33.36 -32.52
N LYS B 31 -43.16 -34.27 -32.33
CA LYS B 31 -44.23 -34.43 -33.32
C LYS B 31 -45.39 -33.49 -33.00
N PRO B 32 -45.94 -33.50 -31.78
CA PRO B 32 -46.95 -32.48 -31.45
C PRO B 32 -46.35 -31.13 -31.09
N ALA B 33 -45.09 -31.10 -30.65
CA ALA B 33 -44.45 -29.84 -30.29
C ALA B 33 -44.40 -28.88 -31.46
N ILE B 34 -44.15 -29.39 -32.68
CA ILE B 34 -44.16 -28.53 -33.85
C ILE B 34 -45.56 -27.98 -34.09
N ARG B 35 -46.60 -28.67 -33.63
CA ARG B 35 -47.94 -28.10 -33.72
C ARG B 35 -48.14 -26.99 -32.70
N ARG B 36 -47.66 -27.19 -31.47
CA ARG B 36 -47.80 -26.14 -30.46
C ARG B 36 -46.97 -24.92 -30.81
N LEU B 37 -45.75 -25.12 -31.33
CA LEU B 37 -44.93 -23.99 -31.74
C LEU B 37 -45.59 -23.20 -32.87
N ALA B 38 -46.39 -23.88 -33.71
CA ALA B 38 -47.07 -23.17 -34.78
C ALA B 38 -48.22 -22.31 -34.24
N ARG B 39 -48.92 -22.80 -33.21
CA ARG B 39 -50.05 -22.05 -32.68
C ARG B 39 -49.59 -20.76 -32.01
N ARG B 40 -48.50 -20.82 -31.24
CA ARG B 40 -47.96 -19.60 -30.65
C ARG B 40 -47.45 -18.63 -31.71
N GLY B 41 -47.04 -19.15 -32.86
CA GLY B 41 -46.65 -18.30 -33.98
C GLY B 41 -47.80 -17.80 -34.83
N GLY B 42 -49.00 -18.36 -34.66
CA GLY B 42 -50.16 -17.92 -35.38
C GLY B 42 -50.55 -18.73 -36.60
N VAL B 43 -49.97 -19.91 -36.78
CA VAL B 43 -50.25 -20.74 -37.95
C VAL B 43 -51.58 -21.45 -37.77
N LYS B 44 -52.38 -21.48 -38.83
CA LYS B 44 -53.70 -22.11 -38.81
C LYS B 44 -53.70 -23.51 -39.39
N ARG B 45 -53.19 -23.68 -40.60
CA ARG B 45 -53.16 -24.97 -41.28
C ARG B 45 -51.72 -25.40 -41.51
N ILE B 46 -51.42 -26.64 -41.14
CA ILE B 46 -50.06 -27.18 -41.19
C ILE B 46 -50.04 -28.36 -42.14
N SER B 47 -49.16 -28.31 -43.14
CA SER B 47 -49.01 -29.43 -44.05
C SER B 47 -48.20 -30.54 -43.38
N GLY B 48 -48.26 -31.74 -43.98
CA GLY B 48 -47.61 -32.89 -43.37
C GLY B 48 -46.10 -32.82 -43.40
N LEU B 49 -45.53 -32.22 -44.44
CA LEU B 49 -44.08 -32.16 -44.59
C LEU B 49 -43.43 -31.06 -43.76
N ILE B 50 -44.22 -30.20 -43.12
CA ILE B 50 -43.66 -29.12 -42.32
C ILE B 50 -42.83 -29.69 -41.16
N TYR B 51 -43.33 -30.75 -40.52
CA TYR B 51 -42.66 -31.27 -39.33
C TYR B 51 -41.26 -31.76 -39.65
N GLU B 52 -41.10 -32.53 -40.72
CA GLU B 52 -39.77 -33.02 -41.09
C GLU B 52 -38.84 -31.88 -41.46
N GLU B 53 -39.33 -30.89 -42.22
CA GLU B 53 -38.51 -29.75 -42.55
C GLU B 53 -38.20 -28.91 -41.31
N THR B 54 -39.14 -28.85 -40.36
CA THR B 54 -38.91 -28.12 -39.12
C THR B 54 -37.79 -28.75 -38.31
N ARG B 55 -37.76 -30.09 -38.25
CA ARG B 55 -36.70 -30.77 -37.52
C ARG B 55 -35.33 -30.45 -38.11
N GLY B 56 -35.24 -30.42 -39.44
CA GLY B 56 -33.97 -30.11 -40.08
C GLY B 56 -33.45 -28.72 -39.73
N VAL B 57 -34.35 -27.74 -39.69
CA VAL B 57 -33.94 -26.39 -39.30
C VAL B 57 -33.45 -26.36 -37.86
N LEU B 58 -34.13 -27.09 -36.97
CA LEU B 58 -33.70 -27.14 -35.58
C LEU B 58 -32.33 -27.78 -35.43
N LYS B 59 -32.03 -28.79 -36.27
CA LYS B 59 -30.71 -29.40 -36.22
C LYS B 59 -29.61 -28.40 -36.55
N VAL B 60 -29.75 -27.71 -37.70
CA VAL B 60 -28.73 -26.76 -38.13
C VAL B 60 -28.59 -25.63 -37.11
N PHE B 61 -29.71 -25.14 -36.59
CA PHE B 61 -29.66 -24.08 -35.58
C PHE B 61 -28.91 -24.53 -34.34
N LEU B 62 -29.22 -25.73 -33.84
CA LEU B 62 -28.52 -26.25 -32.67
C LEU B 62 -27.05 -26.53 -32.98
N GLU B 63 -26.76 -27.04 -34.18
CA GLU B 63 -25.38 -27.31 -34.56
C GLU B 63 -24.53 -26.04 -34.50
N ASN B 64 -25.06 -24.92 -34.99
CA ASN B 64 -24.30 -23.68 -34.98
C ASN B 64 -24.09 -23.17 -33.56
N VAL B 65 -25.14 -23.16 -32.74
CA VAL B 65 -25.05 -22.61 -31.40
C VAL B 65 -24.15 -23.47 -30.52
N ILE B 66 -24.38 -24.79 -30.53
CA ILE B 66 -23.58 -25.68 -29.69
C ILE B 66 -22.11 -25.67 -30.10
N ARG B 67 -21.83 -25.49 -31.39
CA ARG B 67 -20.45 -25.44 -31.86
C ARG B 67 -19.68 -24.31 -31.17
N ASP B 68 -20.21 -23.09 -31.21
CA ASP B 68 -19.55 -21.98 -30.53
C ASP B 68 -19.53 -22.17 -29.03
N ALA B 69 -20.55 -22.82 -28.46
CA ALA B 69 -20.57 -23.08 -27.03
C ALA B 69 -19.47 -24.08 -26.64
N VAL B 70 -19.36 -25.19 -27.38
CA VAL B 70 -18.33 -26.18 -27.10
C VAL B 70 -16.93 -25.58 -27.25
N THR B 71 -16.78 -24.62 -28.17
CA THR B 71 -15.46 -24.01 -28.36
C THR B 71 -15.00 -23.27 -27.12
N TYR B 72 -15.93 -22.59 -26.44
CA TYR B 72 -15.56 -21.90 -25.19
C TYR B 72 -15.16 -22.88 -24.10
N THR B 73 -15.86 -24.01 -24.00
CA THR B 73 -15.46 -25.03 -23.03
C THR B 73 -14.09 -25.59 -23.36
N GLU B 74 -13.76 -25.71 -24.64
CA GLU B 74 -12.43 -26.16 -25.04
C GLU B 74 -11.37 -25.14 -24.63
N HIS B 75 -11.67 -23.85 -24.83
CA HIS B 75 -10.72 -22.81 -24.43
C HIS B 75 -10.61 -22.68 -22.92
N ALA B 76 -11.71 -22.90 -22.20
CA ALA B 76 -11.72 -22.78 -20.76
C ALA B 76 -11.13 -24.00 -20.06
N LYS B 77 -10.81 -25.06 -20.82
CA LYS B 77 -10.28 -26.30 -20.26
C LYS B 77 -11.23 -26.88 -19.22
N ARG B 78 -12.43 -27.22 -19.69
CA ARG B 78 -13.47 -27.78 -18.84
C ARG B 78 -14.21 -28.87 -19.60
N LYS B 79 -14.74 -29.83 -18.84
CA LYS B 79 -15.56 -30.90 -19.40
C LYS B 79 -17.04 -30.65 -19.21
N THR B 80 -17.42 -29.49 -18.70
CA THR B 80 -18.82 -29.15 -18.44
C THR B 80 -19.18 -27.88 -19.20
N VAL B 81 -20.19 -27.95 -20.04
CA VAL B 81 -20.68 -26.79 -20.77
C VAL B 81 -21.64 -26.03 -19.85
N THR B 82 -21.26 -24.82 -19.46
CA THR B 82 -22.08 -24.01 -18.58
C THR B 82 -23.12 -23.22 -19.37
N ALA B 83 -24.07 -22.64 -18.64
CA ALA B 83 -25.08 -21.80 -19.29
C ALA B 83 -24.45 -20.56 -19.91
N MET B 84 -23.38 -20.04 -19.29
CA MET B 84 -22.72 -18.85 -19.85
C MET B 84 -22.18 -19.14 -21.24
N ASP B 85 -21.46 -20.26 -21.40
CA ASP B 85 -20.91 -20.63 -22.70
C ASP B 85 -21.99 -20.61 -23.77
N VAL B 86 -23.20 -21.03 -23.41
CA VAL B 86 -24.34 -20.92 -24.33
C VAL B 86 -24.68 -19.45 -24.60
N VAL B 87 -24.59 -18.60 -23.56
CA VAL B 87 -25.02 -17.22 -23.71
C VAL B 87 -24.16 -16.48 -24.73
N TYR B 88 -22.83 -16.55 -24.58
CA TYR B 88 -22.00 -15.86 -25.55
C TYR B 88 -22.07 -16.52 -26.93
N ALA B 89 -22.26 -17.83 -26.97
CA ALA B 89 -22.46 -18.51 -28.25
C ALA B 89 -23.71 -17.99 -28.94
N LEU B 90 -24.80 -17.79 -28.18
CA LEU B 90 -25.98 -17.14 -28.72
C LEU B 90 -25.68 -15.67 -29.03
N LYS B 91 -24.87 -15.03 -28.20
CA LYS B 91 -24.45 -13.65 -28.48
C LYS B 91 -23.65 -13.58 -29.77
N ARG B 92 -22.75 -14.55 -29.98
CA ARG B 92 -21.97 -14.59 -31.21
C ARG B 92 -22.86 -14.90 -32.41
N GLN B 93 -23.93 -15.66 -32.22
CA GLN B 93 -24.87 -16.01 -33.28
C GLN B 93 -25.94 -14.94 -33.47
N GLY B 94 -25.76 -13.76 -32.88
CA GLY B 94 -26.76 -12.71 -33.00
C GLY B 94 -28.09 -13.07 -32.38
N ARG B 95 -28.08 -13.90 -31.33
CA ARG B 95 -29.29 -14.37 -30.67
C ARG B 95 -29.17 -14.06 -29.17
N THR B 96 -29.02 -12.78 -28.86
CA THR B 96 -28.84 -12.34 -27.48
C THR B 96 -30.02 -12.79 -26.62
N LEU B 97 -29.71 -13.34 -25.44
CA LEU B 97 -30.72 -13.90 -24.55
C LEU B 97 -30.50 -13.36 -23.16
N TYR B 98 -31.57 -12.87 -22.53
CA TYR B 98 -31.53 -12.37 -21.16
C TYR B 98 -32.10 -13.42 -20.22
N GLY B 99 -31.49 -13.54 -19.04
CA GLY B 99 -32.04 -14.39 -18.00
C GLY B 99 -31.05 -15.36 -17.39
N PHE B 100 -30.03 -15.75 -18.15
CA PHE B 100 -29.05 -16.73 -17.72
C PHE B 100 -27.65 -16.12 -17.65
N GLY B 101 -27.55 -14.88 -17.19
CA GLY B 101 -26.26 -14.23 -17.05
C GLY B 101 -26.18 -12.89 -17.77
N THR C 16 14.45 -10.40 -38.47
CA THR C 16 13.00 -10.20 -38.50
C THR C 16 12.26 -11.47 -38.09
N ARG C 17 11.27 -11.32 -37.21
CA ARG C 17 10.50 -12.47 -36.75
C ARG C 17 9.66 -13.09 -37.86
N SER C 18 9.35 -12.34 -38.92
CA SER C 18 8.61 -12.91 -40.04
C SER C 18 9.44 -13.96 -40.77
N SER C 19 10.74 -13.71 -40.93
CA SER C 19 11.61 -14.69 -41.57
C SER C 19 11.80 -15.93 -40.68
N ARG C 20 11.78 -15.75 -39.36
CA ARG C 20 11.95 -16.87 -38.45
C ARG C 20 10.78 -17.84 -38.49
N ALA C 21 9.62 -17.40 -38.99
CA ALA C 21 8.44 -18.24 -39.09
C ALA C 21 8.10 -18.64 -40.52
N GLY C 22 8.92 -18.25 -41.49
CA GLY C 22 8.63 -18.57 -42.88
C GLY C 22 7.40 -17.88 -43.43
N LEU C 23 6.91 -16.85 -42.76
CA LEU C 23 5.73 -16.11 -43.17
C LEU C 23 6.12 -14.85 -43.92
N GLN C 24 5.17 -14.34 -44.72
CA GLN C 24 5.39 -13.12 -45.46
C GLN C 24 4.85 -11.88 -44.75
N PHE C 25 3.72 -12.00 -44.05
CA PHE C 25 3.16 -10.84 -43.38
C PHE C 25 4.03 -10.43 -42.19
N PRO C 26 4.13 -9.12 -41.93
CA PRO C 26 5.03 -8.64 -40.87
C PRO C 26 4.55 -9.01 -39.48
N VAL C 27 5.25 -9.95 -38.84
CA VAL C 27 4.91 -10.33 -37.47
C VAL C 27 5.11 -9.15 -36.52
N GLY C 28 6.09 -8.30 -36.81
CA GLY C 28 6.33 -7.14 -35.95
C GLY C 28 5.19 -6.13 -36.02
N ARG C 29 4.69 -5.85 -37.22
CA ARG C 29 3.58 -4.92 -37.36
C ARG C 29 2.32 -5.48 -36.71
N VAL C 30 2.11 -6.79 -36.81
CA VAL C 30 0.97 -7.42 -36.14
C VAL C 30 1.10 -7.27 -34.63
N HIS C 31 2.30 -7.52 -34.10
CA HIS C 31 2.52 -7.36 -32.66
C HIS C 31 2.34 -5.91 -32.23
N ARG C 32 2.75 -4.96 -33.08
CA ARG C 32 2.57 -3.55 -32.77
C ARG C 32 1.09 -3.19 -32.71
N LEU C 33 0.33 -3.62 -33.73
CA LEU C 33 -1.08 -3.27 -33.78
C LEU C 33 -1.88 -3.95 -32.67
N LEU C 34 -1.42 -5.12 -32.20
CA LEU C 34 -2.11 -5.79 -31.10
C LEU C 34 -1.94 -5.05 -29.78
N ARG C 35 -0.78 -4.42 -29.58
CA ARG C 35 -0.56 -3.65 -28.36
C ARG C 35 -1.21 -2.27 -28.44
N LYS C 36 -1.19 -1.65 -29.61
CA LYS C 36 -1.75 -0.31 -29.80
C LYS C 36 -3.22 -0.34 -30.20
N GLY C 37 -4.02 -1.22 -29.59
CA GLY C 37 -5.42 -1.30 -29.95
C GLY C 37 -6.33 -1.58 -28.77
N ASN C 38 -5.74 -1.75 -27.58
CA ASN C 38 -6.48 -1.92 -26.33
C ASN C 38 -7.44 -3.13 -26.40
N TYR C 39 -6.82 -4.31 -26.49
CA TYR C 39 -7.55 -5.55 -26.37
C TYR C 39 -7.23 -6.34 -25.10
N ALA C 40 -6.04 -6.14 -24.52
CA ALA C 40 -5.66 -6.84 -23.31
C ALA C 40 -4.48 -6.11 -22.67
N GLU C 41 -4.23 -6.45 -21.41
CA GLU C 41 -3.07 -5.88 -20.71
C GLU C 41 -1.77 -6.33 -21.34
N ARG C 42 -1.70 -7.60 -21.77
CA ARG C 42 -0.49 -8.17 -22.33
C ARG C 42 -0.80 -8.85 -23.65
N VAL C 43 0.24 -9.05 -24.46
CA VAL C 43 0.14 -9.71 -25.75
C VAL C 43 1.16 -10.83 -25.79
N GLY C 44 0.70 -12.04 -26.13
CA GLY C 44 1.58 -13.18 -26.19
C GLY C 44 2.61 -13.09 -27.31
N ALA C 45 3.59 -13.97 -27.25
CA ALA C 45 4.65 -13.99 -28.25
C ALA C 45 4.28 -14.79 -29.48
N GLY C 46 3.54 -15.89 -29.31
CA GLY C 46 3.12 -16.69 -30.45
C GLY C 46 1.89 -16.19 -31.15
N ALA C 47 1.11 -15.32 -30.50
CA ALA C 47 -0.11 -14.80 -31.12
C ALA C 47 0.15 -14.01 -32.40
N PRO C 48 1.12 -13.08 -32.45
CA PRO C 48 1.33 -12.36 -33.72
C PRO C 48 1.76 -13.25 -34.87
N VAL C 49 2.58 -14.27 -34.61
CA VAL C 49 2.98 -15.20 -35.66
C VAL C 49 1.76 -15.97 -36.14
N TYR C 50 0.86 -16.32 -35.21
CA TYR C 50 -0.27 -17.19 -35.53
C TYR C 50 -1.40 -16.39 -36.16
N LEU C 51 -1.55 -15.12 -35.78
CA LEU C 51 -2.54 -14.27 -36.45
C LEU C 51 -2.09 -13.92 -37.86
N ALA C 52 -0.79 -13.63 -38.05
CA ALA C 52 -0.28 -13.31 -39.37
C ALA C 52 -0.36 -14.51 -40.32
N ALA C 53 -0.18 -15.73 -39.80
CA ALA C 53 -0.25 -16.91 -40.64
C ALA C 53 -1.66 -17.12 -41.18
N VAL C 54 -2.68 -16.92 -40.34
CA VAL C 54 -4.05 -17.05 -40.79
C VAL C 54 -4.36 -15.99 -41.85
N LEU C 55 -3.92 -14.76 -41.62
CA LEU C 55 -4.13 -13.70 -42.61
C LEU C 55 -3.44 -14.03 -43.92
N GLU C 56 -2.19 -14.53 -43.85
CA GLU C 56 -1.47 -14.86 -45.07
C GLU C 56 -2.13 -16.02 -45.81
N TYR C 57 -2.67 -16.98 -45.06
CA TYR C 57 -3.38 -18.09 -45.69
C TYR C 57 -4.65 -17.61 -46.38
N LEU C 58 -5.42 -16.74 -45.71
CA LEU C 58 -6.67 -16.26 -46.29
C LEU C 58 -6.42 -15.38 -47.51
N THR C 59 -5.36 -14.58 -47.49
CA THR C 59 -5.01 -13.79 -48.67
C THR C 59 -4.57 -14.70 -49.81
N ALA C 60 -3.86 -15.79 -49.51
CA ALA C 60 -3.48 -16.74 -50.54
C ALA C 60 -4.69 -17.44 -51.13
N GLU C 61 -5.69 -17.72 -50.29
CA GLU C 61 -6.93 -18.35 -50.77
C GLU C 61 -7.63 -17.44 -51.78
N ILE C 62 -7.77 -16.16 -51.45
CA ILE C 62 -8.47 -15.23 -52.33
C ILE C 62 -7.67 -14.99 -53.60
N LEU C 63 -6.38 -14.70 -53.45
CA LEU C 63 -5.54 -14.41 -54.61
C LEU C 63 -5.45 -15.60 -55.55
N GLU C 64 -5.51 -16.82 -55.01
CA GLU C 64 -5.53 -18.00 -55.87
C GLU C 64 -6.79 -18.04 -56.73
N LEU C 65 -7.95 -17.93 -56.11
CA LEU C 65 -9.21 -17.95 -56.87
C LEU C 65 -9.37 -16.69 -57.72
N ALA C 66 -8.78 -15.57 -57.30
CA ALA C 66 -8.84 -14.37 -58.11
C ALA C 66 -7.99 -14.50 -59.37
N GLY C 67 -6.80 -15.08 -59.25
CA GLY C 67 -5.97 -15.30 -60.42
C GLY C 67 -6.60 -16.28 -61.40
N ASN C 68 -7.29 -17.29 -60.88
CA ASN C 68 -8.00 -18.22 -61.76
C ASN C 68 -9.13 -17.51 -62.51
N ALA C 69 -9.90 -16.66 -61.80
CA ALA C 69 -10.92 -15.88 -62.47
C ALA C 69 -10.32 -14.90 -63.46
N ALA C 70 -9.11 -14.42 -63.18
CA ALA C 70 -8.42 -13.55 -64.13
C ALA C 70 -8.03 -14.32 -65.39
N ARG C 71 -7.59 -15.57 -65.23
CA ARG C 71 -7.28 -16.40 -66.39
C ARG C 71 -8.53 -16.67 -67.22
N ASP C 72 -9.67 -16.86 -66.56
CA ASP C 72 -10.91 -17.13 -67.28
C ASP C 72 -11.36 -15.92 -68.10
N ASN C 73 -11.17 -14.72 -67.56
CA ASN C 73 -11.51 -13.50 -68.27
C ASN C 73 -10.42 -13.06 -69.24
N LYS C 74 -9.32 -13.81 -69.33
CA LYS C 74 -8.22 -13.51 -70.24
C LYS C 74 -7.62 -12.13 -69.95
N LYS C 75 -7.38 -11.86 -68.67
CA LYS C 75 -6.79 -10.62 -68.21
C LYS C 75 -5.74 -10.92 -67.15
N THR C 76 -4.65 -10.17 -67.16
CA THR C 76 -3.56 -10.40 -66.22
C THR C 76 -3.84 -9.76 -64.86
N ARG C 77 -4.18 -8.47 -64.86
CA ARG C 77 -4.35 -7.73 -63.61
C ARG C 77 -5.70 -8.06 -62.99
N ILE C 78 -5.71 -8.31 -61.68
CA ILE C 78 -6.92 -8.66 -60.96
C ILE C 78 -7.72 -7.39 -60.66
N ILE C 79 -8.97 -7.39 -61.08
CA ILE C 79 -9.88 -6.25 -60.85
C ILE C 79 -10.91 -6.68 -59.81
N PRO C 80 -11.64 -5.74 -59.20
CA PRO C 80 -12.65 -6.13 -58.19
C PRO C 80 -13.68 -7.12 -58.71
N ARG C 81 -13.92 -7.18 -60.02
CA ARG C 81 -14.81 -8.21 -60.55
C ARG C 81 -14.27 -9.59 -60.23
N HIS C 82 -12.96 -9.78 -60.32
CA HIS C 82 -12.36 -11.08 -60.03
C HIS C 82 -12.50 -11.43 -58.55
N LEU C 83 -12.31 -10.45 -57.66
CA LEU C 83 -12.48 -10.71 -56.23
C LEU C 83 -13.90 -11.11 -55.91
N GLN C 84 -14.89 -10.43 -56.49
CA GLN C 84 -16.29 -10.75 -56.24
C GLN C 84 -16.61 -12.16 -56.69
N LEU C 85 -16.23 -12.51 -57.93
CA LEU C 85 -16.48 -13.85 -58.44
C LEU C 85 -15.78 -14.91 -57.60
N ALA C 86 -14.56 -14.61 -57.16
CA ALA C 86 -13.80 -15.59 -56.38
C ALA C 86 -14.46 -15.87 -55.04
N VAL C 87 -14.89 -14.81 -54.34
CA VAL C 87 -15.45 -14.97 -53.01
C VAL C 87 -16.82 -15.63 -53.07
N ARG C 88 -17.62 -15.28 -54.08
CA ARG C 88 -18.99 -15.78 -54.15
C ARG C 88 -19.07 -17.20 -54.70
N ASN C 89 -18.08 -17.64 -55.48
CA ASN C 89 -18.09 -19.02 -55.95
C ASN C 89 -17.66 -19.99 -54.87
N ASP C 90 -16.84 -19.53 -53.91
CA ASP C 90 -16.49 -20.35 -52.76
C ASP C 90 -17.62 -20.36 -51.74
N GLU C 91 -17.93 -21.54 -51.20
CA GLU C 91 -19.02 -21.64 -50.25
C GLU C 91 -18.63 -21.05 -48.89
N GLU C 92 -17.37 -21.17 -48.50
CA GLU C 92 -16.94 -20.70 -47.20
C GLU C 92 -16.50 -19.24 -47.22
N LEU C 93 -15.86 -18.79 -48.30
CA LEU C 93 -15.52 -17.38 -48.41
C LEU C 93 -16.79 -16.53 -48.50
N ASN C 94 -17.86 -17.08 -49.08
CA ASN C 94 -19.13 -16.37 -49.10
C ASN C 94 -19.71 -16.26 -47.69
N LYS C 95 -19.57 -17.31 -46.88
CA LYS C 95 -20.08 -17.27 -45.52
C LYS C 95 -19.24 -16.35 -44.64
N LEU C 96 -17.93 -16.32 -44.88
CA LEU C 96 -17.05 -15.41 -44.13
C LEU C 96 -17.40 -13.95 -44.42
N LEU C 97 -17.48 -13.59 -45.69
CA LEU C 97 -17.80 -12.23 -46.11
C LEU C 97 -19.28 -12.06 -46.44
N GLY C 98 -20.15 -12.67 -45.64
CA GLY C 98 -21.58 -12.60 -45.94
C GLY C 98 -22.17 -11.22 -45.70
N ARG C 99 -21.63 -10.48 -44.74
CA ARG C 99 -22.08 -9.13 -44.45
C ARG C 99 -21.16 -8.07 -45.03
N VAL C 100 -20.55 -8.36 -46.18
CA VAL C 100 -19.54 -7.49 -46.77
C VAL C 100 -19.89 -7.23 -48.23
N THR C 101 -19.84 -5.96 -48.63
CA THR C 101 -20.04 -5.56 -50.02
C THR C 101 -18.71 -5.08 -50.59
N ILE C 102 -18.33 -5.63 -51.73
CA ILE C 102 -17.08 -5.28 -52.39
C ILE C 102 -17.36 -4.20 -53.43
N ALA C 103 -16.60 -3.11 -53.39
CA ALA C 103 -16.79 -2.03 -54.34
C ALA C 103 -16.49 -2.50 -55.76
N GLN C 104 -17.35 -2.10 -56.69
CA GLN C 104 -17.22 -2.46 -58.11
C GLN C 104 -17.20 -3.97 -58.31
N GLY C 105 -17.87 -4.70 -57.44
CA GLY C 105 -17.85 -6.16 -57.48
C GLY C 105 -18.95 -6.76 -58.34
N GLY C 106 -20.15 -6.19 -58.28
CA GLY C 106 -21.27 -6.72 -59.02
C GLY C 106 -21.88 -7.95 -58.36
N VAL C 107 -22.61 -8.72 -59.17
CA VAL C 107 -23.29 -9.91 -58.71
C VAL C 107 -23.00 -11.06 -59.66
N LEU C 108 -23.36 -12.28 -59.22
CA LEU C 108 -23.22 -13.49 -60.02
C LEU C 108 -24.34 -13.58 -61.05
N PRO C 109 -24.05 -14.04 -62.26
CA PRO C 109 -25.10 -14.25 -63.26
C PRO C 109 -26.09 -15.31 -62.79
N ASN C 110 -27.33 -14.91 -62.60
CA ASN C 110 -28.36 -15.82 -62.09
C ASN C 110 -29.72 -15.39 -62.61
N ILE C 111 -30.36 -16.28 -63.36
CA ILE C 111 -31.72 -16.06 -63.85
C ILE C 111 -32.56 -17.26 -63.42
N GLN C 112 -33.70 -16.99 -62.78
CA GLN C 112 -34.53 -18.06 -62.26
C GLN C 112 -35.12 -18.88 -63.41
N SER C 113 -35.51 -20.12 -63.07
CA SER C 113 -36.01 -21.04 -64.07
C SER C 113 -37.35 -20.59 -64.63
N VAL C 114 -38.25 -20.14 -63.77
CA VAL C 114 -39.57 -19.71 -64.22
C VAL C 114 -39.47 -18.49 -65.14
N LEU C 115 -38.44 -17.66 -64.93
CA LEU C 115 -38.28 -16.47 -65.76
C LEU C 115 -37.70 -16.79 -67.14
N LEU C 116 -37.14 -17.98 -67.33
CA LEU C 116 -36.57 -18.34 -68.61
C LEU C 116 -37.67 -18.53 -69.66
N PRO C 117 -37.37 -18.25 -70.93
CA PRO C 117 -38.40 -18.38 -71.97
C PRO C 117 -38.71 -19.84 -72.26
N LYS C 118 -39.99 -20.12 -72.51
CA LYS C 118 -40.43 -21.47 -72.85
C LYS C 118 -41.43 -21.45 -74.00
N ARG D 30 2.79 9.40 -43.63
CA ARG D 30 2.94 8.04 -44.13
C ARG D 30 1.77 7.16 -43.70
N LYS D 31 1.17 6.48 -44.66
CA LYS D 31 0.05 5.57 -44.41
C LYS D 31 0.53 4.14 -44.60
N GLU D 32 0.33 3.30 -43.59
CA GLU D 32 0.78 1.93 -43.61
C GLU D 32 -0.28 1.02 -44.24
N SER D 33 0.19 -0.11 -44.76
CA SER D 33 -0.67 -1.07 -45.43
C SER D 33 0.09 -2.38 -45.60
N TYR D 34 -0.66 -3.45 -45.85
CA TYR D 34 -0.09 -4.75 -46.17
C TYR D 34 0.08 -4.96 -47.67
N ALA D 35 0.24 -3.87 -48.43
CA ALA D 35 0.26 -3.96 -49.88
C ALA D 35 1.41 -4.83 -50.38
N ILE D 36 2.64 -4.48 -50.00
CA ILE D 36 3.82 -5.15 -50.56
C ILE D 36 3.81 -6.65 -50.26
N TYR D 37 3.16 -7.06 -49.18
CA TYR D 37 3.10 -8.48 -48.85
C TYR D 37 2.00 -9.18 -49.62
N VAL D 38 0.93 -8.47 -50.00
CA VAL D 38 -0.07 -9.04 -50.89
C VAL D 38 0.55 -9.32 -52.25
N TYR D 39 1.44 -8.43 -52.71
CA TYR D 39 2.20 -8.68 -53.94
C TYR D 39 3.04 -9.94 -53.81
N LYS D 40 3.75 -10.08 -52.69
CA LYS D 40 4.63 -11.23 -52.51
C LYS D 40 3.85 -12.54 -52.53
N VAL D 41 2.73 -12.59 -51.79
CA VAL D 41 1.92 -13.79 -51.77
C VAL D 41 1.33 -14.05 -53.15
N LEU D 42 0.95 -12.99 -53.86
CA LEU D 42 0.40 -13.14 -55.21
C LEU D 42 1.42 -13.77 -56.15
N LYS D 43 2.66 -13.29 -56.11
CA LYS D 43 3.69 -13.84 -56.98
C LYS D 43 4.04 -15.28 -56.62
N GLN D 44 3.94 -15.64 -55.33
CA GLN D 44 4.21 -17.01 -54.92
C GLN D 44 3.14 -17.96 -55.44
N VAL D 45 1.92 -17.48 -55.66
CA VAL D 45 0.80 -18.30 -56.10
C VAL D 45 0.56 -18.16 -57.61
N HIS D 46 0.55 -16.92 -58.10
CA HIS D 46 0.37 -16.64 -59.53
C HIS D 46 1.42 -15.63 -59.95
N PRO D 47 2.59 -16.09 -60.42
CA PRO D 47 3.67 -15.15 -60.73
C PRO D 47 3.36 -14.26 -61.92
N ASP D 48 2.50 -14.70 -62.84
CA ASP D 48 2.19 -13.95 -64.06
C ASP D 48 0.85 -13.24 -63.97
N THR D 49 0.52 -12.67 -62.81
CA THR D 49 -0.72 -11.93 -62.63
C THR D 49 -0.44 -10.64 -61.88
N GLY D 50 -1.35 -9.67 -62.04
CA GLY D 50 -1.25 -8.38 -61.40
C GLY D 50 -2.49 -8.06 -60.58
N ILE D 51 -2.50 -6.84 -60.04
CA ILE D 51 -3.60 -6.36 -59.23
C ILE D 51 -3.75 -4.86 -59.46
N SER D 52 -5.00 -4.39 -59.38
CA SER D 52 -5.31 -2.98 -59.55
C SER D 52 -5.27 -2.26 -58.20
N SER D 53 -5.31 -0.93 -58.27
CA SER D 53 -5.28 -0.13 -57.05
C SER D 53 -6.54 -0.33 -56.23
N LYS D 54 -7.70 -0.40 -56.89
CA LYS D 54 -8.94 -0.62 -56.16
C LYS D 54 -8.97 -1.99 -55.52
N ALA D 55 -8.59 -3.03 -56.28
CA ALA D 55 -8.56 -4.38 -55.70
C ALA D 55 -7.54 -4.49 -54.58
N MET D 56 -6.47 -3.71 -54.63
CA MET D 56 -5.49 -3.73 -53.55
C MET D 56 -6.07 -3.14 -52.28
N SER D 57 -6.76 -2.01 -52.38
CA SER D 57 -7.40 -1.42 -51.21
C SER D 57 -8.49 -2.33 -50.65
N ILE D 58 -9.17 -3.08 -51.52
CA ILE D 58 -10.15 -4.05 -51.05
C ILE D 58 -9.46 -5.15 -50.24
N MET D 59 -8.29 -5.59 -50.71
CA MET D 59 -7.52 -6.58 -49.96
C MET D 59 -7.04 -6.00 -48.63
N ASN D 60 -6.70 -4.71 -48.61
CA ASN D 60 -6.25 -4.07 -47.39
C ASN D 60 -7.35 -4.06 -46.33
N SER D 61 -8.57 -3.67 -46.74
CA SER D 61 -9.68 -3.67 -45.80
C SER D 61 -10.05 -5.06 -45.34
N PHE D 62 -9.90 -6.07 -46.20
CA PHE D 62 -10.17 -7.45 -45.80
C PHE D 62 -9.21 -7.91 -44.72
N VAL D 63 -7.91 -7.62 -44.90
CA VAL D 63 -6.93 -8.01 -43.90
C VAL D 63 -7.22 -7.34 -42.57
N ASN D 64 -7.54 -6.04 -42.59
CA ASN D 64 -7.84 -5.32 -41.36
C ASN D 64 -9.14 -5.79 -40.73
N ASP D 65 -10.13 -6.14 -41.56
CA ASP D 65 -11.40 -6.65 -41.03
C ASP D 65 -11.17 -7.96 -40.28
N VAL D 66 -10.51 -8.92 -40.92
CA VAL D 66 -10.21 -10.19 -40.25
C VAL D 66 -9.33 -9.95 -39.04
N PHE D 67 -8.43 -8.98 -39.13
CA PHE D 67 -7.60 -8.59 -37.98
C PHE D 67 -8.45 -8.19 -36.79
N GLU D 68 -9.41 -7.28 -37.02
CA GLU D 68 -10.22 -6.77 -35.92
C GLU D 68 -11.15 -7.84 -35.36
N ARG D 69 -11.68 -8.70 -36.23
CA ARG D 69 -12.58 -9.75 -35.75
C ARG D 69 -11.87 -10.73 -34.84
N ILE D 70 -10.70 -11.23 -35.28
CA ILE D 70 -9.98 -12.21 -34.47
C ILE D 70 -9.48 -11.56 -33.18
N ALA D 71 -8.84 -10.39 -33.30
CA ALA D 71 -8.32 -9.71 -32.12
C ALA D 71 -9.45 -9.31 -31.17
N GLY D 72 -10.60 -8.92 -31.73
CA GLY D 72 -11.74 -8.60 -30.88
C GLY D 72 -12.29 -9.81 -30.16
N GLU D 73 -12.43 -10.94 -30.87
CA GLU D 73 -12.92 -12.15 -30.24
C GLU D 73 -11.96 -12.67 -29.19
N ALA D 74 -10.65 -12.61 -29.47
CA ALA D 74 -9.66 -13.03 -28.49
C ALA D 74 -9.69 -12.15 -27.25
N SER D 75 -9.90 -10.85 -27.46
CA SER D 75 -10.03 -9.94 -26.31
C SER D 75 -11.20 -10.32 -25.43
N ARG D 76 -12.35 -10.66 -26.04
CA ARG D 76 -13.49 -11.14 -25.27
C ARG D 76 -13.16 -12.42 -24.53
N LEU D 77 -12.44 -13.34 -25.20
CA LEU D 77 -12.05 -14.59 -24.56
C LEU D 77 -11.22 -14.35 -23.30
N ALA D 78 -10.34 -13.35 -23.35
CA ALA D 78 -9.55 -13.02 -22.16
C ALA D 78 -10.45 -12.49 -21.04
N HIS D 79 -11.38 -11.60 -21.36
CA HIS D 79 -12.27 -11.06 -20.34
C HIS D 79 -13.19 -12.15 -19.79
N TYR D 80 -13.63 -13.07 -20.63
CA TYR D 80 -14.57 -14.10 -20.17
C TYR D 80 -13.91 -15.07 -19.20
N ASN D 81 -12.62 -15.33 -19.38
CA ASN D 81 -11.89 -16.26 -18.54
C ASN D 81 -11.05 -15.57 -17.47
N LYS D 82 -11.30 -14.27 -17.23
CA LYS D 82 -10.55 -13.50 -16.24
C LYS D 82 -9.05 -13.55 -16.51
N ARG D 83 -8.67 -13.20 -17.74
CA ARG D 83 -7.28 -13.17 -18.15
C ARG D 83 -6.93 -11.79 -18.68
N SER D 84 -5.66 -11.42 -18.53
CA SER D 84 -5.16 -10.12 -18.96
C SER D 84 -4.23 -10.19 -20.15
N THR D 85 -3.96 -11.38 -20.69
CA THR D 85 -3.06 -11.54 -21.82
C THR D 85 -3.75 -12.34 -22.91
N ILE D 86 -3.43 -12.01 -24.15
CA ILE D 86 -3.92 -12.73 -25.32
C ILE D 86 -2.77 -13.60 -25.82
N THR D 87 -2.87 -14.90 -25.58
CA THR D 87 -1.85 -15.86 -25.94
C THR D 87 -2.23 -16.57 -27.23
N SER D 88 -1.55 -17.68 -27.53
CA SER D 88 -1.87 -18.44 -28.72
C SER D 88 -3.23 -19.10 -28.64
N ARG D 89 -3.66 -19.50 -27.44
CA ARG D 89 -4.94 -20.18 -27.31
C ARG D 89 -6.11 -19.24 -27.62
N GLU D 90 -5.98 -17.97 -27.25
CA GLU D 90 -7.05 -17.02 -27.57
C GLU D 90 -7.20 -16.86 -29.07
N ILE D 91 -6.09 -16.78 -29.80
CA ILE D 91 -6.16 -16.65 -31.25
C ILE D 91 -6.70 -17.92 -31.88
N GLN D 92 -6.31 -19.09 -31.36
CA GLN D 92 -6.71 -20.35 -31.97
C GLN D 92 -8.20 -20.59 -31.84
N THR D 93 -8.76 -20.37 -30.65
CA THR D 93 -10.19 -20.56 -30.47
C THR D 93 -10.98 -19.45 -31.15
N ALA D 94 -10.38 -18.27 -31.32
CA ALA D 94 -11.05 -17.20 -32.05
C ALA D 94 -11.19 -17.57 -33.53
N VAL D 95 -10.17 -18.18 -34.11
CA VAL D 95 -10.25 -18.61 -35.50
C VAL D 95 -11.21 -19.78 -35.64
N ARG D 96 -11.32 -20.62 -34.60
CA ARG D 96 -12.33 -21.67 -34.59
C ARG D 96 -13.74 -21.09 -34.64
N LEU D 97 -13.94 -19.91 -34.04
CA LEU D 97 -15.27 -19.31 -33.97
C LEU D 97 -15.64 -18.59 -35.27
N LEU D 98 -14.69 -17.85 -35.84
CA LEU D 98 -15.01 -16.98 -36.97
C LEU D 98 -14.99 -17.74 -38.31
N LEU D 99 -14.12 -18.73 -38.44
CA LEU D 99 -14.08 -19.34 -39.77
C LEU D 99 -14.94 -20.60 -39.81
N PRO D 100 -15.57 -20.88 -40.94
CA PRO D 100 -16.47 -22.04 -41.03
C PRO D 100 -15.77 -23.34 -41.37
N GLY D 101 -15.36 -24.08 -40.35
CA GLY D 101 -14.90 -25.46 -40.53
C GLY D 101 -13.60 -25.65 -41.28
N GLU D 102 -13.66 -25.66 -42.62
CA GLU D 102 -12.48 -26.00 -43.40
C GLU D 102 -11.46 -24.86 -43.39
N LEU D 103 -11.91 -23.62 -43.61
CA LEU D 103 -10.99 -22.49 -43.50
C LEU D 103 -10.42 -22.38 -42.09
N ALA D 104 -11.20 -22.75 -41.08
CA ALA D 104 -10.68 -22.77 -39.72
C ALA D 104 -9.68 -23.91 -39.53
N LYS D 105 -9.99 -25.08 -40.09
CA LYS D 105 -9.08 -26.22 -40.00
C LYS D 105 -7.73 -25.88 -40.61
N HIS D 106 -7.73 -25.33 -41.82
CA HIS D 106 -6.48 -25.02 -42.50
C HIS D 106 -5.75 -23.85 -41.86
N ALA D 107 -6.49 -22.88 -41.30
CA ALA D 107 -5.85 -21.75 -40.65
C ALA D 107 -5.11 -22.19 -39.39
N VAL D 108 -5.72 -23.07 -38.58
CA VAL D 108 -5.05 -23.56 -37.39
C VAL D 108 -3.81 -24.37 -37.77
N SER D 109 -3.90 -25.15 -38.85
CA SER D 109 -2.76 -25.96 -39.28
C SER D 109 -1.60 -25.08 -39.76
N GLU D 110 -1.89 -24.10 -40.63
CA GLU D 110 -0.84 -23.21 -41.12
C GLU D 110 -0.24 -22.39 -39.99
N GLY D 111 -1.06 -21.95 -39.04
CA GLY D 111 -0.56 -21.14 -37.96
C GLY D 111 0.30 -21.91 -36.98
N THR D 112 -0.21 -23.05 -36.50
CA THR D 112 0.57 -23.87 -35.57
C THR D 112 1.86 -24.36 -36.21
N LYS D 113 1.85 -24.56 -37.52
CA LYS D 113 3.08 -24.87 -38.24
C LYS D 113 4.07 -23.71 -38.17
N ALA D 114 3.57 -22.49 -38.40
CA ALA D 114 4.46 -21.33 -38.41
C ALA D 114 4.97 -21.01 -37.01
N VAL D 115 4.14 -21.24 -35.98
CA VAL D 115 4.56 -20.96 -34.61
C VAL D 115 5.60 -21.98 -34.17
N THR D 116 5.44 -23.24 -34.57
CA THR D 116 6.44 -24.25 -34.24
C THR D 116 7.75 -23.98 -34.94
N LYS D 117 7.70 -23.53 -36.20
CA LYS D 117 8.93 -23.16 -36.91
C LYS D 117 9.59 -21.95 -36.25
N TYR D 118 8.80 -21.01 -35.74
CA TYR D 118 9.35 -19.86 -35.03
C TYR D 118 9.93 -20.28 -33.69
N THR D 119 9.25 -21.19 -32.99
CA THR D 119 9.73 -21.65 -31.69
C THR D 119 11.06 -22.40 -31.83
N SER D 120 11.27 -23.08 -32.95
CA SER D 120 12.53 -23.80 -33.17
C SER D 120 13.72 -22.85 -33.14
N ALA D 121 13.74 -21.88 -34.05
CA ALA D 121 14.83 -20.91 -34.10
C ALA D 121 14.65 -19.84 -33.03
N ALA E 1 -64.33 -34.60 -129.99
CA ALA E 1 -63.92 -34.43 -128.61
C ALA E 1 -65.11 -34.50 -127.68
N ARG E 2 -64.95 -33.98 -126.46
CA ARG E 2 -66.03 -33.98 -125.48
C ARG E 2 -67.19 -33.09 -125.89
N THR E 3 -67.03 -32.26 -126.91
CA THR E 3 -68.16 -31.47 -127.41
C THR E 3 -69.24 -32.35 -128.02
N MET E 4 -68.93 -33.60 -128.33
CA MET E 4 -69.91 -34.54 -128.87
C MET E 4 -70.56 -35.41 -127.80
N GLN E 5 -70.05 -35.37 -126.57
CA GLN E 5 -70.65 -36.14 -125.47
C GLN E 5 -72.00 -35.55 -125.12
N THR E 6 -73.08 -36.24 -125.51
CA THR E 6 -74.43 -35.77 -125.25
C THR E 6 -74.97 -36.25 -123.92
N ALA E 7 -74.51 -37.40 -123.44
CA ALA E 7 -74.90 -37.93 -122.14
C ALA E 7 -73.67 -38.50 -121.45
N ARG E 8 -73.71 -38.51 -120.12
CA ARG E 8 -72.59 -38.93 -119.29
C ARG E 8 -71.33 -38.15 -119.67
N LYS E 9 -71.42 -36.83 -119.49
CA LYS E 9 -70.34 -35.93 -119.86
C LYS E 9 -69.10 -36.22 -119.02
N SER E 10 -67.99 -36.51 -119.69
CA SER E 10 -66.72 -36.80 -119.02
C SER E 10 -66.13 -35.50 -118.50
N THR E 11 -66.08 -35.34 -117.18
CA THR E 11 -65.53 -34.15 -116.55
C THR E 11 -64.07 -34.31 -116.16
N GLY E 12 -63.41 -35.38 -116.59
CA GLY E 12 -62.03 -35.61 -116.24
C GLY E 12 -61.04 -34.99 -117.20
N GLY E 13 -60.35 -33.95 -116.76
CA GLY E 13 -59.36 -33.30 -117.59
C GLY E 13 -59.43 -31.79 -117.57
N LYS E 14 -60.64 -31.25 -117.73
CA LYS E 14 -60.85 -29.81 -117.75
C LYS E 14 -61.29 -29.33 -116.37
N ALA E 15 -61.46 -28.01 -116.24
CA ALA E 15 -61.86 -27.40 -114.99
C ALA E 15 -63.36 -27.54 -114.75
N PRO E 38 -40.54 -2.90 -89.04
CA PRO E 38 -39.48 -3.90 -88.92
C PRO E 38 -39.89 -5.08 -88.04
N HIS E 39 -38.98 -6.03 -87.85
CA HIS E 39 -39.26 -7.18 -87.01
C HIS E 39 -39.11 -6.81 -85.54
N ARG E 40 -40.16 -7.08 -84.75
CA ARG E 40 -40.16 -6.80 -83.33
C ARG E 40 -39.81 -8.08 -82.57
N TYR E 41 -39.08 -7.92 -81.47
CA TYR E 41 -38.82 -9.07 -80.62
C TYR E 41 -40.02 -9.30 -79.71
N ARG E 42 -40.16 -10.55 -79.27
CA ARG E 42 -41.27 -10.90 -78.39
C ARG E 42 -41.05 -10.26 -77.02
N PRO E 43 -42.14 -9.90 -76.32
CA PRO E 43 -41.98 -9.25 -75.02
C PRO E 43 -41.30 -10.17 -74.02
N GLY E 44 -40.23 -9.68 -73.40
CA GLY E 44 -39.47 -10.42 -72.42
C GLY E 44 -38.09 -10.82 -72.89
N THR E 45 -37.82 -10.76 -74.19
CA THR E 45 -36.53 -11.17 -74.72
C THR E 45 -35.45 -10.12 -74.45
N VAL E 46 -35.73 -8.87 -74.79
CA VAL E 46 -34.76 -7.80 -74.55
C VAL E 46 -34.52 -7.64 -73.06
N ALA E 47 -35.57 -7.82 -72.25
CA ALA E 47 -35.43 -7.73 -70.81
C ALA E 47 -34.43 -8.76 -70.29
N LEU E 48 -34.57 -10.01 -70.72
CA LEU E 48 -33.63 -11.05 -70.29
C LEU E 48 -32.22 -10.76 -70.80
N ARG E 49 -32.11 -10.25 -72.03
CA ARG E 49 -30.79 -9.91 -72.55
C ARG E 49 -30.15 -8.77 -71.77
N GLU E 50 -30.96 -7.83 -71.27
CA GLU E 50 -30.41 -6.81 -70.38
C GLU E 50 -29.95 -7.42 -69.07
N ILE E 51 -30.68 -8.42 -68.57
CA ILE E 51 -30.25 -9.12 -67.35
C ILE E 51 -28.89 -9.73 -67.56
N ARG E 52 -28.66 -10.37 -68.71
CA ARG E 52 -27.36 -10.97 -68.98
C ARG E 52 -26.28 -9.91 -69.13
N ARG E 53 -26.63 -8.72 -69.63
CA ARG E 53 -25.64 -7.69 -69.92
C ARG E 53 -25.14 -7.02 -68.65
N TYR E 54 -26.04 -6.69 -67.73
CA TYR E 54 -25.64 -6.01 -66.51
C TYR E 54 -25.16 -6.95 -65.42
N GLN E 55 -25.53 -8.23 -65.47
CA GLN E 55 -24.99 -9.19 -64.52
C GLN E 55 -23.53 -9.52 -64.80
N LYS E 56 -23.06 -9.28 -66.02
CA LYS E 56 -21.66 -9.51 -66.36
C LYS E 56 -20.79 -8.30 -66.02
N SER E 57 -21.34 -7.09 -66.09
CA SER E 57 -20.61 -5.87 -65.80
C SER E 57 -20.85 -5.42 -64.37
N THR E 58 -20.02 -4.48 -63.91
CA THR E 58 -20.10 -3.96 -62.55
C THR E 58 -20.15 -2.44 -62.52
N GLU E 59 -20.29 -1.79 -63.67
CA GLU E 59 -20.37 -0.34 -63.71
C GLU E 59 -21.60 0.16 -62.96
N LEU E 60 -21.46 1.33 -62.35
CA LEU E 60 -22.56 1.92 -61.59
C LEU E 60 -23.75 2.20 -62.50
N LEU E 61 -24.95 1.99 -61.97
CA LEU E 61 -26.18 2.14 -62.74
C LEU E 61 -26.87 3.47 -62.51
N ILE E 62 -26.89 3.95 -61.27
CA ILE E 62 -27.44 5.27 -60.97
C ILE E 62 -26.44 6.34 -61.40
N ARG E 63 -26.98 7.45 -61.94
CA ARG E 63 -26.14 8.54 -62.39
C ARG E 63 -25.41 9.20 -61.23
N LYS E 64 -24.31 9.87 -61.54
CA LYS E 64 -23.44 10.37 -60.48
C LYS E 64 -23.92 11.71 -59.96
N LEU E 65 -24.30 12.62 -60.85
CA LEU E 65 -24.67 13.97 -60.44
C LEU E 65 -26.05 14.00 -59.78
N PRO E 66 -27.08 13.35 -60.34
CA PRO E 66 -28.37 13.30 -59.60
C PRO E 66 -28.24 12.65 -58.24
N PHE E 67 -27.36 11.65 -58.11
CA PHE E 67 -27.14 11.03 -56.81
C PHE E 67 -26.46 12.00 -55.85
N GLN E 68 -25.50 12.78 -56.36
CA GLN E 68 -24.79 13.73 -55.51
C GLN E 68 -25.70 14.83 -55.00
N ARG E 69 -26.63 15.30 -55.85
CA ARG E 69 -27.58 16.31 -55.39
C ARG E 69 -28.58 15.73 -54.40
N LEU E 70 -29.00 14.47 -54.61
CA LEU E 70 -29.93 13.83 -53.69
C LEU E 70 -29.31 13.64 -52.31
N VAL E 71 -28.05 13.19 -52.25
CA VAL E 71 -27.40 12.98 -50.96
C VAL E 71 -27.19 14.31 -50.25
N ARG E 72 -26.79 15.35 -50.99
CA ARG E 72 -26.67 16.68 -50.39
C ARG E 72 -28.02 17.16 -49.87
N GLU E 73 -29.10 16.87 -50.58
CA GLU E 73 -30.43 17.26 -50.14
C GLU E 73 -30.79 16.57 -48.83
N ILE E 74 -30.55 15.25 -48.74
CA ILE E 74 -30.87 14.52 -47.52
C ILE E 74 -30.02 14.99 -46.35
N ALA E 75 -28.75 15.28 -46.60
CA ALA E 75 -27.86 15.73 -45.54
C ALA E 75 -28.14 17.17 -45.13
N GLN E 76 -28.66 17.99 -46.04
CA GLN E 76 -28.99 19.37 -45.71
C GLN E 76 -30.03 19.44 -44.59
N ASP E 77 -30.91 18.45 -44.50
CA ASP E 77 -31.90 18.41 -43.43
C ASP E 77 -31.30 18.02 -42.09
N PHE E 78 -30.04 17.60 -42.05
CA PHE E 78 -29.38 17.23 -40.80
C PHE E 78 -28.43 18.32 -40.30
N LYS E 79 -27.63 18.92 -41.17
CA LYS E 79 -26.73 19.99 -40.77
C LYS E 79 -26.43 20.87 -41.97
N THR E 80 -26.41 22.18 -41.74
CA THR E 80 -26.23 23.15 -42.80
C THR E 80 -24.74 23.40 -43.04
N ASP E 81 -24.41 23.78 -44.27
CA ASP E 81 -23.06 24.12 -44.70
C ASP E 81 -22.12 22.92 -44.49
N LEU E 82 -22.35 21.90 -45.31
CA LEU E 82 -21.56 20.68 -45.27
C LEU E 82 -20.89 20.46 -46.63
N ARG E 83 -19.67 19.97 -46.61
CA ARG E 83 -18.92 19.60 -47.80
C ARG E 83 -18.69 18.09 -47.81
N PHE E 84 -18.73 17.50 -48.99
CA PHE E 84 -18.56 16.06 -49.15
C PHE E 84 -17.30 15.76 -49.94
N GLN E 85 -16.53 14.80 -49.47
CA GLN E 85 -15.45 14.25 -50.30
C GLN E 85 -16.05 13.42 -51.42
N SER E 86 -15.45 13.51 -52.61
CA SER E 86 -15.96 12.78 -53.76
C SER E 86 -15.97 11.27 -53.49
N SER E 87 -14.97 10.78 -52.76
CA SER E 87 -14.93 9.36 -52.42
C SER E 87 -16.05 8.96 -51.46
N ALA E 88 -16.49 9.90 -50.60
CA ALA E 88 -17.60 9.60 -49.70
C ALA E 88 -18.89 9.40 -50.47
N VAL E 89 -19.14 10.20 -51.51
CA VAL E 89 -20.34 10.03 -52.31
C VAL E 89 -20.29 8.73 -53.09
N MET E 90 -19.13 8.40 -53.66
CA MET E 90 -19.00 7.16 -54.43
C MET E 90 -19.24 5.95 -53.54
N ALA E 91 -18.77 6.00 -52.29
CA ALA E 91 -19.02 4.90 -51.36
C ALA E 91 -20.51 4.79 -51.03
N LEU E 92 -21.19 5.93 -50.87
CA LEU E 92 -22.63 5.90 -50.66
C LEU E 92 -23.36 5.31 -51.85
N GLN E 93 -22.92 5.65 -53.07
CA GLN E 93 -23.54 5.11 -54.27
C GLN E 93 -23.30 3.62 -54.41
N GLU E 94 -22.09 3.17 -54.06
CA GLU E 94 -21.77 1.75 -54.16
C GLU E 94 -22.64 0.93 -53.22
N ALA E 95 -22.73 1.35 -51.95
CA ALA E 95 -23.54 0.62 -50.99
C ALA E 95 -25.03 0.71 -51.30
N SER E 96 -25.47 1.85 -51.84
CA SER E 96 -26.88 2.01 -52.16
C SER E 96 -27.31 1.07 -53.28
N GLU E 97 -26.53 1.03 -54.36
CA GLU E 97 -26.88 0.15 -55.48
C GLU E 97 -26.81 -1.32 -55.09
N ALA E 98 -25.80 -1.68 -54.28
CA ALA E 98 -25.69 -3.06 -53.82
C ALA E 98 -26.88 -3.44 -52.95
N TYR E 99 -27.33 -2.52 -52.09
CA TYR E 99 -28.53 -2.77 -51.30
C TYR E 99 -29.76 -2.92 -52.18
N LEU E 100 -29.85 -2.09 -53.22
CA LEU E 100 -31.02 -2.13 -54.10
C LEU E 100 -31.02 -3.37 -54.98
N VAL E 101 -29.84 -3.78 -55.46
CA VAL E 101 -29.76 -5.02 -56.24
C VAL E 101 -30.13 -6.21 -55.36
N ALA E 102 -29.62 -6.26 -54.13
CA ALA E 102 -29.96 -7.34 -53.22
C ALA E 102 -31.44 -7.34 -52.87
N LEU E 103 -32.04 -6.15 -52.75
CA LEU E 103 -33.46 -6.07 -52.43
C LEU E 103 -34.32 -6.58 -53.57
N PHE E 104 -33.97 -6.24 -54.81
CA PHE E 104 -34.73 -6.73 -55.95
C PHE E 104 -34.56 -8.23 -56.15
N GLU E 105 -33.41 -8.77 -55.76
CA GLU E 105 -33.23 -10.23 -55.79
C GLU E 105 -34.22 -10.90 -54.84
N ASP E 106 -34.30 -10.40 -53.60
CA ASP E 106 -35.29 -10.93 -52.67
C ASP E 106 -36.71 -10.62 -53.15
N THR E 107 -36.90 -9.46 -53.78
CA THR E 107 -38.22 -9.10 -54.29
C THR E 107 -38.65 -10.04 -55.41
N ASN E 108 -37.74 -10.36 -56.33
CA ASN E 108 -38.08 -11.26 -57.42
C ASN E 108 -38.40 -12.66 -56.90
N LEU E 109 -37.66 -13.12 -55.88
CA LEU E 109 -37.94 -14.42 -55.29
C LEU E 109 -39.32 -14.44 -54.65
N CYS E 110 -39.72 -13.33 -54.01
CA CYS E 110 -41.05 -13.26 -53.41
C CYS E 110 -42.13 -13.27 -54.48
N ALA E 111 -41.92 -12.54 -55.57
CA ALA E 111 -42.92 -12.49 -56.64
C ALA E 111 -43.09 -13.85 -57.30
N ILE E 112 -41.98 -14.58 -57.50
CA ILE E 112 -42.07 -15.91 -58.06
C ILE E 112 -42.77 -16.87 -57.10
N HIS E 113 -42.60 -16.66 -55.80
CA HIS E 113 -43.27 -17.51 -54.81
C HIS E 113 -44.79 -17.36 -54.90
N ALA E 114 -45.27 -16.18 -55.28
CA ALA E 114 -46.70 -15.94 -55.45
C ALA E 114 -47.21 -16.34 -56.83
N LYS E 115 -46.50 -17.24 -57.52
CA LYS E 115 -46.88 -17.72 -58.85
C LYS E 115 -46.98 -16.58 -59.86
N ARG E 116 -46.19 -15.53 -59.66
CA ARG E 116 -46.21 -14.35 -60.52
C ARG E 116 -44.85 -14.20 -61.19
N VAL E 117 -44.80 -13.24 -62.12
CA VAL E 117 -43.56 -12.95 -62.86
C VAL E 117 -43.23 -11.48 -62.64
N THR E 118 -44.24 -10.65 -62.43
CA THR E 118 -44.07 -9.23 -62.24
C THR E 118 -43.89 -8.90 -60.77
N ILE E 119 -42.86 -8.14 -60.45
CA ILE E 119 -42.66 -7.69 -59.08
C ILE E 119 -43.65 -6.57 -58.78
N MET E 120 -44.07 -6.49 -57.52
CA MET E 120 -45.07 -5.53 -57.08
C MET E 120 -44.66 -4.98 -55.72
N PRO E 121 -45.17 -3.81 -55.34
CA PRO E 121 -44.78 -3.23 -54.05
C PRO E 121 -45.06 -4.13 -52.85
N LYS E 122 -46.10 -4.97 -52.91
CA LYS E 122 -46.33 -5.89 -51.80
C LYS E 122 -45.19 -6.87 -51.62
N ASP E 123 -44.46 -7.16 -52.69
CA ASP E 123 -43.31 -8.05 -52.59
C ASP E 123 -42.16 -7.40 -51.82
N ILE E 124 -41.86 -6.13 -52.14
CA ILE E 124 -40.82 -5.41 -51.41
C ILE E 124 -41.19 -5.24 -49.95
N GLN E 125 -42.46 -4.90 -49.69
CA GLN E 125 -42.89 -4.70 -48.31
C GLN E 125 -42.78 -5.97 -47.50
N LEU E 126 -43.17 -7.11 -48.07
CA LEU E 126 -43.00 -8.38 -47.37
C LEU E 126 -41.53 -8.71 -47.16
N ALA E 127 -40.70 -8.46 -48.17
CA ALA E 127 -39.28 -8.79 -48.06
C ALA E 127 -38.60 -7.98 -46.97
N ARG E 128 -38.85 -6.68 -46.92
CA ARG E 128 -38.22 -5.85 -45.91
C ARG E 128 -38.80 -6.11 -44.52
N ARG E 129 -40.05 -6.59 -44.45
CA ARG E 129 -40.61 -6.97 -43.16
C ARG E 129 -39.93 -8.21 -42.60
N ILE E 130 -39.67 -9.20 -43.46
CA ILE E 130 -38.97 -10.39 -43.02
C ILE E 130 -37.52 -10.08 -42.69
N ARG E 131 -36.90 -9.17 -43.45
CA ARG E 131 -35.54 -8.76 -43.19
C ARG E 131 -35.40 -8.00 -41.88
N GLY E 132 -36.51 -7.46 -41.36
CA GLY E 132 -36.47 -6.67 -40.14
C GLY E 132 -36.23 -5.20 -40.40
N ASN F 25 -34.96 16.59 -56.99
CA ASN F 25 -33.87 15.88 -56.33
C ASN F 25 -34.12 14.38 -56.28
N ILE F 26 -35.16 13.98 -55.53
CA ILE F 26 -35.46 12.56 -55.39
C ILE F 26 -35.93 11.97 -56.72
N GLN F 27 -36.50 12.79 -57.59
CA GLN F 27 -36.92 12.33 -58.91
C GLN F 27 -35.76 12.21 -59.88
N GLY F 28 -34.53 12.48 -59.44
CA GLY F 28 -33.36 12.31 -60.29
C GLY F 28 -32.99 10.87 -60.55
N ILE F 29 -33.64 9.92 -59.88
CA ILE F 29 -33.42 8.51 -60.09
C ILE F 29 -34.76 7.93 -60.54
N THR F 30 -34.96 7.81 -61.84
CA THR F 30 -36.25 7.41 -62.38
C THR F 30 -36.06 6.71 -63.72
N LYS F 31 -37.17 6.19 -64.23
CA LYS F 31 -37.37 5.56 -65.53
C LYS F 31 -36.28 4.51 -65.83
N PRO F 32 -35.12 4.79 -66.54
CA PRO F 32 -34.23 3.67 -66.84
C PRO F 32 -33.34 3.27 -65.67
N ALA F 33 -33.03 4.22 -64.78
CA ALA F 33 -32.17 3.91 -63.65
C ALA F 33 -32.82 2.88 -62.74
N ILE F 34 -34.11 3.03 -62.46
CA ILE F 34 -34.83 2.02 -61.68
C ILE F 34 -35.00 0.75 -62.50
N ARG F 35 -35.02 0.86 -63.83
CA ARG F 35 -35.07 -0.32 -64.68
C ARG F 35 -33.74 -1.06 -64.72
N ARG F 36 -32.63 -0.31 -64.81
CA ARG F 36 -31.31 -0.95 -64.87
C ARG F 36 -30.99 -1.66 -63.57
N LEU F 37 -31.34 -1.07 -62.43
CA LEU F 37 -31.11 -1.73 -61.15
C LEU F 37 -31.90 -3.03 -61.05
N ALA F 38 -33.06 -3.10 -61.71
CA ALA F 38 -33.84 -4.33 -61.69
C ALA F 38 -33.19 -5.41 -62.54
N ARG F 39 -32.60 -5.04 -63.67
CA ARG F 39 -32.01 -6.03 -64.55
C ARG F 39 -30.80 -6.70 -63.90
N ARG F 40 -29.96 -5.93 -63.20
CA ARG F 40 -28.85 -6.53 -62.49
C ARG F 40 -29.32 -7.44 -61.38
N GLY F 41 -30.50 -7.19 -60.83
CA GLY F 41 -31.08 -8.07 -59.84
C GLY F 41 -31.80 -9.28 -60.40
N GLY F 42 -32.09 -9.28 -61.70
CA GLY F 42 -32.73 -10.41 -62.34
C GLY F 42 -34.22 -10.27 -62.56
N VAL F 43 -34.78 -9.08 -62.38
CA VAL F 43 -36.22 -8.87 -62.54
C VAL F 43 -36.54 -8.76 -64.03
N LYS F 44 -37.63 -9.40 -64.44
CA LYS F 44 -38.06 -9.41 -65.83
C LYS F 44 -39.14 -8.36 -66.12
N ARG F 45 -40.23 -8.36 -65.35
CA ARG F 45 -41.34 -7.44 -65.56
C ARG F 45 -41.48 -6.56 -64.33
N ILE F 46 -41.60 -5.25 -64.54
CA ILE F 46 -41.62 -4.26 -63.48
C ILE F 46 -42.98 -3.56 -63.51
N SER F 47 -43.65 -3.55 -62.36
CA SER F 47 -44.91 -2.82 -62.27
C SER F 47 -44.65 -1.32 -62.14
N GLY F 48 -45.71 -0.53 -62.38
CA GLY F 48 -45.55 0.91 -62.39
C GLY F 48 -45.26 1.51 -61.03
N LEU F 49 -45.80 0.91 -59.97
CA LEU F 49 -45.64 1.45 -58.63
C LEU F 49 -44.30 1.09 -58.01
N ILE F 50 -43.51 0.25 -58.66
CA ILE F 50 -42.19 -0.11 -58.12
C ILE F 50 -41.31 1.13 -58.02
N TYR F 51 -41.37 2.00 -59.03
CA TYR F 51 -40.47 3.15 -59.09
C TYR F 51 -40.65 4.04 -57.88
N GLU F 52 -41.89 4.37 -57.54
CA GLU F 52 -42.14 5.19 -56.36
C GLU F 52 -41.77 4.46 -55.08
N GLU F 53 -42.10 3.17 -55.00
CA GLU F 53 -41.75 2.38 -53.82
C GLU F 53 -40.24 2.24 -53.68
N THR F 54 -39.52 2.13 -54.81
CA THR F 54 -38.06 2.03 -54.74
C THR F 54 -37.44 3.31 -54.20
N ARG F 55 -37.95 4.47 -54.62
CA ARG F 55 -37.42 5.74 -54.11
C ARG F 55 -37.61 5.85 -52.61
N GLY F 56 -38.78 5.45 -52.11
CA GLY F 56 -39.04 5.52 -50.68
C GLY F 56 -38.08 4.65 -49.87
N VAL F 57 -37.82 3.43 -50.36
CA VAL F 57 -36.88 2.55 -49.65
C VAL F 57 -35.47 3.14 -49.70
N LEU F 58 -35.07 3.66 -50.87
CA LEU F 58 -33.75 4.27 -50.97
C LEU F 58 -33.66 5.53 -50.11
N LYS F 59 -34.75 6.27 -50.00
CA LYS F 59 -34.76 7.45 -49.14
C LYS F 59 -34.50 7.07 -47.69
N VAL F 60 -35.26 6.11 -47.17
CA VAL F 60 -35.09 5.68 -45.79
C VAL F 60 -33.68 5.11 -45.58
N PHE F 61 -33.19 4.33 -46.54
CA PHE F 61 -31.84 3.77 -46.42
C PHE F 61 -30.80 4.87 -46.34
N LEU F 62 -30.89 5.86 -47.24
CA LEU F 62 -29.93 6.96 -47.21
C LEU F 62 -30.06 7.79 -45.94
N GLU F 63 -31.29 8.01 -45.47
CA GLU F 63 -31.48 8.76 -44.24
C GLU F 63 -30.79 8.09 -43.06
N ASN F 64 -30.87 6.76 -42.97
CA ASN F 64 -30.24 6.05 -41.86
C ASN F 64 -28.72 6.13 -41.94
N VAL F 65 -28.16 5.87 -43.13
CA VAL F 65 -26.71 5.84 -43.27
C VAL F 65 -26.11 7.22 -43.07
N ILE F 66 -26.70 8.23 -43.71
CA ILE F 66 -26.18 9.59 -43.60
C ILE F 66 -26.30 10.10 -42.16
N ARG F 67 -27.35 9.69 -41.45
CA ARG F 67 -27.51 10.10 -40.05
C ARG F 67 -26.33 9.65 -39.21
N ASP F 68 -26.00 8.35 -39.26
CA ASP F 68 -24.85 7.85 -38.52
C ASP F 68 -23.55 8.44 -39.04
N ALA F 69 -23.48 8.72 -40.34
CA ALA F 69 -22.28 9.35 -40.91
C ALA F 69 -22.12 10.77 -40.37
N VAL F 70 -23.20 11.55 -40.39
CA VAL F 70 -23.16 12.91 -39.87
C VAL F 70 -22.82 12.90 -38.37
N THR F 71 -23.27 11.88 -37.64
CA THR F 71 -23.01 11.82 -36.21
C THR F 71 -21.52 11.72 -35.93
N TYR F 72 -20.78 10.94 -36.73
CA TYR F 72 -19.35 10.86 -36.54
C TYR F 72 -18.67 12.19 -36.85
N THR F 73 -19.13 12.89 -37.89
CA THR F 73 -18.59 14.21 -38.20
C THR F 73 -18.88 15.20 -37.09
N GLU F 74 -20.03 15.08 -36.43
CA GLU F 74 -20.33 15.95 -35.30
C GLU F 74 -19.37 15.73 -34.15
N HIS F 75 -19.05 14.46 -33.85
CA HIS F 75 -18.11 14.16 -32.78
C HIS F 75 -16.70 14.54 -33.16
N ALA F 76 -16.33 14.42 -34.43
CA ALA F 76 -14.98 14.73 -34.89
C ALA F 76 -14.74 16.22 -35.06
N LYS F 77 -15.77 17.05 -34.90
CA LYS F 77 -15.66 18.50 -35.06
C LYS F 77 -15.14 18.86 -36.45
N ARG F 78 -15.91 18.49 -37.47
CA ARG F 78 -15.57 18.74 -38.86
C ARG F 78 -16.82 19.13 -39.62
N LYS F 79 -16.64 19.94 -40.66
CA LYS F 79 -17.72 20.32 -41.56
C LYS F 79 -17.72 19.53 -42.85
N THR F 80 -16.81 18.55 -42.98
CA THR F 80 -16.68 17.74 -44.18
C THR F 80 -16.80 16.27 -43.79
N VAL F 81 -17.76 15.58 -44.39
CA VAL F 81 -17.91 14.15 -44.17
C VAL F 81 -16.94 13.41 -45.07
N THR F 82 -15.99 12.69 -44.46
CA THR F 82 -14.98 11.97 -45.21
C THR F 82 -15.51 10.60 -45.66
N ALA F 83 -14.74 9.95 -46.52
CA ALA F 83 -15.12 8.61 -46.98
C ALA F 83 -15.16 7.63 -45.82
N MET F 84 -14.32 7.84 -44.80
CA MET F 84 -14.34 6.96 -43.63
C MET F 84 -15.69 7.01 -42.95
N ASP F 85 -16.20 8.23 -42.71
CA ASP F 85 -17.51 8.40 -42.06
C ASP F 85 -18.60 7.60 -42.77
N VAL F 86 -18.56 7.58 -44.10
CA VAL F 86 -19.52 6.76 -44.85
C VAL F 86 -19.29 5.28 -44.58
N VAL F 87 -18.03 4.85 -44.59
CA VAL F 87 -17.71 3.45 -44.38
C VAL F 87 -18.10 3.05 -42.96
N TYR F 88 -17.72 3.87 -41.98
CA TYR F 88 -17.97 3.56 -40.58
C TYR F 88 -19.46 3.56 -40.26
N ALA F 89 -20.23 4.44 -40.90
CA ALA F 89 -21.68 4.40 -40.75
C ALA F 89 -22.26 3.13 -41.33
N LEU F 90 -21.75 2.69 -42.48
CA LEU F 90 -22.17 1.43 -43.06
C LEU F 90 -21.77 0.24 -42.19
N LYS F 91 -20.59 0.31 -41.57
CA LYS F 91 -20.18 -0.78 -40.68
C LYS F 91 -21.13 -0.89 -39.48
N ARG F 92 -21.52 0.26 -38.90
CA ARG F 92 -22.47 0.21 -37.80
C ARG F 92 -23.85 -0.23 -38.27
N GLN F 93 -24.21 0.08 -39.52
CA GLN F 93 -25.49 -0.30 -40.09
C GLN F 93 -25.48 -1.73 -40.65
N GLY F 94 -24.45 -2.52 -40.32
CA GLY F 94 -24.35 -3.87 -40.85
C GLY F 94 -24.18 -3.95 -42.35
N ARG F 95 -23.55 -2.95 -42.95
CA ARG F 95 -23.34 -2.88 -44.39
C ARG F 95 -21.86 -2.67 -44.69
N THR F 96 -21.02 -3.60 -44.20
CA THR F 96 -19.58 -3.47 -44.35
C THR F 96 -19.19 -3.34 -45.82
N LEU F 97 -18.31 -2.39 -46.12
CA LEU F 97 -17.92 -2.08 -47.49
C LEU F 97 -16.40 -2.01 -47.58
N TYR F 98 -15.85 -2.71 -48.59
CA TYR F 98 -14.41 -2.70 -48.87
C TYR F 98 -14.13 -1.77 -50.04
N GLY F 99 -13.01 -1.04 -49.95
CA GLY F 99 -12.55 -0.28 -51.11
C GLY F 99 -12.24 1.18 -50.88
N PHE F 100 -12.89 1.79 -49.90
CA PHE F 100 -12.78 3.22 -49.61
C PHE F 100 -12.14 3.48 -48.25
N GLY F 101 -11.03 2.78 -47.98
CA GLY F 101 -10.30 2.92 -46.74
C GLY F 101 -9.97 1.60 -46.05
N GLY F 102 -9.34 1.69 -44.89
CA GLY F 102 -8.78 0.51 -44.23
C GLY F 102 -9.80 -0.50 -43.74
N ALA G 14 -21.06 15.01 1.20
CA ALA G 14 -21.36 13.84 0.38
C ALA G 14 -20.09 13.09 0.00
N LYS G 15 -19.96 11.87 0.49
CA LYS G 15 -18.78 11.04 0.23
C LYS G 15 -18.88 10.30 -1.11
N THR G 16 -20.03 9.68 -1.37
CA THR G 16 -20.20 8.87 -2.57
C THR G 16 -20.48 9.76 -3.78
N ARG G 17 -19.79 9.47 -4.90
CA ARG G 17 -20.00 10.24 -6.12
C ARG G 17 -21.40 10.05 -6.69
N SER G 18 -22.08 8.96 -6.32
CA SER G 18 -23.46 8.77 -6.77
C SER G 18 -24.37 9.84 -6.19
N SER G 19 -24.14 10.21 -4.92
CA SER G 19 -24.92 11.28 -4.31
C SER G 19 -24.60 12.64 -4.93
N ARG G 20 -23.35 12.84 -5.35
CA ARG G 20 -22.97 14.11 -5.96
C ARG G 20 -23.62 14.31 -7.32
N ALA G 21 -24.10 13.24 -7.95
CA ALA G 21 -24.76 13.34 -9.25
C ALA G 21 -26.25 13.08 -9.18
N GLY G 22 -26.81 12.84 -7.98
CA GLY G 22 -28.21 12.56 -7.85
C GLY G 22 -28.66 11.27 -8.50
N LEU G 23 -27.73 10.38 -8.82
CA LEU G 23 -28.03 9.12 -9.49
C LEU G 23 -28.10 7.98 -8.48
N GLN G 24 -28.76 6.90 -8.88
CA GLN G 24 -28.87 5.70 -8.06
C GLN G 24 -27.83 4.66 -8.41
N PHE G 25 -27.47 4.51 -9.68
CA PHE G 25 -26.50 3.51 -10.09
C PHE G 25 -25.11 3.89 -9.59
N PRO G 26 -24.29 2.91 -9.22
CA PRO G 26 -22.98 3.21 -8.63
C PRO G 26 -22.00 3.76 -9.65
N VAL G 27 -21.69 5.05 -9.53
CA VAL G 27 -20.70 5.67 -10.42
C VAL G 27 -19.33 5.05 -10.19
N GLY G 28 -19.03 4.65 -8.96
CA GLY G 28 -17.75 4.02 -8.68
C GLY G 28 -17.59 2.68 -9.36
N ARG G 29 -18.63 1.85 -9.31
CA ARG G 29 -18.58 0.56 -9.99
C ARG G 29 -18.52 0.74 -11.50
N VAL G 30 -19.21 1.75 -12.02
CA VAL G 30 -19.13 2.05 -13.45
C VAL G 30 -17.71 2.47 -13.82
N HIS G 31 -17.10 3.34 -13.00
CA HIS G 31 -15.72 3.75 -13.26
C HIS G 31 -14.77 2.58 -13.16
N ARG G 32 -15.01 1.67 -12.22
CA ARG G 32 -14.17 0.49 -12.09
C ARG G 32 -14.31 -0.43 -13.31
N LEU G 33 -15.55 -0.73 -13.70
CA LEU G 33 -15.76 -1.64 -14.82
C LEU G 33 -15.33 -1.03 -16.15
N LEU G 34 -15.39 0.30 -16.27
CA LEU G 34 -14.95 0.93 -17.51
C LEU G 34 -13.44 0.87 -17.64
N ARG G 35 -12.71 0.95 -16.52
CA ARG G 35 -11.26 0.85 -16.56
C ARG G 35 -10.81 -0.61 -16.69
N LYS G 36 -11.53 -1.53 -16.04
CA LYS G 36 -11.20 -2.96 -16.05
C LYS G 36 -11.86 -3.70 -17.21
N GLY G 37 -11.88 -3.12 -18.40
CA GLY G 37 -12.52 -3.74 -19.54
C GLY G 37 -11.77 -3.56 -20.84
N ASN G 38 -10.66 -2.83 -20.79
CA ASN G 38 -9.75 -2.65 -21.92
C ASN G 38 -10.49 -2.03 -23.12
N TYR G 39 -10.91 -0.79 -22.94
CA TYR G 39 -11.46 0.01 -24.03
C TYR G 39 -10.59 1.19 -24.41
N ALA G 40 -9.75 1.70 -23.51
CA ALA G 40 -8.89 2.83 -23.81
C ALA G 40 -7.80 2.91 -22.76
N GLU G 41 -6.76 3.69 -23.07
CA GLU G 41 -5.67 3.92 -22.12
C GLU G 41 -6.17 4.65 -20.88
N ARG G 42 -6.72 5.85 -21.06
CA ARG G 42 -7.17 6.69 -19.97
C ARG G 42 -8.69 6.81 -19.99
N VAL G 43 -9.24 7.26 -18.85
CA VAL G 43 -10.68 7.26 -18.63
C VAL G 43 -11.08 8.60 -18.03
N GLY G 44 -12.08 9.24 -18.65
CA GLY G 44 -12.55 10.53 -18.17
C GLY G 44 -13.26 10.43 -16.84
N ALA G 45 -13.46 11.60 -16.22
CA ALA G 45 -14.12 11.68 -14.93
C ALA G 45 -15.64 11.78 -15.07
N GLY G 46 -16.13 12.47 -16.11
CA GLY G 46 -17.57 12.59 -16.30
C GLY G 46 -18.21 11.41 -17.00
N ALA G 47 -17.40 10.57 -17.65
CA ALA G 47 -17.96 9.40 -18.32
C ALA G 47 -18.65 8.43 -17.37
N PRO G 48 -18.09 8.06 -16.20
CA PRO G 48 -18.83 7.15 -15.32
C PRO G 48 -20.15 7.74 -14.83
N VAL G 49 -20.19 9.03 -14.55
CA VAL G 49 -21.43 9.67 -14.14
C VAL G 49 -22.45 9.63 -15.27
N TYR G 50 -22.01 9.94 -16.48
CA TYR G 50 -22.92 10.08 -17.62
C TYR G 50 -23.38 8.72 -18.12
N LEU G 51 -22.51 7.72 -18.10
CA LEU G 51 -22.91 6.37 -18.49
C LEU G 51 -23.91 5.79 -17.51
N ALA G 52 -23.72 6.03 -16.21
CA ALA G 52 -24.68 5.54 -15.22
C ALA G 52 -26.03 6.22 -15.36
N ALA G 53 -26.03 7.50 -15.75
CA ALA G 53 -27.30 8.20 -15.93
C ALA G 53 -28.10 7.62 -17.08
N VAL G 54 -27.43 7.29 -18.19
CA VAL G 54 -28.12 6.67 -19.31
C VAL G 54 -28.66 5.31 -18.91
N LEU G 55 -27.86 4.53 -18.18
CA LEU G 55 -28.32 3.23 -17.69
C LEU G 55 -29.52 3.37 -16.78
N GLU G 56 -29.48 4.35 -15.86
CA GLU G 56 -30.58 4.53 -14.93
C GLU G 56 -31.86 4.98 -15.64
N TYR G 57 -31.73 5.81 -16.69
CA TYR G 57 -32.91 6.24 -17.42
C TYR G 57 -33.56 5.09 -18.16
N LEU G 58 -32.77 4.25 -18.83
CA LEU G 58 -33.34 3.14 -19.58
C LEU G 58 -34.00 2.11 -18.66
N THR G 59 -33.40 1.86 -17.50
CA THR G 59 -34.02 0.95 -16.54
C THR G 59 -35.31 1.54 -15.98
N ALA G 60 -35.33 2.86 -15.75
CA ALA G 60 -36.54 3.50 -15.27
C ALA G 60 -37.65 3.47 -16.31
N GLU G 61 -37.30 3.64 -17.59
CA GLU G 61 -38.29 3.55 -18.65
C GLU G 61 -38.93 2.17 -18.70
N ILE G 62 -38.10 1.13 -18.62
CA ILE G 62 -38.63 -0.23 -18.71
C ILE G 62 -39.49 -0.55 -17.48
N LEU G 63 -38.97 -0.25 -16.29
CA LEU G 63 -39.72 -0.52 -15.07
C LEU G 63 -41.02 0.25 -15.04
N GLU G 64 -41.06 1.44 -15.64
CA GLU G 64 -42.30 2.19 -15.75
C GLU G 64 -43.33 1.44 -16.58
N LEU G 65 -42.95 1.03 -17.79
CA LEU G 65 -43.87 0.27 -18.62
C LEU G 65 -44.09 -1.13 -18.07
N ALA G 66 -43.12 -1.67 -17.35
CA ALA G 66 -43.31 -2.98 -16.71
C ALA G 66 -44.29 -2.88 -15.55
N GLY G 67 -44.19 -1.82 -14.75
CA GLY G 67 -45.15 -1.63 -13.68
C GLY G 67 -46.55 -1.38 -14.20
N ASN G 68 -46.67 -0.70 -15.34
CA ASN G 68 -47.97 -0.51 -15.97
C ASN G 68 -48.54 -1.83 -16.45
N ALA G 69 -47.71 -2.67 -17.07
CA ALA G 69 -48.17 -3.99 -17.47
C ALA G 69 -48.52 -4.86 -16.27
N ALA G 70 -47.85 -4.65 -15.14
CA ALA G 70 -48.19 -5.38 -13.93
C ALA G 70 -49.56 -4.96 -13.41
N ARG G 71 -49.86 -3.66 -13.46
CA ARG G 71 -51.19 -3.19 -13.07
C ARG G 71 -52.26 -3.75 -14.01
N ASP G 72 -51.95 -3.85 -15.31
CA ASP G 72 -52.92 -4.39 -16.26
C ASP G 72 -53.18 -5.86 -16.01
N ASN G 73 -52.13 -6.61 -15.66
CA ASN G 73 -52.30 -8.03 -15.35
C ASN G 73 -52.75 -8.28 -13.91
N LYS G 74 -52.92 -7.22 -13.12
CA LYS G 74 -53.41 -7.33 -11.74
C LYS G 74 -52.49 -8.20 -10.89
N LYS G 75 -51.20 -7.89 -10.94
CA LYS G 75 -50.17 -8.60 -10.20
C LYS G 75 -49.24 -7.58 -9.54
N THR G 76 -48.79 -7.91 -8.33
CA THR G 76 -47.93 -6.98 -7.59
C THR G 76 -46.48 -7.06 -8.07
N ARG G 77 -45.99 -8.26 -8.36
CA ARG G 77 -44.60 -8.48 -8.73
C ARG G 77 -44.47 -8.58 -10.24
N ILE G 78 -43.43 -7.95 -10.78
CA ILE G 78 -43.18 -7.95 -12.22
C ILE G 78 -42.59 -9.29 -12.62
N ILE G 79 -43.21 -9.94 -13.60
CA ILE G 79 -42.75 -11.22 -14.12
C ILE G 79 -42.16 -10.96 -15.50
N PRO G 80 -41.37 -11.88 -16.06
CA PRO G 80 -40.80 -11.64 -17.40
C PRO G 80 -41.86 -11.40 -18.48
N ARG G 81 -43.09 -11.88 -18.30
CA ARG G 81 -44.15 -11.55 -19.25
C ARG G 81 -44.39 -10.04 -19.29
N HIS G 82 -44.33 -9.39 -18.14
CA HIS G 82 -44.56 -7.94 -18.09
C HIS G 82 -43.43 -7.19 -18.79
N LEU G 83 -42.19 -7.64 -18.61
CA LEU G 83 -41.07 -7.02 -19.31
C LEU G 83 -41.22 -7.18 -20.82
N GLN G 84 -41.63 -8.37 -21.26
CA GLN G 84 -41.81 -8.62 -22.69
C GLN G 84 -42.90 -7.71 -23.26
N LEU G 85 -44.04 -7.65 -22.58
CA LEU G 85 -45.13 -6.78 -23.04
C LEU G 85 -44.69 -5.32 -23.03
N ALA G 86 -43.93 -4.92 -22.01
CA ALA G 86 -43.50 -3.52 -21.90
C ALA G 86 -42.55 -3.14 -23.03
N VAL G 87 -41.57 -3.99 -23.32
CA VAL G 87 -40.56 -3.62 -24.30
C VAL G 87 -41.12 -3.63 -25.71
N ARG G 88 -41.98 -4.60 -26.02
CA ARG G 88 -42.47 -4.74 -27.39
C ARG G 88 -43.61 -3.78 -27.71
N ASN G 89 -44.35 -3.32 -26.71
CA ASN G 89 -45.39 -2.33 -26.97
C ASN G 89 -44.82 -0.95 -27.24
N ASP G 90 -43.64 -0.67 -26.72
CA ASP G 90 -42.94 0.58 -27.03
C ASP G 90 -42.29 0.48 -28.41
N GLU G 91 -42.41 1.54 -29.19
CA GLU G 91 -41.87 1.51 -30.55
C GLU G 91 -40.35 1.60 -30.56
N GLU G 92 -39.77 2.33 -29.61
CA GLU G 92 -38.32 2.52 -29.59
C GLU G 92 -37.60 1.44 -28.79
N LEU G 93 -38.18 0.99 -27.68
CA LEU G 93 -37.58 -0.10 -26.92
C LEU G 93 -37.54 -1.39 -27.72
N ASN G 94 -38.52 -1.59 -28.62
CA ASN G 94 -38.50 -2.76 -29.48
C ASN G 94 -37.34 -2.71 -30.46
N LYS G 95 -37.03 -1.53 -31.00
CA LYS G 95 -35.92 -1.42 -31.94
C LYS G 95 -34.58 -1.56 -31.22
N LEU G 96 -34.49 -1.06 -29.99
CA LEU G 96 -33.26 -1.21 -29.23
C LEU G 96 -32.98 -2.67 -28.94
N LEU G 97 -33.97 -3.39 -28.42
CA LEU G 97 -33.84 -4.81 -28.10
C LEU G 97 -34.39 -5.70 -29.21
N GLY G 98 -34.15 -5.33 -30.47
CA GLY G 98 -34.70 -6.08 -31.58
C GLY G 98 -34.04 -7.43 -31.78
N ARG G 99 -32.75 -7.55 -31.44
CA ARG G 99 -32.02 -8.80 -31.55
C ARG G 99 -31.88 -9.49 -30.19
N VAL G 100 -32.87 -9.34 -29.32
CA VAL G 100 -32.81 -9.84 -27.96
C VAL G 100 -34.09 -10.62 -27.67
N THR G 101 -33.93 -11.82 -27.12
CA THR G 101 -35.05 -12.64 -26.67
C THR G 101 -35.06 -12.68 -25.15
N ILE G 102 -36.23 -12.40 -24.57
CA ILE G 102 -36.39 -12.39 -23.11
C ILE G 102 -36.90 -13.75 -22.67
N ALA G 103 -36.23 -14.34 -21.67
CA ALA G 103 -36.62 -15.65 -21.18
C ALA G 103 -38.01 -15.60 -20.56
N GLN G 104 -38.82 -16.62 -20.86
CA GLN G 104 -40.19 -16.73 -20.36
C GLN G 104 -41.04 -15.54 -20.79
N GLY G 105 -40.71 -14.94 -21.94
CA GLY G 105 -41.40 -13.75 -22.40
C GLY G 105 -42.60 -14.00 -23.27
N GLY G 106 -42.51 -14.99 -24.17
CA GLY G 106 -43.60 -15.25 -25.08
C GLY G 106 -43.64 -14.25 -26.22
N VAL G 107 -44.82 -14.14 -26.83
CA VAL G 107 -45.04 -13.24 -27.95
C VAL G 107 -46.31 -12.43 -27.70
N LEU G 108 -46.48 -11.40 -28.53
CA LEU G 108 -47.68 -10.58 -28.46
C LEU G 108 -48.86 -11.29 -29.13
N PRO G 109 -50.06 -11.19 -28.56
CA PRO G 109 -51.24 -11.77 -29.22
C PRO G 109 -51.50 -11.08 -30.56
N ASN G 110 -51.39 -11.85 -31.64
CA ASN G 110 -51.54 -11.31 -32.98
C ASN G 110 -52.05 -12.40 -33.91
N ILE G 111 -53.21 -12.17 -34.51
CA ILE G 111 -53.80 -13.08 -35.49
C ILE G 111 -54.08 -12.28 -36.75
N GLN G 112 -53.63 -12.81 -37.89
CA GLN G 112 -53.77 -12.10 -39.15
C GLN G 112 -55.25 -11.96 -39.54
N SER G 113 -55.52 -10.97 -40.39
CA SER G 113 -56.90 -10.68 -40.78
C SER G 113 -57.49 -11.81 -41.61
N VAL G 114 -56.72 -12.34 -42.57
CA VAL G 114 -57.23 -13.42 -43.43
C VAL G 114 -57.53 -14.67 -42.61
N LEU G 115 -56.81 -14.87 -41.50
CA LEU G 115 -56.99 -16.05 -40.68
C LEU G 115 -58.26 -16.00 -39.84
N LEU G 116 -58.86 -14.83 -39.68
CA LEU G 116 -60.06 -14.71 -38.85
C LEU G 116 -61.24 -15.40 -39.54
N PRO G 117 -62.19 -15.92 -38.75
CA PRO G 117 -63.33 -16.62 -39.34
C PRO G 117 -64.31 -15.64 -39.98
N LYS G 118 -65.32 -16.20 -40.64
CA LYS G 118 -66.35 -15.40 -41.27
C LYS G 118 -67.62 -15.38 -40.42
N THR H 29 -18.26 -16.82 -2.57
CA THR H 29 -17.72 -15.88 -3.55
C THR H 29 -18.69 -14.73 -3.80
N ARG H 30 -18.17 -13.51 -3.70
CA ARG H 30 -19.00 -12.32 -3.91
C ARG H 30 -19.41 -12.22 -5.38
N LYS H 31 -20.71 -12.08 -5.61
CA LYS H 31 -21.26 -11.95 -6.95
C LYS H 31 -21.86 -10.55 -7.09
N GLU H 32 -21.20 -9.69 -7.85
CA GLU H 32 -21.67 -8.33 -8.02
C GLU H 32 -22.83 -8.28 -9.02
N SER H 33 -23.67 -7.26 -8.87
CA SER H 33 -24.84 -7.07 -9.71
C SER H 33 -25.38 -5.67 -9.47
N TYR H 34 -26.23 -5.21 -10.39
CA TYR H 34 -26.96 -3.96 -10.23
C TYR H 34 -28.31 -4.18 -9.57
N ALA H 35 -28.45 -5.23 -8.77
CA ALA H 35 -29.75 -5.61 -8.22
C ALA H 35 -30.31 -4.53 -7.31
N ILE H 36 -29.57 -4.17 -6.26
CA ILE H 36 -30.10 -3.28 -5.24
C ILE H 36 -30.46 -1.92 -5.82
N TYR H 37 -29.81 -1.51 -6.90
CA TYR H 37 -30.12 -0.22 -7.50
C TYR H 37 -31.33 -0.30 -8.43
N VAL H 38 -31.57 -1.45 -9.05
CA VAL H 38 -32.82 -1.63 -9.78
C VAL H 38 -34.00 -1.60 -8.83
N TYR H 39 -33.85 -2.16 -7.63
CA TYR H 39 -34.89 -2.06 -6.62
C TYR H 39 -35.19 -0.61 -6.27
N LYS H 40 -34.13 0.19 -6.07
CA LYS H 40 -34.33 1.59 -5.70
C LYS H 40 -35.06 2.35 -6.79
N VAL H 41 -34.67 2.15 -8.05
CA VAL H 41 -35.35 2.82 -9.14
C VAL H 41 -36.79 2.31 -9.25
N LEU H 42 -36.99 1.01 -9.03
CA LEU H 42 -38.34 0.45 -9.08
C LEU H 42 -39.23 1.06 -8.01
N LYS H 43 -38.72 1.14 -6.77
CA LYS H 43 -39.50 1.73 -5.70
C LYS H 43 -39.66 3.24 -5.90
N GLN H 44 -38.67 3.89 -6.51
CA GLN H 44 -38.78 5.32 -6.78
C GLN H 44 -39.85 5.62 -7.82
N VAL H 45 -40.12 4.67 -8.71
CA VAL H 45 -41.10 4.85 -9.77
C VAL H 45 -42.42 4.18 -9.43
N HIS H 46 -42.37 2.95 -8.94
CA HIS H 46 -43.56 2.21 -8.52
C HIS H 46 -43.28 1.60 -7.16
N PRO H 47 -43.61 2.31 -6.07
CA PRO H 47 -43.26 1.80 -4.73
C PRO H 47 -44.02 0.55 -4.34
N ASP H 48 -45.21 0.32 -4.91
CA ASP H 48 -46.06 -0.81 -4.55
C ASP H 48 -45.98 -1.93 -5.59
N THR H 49 -44.79 -2.20 -6.13
CA THR H 49 -44.61 -3.28 -7.09
C THR H 49 -43.35 -4.06 -6.73
N GLY H 50 -43.29 -5.30 -7.21
CA GLY H 50 -42.16 -6.17 -6.99
C GLY H 50 -41.58 -6.69 -8.31
N ILE H 51 -40.60 -7.57 -8.17
CA ILE H 51 -39.93 -8.18 -9.31
C ILE H 51 -39.53 -9.61 -8.94
N SER H 52 -39.53 -10.49 -9.94
CA SER H 52 -39.16 -11.87 -9.74
C SER H 52 -37.66 -12.07 -9.96
N SER H 53 -37.18 -13.25 -9.56
CA SER H 53 -35.75 -13.55 -9.70
C SER H 53 -35.33 -13.65 -11.16
N LYS H 54 -36.15 -14.29 -12.00
CA LYS H 54 -35.82 -14.40 -13.41
C LYS H 54 -35.84 -13.02 -14.08
N ALA H 55 -36.89 -12.24 -13.83
CA ALA H 55 -36.96 -10.89 -14.38
C ALA H 55 -35.83 -10.02 -13.85
N MET H 56 -35.38 -10.28 -12.62
CA MET H 56 -34.27 -9.50 -12.06
C MET H 56 -32.98 -9.76 -12.81
N SER H 57 -32.68 -11.02 -13.08
CA SER H 57 -31.49 -11.35 -13.87
C SER H 57 -31.61 -10.82 -15.30
N ILE H 58 -32.83 -10.78 -15.83
CA ILE H 58 -33.05 -10.20 -17.16
C ILE H 58 -32.70 -8.72 -17.17
N MET H 59 -33.08 -7.99 -16.11
CA MET H 59 -32.70 -6.59 -16.02
C MET H 59 -31.20 -6.43 -15.88
N ASN H 60 -30.54 -7.36 -15.17
CA ASN H 60 -29.09 -7.30 -15.02
C ASN H 60 -28.40 -7.44 -16.37
N SER H 61 -28.85 -8.40 -17.18
CA SER H 61 -28.26 -8.57 -18.51
C SER H 61 -28.54 -7.35 -19.39
N PHE H 62 -29.69 -6.70 -19.19
CA PHE H 62 -29.99 -5.48 -19.95
C PHE H 62 -28.98 -4.39 -19.61
N VAL H 63 -28.70 -4.21 -18.32
CA VAL H 63 -27.72 -3.20 -17.92
C VAL H 63 -26.35 -3.51 -18.50
N ASN H 64 -25.95 -4.78 -18.45
CA ASN H 64 -24.63 -5.15 -18.98
C ASN H 64 -24.58 -5.01 -20.50
N ASP H 65 -25.69 -5.30 -21.19
CA ASP H 65 -25.72 -5.14 -22.64
C ASP H 65 -25.55 -3.67 -23.02
N VAL H 66 -26.36 -2.80 -22.44
CA VAL H 66 -26.26 -1.37 -22.73
C VAL H 66 -24.89 -0.84 -22.33
N PHE H 67 -24.33 -1.37 -21.23
CA PHE H 67 -22.97 -1.02 -20.83
C PHE H 67 -21.97 -1.35 -21.92
N GLU H 68 -22.03 -2.58 -22.44
CA GLU H 68 -21.05 -3.02 -23.44
C GLU H 68 -21.25 -2.30 -24.76
N ARG H 69 -22.50 -2.03 -25.14
CA ARG H 69 -22.76 -1.35 -26.41
C ARG H 69 -22.19 0.05 -26.41
N ILE H 70 -22.49 0.83 -25.38
CA ILE H 70 -22.00 2.21 -25.32
C ILE H 70 -20.47 2.23 -25.16
N ALA H 71 -19.96 1.44 -24.22
CA ALA H 71 -18.51 1.43 -23.99
C ALA H 71 -17.77 0.92 -25.21
N GLY H 72 -18.35 -0.05 -25.92
CA GLY H 72 -17.72 -0.51 -27.15
C GLY H 72 -17.73 0.55 -28.24
N GLU H 73 -18.86 1.24 -28.41
CA GLU H 73 -18.92 2.30 -29.41
C GLU H 73 -18.00 3.46 -29.05
N ALA H 74 -17.94 3.82 -27.77
CA ALA H 74 -17.04 4.87 -27.34
C ALA H 74 -15.58 4.46 -27.53
N SER H 75 -15.27 3.19 -27.29
CA SER H 75 -13.92 2.70 -27.53
C SER H 75 -13.54 2.83 -29.00
N ARG H 76 -14.46 2.48 -29.90
CA ARG H 76 -14.21 2.68 -31.33
C ARG H 76 -14.00 4.15 -31.65
N LEU H 77 -14.83 5.02 -31.09
CA LEU H 77 -14.70 6.45 -31.34
C LEU H 77 -13.35 6.98 -30.91
N ALA H 78 -12.82 6.46 -29.79
CA ALA H 78 -11.50 6.88 -29.34
C ALA H 78 -10.41 6.48 -30.33
N HIS H 79 -10.47 5.22 -30.79
CA HIS H 79 -9.48 4.76 -31.77
C HIS H 79 -9.63 5.51 -33.09
N TYR H 80 -10.86 5.82 -33.48
CA TYR H 80 -11.11 6.43 -34.78
C TYR H 80 -10.58 7.85 -34.86
N ASN H 81 -10.57 8.58 -33.73
CA ASN H 81 -10.14 9.96 -33.71
C ASN H 81 -8.70 10.11 -33.19
N LYS H 82 -7.95 9.01 -33.14
CA LYS H 82 -6.57 9.00 -32.67
C LYS H 82 -6.44 9.59 -31.26
N ARG H 83 -7.26 9.06 -30.36
CA ARG H 83 -7.24 9.44 -28.95
C ARG H 83 -7.06 8.20 -28.10
N SER H 84 -6.50 8.39 -26.91
CA SER H 84 -6.24 7.29 -25.98
C SER H 84 -7.17 7.32 -24.77
N THR H 85 -8.09 8.27 -24.69
CA THR H 85 -9.01 8.39 -23.57
C THR H 85 -10.44 8.45 -24.07
N ILE H 86 -11.34 7.88 -23.28
CA ILE H 86 -12.78 7.93 -23.54
C ILE H 86 -13.38 8.95 -22.58
N THR H 87 -13.77 10.11 -23.11
CA THR H 87 -14.31 11.18 -22.31
C THR H 87 -15.84 11.17 -22.38
N SER H 88 -16.46 12.27 -21.92
CA SER H 88 -17.91 12.36 -21.97
C SER H 88 -18.42 12.52 -23.40
N ARG H 89 -17.60 13.11 -24.28
CA ARG H 89 -18.02 13.30 -25.67
C ARG H 89 -18.21 11.96 -26.37
N GLU H 90 -17.33 10.98 -26.09
CA GLU H 90 -17.47 9.67 -26.71
C GLU H 90 -18.74 8.98 -26.24
N ILE H 91 -19.06 9.09 -24.95
CA ILE H 91 -20.27 8.46 -24.43
C ILE H 91 -21.51 9.13 -25.02
N GLN H 92 -21.48 10.45 -25.17
CA GLN H 92 -22.65 11.18 -25.66
C GLN H 92 -22.96 10.82 -27.10
N THR H 93 -21.93 10.80 -27.95
CA THR H 93 -22.14 10.47 -29.35
C THR H 93 -22.43 8.98 -29.52
N ALA H 94 -21.95 8.15 -28.60
CA ALA H 94 -22.29 6.73 -28.64
C ALA H 94 -23.78 6.51 -28.37
N VAL H 95 -24.33 7.26 -27.40
CA VAL H 95 -25.76 7.16 -27.11
C VAL H 95 -26.58 7.77 -28.24
N ARG H 96 -26.03 8.77 -28.93
CA ARG H 96 -26.69 9.30 -30.13
C ARG H 96 -26.83 8.24 -31.20
N LEU H 97 -25.87 7.30 -31.27
CA LEU H 97 -25.88 6.26 -32.30
C LEU H 97 -26.81 5.12 -31.92
N LEU H 98 -26.79 4.70 -30.66
CA LEU H 98 -27.48 3.49 -30.24
C LEU H 98 -28.96 3.73 -29.95
N LEU H 99 -29.32 4.91 -29.45
CA LEU H 99 -30.73 5.00 -29.12
C LEU H 99 -31.50 5.70 -30.23
N PRO H 100 -32.75 5.29 -30.46
CA PRO H 100 -33.52 5.85 -31.57
C PRO H 100 -34.26 7.15 -31.22
N GLY H 101 -33.61 8.28 -31.46
CA GLY H 101 -34.29 9.57 -31.40
C GLY H 101 -34.73 10.02 -30.02
N GLU H 102 -35.89 9.54 -29.58
CA GLU H 102 -36.44 10.03 -28.31
C GLU H 102 -35.66 9.49 -27.12
N LEU H 103 -35.35 8.19 -27.13
CA LEU H 103 -34.52 7.63 -26.08
C LEU H 103 -33.14 8.27 -26.05
N ALA H 104 -32.61 8.64 -27.22
CA ALA H 104 -31.33 9.33 -27.25
C ALA H 104 -31.44 10.75 -26.72
N LYS H 105 -32.50 11.47 -27.11
CA LYS H 105 -32.69 12.83 -26.63
C LYS H 105 -32.82 12.86 -25.11
N HIS H 106 -33.65 11.99 -24.55
CA HIS H 106 -33.87 11.99 -23.12
C HIS H 106 -32.63 11.50 -22.36
N ALA H 107 -31.87 10.59 -22.95
CA ALA H 107 -30.65 10.11 -22.30
C ALA H 107 -29.60 11.21 -22.21
N VAL H 108 -29.43 11.97 -23.30
CA VAL H 108 -28.46 13.07 -23.29
C VAL H 108 -28.88 14.13 -22.28
N SER H 109 -30.18 14.40 -22.19
CA SER H 109 -30.67 15.41 -21.26
C SER H 109 -30.45 14.99 -19.80
N GLU H 110 -30.85 13.75 -19.47
CA GLU H 110 -30.66 13.27 -18.10
C GLU H 110 -29.18 13.18 -17.74
N GLY H 111 -28.35 12.78 -18.71
CA GLY H 111 -26.93 12.63 -18.41
C GLY H 111 -26.23 13.96 -18.23
N THR H 112 -26.44 14.89 -19.17
CA THR H 112 -25.79 16.19 -19.07
C THR H 112 -26.23 16.93 -17.81
N LYS H 113 -27.46 16.71 -17.36
CA LYS H 113 -27.90 17.26 -16.08
C LYS H 113 -27.08 16.69 -14.93
N ALA H 114 -26.88 15.37 -14.93
CA ALA H 114 -26.15 14.73 -13.83
C ALA H 114 -24.67 15.11 -13.86
N VAL H 115 -24.10 15.28 -15.05
CA VAL H 115 -22.70 15.66 -15.15
C VAL H 115 -22.50 17.09 -14.68
N THR H 116 -23.44 17.99 -15.03
CA THR H 116 -23.37 19.36 -14.54
C THR H 116 -23.58 19.40 -13.03
N LYS H 117 -24.50 18.58 -12.53
CA LYS H 117 -24.71 18.50 -11.09
C LYS H 117 -23.49 17.93 -10.38
N TYR H 118 -22.80 16.97 -11.00
CA TYR H 118 -21.59 16.43 -10.41
C TYR H 118 -20.45 17.44 -10.45
N THR H 119 -20.31 18.17 -11.56
CA THR H 119 -19.26 19.18 -11.65
C THR H 119 -19.48 20.31 -10.66
N SER H 120 -20.74 20.63 -10.37
CA SER H 120 -21.05 21.69 -9.41
C SER H 120 -20.49 21.35 -8.03
N ALA H 121 -20.95 20.25 -7.45
CA ALA H 121 -20.48 19.82 -6.13
C ALA H 121 -19.10 19.17 -6.23
N TYR K 41 53.39 -6.84 84.50
CA TYR K 41 53.98 -6.77 83.15
C TYR K 41 53.93 -5.35 82.62
N ARG K 42 54.78 -5.07 81.64
CA ARG K 42 54.86 -3.74 81.05
C ARG K 42 53.58 -3.41 80.29
N PRO K 43 53.22 -2.12 80.21
CA PRO K 43 51.97 -1.75 79.54
C PRO K 43 51.97 -2.15 78.07
N GLY K 44 50.89 -2.82 77.65
CA GLY K 44 50.73 -3.28 76.29
C GLY K 44 50.75 -4.79 76.16
N THR K 45 51.26 -5.51 77.15
CA THR K 45 51.32 -6.96 77.08
C THR K 45 49.95 -7.58 77.36
N VAL K 46 49.30 -7.18 78.45
CA VAL K 46 47.99 -7.72 78.80
C VAL K 46 46.97 -7.37 77.73
N ALA K 47 47.07 -6.16 77.16
CA ALA K 47 46.13 -5.74 76.13
C ALA K 47 46.20 -6.65 74.92
N LEU K 48 47.42 -6.91 74.43
CA LEU K 48 47.57 -7.79 73.26
C LEU K 48 47.12 -9.20 73.58
N ARG K 49 47.41 -9.69 74.79
CA ARG K 49 46.99 -11.03 75.16
C ARG K 49 45.47 -11.14 75.25
N GLU K 50 44.80 -10.08 75.69
CA GLU K 50 43.34 -10.07 75.66
C GLU K 50 42.83 -10.05 74.22
N ILE K 51 43.52 -9.33 73.34
CA ILE K 51 43.12 -9.30 71.93
C ILE K 51 43.13 -10.72 71.36
N ARG K 52 44.18 -11.50 71.65
CA ARG K 52 44.22 -12.87 71.19
C ARG K 52 43.11 -13.71 71.80
N ARG K 53 42.77 -13.43 73.07
CA ARG K 53 41.83 -14.30 73.78
C ARG K 53 40.42 -14.16 73.25
N TYR K 54 39.98 -12.93 72.97
CA TYR K 54 38.61 -12.73 72.48
C TYR K 54 38.49 -12.91 70.98
N GLN K 55 39.58 -12.77 70.23
CA GLN K 55 39.52 -13.06 68.80
C GLN K 55 39.39 -14.56 68.52
N LYS K 56 39.75 -15.41 69.48
CA LYS K 56 39.59 -16.84 69.33
C LYS K 56 38.21 -17.33 69.71
N SER K 57 37.56 -16.67 70.68
CA SER K 57 36.22 -17.04 71.12
C SER K 57 35.18 -16.16 70.44
N THR K 58 33.92 -16.59 70.53
CA THR K 58 32.82 -15.86 69.93
C THR K 58 31.66 -15.61 70.89
N GLU K 59 31.84 -15.88 72.18
CA GLU K 59 30.78 -15.60 73.14
C GLU K 59 30.49 -14.10 73.20
N LEU K 60 29.23 -13.77 73.46
CA LEU K 60 28.83 -12.37 73.50
C LEU K 60 29.55 -11.61 74.61
N LEU K 61 29.91 -10.37 74.33
CA LEU K 61 30.69 -9.55 75.26
C LEU K 61 29.84 -8.56 76.04
N ILE K 62 28.85 -7.95 75.41
CA ILE K 62 27.92 -7.07 76.12
C ILE K 62 26.95 -7.94 76.91
N ARG K 63 26.53 -7.44 78.07
CA ARG K 63 25.69 -8.20 78.97
C ARG K 63 24.33 -8.51 78.32
N LYS K 64 23.54 -9.31 79.04
CA LYS K 64 22.22 -9.69 78.58
C LYS K 64 21.11 -8.94 79.31
N LEU K 65 21.18 -8.85 80.63
CA LEU K 65 20.10 -8.24 81.40
C LEU K 65 20.15 -6.71 81.31
N PRO K 66 21.31 -6.06 81.53
CA PRO K 66 21.35 -4.60 81.32
C PRO K 66 21.09 -4.22 79.87
N PHE K 67 21.55 -5.02 78.92
CA PHE K 67 21.32 -4.72 77.51
C PHE K 67 19.84 -4.84 77.15
N GLN K 68 19.17 -5.87 77.65
CA GLN K 68 17.76 -6.03 77.33
C GLN K 68 16.93 -4.92 77.96
N ARG K 69 17.31 -4.46 79.16
CA ARG K 69 16.60 -3.33 79.77
C ARG K 69 16.83 -2.05 78.99
N LEU K 70 18.05 -1.87 78.46
CA LEU K 70 18.32 -0.69 77.65
C LEU K 70 17.46 -0.68 76.40
N VAL K 71 17.33 -1.84 75.74
CA VAL K 71 16.52 -1.91 74.53
C VAL K 71 15.04 -1.70 74.85
N ARG K 72 14.57 -2.25 75.98
CA ARG K 72 13.19 -2.01 76.40
C ARG K 72 12.93 -0.52 76.62
N GLU K 73 13.90 0.18 77.22
CA GLU K 73 13.76 1.61 77.43
C GLU K 73 13.68 2.35 76.11
N ILE K 74 14.54 2.00 75.16
CA ILE K 74 14.55 2.69 73.87
C ILE K 74 13.23 2.46 73.14
N ALA K 75 12.68 1.26 73.25
CA ALA K 75 11.40 0.97 72.60
C ALA K 75 10.25 1.67 73.32
N GLN K 76 10.37 1.86 74.64
CA GLN K 76 9.31 2.52 75.40
C GLN K 76 9.06 3.93 74.88
N ASP K 77 10.09 4.59 74.35
CA ASP K 77 9.94 5.91 73.77
C ASP K 77 9.31 5.86 72.39
N PHE K 78 9.14 4.67 71.80
CA PHE K 78 8.52 4.52 70.48
C PHE K 78 7.08 4.05 70.55
N LYS K 79 6.78 3.07 71.42
CA LYS K 79 5.42 2.59 71.59
C LYS K 79 5.32 1.97 72.97
N THR K 80 4.22 2.26 73.67
CA THR K 80 4.07 1.85 75.05
C THR K 80 3.54 0.43 75.17
N ASP K 81 3.93 -0.23 76.26
CA ASP K 81 3.49 -1.59 76.59
C ASP K 81 3.89 -2.57 75.48
N LEU K 82 5.20 -2.80 75.39
CA LEU K 82 5.77 -3.71 74.41
C LEU K 82 6.51 -4.84 75.11
N ARG K 83 6.37 -6.05 74.56
CA ARG K 83 7.07 -7.23 75.03
C ARG K 83 8.01 -7.71 73.93
N PHE K 84 9.15 -8.26 74.34
CA PHE K 84 10.17 -8.72 73.41
C PHE K 84 10.36 -10.23 73.53
N GLN K 85 10.45 -10.90 72.39
CA GLN K 85 10.89 -12.29 72.38
C GLN K 85 12.36 -12.37 72.75
N SER K 86 12.73 -13.38 73.53
CA SER K 86 14.11 -13.55 73.94
C SER K 86 15.03 -13.69 72.73
N SER K 87 14.55 -14.35 71.68
CA SER K 87 15.35 -14.48 70.46
C SER K 87 15.50 -13.14 69.75
N ALA K 88 14.51 -12.26 69.89
CA ALA K 88 14.64 -10.93 69.30
C ALA K 88 15.74 -10.13 69.98
N VAL K 89 15.86 -10.27 71.31
CA VAL K 89 16.91 -9.58 72.04
C VAL K 89 18.28 -10.15 71.67
N MET K 90 18.39 -11.48 71.56
CA MET K 90 19.66 -12.11 71.21
C MET K 90 20.13 -11.67 69.84
N ALA K 91 19.21 -11.52 68.89
CA ALA K 91 19.59 -11.01 67.57
C ALA K 91 20.07 -9.58 67.65
N LEU K 92 19.42 -8.76 68.50
CA LEU K 92 19.87 -7.39 68.70
C LEU K 92 21.28 -7.36 69.29
N GLN K 93 21.59 -8.27 70.21
CA GLN K 93 22.93 -8.31 70.79
C GLN K 93 23.97 -8.69 69.74
N GLU K 94 23.64 -9.63 68.86
CA GLU K 94 24.57 -10.07 67.83
C GLU K 94 24.91 -8.93 66.88
N ALA K 95 23.88 -8.24 66.36
CA ALA K 95 24.12 -7.16 65.41
C ALA K 95 24.79 -5.96 66.06
N SER K 96 24.47 -5.69 67.33
CA SER K 96 25.08 -4.55 68.01
C SER K 96 26.57 -4.76 68.24
N GLU K 97 26.95 -5.94 68.76
CA GLU K 97 28.36 -6.20 69.03
C GLU K 97 29.16 -6.29 67.74
N ALA K 98 28.59 -6.89 66.69
CA ALA K 98 29.28 -6.97 65.41
C ALA K 98 29.49 -5.58 64.82
N TYR K 99 28.51 -4.70 64.96
CA TYR K 99 28.66 -3.32 64.50
C TYR K 99 29.76 -2.61 65.27
N LEU K 100 29.84 -2.84 66.59
CA LEU K 100 30.82 -2.13 67.40
C LEU K 100 32.23 -2.65 67.16
N VAL K 101 32.37 -3.96 66.96
CA VAL K 101 33.69 -4.52 66.64
C VAL K 101 34.18 -3.98 65.30
N ALA K 102 33.29 -3.96 64.31
CA ALA K 102 33.66 -3.41 63.00
C ALA K 102 33.99 -1.93 63.09
N LEU K 103 33.26 -1.19 63.94
CA LEU K 103 33.54 0.23 64.09
C LEU K 103 34.88 0.47 64.75
N PHE K 104 35.21 -0.32 65.78
CA PHE K 104 36.50 -0.18 66.43
C PHE K 104 37.65 -0.63 65.54
N GLU K 105 37.38 -1.58 64.63
CA GLU K 105 38.38 -1.93 63.63
C GLU K 105 38.69 -0.72 62.74
N ASP K 106 37.65 -0.05 62.24
CA ASP K 106 37.86 1.18 61.49
C ASP K 106 38.47 2.27 62.36
N THR K 107 38.11 2.30 63.65
CA THR K 107 38.69 3.28 64.57
C THR K 107 40.18 3.05 64.76
N ASN K 108 40.58 1.78 64.92
CA ASN K 108 42.00 1.47 65.10
C ASN K 108 42.80 1.81 63.84
N LEU K 109 42.22 1.58 62.66
CA LEU K 109 42.90 1.93 61.42
C LEU K 109 43.11 3.44 61.31
N CYS K 110 42.12 4.22 61.74
CA CYS K 110 42.27 5.67 61.71
C CYS K 110 43.34 6.15 62.68
N ALA K 111 43.36 5.58 63.89
CA ALA K 111 44.35 5.99 64.88
C ALA K 111 45.76 5.68 64.43
N ILE K 112 45.96 4.50 63.82
CA ILE K 112 47.28 4.17 63.31
C ILE K 112 47.66 5.06 62.14
N HIS K 113 46.68 5.46 61.32
CA HIS K 113 46.97 6.37 60.21
C HIS K 113 47.43 7.73 60.71
N ALA K 114 46.95 8.16 61.88
CA ALA K 114 47.35 9.42 62.47
C ALA K 114 48.62 9.29 63.30
N LYS K 115 49.42 8.26 63.04
CA LYS K 115 50.68 8.02 63.75
C LYS K 115 50.47 7.87 65.25
N ARG K 116 49.31 7.36 65.65
CA ARG K 116 48.96 7.15 67.04
C ARG K 116 48.70 5.67 67.30
N VAL K 117 48.56 5.33 68.58
CA VAL K 117 48.28 3.96 68.99
C VAL K 117 46.98 3.94 69.79
N THR K 118 46.68 5.06 70.46
CA THR K 118 45.49 5.18 71.28
C THR K 118 44.34 5.71 70.44
N ILE K 119 43.19 5.03 70.51
CA ILE K 119 42.00 5.50 69.80
C ILE K 119 41.41 6.69 70.54
N MET K 120 40.79 7.59 69.79
CA MET K 120 40.23 8.83 70.30
C MET K 120 38.90 9.09 69.61
N PRO K 121 38.03 9.90 70.23
CA PRO K 121 36.72 10.18 69.60
C PRO K 121 36.83 10.73 68.19
N LYS K 122 37.91 11.47 67.89
CA LYS K 122 38.10 11.97 66.53
C LYS K 122 38.26 10.83 65.53
N ASP K 123 38.75 9.67 65.97
CA ASP K 123 38.88 8.53 65.08
C ASP K 123 37.53 7.94 64.74
N ILE K 124 36.67 7.76 65.74
CA ILE K 124 35.33 7.24 65.49
C ILE K 124 34.52 8.21 64.65
N GLN K 125 34.63 9.52 64.94
CA GLN K 125 33.89 10.51 64.19
C GLN K 125 34.33 10.54 62.73
N LEU K 126 35.64 10.43 62.48
CA LEU K 126 36.13 10.37 61.12
C LEU K 126 35.64 9.11 60.41
N ALA K 127 35.64 7.98 61.13
CA ALA K 127 35.22 6.72 60.51
C ALA K 127 33.75 6.77 60.13
N ARG K 128 32.89 7.28 61.01
CA ARG K 128 31.47 7.36 60.71
C ARG K 128 31.18 8.44 59.66
N ARG K 129 32.04 9.44 59.56
CA ARG K 129 31.88 10.46 58.52
C ARG K 129 32.17 9.89 57.14
N ILE K 130 33.23 9.09 57.00
CA ILE K 130 33.57 8.50 55.72
C ILE K 130 32.54 7.44 55.33
N ARG K 131 32.05 6.69 56.33
CA ARG K 131 31.02 5.67 56.07
C ARG K 131 29.71 6.29 55.63
N GLY K 132 29.52 7.58 55.85
CA GLY K 132 28.27 8.24 55.52
C GLY K 132 27.22 8.24 56.61
N GLU K 133 27.63 8.04 57.86
CA GLU K 133 26.71 8.09 58.99
C GLU K 133 26.73 9.49 59.59
N ARG K 134 25.54 10.03 59.87
CA ARG K 134 25.43 11.38 60.41
C ARG K 134 24.46 11.43 61.58
N ARG L 23 19.38 3.20 89.85
CA ARG L 23 20.70 3.74 90.12
C ARG L 23 21.75 3.10 89.22
N ASP L 24 22.57 3.94 88.59
CA ASP L 24 23.62 3.52 87.66
C ASP L 24 23.05 2.60 86.57
N ASN L 25 22.09 3.14 85.82
CA ASN L 25 21.44 2.43 84.74
C ASN L 25 21.88 3.01 83.39
N ILE L 26 21.56 2.27 82.32
CA ILE L 26 21.73 2.70 80.94
C ILE L 26 23.20 2.74 80.56
N GLN L 27 24.09 2.83 81.56
CA GLN L 27 25.51 2.59 81.36
C GLN L 27 25.92 1.20 81.84
N GLY L 28 25.02 0.23 81.75
CA GLY L 28 25.35 -1.14 82.07
C GLY L 28 26.45 -1.72 81.20
N ILE L 29 26.64 -1.16 80.01
CA ILE L 29 27.79 -1.50 79.17
C ILE L 29 29.01 -0.85 79.82
N THR L 30 29.60 -1.55 80.79
CA THR L 30 30.60 -0.95 81.66
C THR L 30 31.89 -0.69 80.91
N LYS L 31 32.86 -0.13 81.62
CA LYS L 31 34.17 0.18 81.03
C LYS L 31 34.89 -1.07 80.52
N PRO L 32 35.03 -2.15 81.30
CA PRO L 32 35.68 -3.35 80.73
C PRO L 32 34.84 -4.03 79.66
N ALA L 33 33.53 -3.80 79.63
CA ALA L 33 32.70 -4.36 78.57
C ALA L 33 33.06 -3.74 77.23
N ILE L 34 33.13 -2.40 77.17
CA ILE L 34 33.59 -1.73 75.95
C ILE L 34 35.05 -2.09 75.68
N ARG L 35 35.83 -2.35 76.73
CA ARG L 35 37.19 -2.83 76.55
C ARG L 35 37.20 -4.18 75.84
N ARG L 36 36.29 -5.09 76.24
CA ARG L 36 36.22 -6.39 75.59
C ARG L 36 35.83 -6.25 74.12
N LEU L 37 34.93 -5.33 73.80
CA LEU L 37 34.53 -5.12 72.41
C LEU L 37 35.69 -4.58 71.58
N ALA L 38 36.60 -3.82 72.19
CA ALA L 38 37.74 -3.28 71.46
C ALA L 38 38.85 -4.30 71.29
N ARG L 39 38.97 -5.27 72.20
CA ARG L 39 40.00 -6.27 72.08
C ARG L 39 39.70 -7.25 70.95
N ARG L 40 38.42 -7.56 70.73
CA ARG L 40 38.04 -8.38 69.58
C ARG L 40 38.20 -7.63 68.27
N GLY L 41 38.15 -6.29 68.30
CA GLY L 41 38.37 -5.49 67.12
C GLY L 41 39.85 -5.23 66.87
N GLY L 42 40.66 -5.37 67.91
CA GLY L 42 42.09 -5.22 67.80
C GLY L 42 42.68 -3.97 68.42
N VAL L 43 41.88 -3.18 69.15
CA VAL L 43 42.39 -1.95 69.74
C VAL L 43 43.28 -2.26 70.93
N LYS L 44 44.42 -1.56 71.01
CA LYS L 44 45.39 -1.75 72.09
C LYS L 44 45.17 -0.75 73.23
N ARG L 45 45.18 0.54 72.91
CA ARG L 45 44.96 1.58 73.90
C ARG L 45 43.66 2.32 73.62
N ILE L 46 42.89 2.57 74.69
CA ILE L 46 41.60 3.24 74.60
C ILE L 46 41.65 4.48 75.47
N SER L 47 41.33 5.63 74.90
CA SER L 47 41.27 6.85 75.69
C SER L 47 40.02 6.85 76.56
N GLY L 48 40.09 7.61 77.66
CA GLY L 48 39.01 7.59 78.63
C GLY L 48 37.69 8.09 78.09
N LEU L 49 37.73 9.06 77.18
CA LEU L 49 36.52 9.65 76.63
C LEU L 49 35.88 8.81 75.54
N ILE L 50 36.40 7.60 75.29
CA ILE L 50 35.81 6.73 74.27
C ILE L 50 34.53 6.09 74.79
N TYR L 51 34.53 5.64 76.05
CA TYR L 51 33.45 4.79 76.54
C TYR L 51 32.12 5.54 76.60
N GLU L 52 32.15 6.81 76.98
CA GLU L 52 30.90 7.59 76.98
C GLU L 52 30.41 7.84 75.57
N GLU L 53 31.32 8.19 74.66
CA GLU L 53 30.93 8.39 73.26
C GLU L 53 30.51 7.09 72.61
N THR L 54 31.09 5.96 73.03
CA THR L 54 30.73 4.66 72.46
C THR L 54 29.27 4.32 72.74
N ARG L 55 28.83 4.55 73.97
CA ARG L 55 27.45 4.26 74.33
C ARG L 55 26.47 5.12 73.51
N GLY L 56 26.88 6.33 73.16
CA GLY L 56 26.02 7.17 72.34
C GLY L 56 25.83 6.62 70.93
N VAL L 57 26.92 6.16 70.31
CA VAL L 57 26.81 5.58 68.98
C VAL L 57 26.01 4.29 69.01
N LEU L 58 26.22 3.48 70.05
CA LEU L 58 25.42 2.26 70.20
C LEU L 58 23.94 2.60 70.37
N LYS L 59 23.63 3.64 71.14
CA LYS L 59 22.24 4.01 71.39
C LYS L 59 21.55 4.42 70.08
N VAL L 60 22.17 5.32 69.33
CA VAL L 60 21.58 5.77 68.07
C VAL L 60 21.49 4.61 67.08
N PHE L 61 22.51 3.75 67.05
CA PHE L 61 22.44 2.55 66.23
C PHE L 61 21.28 1.66 66.66
N LEU L 62 21.06 1.54 67.97
CA LEU L 62 19.89 0.80 68.45
C LEU L 62 18.60 1.52 68.07
N GLU L 63 18.60 2.86 68.19
CA GLU L 63 17.39 3.63 67.86
C GLU L 63 16.96 3.39 66.43
N ASN L 64 17.91 3.45 65.48
CA ASN L 64 17.56 3.30 64.07
C ASN L 64 17.03 1.90 63.78
N VAL L 65 17.66 0.86 64.36
CA VAL L 65 17.21 -0.50 64.11
C VAL L 65 15.87 -0.75 64.79
N ILE L 66 15.72 -0.31 66.04
CA ILE L 66 14.46 -0.50 66.76
C ILE L 66 13.35 0.29 66.10
N ARG L 67 13.66 1.46 65.52
CA ARG L 67 12.64 2.26 64.87
C ARG L 67 11.93 1.47 63.78
N ASP L 68 12.70 0.90 62.84
CA ASP L 68 12.09 0.09 61.79
C ASP L 68 11.46 -1.17 62.35
N ALA L 69 12.06 -1.76 63.38
CA ALA L 69 11.54 -3.01 63.94
C ALA L 69 10.17 -2.81 64.56
N VAL L 70 10.02 -1.78 65.38
CA VAL L 70 8.74 -1.52 66.04
C VAL L 70 7.66 -1.22 65.02
N THR L 71 8.03 -0.58 63.90
CA THR L 71 7.04 -0.25 62.88
C THR L 71 6.42 -1.52 62.27
N TYR L 72 7.21 -2.59 62.14
CA TYR L 72 6.63 -3.84 61.66
C TYR L 72 5.63 -4.41 62.65
N THR L 73 5.96 -4.39 63.95
CA THR L 73 5.01 -4.82 64.96
C THR L 73 3.79 -3.91 64.98
N GLU L 74 3.95 -2.64 64.59
CA GLU L 74 2.81 -1.74 64.48
C GLU L 74 1.96 -2.09 63.27
N HIS L 75 2.60 -2.45 62.16
CA HIS L 75 1.87 -2.89 60.98
C HIS L 75 1.31 -4.30 61.13
N ALA L 76 1.79 -5.06 62.11
CA ALA L 76 1.34 -6.42 62.32
C ALA L 76 0.24 -6.53 63.38
N LYS L 77 -0.17 -5.41 63.98
CA LYS L 77 -1.18 -5.40 65.04
C LYS L 77 -0.76 -6.27 66.23
N ARG L 78 0.55 -6.44 66.41
CA ARG L 78 1.10 -7.25 67.48
C ARG L 78 1.68 -6.35 68.57
N LYS L 79 1.54 -6.78 69.82
CA LYS L 79 2.09 -6.06 70.96
C LYS L 79 3.47 -6.56 71.36
N THR L 80 3.99 -7.58 70.69
CA THR L 80 5.32 -8.11 70.98
C THR L 80 6.20 -7.99 69.75
N VAL L 81 7.48 -7.77 69.97
CA VAL L 81 8.46 -7.65 68.90
C VAL L 81 9.10 -9.02 68.69
N THR L 82 8.84 -9.63 67.53
CA THR L 82 9.39 -10.94 67.24
C THR L 82 10.80 -10.81 66.67
N ALA L 83 11.52 -11.94 66.67
CA ALA L 83 12.88 -11.94 66.13
C ALA L 83 12.89 -11.63 64.66
N MET L 84 11.85 -12.01 63.92
CA MET L 84 11.78 -11.72 62.50
C MET L 84 11.79 -10.22 62.25
N ASP L 85 10.90 -9.49 62.93
CA ASP L 85 10.84 -8.04 62.78
C ASP L 85 12.21 -7.40 62.98
N VAL L 86 13.01 -7.95 63.89
CA VAL L 86 14.37 -7.47 64.08
C VAL L 86 15.21 -7.76 62.84
N VAL L 87 14.96 -8.91 62.19
CA VAL L 87 15.78 -9.31 61.06
C VAL L 87 15.58 -8.35 59.88
N TYR L 88 14.32 -8.17 59.45
CA TYR L 88 14.08 -7.29 58.31
C TYR L 88 14.44 -5.85 58.64
N ALA L 89 14.31 -5.45 59.91
CA ALA L 89 14.77 -4.12 60.31
C ALA L 89 16.28 -4.00 60.12
N LEU L 90 17.03 -5.06 60.42
CA LEU L 90 18.46 -5.07 60.15
C LEU L 90 18.74 -5.15 58.65
N LYS L 91 17.95 -5.94 57.92
CA LYS L 91 18.15 -6.07 56.48
C LYS L 91 17.81 -4.76 55.77
N ARG L 92 16.72 -4.11 56.17
CA ARG L 92 16.37 -2.83 55.56
C ARG L 92 17.40 -1.77 55.89
N GLN L 93 17.95 -1.81 57.11
CA GLN L 93 18.99 -0.86 57.52
C GLN L 93 20.28 -1.08 56.74
N GLY L 94 20.45 -2.24 56.11
CA GLY L 94 21.68 -2.57 55.41
C GLY L 94 22.61 -3.49 56.15
N ARG L 95 22.13 -4.14 57.21
CA ARG L 95 22.95 -5.05 58.04
C ARG L 95 22.23 -6.40 58.10
N THR L 96 22.24 -7.13 56.98
CA THR L 96 21.56 -8.41 56.92
C THR L 96 22.15 -9.39 57.92
N LEU L 97 21.27 -10.07 58.66
CA LEU L 97 21.67 -10.99 59.72
C LEU L 97 21.21 -12.40 59.39
N TYR L 98 22.11 -13.37 59.60
CA TYR L 98 21.78 -14.78 59.46
C TYR L 98 21.68 -15.42 60.83
N GLY L 99 20.71 -16.32 61.00
CA GLY L 99 20.61 -17.08 62.22
C GLY L 99 19.23 -17.12 62.85
N PHE L 100 18.54 -15.98 62.87
CA PHE L 100 17.25 -15.87 63.54
C PHE L 100 16.12 -15.59 62.55
N GLY L 101 16.31 -15.91 61.27
CA GLY L 101 15.28 -15.67 60.28
C GLY L 101 15.31 -16.73 59.21
N GLY L 102 14.30 -16.67 58.34
CA GLY L 102 14.20 -17.61 57.23
C GLY L 102 15.25 -17.38 56.17
N THR M 16 -12.93 11.92 37.33
CA THR M 16 -11.57 11.50 37.65
C THR M 16 -11.38 11.34 39.15
N ARG M 17 -10.75 10.24 39.57
CA ARG M 17 -10.50 10.01 40.99
C ARG M 17 -9.53 11.02 41.58
N SER M 18 -8.72 11.68 40.74
CA SER M 18 -7.83 12.72 41.24
C SER M 18 -8.61 13.91 41.78
N SER M 19 -9.70 14.29 41.12
CA SER M 19 -10.53 15.39 41.60
C SER M 19 -11.26 15.04 42.88
N ARG M 20 -11.65 13.77 43.04
CA ARG M 20 -12.37 13.35 44.24
C ARG M 20 -11.51 13.41 45.50
N ALA M 21 -10.18 13.42 45.35
CA ALA M 21 -9.27 13.47 46.49
C ALA M 21 -8.54 14.81 46.59
N GLY M 22 -8.84 15.76 45.70
CA GLY M 22 -8.14 17.03 45.72
C GLY M 22 -6.67 16.95 45.39
N LEU M 23 -6.22 15.85 44.79
CA LEU M 23 -4.83 15.64 44.44
C LEU M 23 -4.58 15.99 42.99
N GLN M 24 -3.31 16.28 42.67
CA GLN M 24 -2.91 16.59 41.31
C GLN M 24 -2.37 15.40 40.56
N PHE M 25 -1.62 14.52 41.22
CA PHE M 25 -1.04 13.37 40.54
C PHE M 25 -2.13 12.38 40.13
N PRO M 26 -1.96 11.72 38.98
CA PRO M 26 -3.03 10.82 38.48
C PRO M 26 -3.17 9.55 39.31
N VAL M 27 -4.27 9.47 40.07
CA VAL M 27 -4.55 8.28 40.86
C VAL M 27 -4.73 7.06 39.95
N GLY M 28 -5.30 7.25 38.76
CA GLY M 28 -5.50 6.15 37.85
C GLY M 28 -4.19 5.58 37.33
N ARG M 29 -3.25 6.46 36.94
CA ARG M 29 -1.96 5.98 36.46
C ARG M 29 -1.16 5.29 37.56
N VAL M 30 -1.28 5.77 38.80
CA VAL M 30 -0.63 5.10 39.92
C VAL M 30 -1.21 3.71 40.12
N HIS M 31 -2.54 3.60 40.07
CA HIS M 31 -3.18 2.29 40.19
C HIS M 31 -2.80 1.38 39.02
N ARG M 32 -2.64 1.95 37.83
CA ARG M 32 -2.24 1.17 36.67
C ARG M 32 -0.83 0.63 36.85
N LEU M 33 0.10 1.49 37.27
CA LEU M 33 1.50 1.07 37.42
C LEU M 33 1.66 0.09 38.57
N LEU M 34 0.80 0.18 39.59
CA LEU M 34 0.89 -0.77 40.70
C LEU M 34 0.45 -2.16 40.29
N ARG M 35 -0.53 -2.26 39.38
CA ARG M 35 -0.97 -3.58 38.92
C ARG M 35 -0.02 -4.16 37.89
N LYS M 36 0.52 -3.32 37.01
CA LYS M 36 1.43 -3.75 35.95
C LYS M 36 2.89 -3.76 36.37
N GLY M 37 3.18 -4.20 37.59
CA GLY M 37 4.56 -4.20 38.07
C GLY M 37 4.93 -5.39 38.92
N ASN M 38 3.97 -6.28 39.15
CA ASN M 38 4.19 -7.54 39.89
C ASN M 38 4.70 -7.24 41.30
N TYR M 39 3.82 -6.63 42.10
CA TYR M 39 4.07 -6.47 43.53
C TYR M 39 3.13 -7.29 44.40
N ALA M 40 1.93 -7.62 43.92
CA ALA M 40 1.00 -8.41 44.70
C ALA M 40 -0.07 -8.97 43.77
N GLU M 41 -0.79 -9.98 44.27
CA GLU M 41 -1.90 -10.54 43.50
C GLU M 41 -3.02 -9.53 43.33
N ARG M 42 -3.25 -8.67 44.32
CA ARG M 42 -4.34 -7.70 44.29
C ARG M 42 -3.82 -6.37 44.80
N VAL M 43 -4.52 -5.30 44.43
CA VAL M 43 -4.13 -3.94 44.80
C VAL M 43 -5.34 -3.23 45.40
N GLY M 44 -5.16 -2.65 46.58
CA GLY M 44 -6.24 -1.96 47.25
C GLY M 44 -6.67 -0.71 46.52
N ALA M 45 -7.83 -0.19 46.94
CA ALA M 45 -8.38 1.02 46.33
C ALA M 45 -7.84 2.30 46.96
N GLY M 46 -7.55 2.30 48.26
CA GLY M 46 -7.01 3.47 48.91
C GLY M 46 -5.51 3.65 48.76
N ALA M 47 -4.81 2.59 48.34
CA ALA M 47 -3.36 2.69 48.18
C ALA M 47 -2.94 3.72 47.13
N PRO M 48 -3.55 3.81 45.94
CA PRO M 48 -3.12 4.85 44.99
C PRO M 48 -3.31 6.26 45.52
N VAL M 49 -4.38 6.51 46.27
CA VAL M 49 -4.61 7.85 46.82
C VAL M 49 -3.50 8.21 47.81
N TYR M 50 -3.16 7.26 48.69
CA TYR M 50 -2.04 7.48 49.62
C TYR M 50 -0.73 7.73 48.87
N LEU M 51 -0.43 6.88 47.89
CA LEU M 51 0.84 6.99 47.19
C LEU M 51 0.92 8.27 46.37
N ALA M 52 -0.17 8.64 45.70
CA ALA M 52 -0.16 9.87 44.92
C ALA M 52 -0.04 11.10 45.81
N ALA M 53 -0.66 11.06 47.01
CA ALA M 53 -0.56 12.18 47.93
C ALA M 53 0.85 12.33 48.47
N VAL M 54 1.49 11.22 48.84
CA VAL M 54 2.86 11.26 49.35
C VAL M 54 3.81 11.75 48.26
N LEU M 55 3.65 11.24 47.04
CA LEU M 55 4.47 11.71 45.93
C LEU M 55 4.28 13.19 45.67
N GLU M 56 3.03 13.66 45.69
CA GLU M 56 2.77 15.08 45.46
C GLU M 56 3.34 15.93 46.58
N TYR M 57 3.30 15.43 47.82
CA TYR M 57 3.87 16.19 48.93
C TYR M 57 5.39 16.30 48.80
N LEU M 58 6.06 15.20 48.46
CA LEU M 58 7.52 15.22 48.35
C LEU M 58 7.97 16.11 47.20
N THR M 59 7.23 16.09 46.08
CA THR M 59 7.55 17.00 44.98
C THR M 59 7.29 18.44 45.37
N ALA M 60 6.24 18.69 46.16
CA ALA M 60 5.95 20.05 46.61
C ALA M 60 7.04 20.53 47.57
N GLU M 61 7.56 19.64 48.42
CA GLU M 61 8.63 20.02 49.32
C GLU M 61 9.87 20.46 48.55
N ILE M 62 10.27 19.69 47.55
CA ILE M 62 11.48 20.00 46.78
C ILE M 62 11.27 21.26 45.95
N LEU M 63 10.16 21.34 45.23
CA LEU M 63 9.91 22.50 44.37
C LEU M 63 9.85 23.79 45.17
N GLU M 64 9.36 23.72 46.40
CA GLU M 64 9.37 24.90 47.27
C GLU M 64 10.79 25.33 47.60
N LEU M 65 11.61 24.40 48.08
CA LEU M 65 12.99 24.73 48.40
C LEU M 65 13.81 25.01 47.15
N ALA M 66 13.44 24.42 46.02
CA ALA M 66 14.11 24.72 44.77
C ALA M 66 13.76 26.12 44.29
N GLY M 67 12.49 26.51 44.40
CA GLY M 67 12.08 27.84 44.04
C GLY M 67 12.71 28.91 44.91
N ASN M 68 12.92 28.61 46.19
CA ASN M 68 13.61 29.55 47.08
C ASN M 68 15.05 29.73 46.64
N ALA M 69 15.74 28.64 46.29
CA ALA M 69 17.09 28.76 45.76
C ALA M 69 17.11 29.50 44.43
N ALA M 70 16.04 29.38 43.64
CA ALA M 70 15.97 30.12 42.39
C ALA M 70 15.84 31.62 42.65
N ARG M 71 15.04 32.01 43.65
CA ARG M 71 14.94 33.41 44.02
C ARG M 71 16.27 33.94 44.53
N ASP M 72 17.02 33.12 45.28
CA ASP M 72 18.31 33.54 45.79
C ASP M 72 19.31 33.74 44.66
N ASN M 73 19.27 32.88 43.65
CA ASN M 73 20.15 33.00 42.49
C ASN M 73 19.62 33.98 41.45
N LYS M 74 18.47 34.61 41.70
CA LYS M 74 17.89 35.60 40.80
C LYS M 74 17.62 35.00 39.41
N LYS M 75 16.95 33.85 39.39
CA LYS M 75 16.59 33.18 38.16
C LYS M 75 15.15 32.71 38.25
N THR M 76 14.43 32.81 37.13
CA THR M 76 13.03 32.42 37.10
C THR M 76 12.88 30.91 36.93
N ARG M 77 13.66 30.31 36.05
CA ARG M 77 13.58 28.88 35.75
C ARG M 77 14.51 28.10 36.67
N ILE M 78 14.01 26.98 37.18
CA ILE M 78 14.77 26.15 38.11
C ILE M 78 15.75 25.30 37.32
N ILE M 79 17.02 25.37 37.70
CA ILE M 79 18.09 24.60 37.06
C ILE M 79 18.50 23.48 38.01
N PRO M 80 19.20 22.44 37.54
CA PRO M 80 19.61 21.36 38.47
C PRO M 80 20.45 21.84 39.64
N ARG M 81 21.14 22.97 39.52
CA ARG M 81 21.86 23.53 40.67
C ARG M 81 20.89 23.86 41.80
N HIS M 82 19.71 24.37 41.45
CA HIS M 82 18.72 24.73 42.48
C HIS M 82 18.20 23.49 43.20
N LEU M 83 17.97 22.40 42.45
CA LEU M 83 17.54 21.16 43.07
C LEU M 83 18.60 20.61 44.02
N GLN M 84 19.87 20.66 43.60
CA GLN M 84 20.96 20.16 44.43
C GLN M 84 21.05 20.95 45.73
N LEU M 85 21.04 22.28 45.63
CA LEU M 85 21.12 23.12 46.83
C LEU M 85 19.93 22.87 47.76
N ALA M 86 18.74 22.69 47.18
CA ALA M 86 17.54 22.50 47.99
C ALA M 86 17.60 21.20 48.79
N VAL M 87 18.01 20.11 48.15
CA VAL M 87 17.99 18.81 48.82
C VAL M 87 19.10 18.72 49.86
N ARG M 88 20.27 19.29 49.58
CA ARG M 88 21.41 19.15 50.47
C ARG M 88 21.35 20.11 51.66
N ASN M 89 20.65 21.24 51.53
CA ASN M 89 20.49 22.14 52.67
C ASN M 89 19.46 21.63 53.66
N ASP M 90 18.52 20.82 53.20
CA ASP M 90 17.56 20.17 54.09
C ASP M 90 18.18 18.98 54.80
N GLU M 91 17.92 18.87 56.09
CA GLU M 91 18.47 17.75 56.86
C GLU M 91 17.77 16.44 56.51
N GLU M 92 16.48 16.51 56.18
CA GLU M 92 15.71 15.30 55.90
C GLU M 92 15.78 14.90 54.43
N LEU M 93 15.76 15.87 53.52
CA LEU M 93 15.90 15.56 52.10
C LEU M 93 17.27 15.00 51.77
N ASN M 94 18.30 15.42 52.50
CA ASN M 94 19.64 14.87 52.28
C ASN M 94 19.69 13.40 52.68
N LYS M 95 19.01 13.04 53.78
CA LYS M 95 19.02 11.65 54.22
C LYS M 95 18.21 10.76 53.29
N LEU M 96 17.12 11.29 52.72
CA LEU M 96 16.33 10.52 51.78
C LEU M 96 17.12 10.20 50.52
N LEU M 97 17.72 11.22 49.90
CA LEU M 97 18.50 11.04 48.68
C LEU M 97 20.00 10.96 48.97
N GLY M 98 20.37 10.24 50.03
CA GLY M 98 21.78 10.16 50.40
C GLY M 98 22.61 9.36 49.42
N ARG M 99 22.00 8.37 48.78
CA ARG M 99 22.68 7.56 47.77
C ARG M 99 22.29 7.97 46.36
N VAL M 100 22.05 9.26 46.15
CA VAL M 100 21.54 9.78 44.88
C VAL M 100 22.43 10.94 44.44
N THR M 101 22.86 10.91 43.17
CA THR M 101 23.60 12.00 42.55
C THR M 101 22.73 12.67 41.50
N ILE M 102 22.60 13.98 41.60
CA ILE M 102 21.81 14.76 40.65
C ILE M 102 22.73 15.28 39.57
N ALA M 103 22.35 15.07 38.31
CA ALA M 103 23.17 15.52 37.19
C ALA M 103 23.30 17.04 37.19
N GLN M 104 24.52 17.52 36.94
CA GLN M 104 24.82 18.95 36.90
C GLN M 104 24.47 19.64 38.22
N GLY M 105 24.54 18.91 39.32
CA GLY M 105 24.17 19.44 40.61
C GLY M 105 25.33 20.10 41.35
N GLY M 106 26.50 19.49 41.30
CA GLY M 106 27.65 20.02 42.01
C GLY M 106 27.61 19.69 43.48
N VAL M 107 28.36 20.48 44.26
CA VAL M 107 28.46 20.32 45.70
C VAL M 107 28.25 21.67 46.38
N LEU M 108 28.07 21.62 47.69
CA LEU M 108 27.91 22.83 48.50
C LEU M 108 29.27 23.49 48.73
N PRO M 109 29.32 24.82 48.72
CA PRO M 109 30.57 25.51 49.03
C PRO M 109 30.97 25.25 50.48
N ASN M 110 32.12 24.60 50.65
CA ASN M 110 32.59 24.22 51.98
C ASN M 110 34.11 24.15 51.97
N ILE M 111 34.74 24.96 52.81
CA ILE M 111 36.19 24.97 52.98
C ILE M 111 36.49 24.74 54.45
N GLN M 112 37.38 23.78 54.72
CA GLN M 112 37.70 23.41 56.09
C GLN M 112 38.38 24.56 56.82
N SER M 113 38.29 24.52 58.16
CA SER M 113 38.84 25.60 58.97
C SER M 113 40.36 25.64 58.90
N VAL M 114 41.01 24.48 59.00
CA VAL M 114 42.47 24.42 58.97
C VAL M 114 42.99 24.88 57.61
N LEU M 115 42.22 24.68 56.55
CA LEU M 115 42.63 25.06 55.20
C LEU M 115 42.52 26.56 54.97
N LEU M 116 41.80 27.28 55.82
CA LEU M 116 41.63 28.71 55.64
C LEU M 116 42.95 29.44 55.90
N PRO M 117 43.18 30.58 55.27
CA PRO M 117 44.43 31.31 55.46
C PRO M 117 44.50 31.96 56.83
N LYS M 118 45.70 32.40 57.18
CA LYS M 118 45.94 33.01 58.48
C LYS M 118 46.10 34.52 58.35
N LYS N 31 5.68 8.46 25.15
CA LYS N 31 6.24 8.21 26.47
C LYS N 31 5.45 8.94 27.56
N GLU N 32 5.25 8.27 28.69
CA GLU N 32 4.50 8.85 29.80
C GLU N 32 5.45 9.49 30.81
N SER N 33 4.93 10.45 31.55
CA SER N 33 5.69 11.17 32.56
C SER N 33 4.72 11.95 33.43
N TYR N 34 5.20 12.36 34.60
CA TYR N 34 4.45 13.22 35.51
C TYR N 34 4.75 14.70 35.28
N ALA N 35 5.13 15.08 34.06
CA ALA N 35 5.58 16.44 33.79
C ALA N 35 4.48 17.47 34.07
N ILE N 36 3.32 17.30 33.42
CA ILE N 36 2.28 18.32 33.48
C ILE N 36 1.80 18.54 34.91
N TYR N 37 1.89 17.52 35.76
CA TYR N 37 1.48 17.68 37.15
C TYR N 37 2.56 18.34 37.99
N VAL N 38 3.83 18.16 37.61
CA VAL N 38 4.90 18.92 38.26
C VAL N 38 4.73 20.40 37.97
N TYR N 39 4.30 20.73 36.75
CA TYR N 39 4.00 22.12 36.43
C TYR N 39 2.87 22.66 37.31
N LYS N 40 1.81 21.86 37.47
CA LYS N 40 0.67 22.30 38.27
C LYS N 40 1.08 22.55 39.72
N VAL N 41 1.83 21.61 40.31
CA VAL N 41 2.28 21.77 41.69
C VAL N 41 3.23 22.96 41.80
N LEU N 42 4.08 23.16 40.79
CA LEU N 42 4.99 24.29 40.80
C LEU N 42 4.23 25.61 40.77
N LYS N 43 3.24 25.73 39.89
CA LYS N 43 2.46 26.97 39.81
C LYS N 43 1.61 27.19 41.05
N GLN N 44 1.14 26.12 41.69
CA GLN N 44 0.37 26.27 42.93
C GLN N 44 1.25 26.79 44.06
N VAL N 45 2.54 26.49 44.02
CA VAL N 45 3.47 26.87 45.09
C VAL N 45 4.28 28.11 44.71
N HIS N 46 4.82 28.14 43.49
CA HIS N 46 5.57 29.28 42.98
C HIS N 46 5.04 29.61 41.59
N PRO N 47 4.04 30.48 41.49
CA PRO N 47 3.42 30.73 40.18
C PRO N 47 4.33 31.44 39.19
N ASP N 48 5.30 32.22 39.68
CA ASP N 48 6.18 33.01 38.81
C ASP N 48 7.55 32.36 38.66
N THR N 49 7.61 31.04 38.54
CA THR N 49 8.86 30.32 38.35
C THR N 49 8.68 29.28 37.25
N GLY N 50 9.81 28.87 36.67
CA GLY N 50 9.83 27.88 35.62
C GLY N 50 10.74 26.71 35.97
N ILE N 51 10.87 25.81 35.00
CA ILE N 51 11.70 24.61 35.14
C ILE N 51 12.34 24.30 33.80
N SER N 52 13.55 23.74 33.85
CA SER N 52 14.28 23.36 32.65
C SER N 52 13.99 21.91 32.28
N SER N 53 14.41 21.54 31.07
CA SER N 53 14.17 20.17 30.60
C SER N 53 14.96 19.16 31.43
N LYS N 54 16.21 19.48 31.76
CA LYS N 54 17.02 18.58 32.57
C LYS N 54 16.44 18.44 33.97
N ALA N 55 16.07 19.57 34.60
CA ALA N 55 15.48 19.51 35.94
C ALA N 55 14.16 18.77 35.94
N MET N 56 13.42 18.82 34.84
CA MET N 56 12.15 18.09 34.76
C MET N 56 12.39 16.59 34.78
N SER N 57 13.38 16.11 34.00
CA SER N 57 13.70 14.69 34.02
C SER N 57 14.25 14.26 35.37
N ILE N 58 14.94 15.17 36.07
CA ILE N 58 15.40 14.86 37.44
C ILE N 58 14.21 14.67 38.35
N MET N 59 13.18 15.53 38.21
CA MET N 59 11.97 15.35 38.99
C MET N 59 11.24 14.06 38.61
N ASN N 60 11.27 13.71 37.32
CA ASN N 60 10.61 12.48 36.87
C ASN N 60 11.29 11.26 37.48
N SER N 61 12.62 11.22 37.46
CA SER N 61 13.33 10.10 38.06
C SER N 61 13.12 10.04 39.57
N PHE N 62 12.99 11.20 40.22
CA PHE N 62 12.73 11.22 41.65
C PHE N 62 11.36 10.61 41.96
N VAL N 63 10.33 11.00 41.19
CA VAL N 63 9.00 10.45 41.40
C VAL N 63 8.99 8.95 41.17
N ASN N 64 9.67 8.49 40.11
CA ASN N 64 9.69 7.07 39.82
C ASN N 64 10.48 6.30 40.89
N ASP N 65 11.53 6.92 41.43
CA ASP N 65 12.30 6.27 42.49
C ASP N 65 11.44 6.08 43.74
N VAL N 66 10.81 7.15 44.22
CA VAL N 66 9.95 7.04 45.40
C VAL N 66 8.79 6.10 45.13
N PHE N 67 8.28 6.09 43.90
CA PHE N 67 7.23 5.16 43.52
C PHE N 67 7.68 3.72 43.73
N GLU N 68 8.86 3.38 43.20
CA GLU N 68 9.34 2.00 43.27
C GLU N 68 9.70 1.61 44.70
N ARG N 69 10.26 2.54 45.47
CA ARG N 69 10.64 2.24 46.85
C ARG N 69 9.43 1.91 47.70
N ILE N 70 8.41 2.77 47.66
CA ILE N 70 7.22 2.54 48.48
C ILE N 70 6.49 1.28 48.02
N ALA N 71 6.28 1.14 46.72
CA ALA N 71 5.58 -0.03 46.20
C ALA N 71 6.36 -1.31 46.49
N GLY N 72 7.70 -1.23 46.44
CA GLY N 72 8.49 -2.40 46.78
C GLY N 72 8.41 -2.76 48.25
N GLU N 73 8.46 -1.75 49.13
CA GLU N 73 8.36 -2.02 50.56
C GLU N 73 6.98 -2.54 50.93
N ALA N 74 5.93 -1.97 50.33
CA ALA N 74 4.58 -2.46 50.60
C ALA N 74 4.41 -3.88 50.07
N SER N 75 5.00 -4.19 48.92
CA SER N 75 4.96 -5.55 48.40
C SER N 75 5.63 -6.53 49.36
N ARG N 76 6.78 -6.14 49.90
CA ARG N 76 7.45 -6.98 50.89
C ARG N 76 6.59 -7.17 52.12
N LEU N 77 5.92 -6.10 52.58
CA LEU N 77 5.05 -6.20 53.74
C LEU N 77 3.94 -7.22 53.51
N ALA N 78 3.41 -7.27 52.29
CA ALA N 78 2.38 -8.25 51.97
C ALA N 78 2.91 -9.67 52.07
N HIS N 79 4.09 -9.93 51.51
CA HIS N 79 4.68 -11.26 51.57
C HIS N 79 4.99 -11.65 53.02
N TYR N 80 5.45 -10.70 53.82
CA TYR N 80 5.86 -11.01 55.19
C TYR N 80 4.68 -11.40 56.07
N ASN N 81 3.50 -10.84 55.80
CA ASN N 81 2.31 -11.10 56.61
C ASN N 81 1.37 -12.11 55.95
N LYS N 82 1.84 -12.84 54.95
CA LYS N 82 1.04 -13.84 54.25
C LYS N 82 -0.25 -13.23 53.70
N ARG N 83 -0.11 -12.13 52.99
CA ARG N 83 -1.23 -11.45 52.35
C ARG N 83 -0.93 -11.30 50.87
N SER N 84 -1.99 -11.24 50.06
CA SER N 84 -1.86 -11.17 48.61
C SER N 84 -2.27 -9.83 48.03
N THR N 85 -2.68 -8.86 48.85
CA THR N 85 -3.11 -7.57 48.37
C THR N 85 -2.37 -6.46 49.08
N ILE N 86 -2.12 -5.37 48.36
CA ILE N 86 -1.51 -4.17 48.91
C ILE N 86 -2.64 -3.16 49.11
N THR N 87 -2.99 -2.95 50.38
CA THR N 87 -4.11 -2.10 50.76
C THR N 87 -3.60 -0.72 51.18
N SER N 88 -4.47 0.04 51.86
CA SER N 88 -4.10 1.38 52.31
C SER N 88 -3.02 1.33 53.39
N ARG N 89 -3.08 0.34 54.27
CA ARG N 89 -2.16 0.30 55.42
C ARG N 89 -0.72 0.04 54.98
N GLU N 90 -0.53 -0.77 53.93
CA GLU N 90 0.82 -1.08 53.48
C GLU N 90 1.55 0.17 52.99
N ILE N 91 0.86 1.04 52.26
CA ILE N 91 1.48 2.25 51.76
C ILE N 91 1.84 3.19 52.91
N GLN N 92 0.97 3.29 53.92
CA GLN N 92 1.22 4.20 55.03
C GLN N 92 2.43 3.75 55.86
N THR N 93 2.51 2.45 56.17
CA THR N 93 3.64 1.97 56.95
C THR N 93 4.92 1.92 56.13
N ALA N 94 4.81 1.77 54.81
CA ALA N 94 6.01 1.79 53.97
C ALA N 94 6.64 3.18 53.95
N VAL N 95 5.82 4.22 53.84
CA VAL N 95 6.38 5.58 53.86
C VAL N 95 6.87 5.94 55.25
N ARG N 96 6.27 5.34 56.30
CA ARG N 96 6.80 5.48 57.65
C ARG N 96 8.21 4.93 57.75
N LEU N 97 8.51 3.90 56.97
CA LEU N 97 9.83 3.27 57.02
C LEU N 97 10.86 4.07 56.22
N LEU N 98 10.47 4.55 55.04
CA LEU N 98 11.42 5.18 54.13
C LEU N 98 11.67 6.64 54.48
N LEU N 99 10.66 7.36 54.99
CA LEU N 99 10.97 8.76 55.22
C LEU N 99 11.37 8.99 56.68
N PRO N 100 12.29 9.93 56.91
CA PRO N 100 12.80 10.13 58.27
C PRO N 100 11.97 11.09 59.11
N GLY N 101 11.02 10.56 59.87
CA GLY N 101 10.34 11.31 60.90
C GLY N 101 9.43 12.43 60.43
N GLU N 102 10.02 13.60 60.14
CA GLU N 102 9.20 14.77 59.82
C GLU N 102 8.56 14.65 58.45
N LEU N 103 9.34 14.25 57.44
CA LEU N 103 8.75 13.99 56.13
C LEU N 103 7.75 12.84 56.18
N ALA N 104 8.00 11.86 57.04
CA ALA N 104 7.06 10.75 57.18
C ALA N 104 5.79 11.20 57.89
N LYS N 105 5.92 12.02 58.93
CA LYS N 105 4.76 12.53 59.64
C LYS N 105 3.83 13.30 58.71
N HIS N 106 4.38 14.23 57.93
CA HIS N 106 3.57 15.05 57.05
C HIS N 106 3.01 14.25 55.88
N ALA N 107 3.74 13.23 55.42
CA ALA N 107 3.25 12.41 54.32
C ALA N 107 2.03 11.60 54.74
N VAL N 108 2.06 11.03 55.94
CA VAL N 108 0.91 10.27 56.43
C VAL N 108 -0.29 11.19 56.60
N SER N 109 -0.07 12.42 57.07
CA SER N 109 -1.16 13.37 57.27
C SER N 109 -1.80 13.76 55.94
N GLU N 110 -0.97 14.11 54.95
CA GLU N 110 -1.50 14.48 53.65
C GLU N 110 -2.21 13.30 53.00
N GLY N 111 -1.71 12.09 53.19
CA GLY N 111 -2.33 10.93 52.57
C GLY N 111 -3.67 10.59 53.18
N THR N 112 -3.73 10.50 54.52
CA THR N 112 -5.00 10.21 55.17
C THR N 112 -6.02 11.30 54.92
N LYS N 113 -5.58 12.54 54.74
CA LYS N 113 -6.47 13.63 54.37
C LYS N 113 -7.08 13.38 52.99
N ALA N 114 -6.25 13.02 52.01
CA ALA N 114 -6.74 12.84 50.65
C ALA N 114 -7.62 11.61 50.53
N VAL N 115 -7.31 10.53 51.27
CA VAL N 115 -8.12 9.32 51.20
C VAL N 115 -9.47 9.54 51.87
N THR N 116 -9.50 10.30 52.97
CA THR N 116 -10.77 10.61 53.61
C THR N 116 -11.63 11.49 52.72
N LYS N 117 -11.00 12.44 52.03
CA LYS N 117 -11.74 13.27 51.08
C LYS N 117 -12.27 12.45 49.92
N TYR N 118 -11.50 11.44 49.48
CA TYR N 118 -11.96 10.56 48.41
C TYR N 118 -13.07 9.64 48.90
N THR N 119 -12.94 9.12 50.13
CA THR N 119 -13.96 8.23 50.67
C THR N 119 -15.29 8.96 50.87
N SER N 120 -15.24 10.25 51.18
CA SER N 120 -16.47 11.02 51.37
C SER N 120 -17.32 11.03 50.11
N ALA N 121 -16.77 11.57 49.02
CA ALA N 121 -17.49 11.61 47.75
C ALA N 121 -17.46 10.25 47.06
N THR O 3 85.12 78.09 65.32
CA THR O 3 86.35 78.14 64.55
C THR O 3 87.50 78.66 65.39
N MET O 4 87.19 79.50 66.37
CA MET O 4 88.18 80.08 67.26
C MET O 4 88.36 79.30 68.55
N GLN O 5 87.33 78.56 68.99
CA GLN O 5 87.43 77.75 70.20
C GLN O 5 88.58 76.76 70.12
N THR O 6 89.76 77.18 70.61
CA THR O 6 90.90 76.27 70.64
C THR O 6 90.69 75.15 71.64
N ALA O 7 90.18 75.48 72.84
CA ALA O 7 90.01 74.52 73.92
C ALA O 7 88.53 74.20 74.11
N ARG O 8 88.24 72.90 74.27
CA ARG O 8 86.89 72.40 74.48
C ARG O 8 85.94 72.93 73.41
N LYS O 9 85.98 72.32 72.23
CA LYS O 9 85.21 72.81 71.10
C LYS O 9 83.71 72.62 71.34
N SER O 10 82.92 73.28 70.50
CA SER O 10 81.48 73.18 70.53
C SER O 10 81.01 72.23 69.42
N THR O 11 79.70 72.15 69.22
CA THR O 11 79.13 71.31 68.18
C THR O 11 77.81 71.92 67.73
N GLY O 12 77.70 72.19 66.43
CA GLY O 12 76.48 72.77 65.89
C GLY O 12 76.14 72.24 64.51
N TYR O 41 51.26 36.04 43.66
CA TYR O 41 50.63 35.92 44.97
C TYR O 41 51.29 34.80 45.78
N ARG O 42 51.11 34.86 47.10
CA ARG O 42 51.72 33.89 47.98
C ARG O 42 51.09 32.51 47.77
N PRO O 43 51.87 31.44 47.97
CA PRO O 43 51.35 30.08 47.73
C PRO O 43 50.20 29.74 48.67
N GLY O 44 49.10 29.27 48.07
CA GLY O 44 47.91 28.87 48.80
C GLY O 44 46.71 29.78 48.59
N THR O 45 46.93 31.00 48.10
CA THR O 45 45.82 31.92 47.89
C THR O 45 45.05 31.58 46.62
N VAL O 46 45.76 31.42 45.50
CA VAL O 46 45.11 31.08 44.24
C VAL O 46 44.44 29.72 44.35
N ALA O 47 45.06 28.78 45.08
CA ALA O 47 44.48 27.46 45.25
C ALA O 47 43.11 27.56 45.93
N LEU O 48 43.03 28.32 47.02
CA LEU O 48 41.76 28.49 47.72
C LEU O 48 40.75 29.21 46.83
N ARG O 49 41.21 30.21 46.07
CA ARG O 49 40.29 30.93 45.18
C ARG O 49 39.76 30.03 44.08
N GLU O 50 40.58 29.08 43.59
CA GLU O 50 40.08 28.10 42.64
C GLU O 50 39.06 27.18 43.30
N ILE O 51 39.29 26.81 44.56
CA ILE O 51 38.32 26.00 45.29
C ILE O 51 36.97 26.72 45.34
N ARG O 52 36.99 28.01 45.65
CA ARG O 52 35.76 28.78 45.69
C ARG O 52 35.12 28.91 44.32
N ARG O 53 35.93 28.88 43.25
CA ARG O 53 35.40 29.11 41.92
C ARG O 53 34.67 27.90 41.39
N TYR O 54 35.21 26.70 41.60
CA TYR O 54 34.56 25.49 41.11
C TYR O 54 33.50 24.93 42.06
N GLN O 55 33.55 25.29 43.33
CA GLN O 55 32.47 24.89 44.23
C GLN O 55 31.19 25.66 43.96
N LYS O 56 31.29 26.81 43.31
CA LYS O 56 30.11 27.59 42.93
C LYS O 56 29.52 27.14 41.60
N SER O 57 30.35 26.64 40.69
CA SER O 57 29.90 26.17 39.39
C SER O 57 29.70 24.66 39.40
N THR O 58 29.02 24.17 38.35
CA THR O 58 28.73 22.74 38.23
C THR O 58 29.12 22.19 36.88
N GLU O 59 29.85 22.95 36.06
CA GLU O 59 30.28 22.44 34.76
C GLU O 59 31.22 21.25 34.95
N LEU O 60 31.16 20.32 34.00
CA LEU O 60 31.99 19.12 34.08
C LEU O 60 33.47 19.47 34.00
N LEU O 61 34.27 18.76 34.78
CA LEU O 61 35.70 19.04 34.90
C LEU O 61 36.57 18.10 34.07
N ILE O 62 36.21 16.83 33.97
CA ILE O 62 36.93 15.90 33.12
C ILE O 62 36.58 16.17 31.66
N ARG O 63 37.59 16.20 30.80
CA ARG O 63 37.38 16.50 29.40
C ARG O 63 36.52 15.41 28.74
N LYS O 64 35.80 15.80 27.68
CA LYS O 64 34.76 14.93 27.14
C LYS O 64 35.32 13.86 26.21
N LEU O 65 36.22 14.23 25.30
CA LEU O 65 36.70 13.28 24.31
C LEU O 65 37.71 12.28 24.87
N PRO O 66 38.72 12.71 25.65
CA PRO O 66 39.60 11.71 26.27
C PRO O 66 38.88 10.74 27.19
N PHE O 67 37.85 11.20 27.90
CA PHE O 67 37.10 10.30 28.77
C PHE O 67 36.32 9.26 27.98
N GLN O 68 35.67 9.67 26.88
CA GLN O 68 34.88 8.73 26.11
C GLN O 68 35.77 7.70 25.42
N ARG O 69 36.96 8.10 24.97
CA ARG O 69 37.88 7.14 24.39
C ARG O 69 38.40 6.18 25.45
N LEU O 70 38.60 6.68 26.67
CA LEU O 70 38.99 5.81 27.78
C LEU O 70 37.89 4.79 28.08
N VAL O 71 36.63 5.25 28.09
CA VAL O 71 35.52 4.35 28.36
C VAL O 71 35.35 3.34 27.23
N ARG O 72 35.54 3.78 25.99
CA ARG O 72 35.50 2.85 24.86
C ARG O 72 36.58 1.80 24.99
N GLU O 73 37.77 2.19 25.44
CA GLU O 73 38.86 1.24 25.66
C GLU O 73 38.48 0.22 26.74
N ILE O 74 37.94 0.70 27.85
CA ILE O 74 37.56 -0.20 28.94
C ILE O 74 36.45 -1.14 28.49
N ALA O 75 35.52 -0.64 27.67
CA ALA O 75 34.43 -1.48 27.20
C ALA O 75 34.91 -2.50 26.18
N GLN O 76 35.94 -2.17 25.41
CA GLN O 76 36.48 -3.13 24.45
C GLN O 76 37.04 -4.37 25.15
N ASP O 77 37.52 -4.22 26.38
CA ASP O 77 38.02 -5.36 27.14
C ASP O 77 36.91 -6.25 27.68
N PHE O 78 35.65 -5.82 27.57
CA PHE O 78 34.51 -6.62 28.01
C PHE O 78 33.75 -7.25 26.85
N LYS O 79 33.50 -6.49 25.79
CA LYS O 79 32.81 -7.00 24.62
C LYS O 79 33.18 -6.13 23.43
N THR O 80 33.46 -6.78 22.30
CA THR O 80 33.95 -6.09 21.11
C THR O 80 32.79 -5.58 20.25
N ASP O 81 33.05 -4.51 19.51
CA ASP O 81 32.10 -3.89 18.58
C ASP O 81 30.86 -3.43 19.33
N LEU O 82 31.06 -2.38 20.13
CA LEU O 82 30.00 -1.76 20.92
C LEU O 82 29.84 -0.31 20.52
N ARG O 83 28.59 0.16 20.49
CA ARG O 83 28.26 1.55 20.24
C ARG O 83 27.66 2.16 21.49
N PHE O 84 27.98 3.43 21.74
CA PHE O 84 27.49 4.14 22.91
C PHE O 84 26.61 5.32 22.48
N GLN O 85 25.48 5.46 23.17
CA GLN O 85 24.71 6.69 23.05
C GLN O 85 25.46 7.83 23.75
N SER O 86 25.40 9.02 23.15
CA SER O 86 26.10 10.16 23.72
C SER O 86 25.66 10.44 25.15
N SER O 87 24.37 10.21 25.45
CA SER O 87 23.88 10.41 26.81
C SER O 87 24.46 9.38 27.78
N ALA O 88 24.79 8.18 27.30
CA ALA O 88 25.39 7.17 28.17
C ALA O 88 26.77 7.61 28.66
N VAL O 89 27.57 8.21 27.78
CA VAL O 89 28.89 8.69 28.18
C VAL O 89 28.76 9.87 29.15
N MET O 90 27.83 10.79 28.90
CA MET O 90 27.64 11.94 29.77
C MET O 90 27.23 11.51 31.17
N ALA O 91 26.38 10.47 31.27
CA ALA O 91 26.00 9.96 32.58
C ALA O 91 27.19 9.35 33.30
N LEU O 92 28.07 8.67 32.55
CA LEU O 92 29.28 8.13 33.15
C LEU O 92 30.17 9.22 33.72
N GLN O 93 30.27 10.36 33.02
CA GLN O 93 31.06 11.48 33.52
C GLN O 93 30.46 12.06 34.80
N GLU O 94 29.13 12.15 34.86
CA GLU O 94 28.49 12.70 36.05
C GLU O 94 28.78 11.85 37.27
N ALA O 95 28.58 10.53 37.16
CA ALA O 95 28.83 9.64 38.29
C ALA O 95 30.31 9.55 38.60
N SER O 96 31.18 9.61 37.59
CA SER O 96 32.61 9.52 37.84
C SER O 96 33.13 10.74 38.57
N GLU O 97 32.78 11.94 38.09
CA GLU O 97 33.25 13.15 38.74
C GLU O 97 32.66 13.30 40.13
N ALA O 98 31.38 12.95 40.30
CA ALA O 98 30.77 13.00 41.62
C ALA O 98 31.45 12.01 42.57
N TYR O 99 31.79 10.82 42.06
CA TYR O 99 32.53 9.85 42.87
C TYR O 99 33.90 10.39 43.26
N LEU O 100 34.57 11.06 42.34
CA LEU O 100 35.92 11.57 42.62
C LEU O 100 35.88 12.78 43.56
N VAL O 101 34.90 13.66 43.39
CA VAL O 101 34.76 14.81 44.28
C VAL O 101 34.47 14.33 45.70
N ALA O 102 33.55 13.38 45.84
CA ALA O 102 33.24 12.84 47.15
C ALA O 102 34.44 12.12 47.76
N LEU O 103 35.24 11.45 46.91
CA LEU O 103 36.41 10.74 47.42
C LEU O 103 37.46 11.72 47.95
N PHE O 104 37.67 12.83 47.24
CA PHE O 104 38.63 13.82 47.71
C PHE O 104 38.14 14.53 48.97
N GLU O 105 36.82 14.64 49.15
CA GLU O 105 36.28 15.19 50.39
C GLU O 105 36.68 14.32 51.57
N ASP O 106 36.44 13.01 51.47
CA ASP O 106 36.89 12.10 52.53
C ASP O 106 38.41 12.05 52.61
N THR O 107 39.09 12.16 51.47
CA THR O 107 40.55 12.18 51.49
C THR O 107 41.09 13.41 52.19
N ASN O 108 40.48 14.57 51.92
CA ASN O 108 40.92 15.81 52.57
C ASN O 108 40.69 15.75 54.07
N LEU O 109 39.57 15.13 54.49
CA LEU O 109 39.31 14.96 55.92
C LEU O 109 40.35 14.06 56.57
N CYS O 110 40.78 13.02 55.86
CA CYS O 110 41.81 12.13 56.40
C CYS O 110 43.14 12.86 56.56
N ALA O 111 43.52 13.66 55.56
CA ALA O 111 44.79 14.37 55.63
C ALA O 111 44.80 15.36 56.78
N ILE O 112 43.68 16.06 56.99
CA ILE O 112 43.58 16.97 58.12
C ILE O 112 43.62 16.20 59.43
N HIS O 113 43.03 15.00 59.45
CA HIS O 113 43.06 14.18 60.66
C HIS O 113 44.48 13.76 61.01
N ALA O 114 45.35 13.59 60.02
CA ALA O 114 46.73 13.23 60.24
C ALA O 114 47.63 14.45 60.49
N LYS O 115 47.04 15.55 60.95
CA LYS O 115 47.78 16.78 61.26
C LYS O 115 48.55 17.29 60.04
N ARG O 116 47.92 17.20 58.88
CA ARG O 116 48.53 17.60 57.62
C ARG O 116 47.53 18.44 56.82
N VAL O 117 48.03 18.99 55.71
CA VAL O 117 47.22 19.81 54.82
C VAL O 117 47.25 19.18 53.43
N THR O 118 48.32 18.46 53.13
CA THR O 118 48.51 17.85 51.81
C THR O 118 47.89 16.46 51.78
N ILE O 119 47.08 16.19 50.76
CA ILE O 119 46.52 14.87 50.56
C ILE O 119 47.59 13.94 50.00
N MET O 120 47.50 12.66 50.37
CA MET O 120 48.49 11.67 49.97
C MET O 120 47.79 10.37 49.64
N PRO O 121 48.43 9.49 48.86
CA PRO O 121 47.79 8.21 48.52
C PRO O 121 47.38 7.39 49.73
N LYS O 122 48.11 7.50 50.84
CA LYS O 122 47.72 6.79 52.05
C LYS O 122 46.36 7.27 52.57
N ASP O 123 46.01 8.53 52.28
CA ASP O 123 44.72 9.04 52.69
C ASP O 123 43.59 8.42 51.87
N ILE O 124 43.78 8.32 50.56
CA ILE O 124 42.79 7.68 49.69
C ILE O 124 42.63 6.21 50.05
N GLN O 125 43.75 5.53 50.31
CA GLN O 125 43.69 4.11 50.65
C GLN O 125 42.93 3.90 51.97
N LEU O 126 43.16 4.76 52.96
CA LEU O 126 42.41 4.67 54.20
C LEU O 126 40.93 4.93 53.96
N ALA O 127 40.61 5.91 53.12
CA ALA O 127 39.21 6.23 52.84
C ALA O 127 38.50 5.06 52.16
N ARG O 128 39.16 4.44 51.18
CA ARG O 128 38.54 3.30 50.50
C ARG O 128 38.51 2.08 51.39
N ARG O 129 39.42 2.00 52.37
CA ARG O 129 39.39 0.90 53.34
C ARG O 129 38.18 1.02 54.27
N ILE O 130 37.89 2.22 54.74
CA ILE O 130 36.74 2.43 55.60
C ILE O 130 35.44 2.26 54.82
N ARG O 131 35.43 2.70 53.55
CA ARG O 131 34.24 2.55 52.72
C ARG O 131 33.92 1.09 52.42
N GLY O 132 34.87 0.19 52.58
CA GLY O 132 34.64 -1.21 52.26
C GLY O 132 34.91 -1.57 50.82
N GLU O 133 35.86 -0.90 50.17
CA GLU O 133 36.10 -1.10 48.75
C GLU O 133 37.40 -1.88 48.52
N ASN P 25 46.43 5.29 26.90
CA ASN P 25 45.30 6.19 26.71
C ASN P 25 44.69 6.55 28.06
N ILE P 26 45.13 5.85 29.11
CA ILE P 26 44.68 6.17 30.46
C ILE P 26 45.14 7.57 30.85
N GLN P 27 46.23 8.04 30.27
CA GLN P 27 46.70 9.41 30.47
C GLN P 27 45.88 10.44 29.70
N GLY P 28 44.75 10.04 29.12
CA GLY P 28 43.92 10.99 28.40
C GLY P 28 43.39 12.08 29.30
N ILE P 29 43.06 11.75 30.54
CA ILE P 29 42.69 12.74 31.53
C ILE P 29 43.96 13.43 32.03
N THR P 30 44.00 14.75 31.92
CA THR P 30 45.21 15.51 32.20
C THR P 30 45.32 15.83 33.69
N LYS P 31 46.49 16.31 34.08
CA LYS P 31 46.76 16.62 35.49
C LYS P 31 46.07 17.90 35.98
N PRO P 32 45.75 18.90 35.13
CA PRO P 32 44.88 19.97 35.63
C PRO P 32 43.44 19.51 35.82
N ALA P 33 42.99 18.53 35.04
CA ALA P 33 41.63 18.01 35.23
C ALA P 33 41.49 17.36 36.60
N ILE P 34 42.50 16.59 37.00
CA ILE P 34 42.51 16.02 38.34
C ILE P 34 42.69 17.11 39.38
N ARG P 35 43.31 18.23 39.01
CA ARG P 35 43.42 19.36 39.92
C ARG P 35 42.09 20.08 40.06
N ARG P 36 41.36 20.25 38.96
CA ARG P 36 40.06 20.90 39.04
C ARG P 36 39.07 20.08 39.86
N LEU P 37 39.11 18.74 39.70
CA LEU P 37 38.26 17.88 40.52
C LEU P 37 38.60 18.00 42.00
N ALA P 38 39.87 18.30 42.32
CA ALA P 38 40.26 18.48 43.71
C ALA P 38 39.75 19.80 44.28
N ARG P 39 39.75 20.86 43.46
CA ARG P 39 39.31 22.16 43.95
C ARG P 39 37.82 22.15 44.29
N ARG P 40 37.01 21.51 43.46
CA ARG P 40 35.59 21.39 43.77
C ARG P 40 35.36 20.55 45.02
N GLY P 41 36.28 19.63 45.31
CA GLY P 41 36.23 18.87 46.54
C GLY P 41 36.79 19.59 47.75
N GLY P 42 37.54 20.67 47.54
CA GLY P 42 38.08 21.46 48.63
C GLY P 42 39.52 21.19 48.99
N VAL P 43 40.26 20.46 48.17
CA VAL P 43 41.65 20.13 48.47
C VAL P 43 42.54 21.32 48.13
N LYS P 44 43.48 21.63 49.02
CA LYS P 44 44.39 22.76 48.85
C LYS P 44 45.73 22.35 48.26
N ARG P 45 46.39 21.36 48.84
CA ARG P 45 47.70 20.89 48.38
C ARG P 45 47.59 19.47 47.88
N ILE P 46 48.14 19.21 46.70
CA ILE P 46 48.03 17.91 46.03
C ILE P 46 49.42 17.35 45.87
N SER P 47 49.63 16.12 46.36
CA SER P 47 50.91 15.46 46.15
C SER P 47 50.98 14.92 44.72
N GLY P 48 52.21 14.58 44.30
CA GLY P 48 52.41 14.16 42.92
C GLY P 48 51.81 12.80 42.62
N LEU P 49 51.79 11.89 43.60
CA LEU P 49 51.31 10.54 43.39
C LEU P 49 49.79 10.43 43.43
N ILE P 50 49.08 11.50 43.77
CA ILE P 50 47.61 11.45 43.81
C ILE P 50 47.06 11.14 42.42
N TYR P 51 47.62 11.76 41.39
CA TYR P 51 47.07 11.62 40.04
C TYR P 51 47.10 10.16 39.57
N GLU P 52 48.24 9.50 39.76
CA GLU P 52 48.35 8.10 39.36
C GLU P 52 47.41 7.21 40.17
N GLU P 53 47.32 7.45 41.49
CA GLU P 53 46.41 6.67 42.31
C GLU P 53 44.95 6.98 41.95
N THR P 54 44.66 8.23 41.60
CA THR P 54 43.29 8.59 41.21
C THR P 54 42.89 7.88 39.92
N ARG P 55 43.80 7.82 38.95
CA ARG P 55 43.50 7.11 37.71
C ARG P 55 43.22 5.63 37.96
N GLY P 56 44.02 5.01 38.83
CA GLY P 56 43.78 3.61 39.16
C GLY P 56 42.43 3.38 39.81
N VAL P 57 42.05 4.25 40.73
CA VAL P 57 40.73 4.14 41.36
C VAL P 57 39.65 4.39 40.33
N LEU P 58 39.85 5.37 39.45
CA LEU P 58 38.86 5.64 38.40
C LEU P 58 38.73 4.47 37.45
N LYS P 59 39.83 3.78 37.17
CA LYS P 59 39.77 2.60 36.31
C LYS P 59 38.89 1.53 36.92
N VAL P 60 39.14 1.18 38.18
CA VAL P 60 38.35 0.14 38.85
C VAL P 60 36.89 0.54 38.93
N PHE P 61 36.64 1.83 39.24
CA PHE P 61 35.26 2.31 39.31
C PHE P 61 34.56 2.17 37.95
N LEU P 62 35.22 2.60 36.88
CA LEU P 62 34.63 2.47 35.55
C LEU P 62 34.49 1.00 35.16
N GLU P 63 35.48 0.18 35.49
CA GLU P 63 35.39 -1.24 35.18
C GLU P 63 34.17 -1.88 35.83
N ASN P 64 33.89 -1.51 37.09
CA ASN P 64 32.73 -2.08 37.78
C ASN P 64 31.44 -1.64 37.13
N VAL P 65 31.30 -0.34 36.85
CA VAL P 65 30.05 0.18 36.30
C VAL P 65 29.84 -0.34 34.89
N ILE P 66 30.88 -0.28 34.05
CA ILE P 66 30.74 -0.73 32.66
C ILE P 66 30.44 -2.22 32.60
N ARG P 67 30.99 -3.00 33.54
CA ARG P 67 30.72 -4.44 33.57
C ARG P 67 29.23 -4.72 33.72
N ASP P 68 28.60 -4.12 34.74
CA ASP P 68 27.17 -4.31 34.92
C ASP P 68 26.37 -3.70 33.77
N ALA P 69 26.85 -2.60 33.19
CA ALA P 69 26.16 -2.00 32.06
C ALA P 69 26.22 -2.91 30.84
N VAL P 70 27.41 -3.44 30.52
CA VAL P 70 27.55 -4.35 29.39
C VAL P 70 26.72 -5.61 29.61
N THR P 71 26.59 -6.05 30.86
CA THR P 71 25.84 -7.27 31.15
C THR P 71 24.36 -7.11 30.76
N TYR P 72 23.79 -5.93 31.03
CA TYR P 72 22.41 -5.69 30.62
C TYR P 72 22.26 -5.69 29.11
N THR P 73 23.21 -5.08 28.40
CA THR P 73 23.17 -5.09 26.94
C THR P 73 23.31 -6.50 26.39
N GLU P 74 24.09 -7.36 27.06
CA GLU P 74 24.19 -8.75 26.64
C GLU P 74 22.87 -9.48 26.77
N HIS P 75 22.15 -9.23 27.87
CA HIS P 75 20.84 -9.86 28.05
C HIS P 75 19.81 -9.28 27.11
N ALA P 76 19.91 -8.00 26.78
CA ALA P 76 18.94 -7.34 25.92
C ALA P 76 19.18 -7.65 24.44
N LYS P 77 20.25 -8.36 24.10
CA LYS P 77 20.58 -8.71 22.73
C LYS P 77 20.70 -7.44 21.87
N ARG P 78 21.67 -6.62 22.23
CA ARG P 78 21.93 -5.37 21.53
C ARG P 78 23.44 -5.14 21.44
N LYS P 79 23.85 -4.45 20.39
CA LYS P 79 25.24 -4.05 20.21
C LYS P 79 25.49 -2.60 20.61
N THR P 80 24.48 -1.93 21.15
CA THR P 80 24.58 -0.53 21.54
C THR P 80 24.23 -0.41 23.01
N VAL P 81 25.15 0.15 23.80
CA VAL P 81 24.92 0.38 25.22
C VAL P 81 24.15 1.70 25.35
N THR P 82 22.92 1.61 25.82
CA THR P 82 22.10 2.81 25.98
C THR P 82 22.40 3.50 27.31
N ALA P 83 21.89 4.72 27.44
CA ALA P 83 22.05 5.45 28.70
C ALA P 83 21.33 4.76 29.84
N MET P 84 20.21 4.09 29.56
CA MET P 84 19.48 3.39 30.59
C MET P 84 20.34 2.29 31.22
N ASP P 85 20.97 1.46 30.39
CA ASP P 85 21.82 0.38 30.89
C ASP P 85 22.84 0.90 31.90
N VAL P 86 23.38 2.10 31.64
CA VAL P 86 24.28 2.73 32.60
C VAL P 86 23.53 3.09 33.88
N VAL P 87 22.28 3.54 33.75
CA VAL P 87 21.52 4.01 34.90
C VAL P 87 21.30 2.89 35.89
N TYR P 88 20.76 1.75 35.42
CA TYR P 88 20.52 0.65 36.36
C TYR P 88 21.83 0.04 36.85
N ALA P 89 22.88 0.05 36.02
CA ALA P 89 24.18 -0.41 36.49
C ALA P 89 24.68 0.45 37.64
N LEU P 90 24.47 1.77 37.53
CA LEU P 90 24.74 2.66 38.66
C LEU P 90 23.76 2.40 39.80
N LYS P 91 22.50 2.10 39.45
CA LYS P 91 21.49 1.80 40.46
C LYS P 91 21.86 0.54 41.25
N ARG P 92 22.33 -0.50 40.56
CA ARG P 92 22.73 -1.72 41.25
C ARG P 92 23.98 -1.50 42.09
N GLN P 93 24.86 -0.59 41.66
CA GLN P 93 26.09 -0.27 42.38
C GLN P 93 25.87 0.76 43.49
N GLY P 94 24.62 1.05 43.83
CA GLY P 94 24.34 2.05 44.86
C GLY P 94 24.76 3.45 44.47
N ARG P 95 24.74 3.78 43.18
CA ARG P 95 25.15 5.09 42.68
C ARG P 95 24.02 5.66 41.82
N THR P 96 22.84 5.79 42.44
CA THR P 96 21.66 6.27 41.73
C THR P 96 21.91 7.66 41.16
N LEU P 97 21.51 7.86 39.90
CA LEU P 97 21.74 9.11 39.19
C LEU P 97 20.45 9.57 38.54
N TYR P 98 20.10 10.83 38.74
CA TYR P 98 18.90 11.42 38.16
C TYR P 98 19.26 12.26 36.95
N GLY P 99 18.39 12.23 35.94
CA GLY P 99 18.52 13.11 34.80
C GLY P 99 18.43 12.42 33.45
N PHE P 100 18.79 11.14 33.38
CA PHE P 100 18.74 10.40 32.13
C PHE P 100 17.79 9.22 32.23
N GLY P 101 16.71 9.38 32.97
CA GLY P 101 15.79 8.27 33.06
C GLY P 101 15.69 7.78 34.50
N GLY P 102 14.51 7.27 34.85
CA GLY P 102 14.33 6.73 36.18
C GLY P 102 13.19 5.75 36.33
N LYS Q 15 10.75 -39.82 38.44
CA LYS Q 15 9.53 -39.03 38.36
C LYS Q 15 9.79 -37.58 38.78
N THR Q 16 10.47 -37.41 39.92
CA THR Q 16 10.80 -36.08 40.41
C THR Q 16 11.75 -35.38 39.45
N ARG Q 17 11.46 -34.11 39.15
CA ARG Q 17 12.31 -33.35 38.24
C ARG Q 17 13.70 -33.11 38.82
N SER Q 18 13.87 -33.22 40.13
CA SER Q 18 15.19 -33.09 40.72
C SER Q 18 16.11 -34.22 40.26
N SER Q 19 15.57 -35.43 40.15
CA SER Q 19 16.36 -36.55 39.64
C SER Q 19 16.68 -36.38 38.16
N ARG Q 20 15.77 -35.75 37.40
CA ARG Q 20 16.00 -35.54 35.98
C ARG Q 20 17.12 -34.54 35.72
N ALA Q 21 17.48 -33.71 36.70
CA ALA Q 21 18.55 -32.74 36.55
C ALA Q 21 19.78 -33.08 37.38
N GLY Q 22 19.78 -34.22 38.08
CA GLY Q 22 20.89 -34.59 38.92
C GLY Q 22 21.13 -33.69 40.10
N LEU Q 23 20.16 -32.86 40.45
CA LEU Q 23 20.28 -31.91 41.55
C LEU Q 23 19.63 -32.45 42.81
N GLN Q 24 20.06 -31.92 43.95
CA GLN Q 24 19.50 -32.29 45.25
C GLN Q 24 18.44 -31.32 45.73
N PHE Q 25 18.59 -30.03 45.47
CA PHE Q 25 17.63 -29.05 45.95
C PHE Q 25 16.30 -29.20 45.21
N PRO Q 26 15.18 -28.96 45.90
CA PRO Q 26 13.87 -29.21 45.28
C PRO Q 26 13.53 -28.22 44.18
N VAL Q 27 13.58 -28.68 42.93
CA VAL Q 27 13.20 -27.82 41.81
C VAL Q 27 11.71 -27.47 41.90
N GLY Q 28 10.89 -28.38 42.42
CA GLY Q 28 9.47 -28.09 42.54
C GLY Q 28 9.18 -26.97 43.53
N ARG Q 29 9.84 -27.01 44.69
CA ARG Q 29 9.66 -25.92 45.66
C ARG Q 29 10.23 -24.61 45.13
N VAL Q 30 11.32 -24.67 44.36
CA VAL Q 30 11.85 -23.46 43.73
C VAL Q 30 10.83 -22.91 42.74
N HIS Q 31 10.23 -23.77 41.93
CA HIS Q 31 9.21 -23.33 40.98
C HIS Q 31 8.00 -22.76 41.71
N ARG Q 32 7.65 -23.34 42.86
CA ARG Q 32 6.53 -22.83 43.65
C ARG Q 32 6.84 -21.43 44.18
N LEU Q 33 8.02 -21.27 44.78
CA LEU Q 33 8.36 -19.98 45.37
C LEU Q 33 8.55 -18.90 44.30
N LEU Q 34 8.93 -19.28 43.09
CA LEU Q 34 9.06 -18.29 42.03
C LEU Q 34 7.71 -17.78 41.55
N ARG Q 35 6.69 -18.64 41.54
CA ARG Q 35 5.36 -18.20 41.15
C ARG Q 35 4.63 -17.50 42.30
N LYS Q 36 4.83 -17.97 43.52
CA LYS Q 36 4.16 -17.41 44.69
C LYS Q 36 4.96 -16.29 45.34
N GLY Q 37 5.58 -15.42 44.55
CA GLY Q 37 6.39 -14.35 45.10
C GLY Q 37 6.27 -13.04 44.34
N ASN Q 38 5.49 -13.05 43.26
CA ASN Q 38 5.17 -11.86 42.47
C ASN Q 38 6.45 -11.20 41.94
N TYR Q 39 7.12 -11.92 41.05
CA TYR Q 39 8.24 -11.37 40.30
C TYR Q 39 7.96 -11.23 38.81
N ALA Q 40 7.03 -12.00 38.26
CA ALA Q 40 6.70 -11.92 36.85
C ALA Q 40 5.36 -12.60 36.61
N GLU Q 41 4.80 -12.36 35.43
CA GLU Q 41 3.55 -13.01 35.05
C GLU Q 41 3.75 -14.51 34.91
N ARG Q 42 4.79 -14.93 34.19
CA ARG Q 42 5.03 -16.32 33.88
C ARG Q 42 6.44 -16.72 34.30
N VAL Q 43 6.62 -18.01 34.59
CA VAL Q 43 7.89 -18.55 35.06
C VAL Q 43 8.28 -19.69 34.13
N GLY Q 44 9.51 -19.63 33.63
CA GLY Q 44 9.99 -20.65 32.72
C GLY Q 44 10.15 -22.01 33.39
N ALA Q 45 10.34 -23.02 32.55
CA ALA Q 45 10.51 -24.39 33.00
C ALA Q 45 11.94 -24.71 33.40
N GLY Q 46 12.92 -24.14 32.70
CA GLY Q 46 14.31 -24.36 33.04
C GLY Q 46 14.82 -23.52 34.17
N ALA Q 47 14.10 -22.45 34.52
CA ALA Q 47 14.53 -21.60 35.62
C ALA Q 47 14.61 -22.32 36.95
N PRO Q 48 13.65 -23.16 37.35
CA PRO Q 48 13.81 -23.86 38.64
C PRO Q 48 15.02 -24.77 38.66
N VAL Q 49 15.30 -25.45 37.54
CA VAL Q 49 16.49 -26.29 37.47
C VAL Q 49 17.75 -25.44 37.56
N TYR Q 50 17.79 -24.32 36.82
CA TYR Q 50 18.95 -23.45 36.84
C TYR Q 50 19.18 -22.85 38.21
N LEU Q 51 18.10 -22.44 38.88
CA LEU Q 51 18.25 -21.76 40.17
C LEU Q 51 18.64 -22.76 41.26
N ALA Q 52 18.08 -23.96 41.24
CA ALA Q 52 18.44 -24.97 42.24
C ALA Q 52 19.89 -25.39 42.10
N ALA Q 53 20.40 -25.44 40.86
CA ALA Q 53 21.80 -25.79 40.66
C ALA Q 53 22.73 -24.72 41.22
N VAL Q 54 22.40 -23.45 41.01
CA VAL Q 54 23.20 -22.36 41.56
C VAL Q 54 23.19 -22.41 43.07
N LEU Q 55 22.00 -22.61 43.66
CA LEU Q 55 21.91 -22.73 45.11
C LEU Q 55 22.71 -23.90 45.63
N GLU Q 56 22.61 -25.06 44.96
CA GLU Q 56 23.34 -26.24 45.41
C GLU Q 56 24.85 -26.03 45.29
N TYR Q 57 25.30 -25.32 44.26
CA TYR Q 57 26.73 -25.08 44.10
C TYR Q 57 27.26 -24.19 45.22
N LEU Q 58 26.55 -23.10 45.52
CA LEU Q 58 27.03 -22.20 46.56
C LEU Q 58 27.00 -22.84 47.93
N THR Q 59 25.97 -23.65 48.23
CA THR Q 59 25.94 -24.35 49.50
C THR Q 59 27.06 -25.39 49.59
N ALA Q 60 27.37 -26.06 48.48
CA ALA Q 60 28.46 -27.03 48.48
C ALA Q 60 29.81 -26.35 48.69
N GLU Q 61 29.99 -25.17 48.09
CA GLU Q 61 31.24 -24.43 48.28
C GLU Q 61 31.45 -24.07 49.74
N ILE Q 62 30.41 -23.57 50.39
CA ILE Q 62 30.53 -23.17 51.79
C ILE Q 62 30.74 -24.39 52.67
N LEU Q 63 29.92 -25.42 52.49
CA LEU Q 63 30.05 -26.63 53.30
C LEU Q 63 31.41 -27.29 53.12
N GLU Q 64 31.99 -27.19 51.93
CA GLU Q 64 33.32 -27.73 51.71
C GLU Q 64 34.34 -26.97 52.57
N LEU Q 65 34.35 -25.64 52.47
CA LEU Q 65 35.27 -24.85 53.28
C LEU Q 65 34.90 -24.91 54.75
N ALA Q 66 33.62 -25.12 55.08
CA ALA Q 66 33.23 -25.27 56.47
C ALA Q 66 33.74 -26.59 57.04
N GLY Q 67 33.64 -27.67 56.26
CA GLY Q 67 34.17 -28.94 56.70
C GLY Q 67 35.68 -28.93 56.88
N ASN Q 68 36.38 -28.19 56.03
CA ASN Q 68 37.83 -28.03 56.20
C ASN Q 68 38.15 -27.28 57.49
N ALA Q 69 37.41 -26.21 57.78
CA ALA Q 69 37.62 -25.49 59.03
C ALA Q 69 37.26 -26.37 60.23
N ALA Q 70 36.30 -27.28 60.07
CA ALA Q 70 35.98 -28.20 61.15
C ALA Q 70 37.12 -29.18 61.40
N ARG Q 71 37.76 -29.67 60.33
CA ARG Q 71 38.92 -30.52 60.49
C ARG Q 71 40.07 -29.79 61.15
N ASP Q 72 40.24 -28.49 60.83
CA ASP Q 72 41.32 -27.71 61.43
C ASP Q 72 41.08 -27.51 62.92
N ASN Q 73 39.83 -27.28 63.32
CA ASN Q 73 39.49 -27.11 64.73
C ASN Q 73 39.30 -28.43 65.46
N LYS Q 74 39.49 -29.56 64.77
CA LYS Q 74 39.38 -30.88 65.37
C LYS Q 74 37.99 -31.11 65.95
N LYS Q 75 36.98 -30.82 65.14
CA LYS Q 75 35.58 -31.00 65.52
C LYS Q 75 34.82 -31.63 64.37
N THR Q 76 33.89 -32.52 64.72
CA THR Q 76 33.11 -33.22 63.70
C THR Q 76 31.94 -32.37 63.21
N ARG Q 77 31.29 -31.65 64.12
CA ARG Q 77 30.09 -30.88 63.80
C ARG Q 77 30.46 -29.45 63.47
N ILE Q 78 29.84 -28.90 62.42
CA ILE Q 78 30.13 -27.55 61.97
C ILE Q 78 29.43 -26.56 62.90
N ILE Q 79 30.20 -25.63 63.44
CA ILE Q 79 29.68 -24.58 64.33
C ILE Q 79 29.71 -23.26 63.56
N PRO Q 80 28.98 -22.23 64.00
CA PRO Q 80 29.01 -20.96 63.26
C PRO Q 80 30.40 -20.35 63.10
N ARG Q 81 31.33 -20.67 64.00
CA ARG Q 81 32.71 -20.21 63.83
C ARG Q 81 33.31 -20.76 62.54
N HIS Q 82 33.02 -22.02 62.22
CA HIS Q 82 33.56 -22.62 61.02
C HIS Q 82 33.00 -21.96 59.76
N LEU Q 83 31.70 -21.63 59.78
CA LEU Q 83 31.11 -20.92 58.66
C LEU Q 83 31.73 -19.54 58.49
N GLN Q 84 31.93 -18.82 59.61
CA GLN Q 84 32.53 -17.51 59.55
C GLN Q 84 33.94 -17.57 58.98
N LEU Q 85 34.76 -18.48 59.51
CA LEU Q 85 36.13 -18.63 59.01
C LEU Q 85 36.14 -19.02 57.55
N ALA Q 86 35.21 -19.89 57.13
CA ALA Q 86 35.18 -20.35 55.75
C ALA Q 86 34.86 -19.22 54.79
N VAL Q 87 33.85 -18.40 55.12
CA VAL Q 87 33.41 -17.37 54.21
C VAL Q 87 34.45 -16.24 54.14
N ARG Q 88 35.04 -15.89 55.27
CA ARG Q 88 35.94 -14.74 55.30
C ARG Q 88 37.33 -15.06 54.78
N ASN Q 89 37.76 -16.32 54.85
CA ASN Q 89 39.06 -16.67 54.29
C ASN Q 89 39.01 -16.76 52.77
N ASP Q 90 37.84 -17.05 52.21
CA ASP Q 90 37.68 -17.02 50.76
C ASP Q 90 37.54 -15.58 50.30
N GLU Q 91 38.23 -15.24 49.21
CA GLU Q 91 38.21 -13.86 48.73
C GLU Q 91 36.87 -13.49 48.10
N GLU Q 92 36.21 -14.44 47.44
CA GLU Q 92 34.96 -14.15 46.75
C GLU Q 92 33.75 -14.32 47.63
N LEU Q 93 33.75 -15.33 48.51
CA LEU Q 93 32.63 -15.50 49.43
C LEU Q 93 32.52 -14.31 50.39
N ASN Q 94 33.65 -13.68 50.72
CA ASN Q 94 33.60 -12.48 51.55
C ASN Q 94 32.92 -11.32 50.83
N LYS Q 95 33.18 -11.17 49.54
CA LYS Q 95 32.55 -10.08 48.78
C LYS Q 95 31.07 -10.35 48.58
N LEU Q 96 30.68 -11.61 48.38
CA LEU Q 96 29.26 -11.94 48.24
C LEU Q 96 28.50 -11.62 49.52
N LEU Q 97 29.01 -12.08 50.66
CA LEU Q 97 28.38 -11.86 51.97
C LEU Q 97 29.02 -10.69 52.69
N GLY Q 98 29.35 -9.61 51.98
CA GLY Q 98 30.03 -8.49 52.60
C GLY Q 98 29.14 -7.68 53.53
N ARG Q 99 27.85 -7.61 53.23
CA ARG Q 99 26.90 -6.88 54.06
C ARG Q 99 26.09 -7.81 54.96
N VAL Q 100 26.69 -8.92 55.39
CA VAL Q 100 26.00 -9.95 56.15
C VAL Q 100 26.82 -10.28 57.39
N THR Q 101 26.15 -10.34 58.53
CA THR Q 101 26.76 -10.74 59.79
C THR Q 101 26.22 -12.12 60.19
N ILE Q 102 27.13 -13.05 60.48
CA ILE Q 102 26.76 -14.39 60.89
C ILE Q 102 26.72 -14.46 62.41
N ALA Q 103 25.62 -14.99 62.95
CA ALA Q 103 25.47 -15.10 64.39
C ALA Q 103 26.51 -16.05 64.98
N GLN Q 104 27.08 -15.63 66.11
CA GLN Q 104 28.10 -16.42 66.82
C GLN Q 104 29.32 -16.71 65.94
N GLY Q 105 29.59 -15.81 64.99
CA GLY Q 105 30.68 -16.02 64.06
C GLY Q 105 32.01 -15.45 64.50
N GLY Q 106 31.99 -14.26 65.10
CA GLY Q 106 33.21 -13.62 65.51
C GLY Q 106 33.92 -12.96 64.34
N VAL Q 107 35.23 -12.75 64.53
CA VAL Q 107 36.07 -12.10 63.52
C VAL Q 107 37.33 -12.92 63.34
N LEU Q 108 38.07 -12.59 62.28
CA LEU Q 108 39.34 -13.25 62.03
C LEU Q 108 40.42 -12.71 62.96
N PRO Q 109 41.32 -13.56 63.45
CA PRO Q 109 42.44 -13.06 64.26
C PRO Q 109 43.34 -12.17 63.43
N ASN Q 110 43.43 -10.90 63.83
CA ASN Q 110 44.20 -9.92 63.08
C ASN Q 110 44.70 -8.84 64.03
N ILE Q 111 46.02 -8.69 64.09
CA ILE Q 111 46.67 -7.66 64.90
C ILE Q 111 47.58 -6.84 63.99
N GLN Q 112 47.44 -5.52 64.04
CA GLN Q 112 48.21 -4.66 63.17
C GLN Q 112 49.69 -4.73 63.50
N SER Q 113 50.52 -4.36 62.52
CA SER Q 113 51.97 -4.45 62.68
C SER Q 113 52.49 -3.49 63.74
N VAL Q 114 51.99 -2.25 63.73
CA VAL Q 114 52.45 -1.26 64.70
C VAL Q 114 52.11 -1.67 66.12
N LEU Q 115 51.03 -2.45 66.28
CA LEU Q 115 50.59 -2.88 67.61
C LEU Q 115 51.44 -4.00 68.19
N LEU Q 116 52.27 -4.66 67.38
CA LEU Q 116 53.08 -5.75 67.88
C LEU Q 116 54.16 -5.22 68.83
N PRO Q 117 54.58 -6.04 69.81
CA PRO Q 117 55.60 -5.57 70.76
C PRO Q 117 56.98 -5.46 70.14
N LYS Q 118 57.96 -5.00 70.92
CA LYS Q 118 59.31 -4.80 70.41
C LYS Q 118 60.24 -5.92 70.89
N THR R 29 2.07 -26.86 63.16
CA THR R 29 2.19 -26.25 61.84
C THR R 29 3.57 -26.51 61.24
N ARG R 30 3.60 -26.96 59.99
CA ARG R 30 4.84 -27.28 59.33
C ARG R 30 5.57 -26.03 58.88
N LYS R 31 6.88 -25.99 59.14
CA LYS R 31 7.74 -24.90 58.71
C LYS R 31 8.67 -25.42 57.61
N GLU R 32 8.54 -24.86 56.40
CA GLU R 32 9.38 -25.30 55.31
C GLU R 32 10.82 -24.81 55.50
N SER R 33 11.75 -25.55 54.91
CA SER R 33 13.17 -25.24 54.99
C SER R 33 13.90 -26.10 53.98
N TYR R 34 15.13 -25.68 53.65
CA TYR R 34 16.03 -26.48 52.82
C TYR R 34 16.94 -27.37 53.66
N ALA R 35 16.50 -27.75 54.86
CA ALA R 35 17.35 -28.45 55.80
C ALA R 35 17.81 -29.80 55.25
N ILE R 36 16.86 -30.67 54.89
CA ILE R 36 17.19 -32.04 54.53
C ILE R 36 18.11 -32.09 53.32
N TYR R 37 18.05 -31.07 52.45
CA TYR R 37 18.93 -31.05 51.29
C TYR R 37 20.31 -30.51 51.64
N VAL R 38 20.41 -29.64 52.65
CA VAL R 38 21.71 -29.23 53.15
C VAL R 38 22.45 -30.42 53.75
N TYR R 39 21.72 -31.31 54.43
CA TYR R 39 22.33 -32.54 54.94
C TYR R 39 22.87 -33.39 53.80
N LYS R 40 22.08 -33.56 52.72
CA LYS R 40 22.52 -34.38 51.60
C LYS R 40 23.77 -33.82 50.96
N VAL R 41 23.81 -32.51 50.72
CA VAL R 41 25.00 -31.90 50.13
C VAL R 41 26.19 -32.00 51.07
N LEU R 42 25.94 -31.85 52.38
CA LEU R 42 27.03 -31.97 53.35
C LEU R 42 27.62 -33.37 53.34
N LYS R 43 26.76 -34.40 53.37
CA LYS R 43 27.26 -35.77 53.33
C LYS R 43 27.88 -36.09 51.98
N GLN R 44 27.39 -35.48 50.90
CA GLN R 44 27.97 -35.71 49.59
C GLN R 44 29.39 -35.17 49.49
N VAL R 45 29.71 -34.13 50.25
CA VAL R 45 31.03 -33.52 50.21
C VAL R 45 31.89 -33.96 51.39
N HIS R 46 31.31 -33.97 52.60
CA HIS R 46 32.00 -34.41 53.81
C HIS R 46 31.08 -35.36 54.55
N PRO R 47 31.19 -36.66 54.28
CA PRO R 47 30.26 -37.62 54.90
C PRO R 47 30.46 -37.75 56.40
N ASP R 48 31.66 -37.49 56.91
CA ASP R 48 31.98 -37.66 58.33
C ASP R 48 31.96 -36.33 59.08
N THR R 49 31.03 -35.45 58.76
CA THR R 49 30.92 -34.16 59.43
C THR R 49 29.44 -33.90 59.74
N GLY R 50 29.21 -33.04 60.73
CA GLY R 50 27.87 -32.66 61.12
C GLY R 50 27.66 -31.15 61.08
N ILE R 51 26.47 -30.75 61.52
CA ILE R 51 26.09 -29.35 61.56
C ILE R 51 25.17 -29.13 62.76
N SER R 52 25.25 -27.93 63.33
CA SER R 52 24.43 -27.58 64.49
C SER R 52 23.12 -26.93 64.02
N SER R 53 22.20 -26.78 64.97
CA SER R 53 20.90 -26.19 64.65
C SER R 53 21.05 -24.72 64.27
N LYS R 54 21.91 -23.99 64.99
CA LYS R 54 22.13 -22.58 64.66
C LYS R 54 22.77 -22.43 63.29
N ALA R 55 23.82 -23.21 63.02
CA ALA R 55 24.47 -23.15 61.71
C ALA R 55 23.54 -23.57 60.60
N MET R 56 22.59 -24.47 60.88
CA MET R 56 21.64 -24.88 59.86
C MET R 56 20.69 -23.74 59.50
N SER R 57 20.18 -23.01 60.50
CA SER R 57 19.35 -21.85 60.21
C SER R 57 20.13 -20.77 59.50
N ILE R 58 21.44 -20.65 59.78
CA ILE R 58 22.28 -19.71 59.06
C ILE R 58 22.36 -20.12 57.58
N MET R 59 22.48 -21.42 57.32
CA MET R 59 22.46 -21.90 55.94
C MET R 59 21.11 -21.66 55.29
N ASN R 60 20.03 -21.81 56.06
CA ASN R 60 18.69 -21.58 55.51
C ASN R 60 18.51 -20.13 55.09
N SER R 61 18.93 -19.19 55.94
CA SER R 61 18.83 -17.78 55.59
C SER R 61 19.71 -17.44 54.39
N PHE R 62 20.86 -18.11 54.26
CA PHE R 62 21.73 -17.89 53.11
C PHE R 62 21.04 -18.29 51.81
N VAL R 63 20.38 -19.45 51.80
CA VAL R 63 19.66 -19.89 50.61
C VAL R 63 18.56 -18.90 50.25
N ASN R 64 17.82 -18.42 51.25
CA ASN R 64 16.72 -17.50 50.98
C ASN R 64 17.22 -16.16 50.48
N ASP R 65 18.36 -15.67 50.98
CA ASP R 65 18.91 -14.43 50.47
C ASP R 65 19.33 -14.57 49.01
N VAL R 66 20.12 -15.60 48.70
CA VAL R 66 20.53 -15.82 47.31
C VAL R 66 19.32 -16.05 46.43
N PHE R 67 18.29 -16.71 46.96
CA PHE R 67 17.03 -16.87 46.23
C PHE R 67 16.42 -15.51 45.91
N GLU R 68 16.27 -14.66 46.93
CA GLU R 68 15.60 -13.38 46.75
C GLU R 68 16.43 -12.42 45.89
N ARG R 69 17.75 -12.44 46.05
CA ARG R 69 18.60 -11.55 45.26
C ARG R 69 18.50 -11.87 43.78
N ILE R 70 18.64 -13.15 43.42
CA ILE R 70 18.58 -13.55 42.02
C ILE R 70 17.19 -13.31 41.46
N ALA R 71 16.16 -13.77 42.18
CA ALA R 71 14.78 -13.62 41.69
C ALA R 71 14.39 -12.15 41.57
N GLY R 72 14.87 -11.33 42.49
CA GLY R 72 14.59 -9.90 42.39
C GLY R 72 15.27 -9.26 41.20
N GLU R 73 16.54 -9.60 40.96
CA GLU R 73 17.25 -9.04 39.82
C GLU R 73 16.65 -9.53 38.51
N ALA R 74 16.27 -10.81 38.45
CA ALA R 74 15.65 -11.33 37.24
C ALA R 74 14.30 -10.67 36.99
N SER R 75 13.54 -10.40 38.04
CA SER R 75 12.27 -9.70 37.88
C SER R 75 12.49 -8.31 37.30
N ARG R 76 13.51 -7.59 37.79
CA ARG R 76 13.84 -6.29 37.23
C ARG R 76 14.26 -6.41 35.78
N LEU R 77 15.08 -7.42 35.46
CA LEU R 77 15.52 -7.61 34.08
C LEU R 77 14.34 -7.83 33.14
N ALA R 78 13.33 -8.57 33.61
CA ALA R 78 12.13 -8.79 32.79
C ALA R 78 11.39 -7.48 32.55
N HIS R 79 11.21 -6.69 33.62
CA HIS R 79 10.51 -5.41 33.48
C HIS R 79 11.29 -4.44 32.59
N TYR R 80 12.63 -4.48 32.68
CA TYR R 80 13.44 -3.54 31.92
C TYR R 80 13.36 -3.81 30.42
N ASN R 81 13.18 -5.07 30.03
CA ASN R 81 13.13 -5.45 28.63
C ASN R 81 11.71 -5.65 28.12
N LYS R 82 10.71 -5.19 28.86
CA LYS R 82 9.30 -5.30 28.49
C LYS R 82 8.90 -6.76 28.22
N ARG R 83 9.22 -7.62 29.18
CA ARG R 83 8.85 -9.03 29.11
C ARG R 83 8.10 -9.40 30.39
N SER R 84 7.26 -10.43 30.28
CA SER R 84 6.42 -10.86 31.40
C SER R 84 6.84 -12.21 31.98
N THR R 85 7.90 -12.83 31.46
CA THR R 85 8.34 -14.12 31.96
C THR R 85 9.80 -14.08 32.33
N ILE R 86 10.16 -14.85 33.36
CA ILE R 86 11.54 -15.01 33.80
C ILE R 86 12.03 -16.36 33.32
N THR R 87 12.87 -16.37 32.29
CA THR R 87 13.37 -17.59 31.70
C THR R 87 14.78 -17.88 32.23
N SER R 88 15.47 -18.81 31.57
CA SER R 88 16.84 -19.13 31.97
C SER R 88 17.79 -17.98 31.65
N ARG R 89 17.47 -17.18 30.63
CA ARG R 89 18.32 -16.05 30.28
C ARG R 89 18.34 -15.00 31.39
N GLU R 90 17.19 -14.77 32.03
CA GLU R 90 17.14 -13.78 33.09
C GLU R 90 17.91 -14.25 34.33
N ILE R 91 17.78 -15.53 34.69
CA ILE R 91 18.51 -16.05 35.83
C ILE R 91 20.00 -16.07 35.54
N GLN R 92 20.38 -16.41 34.30
CA GLN R 92 21.79 -16.52 33.95
C GLN R 92 22.47 -15.15 33.99
N THR R 93 21.83 -14.13 33.42
CA THR R 93 22.43 -12.80 33.46
C THR R 93 22.34 -12.18 34.84
N ALA R 94 21.32 -12.56 35.63
CA ALA R 94 21.24 -12.07 37.01
C ALA R 94 22.35 -12.66 37.88
N VAL R 95 22.64 -13.95 37.71
CA VAL R 95 23.71 -14.56 38.50
C VAL R 95 25.07 -14.06 38.02
N ARG R 96 25.17 -13.68 36.74
CA ARG R 96 26.38 -13.01 36.25
C ARG R 96 26.62 -11.70 36.97
N LEU R 97 25.55 -11.02 37.39
CA LEU R 97 25.66 -9.71 38.02
C LEU R 97 26.07 -9.80 39.49
N LEU R 98 25.48 -10.75 40.22
CA LEU R 98 25.66 -10.80 41.66
C LEU R 98 26.95 -11.49 42.09
N LEU R 99 27.41 -12.47 41.31
CA LEU R 99 28.59 -13.15 41.82
C LEU R 99 29.87 -12.57 41.20
N PRO R 100 30.95 -12.55 41.97
CA PRO R 100 32.20 -11.94 41.49
C PRO R 100 33.08 -12.89 40.68
N GLY R 101 32.90 -12.90 39.37
CA GLY R 101 33.83 -13.57 38.47
C GLY R 101 33.83 -15.09 38.55
N GLU R 102 34.58 -15.64 39.52
CA GLU R 102 34.74 -17.08 39.58
C GLU R 102 33.46 -17.76 40.06
N LEU R 103 32.83 -17.23 41.10
CA LEU R 103 31.54 -17.77 41.53
C LEU R 103 30.50 -17.68 40.42
N ALA R 104 30.56 -16.64 39.60
CA ALA R 104 29.65 -16.53 38.46
C ALA R 104 30.00 -17.57 37.39
N LYS R 105 31.29 -17.76 37.11
CA LYS R 105 31.70 -18.74 36.12
C LYS R 105 31.22 -20.13 36.48
N HIS R 106 31.45 -20.55 37.72
CA HIS R 106 31.08 -21.91 38.13
C HIS R 106 29.57 -22.06 38.26
N ALA R 107 28.87 -21.00 38.65
CA ALA R 107 27.41 -21.09 38.79
C ALA R 107 26.74 -21.26 37.43
N VAL R 108 27.19 -20.51 36.43
CA VAL R 108 26.62 -20.64 35.08
C VAL R 108 26.88 -22.03 34.53
N SER R 109 28.07 -22.57 34.79
CA SER R 109 28.41 -23.89 34.28
C SER R 109 27.54 -24.97 34.94
N GLU R 110 27.42 -24.93 36.26
CA GLU R 110 26.60 -25.92 36.95
C GLU R 110 25.12 -25.78 36.56
N GLY R 111 24.66 -24.54 36.36
CA GLY R 111 23.26 -24.35 36.00
C GLY R 111 22.95 -24.81 34.59
N THR R 112 23.77 -24.39 33.62
CA THR R 112 23.56 -24.82 32.24
C THR R 112 23.73 -26.32 32.09
N LYS R 113 24.60 -26.93 32.89
CA LYS R 113 24.75 -28.38 32.87
C LYS R 113 23.47 -29.06 33.35
N ALA R 114 22.90 -28.58 34.45
CA ALA R 114 21.70 -29.22 35.00
C ALA R 114 20.50 -29.01 34.11
N VAL R 115 20.40 -27.84 33.45
CA VAL R 115 19.27 -27.58 32.57
C VAL R 115 19.37 -28.44 31.31
N THR R 116 20.58 -28.61 30.79
CA THR R 116 20.77 -29.48 29.62
C THR R 116 20.46 -30.93 29.97
N LYS R 117 20.87 -31.37 31.16
CA LYS R 117 20.56 -32.73 31.60
C LYS R 117 19.06 -32.92 31.79
N TYR R 118 18.36 -31.89 32.26
CA TYR R 118 16.92 -31.99 32.42
C TYR R 118 16.22 -31.98 31.06
N THR R 119 16.70 -31.15 30.12
CA THR R 119 16.09 -31.09 28.80
C THR R 119 16.24 -32.42 28.06
N SER R 120 17.33 -33.13 28.31
CA SER R 120 17.56 -34.43 27.68
C SER R 120 16.43 -35.41 28.02
N ALA R 121 16.28 -35.71 29.30
CA ALA R 121 15.23 -36.63 29.75
C ALA R 121 13.88 -35.93 29.77
N PRO S 3 -75.74 -13.70 -119.81
CA PRO S 3 -75.33 -12.54 -120.61
C PRO S 3 -76.48 -11.95 -121.44
N SER S 4 -76.75 -10.66 -121.25
CA SER S 4 -77.82 -9.98 -121.95
C SER S 4 -77.31 -8.63 -122.45
N GLY S 5 -78.10 -8.01 -123.32
CA GLY S 5 -77.71 -6.72 -123.86
C GLY S 5 -76.58 -6.85 -124.87
N VAL S 6 -75.65 -5.90 -124.83
CA VAL S 6 -74.51 -5.94 -125.73
C VAL S 6 -73.60 -7.12 -125.37
N GLU S 7 -73.55 -7.50 -124.09
CA GLU S 7 -72.76 -8.66 -123.69
C GLU S 7 -73.36 -9.96 -124.21
N GLY S 8 -74.70 -10.06 -124.19
CA GLY S 8 -75.35 -11.25 -124.70
C GLY S 8 -75.20 -11.41 -126.20
N ALA S 9 -75.22 -10.29 -126.93
CA ALA S 9 -75.01 -10.35 -128.38
C ALA S 9 -73.60 -10.79 -128.72
N ALA S 10 -72.60 -10.29 -127.99
CA ALA S 10 -71.22 -10.70 -128.22
C ALA S 10 -71.02 -12.16 -127.84
N PHE S 11 -71.64 -12.60 -126.74
CA PHE S 11 -71.57 -14.01 -126.35
C PHE S 11 -72.21 -14.90 -127.41
N GLN S 12 -73.30 -14.44 -128.02
CA GLN S 12 -73.97 -15.23 -129.04
C GLN S 12 -73.17 -15.28 -130.34
N SER S 13 -72.26 -14.34 -130.57
CA SER S 13 -71.50 -14.27 -131.81
C SER S 13 -70.05 -14.72 -131.63
N ARG S 14 -69.74 -15.40 -130.53
CA ARG S 14 -68.39 -15.91 -130.26
C ARG S 14 -67.36 -14.79 -130.17
N LEU S 15 -67.78 -13.60 -129.77
CA LEU S 15 -66.88 -12.46 -129.78
C LEU S 15 -66.75 -11.85 -128.39
N PRO S 16 -65.54 -11.44 -128.00
CA PRO S 16 -65.38 -10.73 -126.72
C PRO S 16 -65.98 -9.33 -126.80
N HIS S 17 -66.79 -8.98 -125.81
CA HIS S 17 -67.50 -7.70 -125.84
C HIS S 17 -66.57 -6.53 -125.58
N ASP S 18 -65.46 -6.74 -124.87
CA ASP S 18 -64.57 -5.67 -124.47
C ASP S 18 -63.18 -5.80 -125.06
N ARG S 19 -63.02 -6.53 -126.16
CA ARG S 19 -61.72 -6.70 -126.79
C ARG S 19 -61.91 -6.98 -128.28
N MET S 20 -60.97 -6.48 -129.08
CA MET S 20 -60.98 -6.70 -130.52
C MET S 20 -60.23 -7.97 -130.86
N THR S 21 -60.75 -8.71 -131.83
CA THR S 21 -60.14 -9.96 -132.24
C THR S 21 -59.00 -9.71 -133.23
N SER S 22 -58.27 -10.78 -133.54
CA SER S 22 -57.20 -10.68 -134.52
C SER S 22 -57.74 -10.39 -135.91
N GLN S 23 -58.88 -11.01 -136.26
CA GLN S 23 -59.54 -10.70 -137.51
C GLN S 23 -60.00 -9.25 -137.54
N GLU S 24 -60.43 -8.73 -136.39
CA GLU S 24 -60.87 -7.34 -136.30
C GLU S 24 -59.70 -6.38 -136.50
N ALA S 25 -58.52 -6.75 -136.01
CA ALA S 25 -57.35 -5.90 -136.20
C ALA S 25 -56.90 -5.88 -137.65
N ALA S 26 -56.99 -7.03 -138.34
CA ALA S 26 -56.57 -7.10 -139.74
C ALA S 26 -57.48 -6.27 -140.63
N CYS S 27 -58.76 -6.16 -140.29
CA CYS S 27 -59.70 -5.38 -141.09
C CYS S 27 -59.68 -3.91 -140.72
N PHE S 28 -59.58 -3.59 -139.43
CA PHE S 28 -59.51 -2.21 -138.95
C PHE S 28 -58.21 -2.06 -138.15
N PRO S 29 -57.07 -1.90 -138.83
CA PRO S 29 -55.81 -1.66 -138.09
C PRO S 29 -55.69 -0.26 -137.54
N ASP S 30 -56.42 0.72 -138.08
CA ASP S 30 -56.32 2.08 -137.60
C ASP S 30 -56.98 2.27 -136.24
N ILE S 31 -58.04 1.51 -135.95
CA ILE S 31 -58.76 1.68 -134.70
C ILE S 31 -58.01 1.02 -133.55
N ILE S 32 -57.56 -0.22 -133.73
CA ILE S 32 -56.85 -0.92 -132.67
C ILE S 32 -55.52 -0.25 -132.33
N SER S 33 -54.95 0.52 -133.27
CA SER S 33 -53.73 1.26 -133.02
C SER S 33 -54.00 2.70 -132.58
N GLY S 34 -55.26 3.09 -132.47
CA GLY S 34 -55.61 4.44 -132.06
C GLY S 34 -55.90 4.54 -130.58
N PRO S 35 -56.57 5.62 -130.18
CA PRO S 35 -56.89 5.80 -128.76
C PRO S 35 -57.89 4.77 -128.26
N GLN S 36 -57.91 4.60 -126.93
CA GLN S 36 -58.80 3.61 -126.32
C GLN S 36 -60.26 4.01 -126.45
N GLN S 37 -60.54 5.32 -126.49
CA GLN S 37 -61.93 5.77 -126.62
C GLN S 37 -62.53 5.37 -127.96
N THR S 38 -61.74 5.48 -129.03
CA THR S 38 -62.23 5.06 -130.35
C THR S 38 -62.50 3.56 -130.38
N GLN S 39 -61.68 2.77 -129.69
CA GLN S 39 -61.90 1.33 -129.63
C GLN S 39 -63.20 1.00 -128.91
N LYS S 40 -63.49 1.69 -127.81
CA LYS S 40 -64.72 1.42 -127.07
C LYS S 40 -65.95 1.80 -127.88
N VAL S 41 -65.87 2.89 -128.64
CA VAL S 41 -66.97 3.25 -129.53
C VAL S 41 -67.15 2.19 -130.61
N PHE S 42 -66.03 1.69 -131.14
CA PHE S 42 -66.09 0.63 -132.15
C PHE S 42 -66.69 -0.64 -131.57
N LEU S 43 -66.34 -0.98 -130.32
CA LEU S 43 -66.88 -2.18 -129.70
C LEU S 43 -68.39 -2.08 -129.50
N PHE S 44 -68.87 -0.90 -129.11
CA PHE S 44 -70.31 -0.73 -128.90
C PHE S 44 -71.08 -0.80 -130.20
N ILE S 45 -70.53 -0.23 -131.28
CA ILE S 45 -71.20 -0.28 -132.57
C ILE S 45 -71.33 -1.70 -133.07
N ARG S 46 -70.26 -2.50 -132.91
CA ARG S 46 -70.32 -3.90 -133.32
C ARG S 46 -71.31 -4.68 -132.46
N ASN S 47 -71.25 -4.48 -131.14
CA ASN S 47 -72.15 -5.21 -130.24
C ASN S 47 -73.60 -4.81 -130.48
N ARG S 48 -73.85 -3.53 -130.76
CA ARG S 48 -75.21 -3.09 -131.03
C ARG S 48 -75.72 -3.63 -132.36
N THR S 49 -74.88 -3.62 -133.40
CA THR S 49 -75.29 -4.15 -134.69
C THR S 49 -75.57 -5.64 -134.60
N LEU S 50 -74.74 -6.38 -133.86
CA LEU S 50 -75.00 -7.80 -133.65
C LEU S 50 -76.30 -8.01 -132.87
N GLN S 51 -76.58 -7.12 -131.91
CA GLN S 51 -77.82 -7.23 -131.15
C GLN S 51 -79.04 -7.01 -132.03
N LEU S 52 -78.97 -6.03 -132.94
CA LEU S 52 -80.10 -5.76 -133.82
C LEU S 52 -80.39 -6.95 -134.72
N TRP S 53 -79.35 -7.66 -135.17
CA TRP S 53 -79.54 -8.83 -136.01
C TRP S 53 -80.13 -9.99 -135.20
N LEU S 54 -79.59 -10.24 -134.00
CA LEU S 54 -80.03 -11.38 -133.22
C LEU S 54 -81.45 -11.20 -132.70
N ASP S 55 -81.90 -9.95 -132.53
CA ASP S 55 -83.26 -9.72 -132.07
C ASP S 55 -84.30 -10.10 -133.12
N ASN S 56 -83.94 -9.97 -134.40
CA ASN S 56 -84.86 -10.30 -135.49
C ASN S 56 -84.05 -10.79 -136.68
N PRO S 57 -83.63 -12.05 -136.66
CA PRO S 57 -82.86 -12.61 -137.78
C PRO S 57 -83.70 -12.99 -138.99
N LYS S 58 -85.02 -12.83 -138.92
CA LYS S 58 -85.88 -13.22 -140.03
C LYS S 58 -85.95 -12.17 -141.13
N ILE S 59 -85.39 -10.98 -140.91
CA ILE S 59 -85.36 -9.92 -141.91
C ILE S 59 -83.92 -9.45 -142.09
N GLN S 60 -83.67 -8.81 -143.22
CA GLN S 60 -82.34 -8.31 -143.53
C GLN S 60 -82.03 -7.07 -142.69
N LEU S 61 -80.85 -7.04 -142.09
CA LEU S 61 -80.40 -5.89 -141.32
C LEU S 61 -79.54 -5.01 -142.22
N THR S 62 -80.14 -3.95 -142.75
CA THR S 62 -79.45 -3.05 -143.66
C THR S 62 -78.71 -1.97 -142.88
N PHE S 63 -77.84 -1.25 -143.60
CA PHE S 63 -77.10 -0.15 -142.97
C PHE S 63 -78.04 0.97 -142.55
N GLU S 64 -79.09 1.21 -143.32
CA GLU S 64 -80.01 2.30 -143.00
C GLU S 64 -80.78 2.00 -141.72
N ALA S 65 -81.25 0.77 -141.54
CA ALA S 65 -81.96 0.42 -140.32
C ALA S 65 -81.02 0.43 -139.12
N THR S 66 -79.78 0.00 -139.31
CA THR S 66 -78.81 0.00 -138.21
C THR S 66 -78.48 1.43 -137.77
N LEU S 67 -78.24 2.32 -138.74
CA LEU S 67 -77.93 3.70 -138.41
C LEU S 67 -79.14 4.43 -137.82
N GLN S 68 -80.35 3.98 -138.16
CA GLN S 68 -81.55 4.66 -137.65
C GLN S 68 -81.76 4.39 -136.16
N GLN S 69 -81.58 3.14 -135.74
CA GLN S 69 -81.82 2.77 -134.34
C GLN S 69 -80.65 3.10 -133.43
N LEU S 70 -79.56 3.65 -133.96
CA LEU S 70 -78.46 4.12 -133.14
C LEU S 70 -78.73 5.54 -132.66
N GLU S 71 -78.28 5.82 -131.44
CA GLU S 71 -78.42 7.15 -130.85
C GLU S 71 -77.06 7.84 -130.77
N ALA S 72 -77.10 9.10 -130.35
CA ALA S 72 -75.88 9.89 -130.25
C ALA S 72 -75.01 9.39 -129.08
N PRO S 73 -73.68 9.52 -129.19
CA PRO S 73 -72.96 10.04 -130.35
C PRO S 73 -72.57 8.95 -131.35
N TYR S 74 -73.10 7.75 -131.17
CA TYR S 74 -72.68 6.62 -132.01
C TYR S 74 -73.22 6.72 -133.43
N ASN S 75 -74.39 7.35 -133.61
CA ASN S 75 -74.98 7.50 -134.93
C ASN S 75 -74.45 8.72 -135.69
N SER S 76 -73.44 9.41 -135.16
CA SER S 76 -72.87 10.56 -135.84
C SER S 76 -71.79 10.19 -136.84
N ASP S 77 -71.03 9.13 -136.57
CA ASP S 77 -69.98 8.66 -137.47
C ASP S 77 -70.59 7.63 -138.40
N THR S 78 -71.12 8.11 -139.53
CA THR S 78 -71.83 7.22 -140.44
C THR S 78 -70.88 6.29 -141.19
N VAL S 79 -69.69 6.79 -141.53
CA VAL S 79 -68.73 5.96 -142.26
C VAL S 79 -68.20 4.82 -141.39
N LEU S 80 -68.13 5.05 -140.07
CA LEU S 80 -67.69 3.97 -139.17
C LEU S 80 -68.78 2.92 -139.03
N VAL S 81 -70.04 3.32 -138.95
CA VAL S 81 -71.14 2.37 -138.85
C VAL S 81 -71.24 1.55 -140.14
N HIS S 82 -70.98 2.19 -141.28
CA HIS S 82 -71.03 1.47 -142.56
C HIS S 82 -69.92 0.43 -142.65
N ARG S 83 -68.72 0.77 -142.16
CA ARG S 83 -67.61 -0.17 -142.19
C ARG S 83 -67.87 -1.36 -141.27
N VAL S 84 -68.48 -1.11 -140.10
CA VAL S 84 -68.81 -2.19 -139.19
C VAL S 84 -69.88 -3.09 -139.78
N HIS S 85 -70.91 -2.49 -140.38
CA HIS S 85 -71.97 -3.28 -141.00
C HIS S 85 -71.45 -4.10 -142.17
N SER S 86 -70.58 -3.52 -142.99
CA SER S 86 -69.99 -4.26 -144.10
C SER S 86 -69.07 -5.36 -143.61
N TYR S 87 -68.33 -5.10 -142.52
CA TYR S 87 -67.44 -6.13 -141.98
C TYR S 87 -68.23 -7.33 -141.47
N LEU S 88 -69.29 -7.07 -140.69
CA LEU S 88 -70.06 -8.17 -140.11
C LEU S 88 -70.82 -8.95 -141.18
N GLU S 89 -71.24 -8.29 -142.25
CA GLU S 89 -72.01 -8.96 -143.29
C GLU S 89 -71.14 -9.86 -144.16
N ARG S 90 -69.90 -9.43 -144.46
CA ARG S 90 -69.05 -10.24 -145.33
C ARG S 90 -68.61 -11.52 -144.65
N HIS S 91 -68.33 -11.47 -143.34
CA HIS S 91 -67.84 -12.63 -142.61
C HIS S 91 -68.97 -13.46 -142.01
N GLY S 92 -70.20 -13.28 -142.48
CA GLY S 92 -71.30 -14.13 -142.06
C GLY S 92 -71.76 -13.95 -140.64
N LEU S 93 -71.38 -12.86 -139.98
CA LEU S 93 -71.83 -12.62 -138.61
C LEU S 93 -73.23 -12.00 -138.58
N ILE S 94 -73.61 -11.25 -139.61
CA ILE S 94 -74.96 -10.74 -139.76
C ILE S 94 -75.41 -11.00 -141.19
N ASN S 95 -76.72 -10.90 -141.40
CA ASN S 95 -77.34 -11.16 -142.70
C ASN S 95 -76.95 -12.54 -143.21
N PHE S 96 -77.16 -13.55 -142.37
CA PHE S 96 -76.75 -14.92 -142.65
C PHE S 96 -77.91 -15.86 -142.40
N GLY S 97 -77.94 -16.94 -143.18
CA GLY S 97 -79.02 -17.91 -143.07
C GLY S 97 -80.15 -17.63 -144.05
N ILE S 98 -81.38 -17.90 -143.61
CA ILE S 98 -82.57 -17.71 -144.43
C ILE S 98 -83.37 -16.55 -143.85
N TYR S 99 -83.52 -15.49 -144.63
CA TYR S 99 -84.19 -14.29 -144.15
C TYR S 99 -84.85 -13.59 -145.33
N LYS S 100 -85.87 -12.79 -145.02
CA LYS S 100 -86.56 -12.01 -146.04
C LYS S 100 -85.68 -10.86 -146.51
N ARG S 101 -85.51 -10.76 -147.82
CA ARG S 101 -84.63 -9.75 -148.41
C ARG S 101 -85.41 -8.47 -148.63
N ILE S 102 -84.81 -7.34 -148.22
CA ILE S 102 -85.48 -6.05 -148.25
C ILE S 102 -85.07 -5.27 -149.49
N LYS S 103 -83.85 -5.51 -150.00
CA LYS S 103 -83.40 -4.80 -151.20
C LYS S 103 -83.55 -5.71 -152.42
N PRO S 104 -84.61 -5.54 -153.22
CA PRO S 104 -84.87 -6.41 -154.39
C PRO S 104 -84.09 -6.00 -155.65
N LEU S 105 -82.80 -6.29 -155.68
CA LEU S 105 -81.96 -5.97 -156.84
C LEU S 105 -80.96 -7.09 -157.11
N PRO S 106 -81.44 -8.22 -157.65
CA PRO S 106 -80.50 -9.27 -158.10
C PRO S 106 -80.33 -9.28 -159.61
N THR S 107 -79.80 -8.20 -160.19
CA THR S 107 -79.70 -8.07 -161.63
C THR S 107 -78.27 -7.98 -162.14
N LYS S 108 -77.27 -7.91 -161.27
CA LYS S 108 -75.88 -7.76 -161.70
C LYS S 108 -75.02 -8.73 -160.90
N LYS S 109 -74.54 -9.79 -161.55
CA LYS S 109 -73.64 -10.74 -160.92
C LYS S 109 -72.21 -10.51 -161.41
N THR S 110 -71.26 -10.87 -160.55
CA THR S 110 -69.84 -10.71 -160.85
C THR S 110 -69.11 -11.98 -160.49
N GLY S 111 -68.45 -12.59 -161.47
CA GLY S 111 -67.66 -13.77 -161.24
C GLY S 111 -68.48 -15.05 -161.27
N LYS S 112 -67.77 -16.17 -161.34
CA LYS S 112 -68.36 -17.50 -161.38
C LYS S 112 -67.65 -18.39 -160.36
N VAL S 113 -68.44 -19.03 -159.50
CA VAL S 113 -67.89 -19.88 -158.44
C VAL S 113 -68.62 -21.22 -158.48
N ILE S 114 -67.84 -22.30 -158.50
CA ILE S 114 -68.36 -23.66 -158.45
C ILE S 114 -68.03 -24.23 -157.08
N ILE S 115 -69.06 -24.71 -156.38
CA ILE S 115 -68.92 -25.31 -155.06
C ILE S 115 -69.16 -26.81 -155.19
N ILE S 116 -68.19 -27.60 -154.76
CA ILE S 116 -68.28 -29.06 -154.83
C ILE S 116 -68.90 -29.56 -153.54
N GLY S 117 -70.09 -30.14 -153.65
CA GLY S 117 -70.79 -30.65 -152.49
C GLY S 117 -71.86 -29.70 -152.00
N SER S 118 -73.02 -30.23 -151.61
CA SER S 118 -74.12 -29.41 -151.13
C SER S 118 -74.39 -29.66 -149.65
N GLY S 119 -73.35 -29.67 -148.83
CA GLY S 119 -73.49 -29.85 -147.41
C GLY S 119 -73.82 -28.55 -146.70
N VAL S 120 -73.82 -28.62 -145.36
CA VAL S 120 -74.11 -27.44 -144.57
C VAL S 120 -73.10 -26.33 -144.86
N SER S 121 -71.82 -26.69 -144.98
CA SER S 121 -70.81 -25.70 -145.33
C SER S 121 -71.02 -25.19 -146.76
N GLY S 122 -71.31 -26.09 -147.70
CA GLY S 122 -71.53 -25.66 -149.06
C GLY S 122 -72.78 -24.81 -149.23
N LEU S 123 -73.87 -25.19 -148.57
CA LEU S 123 -75.11 -24.44 -148.69
C LEU S 123 -74.99 -23.07 -148.02
N ALA S 124 -74.28 -22.99 -146.90
CA ALA S 124 -74.10 -21.71 -146.22
C ALA S 124 -73.25 -20.76 -147.06
N ALA S 125 -72.13 -21.26 -147.58
CA ALA S 125 -71.28 -20.41 -148.43
C ALA S 125 -71.98 -20.01 -149.71
N ALA S 126 -72.85 -20.88 -150.24
CA ALA S 126 -73.55 -20.55 -151.48
C ALA S 126 -74.56 -19.42 -151.27
N ARG S 127 -75.29 -19.44 -150.15
CA ARG S 127 -76.27 -18.39 -149.89
C ARG S 127 -75.59 -17.06 -149.62
N GLN S 128 -74.46 -17.09 -148.92
CA GLN S 128 -73.72 -15.85 -148.65
C GLN S 128 -73.17 -15.26 -149.94
N LEU S 129 -72.52 -16.08 -150.76
CA LEU S 129 -71.95 -15.58 -152.02
C LEU S 129 -73.04 -15.10 -152.96
N GLN S 130 -74.19 -15.77 -152.96
CA GLN S 130 -75.31 -15.31 -153.79
C GLN S 130 -75.88 -14.00 -153.27
N SER S 131 -75.97 -13.87 -151.95
CA SER S 131 -76.39 -12.59 -151.36
C SER S 131 -75.36 -11.50 -151.61
N PHE S 132 -74.10 -11.87 -151.77
CA PHE S 132 -73.04 -10.91 -152.07
C PHE S 132 -73.05 -10.47 -153.53
N GLY S 133 -73.79 -11.15 -154.40
CA GLY S 133 -73.90 -10.77 -155.78
C GLY S 133 -73.06 -11.56 -156.77
N MET S 134 -72.67 -12.78 -156.44
CA MET S 134 -71.87 -13.61 -157.32
C MET S 134 -72.69 -14.78 -157.84
N ASP S 135 -72.24 -15.35 -158.95
CA ASP S 135 -72.92 -16.50 -159.56
C ASP S 135 -72.34 -17.78 -158.96
N VAL S 136 -73.20 -18.59 -158.37
CA VAL S 136 -72.80 -19.79 -157.65
C VAL S 136 -73.57 -20.97 -158.19
N THR S 137 -72.88 -22.08 -158.44
CA THR S 137 -73.48 -23.33 -158.87
C THR S 137 -72.92 -24.46 -158.03
N LEU S 138 -73.79 -25.31 -157.50
CA LEU S 138 -73.41 -26.39 -156.61
C LEU S 138 -73.43 -27.73 -157.36
N LEU S 139 -72.43 -28.56 -157.08
CA LEU S 139 -72.32 -29.89 -157.67
C LEU S 139 -72.36 -30.91 -156.55
N GLU S 140 -73.42 -31.72 -156.52
CA GLU S 140 -73.62 -32.73 -155.49
C GLU S 140 -73.72 -34.10 -156.12
N ALA S 141 -72.94 -35.06 -155.58
CA ALA S 141 -72.99 -36.41 -156.09
C ALA S 141 -74.23 -37.15 -155.63
N ARG S 142 -74.67 -36.92 -154.39
CA ARG S 142 -75.86 -37.58 -153.88
C ARG S 142 -77.11 -37.05 -154.59
N ASP S 143 -78.21 -37.76 -154.39
CA ASP S 143 -79.51 -37.37 -154.94
C ASP S 143 -80.29 -36.46 -154.00
N ARG S 144 -79.60 -35.75 -153.11
CA ARG S 144 -80.25 -34.90 -152.12
C ARG S 144 -79.22 -33.91 -151.60
N VAL S 145 -79.68 -33.02 -150.72
CA VAL S 145 -78.82 -32.05 -150.09
C VAL S 145 -78.52 -32.49 -148.66
N GLY S 146 -77.60 -31.79 -148.01
CA GLY S 146 -77.25 -32.10 -146.63
C GLY S 146 -75.98 -32.90 -146.49
N GLY S 147 -75.79 -33.88 -147.37
CA GLY S 147 -74.62 -34.74 -147.31
C GLY S 147 -74.58 -35.60 -146.06
N ARG S 148 -73.74 -35.22 -145.09
CA ARG S 148 -73.70 -35.90 -143.81
C ARG S 148 -74.87 -35.52 -142.90
N VAL S 149 -75.89 -34.86 -143.45
CA VAL S 149 -77.15 -34.62 -142.78
C VAL S 149 -78.16 -35.56 -143.41
N ALA S 150 -78.52 -36.63 -142.70
CA ALA S 150 -79.37 -37.68 -143.24
C ALA S 150 -80.55 -37.89 -142.31
N THR S 151 -81.75 -37.90 -142.88
CA THR S 151 -82.99 -38.14 -142.12
C THR S 151 -83.79 -39.22 -142.83
N PHE S 152 -84.17 -40.24 -142.06
CA PHE S 152 -85.04 -41.30 -142.56
C PHE S 152 -86.49 -40.86 -142.43
N ARG S 153 -87.22 -40.86 -143.54
CA ARG S 153 -88.62 -40.42 -143.57
C ARG S 153 -89.44 -41.46 -144.32
N LYS S 154 -90.38 -42.08 -143.62
CA LYS S 154 -91.30 -43.03 -144.23
C LYS S 154 -92.56 -43.10 -143.38
N GLY S 155 -93.69 -42.70 -143.96
CA GLY S 155 -94.94 -42.65 -143.23
C GLY S 155 -94.93 -41.63 -142.12
N ASN S 156 -94.95 -42.10 -140.88
CA ASN S 156 -94.91 -41.22 -139.71
C ASN S 156 -93.61 -41.35 -138.93
N TYR S 157 -92.69 -42.21 -139.36
CA TYR S 157 -91.44 -42.42 -138.65
C TYR S 157 -90.38 -41.45 -139.17
N VAL S 158 -89.72 -40.75 -138.26
CA VAL S 158 -88.65 -39.81 -138.60
C VAL S 158 -87.50 -40.06 -137.64
N ALA S 159 -86.33 -40.36 -138.18
CA ALA S 159 -85.14 -40.61 -137.38
C ALA S 159 -83.93 -40.17 -138.18
N ASP S 160 -83.04 -39.44 -137.51
CA ASP S 160 -81.84 -38.91 -138.16
C ASP S 160 -80.71 -39.92 -138.11
N LEU S 161 -80.11 -40.20 -139.26
CA LEU S 161 -78.98 -41.12 -139.33
C LEU S 161 -77.64 -40.41 -139.19
N GLY S 162 -77.62 -39.09 -139.21
CA GLY S 162 -76.36 -38.38 -139.11
C GLY S 162 -76.31 -37.44 -137.92
N ALA S 163 -76.81 -36.22 -138.08
CA ALA S 163 -76.73 -35.20 -137.06
C ALA S 163 -78.13 -34.68 -136.73
N MET S 164 -78.42 -34.54 -135.45
CA MET S 164 -79.70 -34.02 -135.00
C MET S 164 -79.63 -33.44 -133.59
N VAL S 165 -78.49 -33.63 -132.94
CA VAL S 165 -78.32 -33.25 -131.54
C VAL S 165 -77.58 -31.92 -131.48
N VAL S 166 -78.23 -30.91 -130.91
CA VAL S 166 -77.61 -29.60 -130.73
C VAL S 166 -76.69 -29.65 -129.52
N THR S 167 -75.50 -29.06 -129.65
CA THR S 167 -74.53 -29.01 -128.57
C THR S 167 -74.78 -27.87 -127.60
N GLY S 168 -75.96 -27.26 -127.65
CA GLY S 168 -76.28 -26.13 -126.80
C GLY S 168 -76.57 -24.88 -127.61
N LEU S 169 -77.46 -24.03 -127.11
CA LEU S 169 -77.81 -22.81 -127.83
C LEU S 169 -76.92 -21.63 -127.48
N GLY S 170 -76.20 -21.67 -126.36
CA GLY S 170 -75.35 -20.57 -125.97
C GLY S 170 -74.17 -20.36 -126.90
N GLY S 171 -74.29 -19.36 -127.77
CA GLY S 171 -73.23 -19.09 -128.73
C GLY S 171 -73.29 -19.92 -129.99
N ASN S 172 -74.38 -20.65 -130.22
CA ASN S 172 -74.49 -21.48 -131.41
C ASN S 172 -75.27 -20.72 -132.47
N PRO S 173 -74.70 -20.50 -133.67
CA PRO S 173 -75.49 -19.90 -134.75
C PRO S 173 -76.68 -20.74 -135.18
N MET S 174 -76.76 -22.00 -134.75
CA MET S 174 -77.93 -22.82 -135.02
C MET S 174 -79.18 -22.28 -134.32
N ALA S 175 -79.01 -21.54 -133.22
CA ALA S 175 -80.16 -20.89 -132.60
C ALA S 175 -80.80 -19.90 -133.56
N VAL S 176 -79.97 -19.15 -134.29
CA VAL S 176 -80.50 -18.29 -135.35
C VAL S 176 -81.15 -19.13 -136.43
N VAL S 177 -80.55 -20.28 -136.75
CA VAL S 177 -81.14 -21.18 -137.73
C VAL S 177 -82.49 -21.69 -137.25
N SER S 178 -82.59 -22.01 -135.95
CA SER S 178 -83.85 -22.50 -135.40
C SER S 178 -84.92 -21.41 -135.40
N LYS S 179 -84.50 -20.14 -135.29
CA LYS S 179 -85.45 -19.03 -135.38
C LYS S 179 -85.83 -18.71 -136.82
N GLN S 180 -85.01 -19.12 -137.78
CA GLN S 180 -85.29 -18.90 -139.20
C GLN S 180 -86.02 -20.08 -139.84
N VAL S 181 -85.60 -21.31 -139.52
CA VAL S 181 -86.16 -22.51 -140.10
C VAL S 181 -87.04 -23.19 -139.05
N ASN S 182 -88.15 -23.77 -139.48
CA ASN S 182 -89.10 -24.43 -138.60
C ASN S 182 -88.45 -25.68 -137.99
N MET S 183 -87.67 -25.45 -136.93
CA MET S 183 -87.05 -26.52 -136.17
C MET S 183 -87.81 -26.74 -134.87
N GLU S 184 -88.07 -28.00 -134.54
CA GLU S 184 -88.76 -28.37 -133.31
C GLU S 184 -87.73 -28.96 -132.37
N LEU S 185 -87.21 -28.12 -131.47
CA LEU S 185 -86.15 -28.53 -130.55
C LEU S 185 -86.75 -29.07 -129.25
N ALA S 186 -86.17 -30.16 -128.76
CA ALA S 186 -86.63 -30.80 -127.54
C ALA S 186 -85.44 -31.05 -126.62
N LYS S 187 -85.61 -30.73 -125.34
CA LYS S 187 -84.53 -30.89 -124.38
C LYS S 187 -84.28 -32.37 -124.09
N ILE S 188 -83.03 -32.68 -123.77
CA ILE S 188 -82.58 -34.05 -123.53
C ILE S 188 -82.20 -34.19 -122.06
N LYS S 189 -82.96 -34.98 -121.32
CA LYS S 189 -82.61 -35.27 -119.93
C LYS S 189 -81.37 -36.16 -119.89
N GLN S 190 -80.39 -35.77 -119.07
CA GLN S 190 -79.12 -36.46 -119.03
C GLN S 190 -79.17 -37.77 -118.24
N LYS S 191 -80.31 -38.12 -117.66
CA LYS S 191 -80.45 -39.38 -116.94
C LYS S 191 -80.31 -40.55 -117.92
N CYS S 192 -79.31 -41.40 -117.68
CA CYS S 192 -79.05 -42.54 -118.56
C CYS S 192 -78.70 -43.76 -117.71
N PRO S 193 -79.70 -44.57 -117.38
CA PRO S 193 -79.42 -45.80 -116.63
C PRO S 193 -78.64 -46.81 -117.47
N LEU S 194 -77.95 -47.71 -116.77
CA LEU S 194 -77.10 -48.70 -117.41
C LEU S 194 -77.53 -50.10 -117.02
N TYR S 195 -77.59 -50.99 -118.02
CA TYR S 195 -77.90 -52.40 -117.81
C TYR S 195 -76.73 -53.25 -118.30
N GLU S 196 -76.35 -54.23 -117.49
CA GLU S 196 -75.19 -55.06 -117.78
C GLU S 196 -75.50 -56.01 -118.94
N ALA S 197 -74.61 -56.97 -119.18
CA ALA S 197 -74.83 -57.96 -120.22
C ALA S 197 -76.04 -58.83 -119.91
N ASN S 198 -76.32 -59.09 -118.63
CA ASN S 198 -77.46 -59.89 -118.24
C ASN S 198 -78.79 -59.14 -118.37
N GLY S 199 -78.76 -57.83 -118.56
CA GLY S 199 -79.96 -57.04 -118.70
C GLY S 199 -80.47 -56.38 -117.44
N GLN S 200 -79.81 -56.61 -116.30
CA GLN S 200 -80.23 -56.01 -115.03
C GLN S 200 -79.50 -54.71 -114.80
N ALA S 201 -80.16 -53.80 -114.10
CA ALA S 201 -79.62 -52.45 -113.89
C ALA S 201 -78.41 -52.51 -112.96
N VAL S 202 -77.61 -51.44 -113.02
CA VAL S 202 -76.41 -51.31 -112.20
C VAL S 202 -76.76 -50.52 -110.94
N PRO S 203 -76.33 -50.96 -109.77
CA PRO S 203 -76.62 -50.20 -108.54
C PRO S 203 -76.00 -48.82 -108.58
N LYS S 204 -76.54 -47.93 -107.73
CA LYS S 204 -76.08 -46.55 -107.71
C LYS S 204 -74.64 -46.44 -107.23
N GLU S 205 -74.28 -47.19 -106.18
CA GLU S 205 -72.96 -47.06 -105.59
C GLU S 205 -71.87 -47.47 -106.57
N LYS S 206 -72.01 -48.64 -107.20
CA LYS S 206 -70.98 -49.11 -108.13
C LYS S 206 -70.91 -48.23 -109.37
N ASP S 207 -72.06 -47.81 -109.90
CA ASP S 207 -72.07 -46.98 -111.08
C ASP S 207 -71.40 -45.64 -110.82
N GLU S 208 -71.71 -45.01 -109.69
CA GLU S 208 -71.13 -43.71 -109.38
C GLU S 208 -69.63 -43.82 -109.10
N MET S 209 -69.20 -44.88 -108.41
CA MET S 209 -67.80 -45.02 -108.08
C MET S 209 -66.95 -45.28 -109.31
N VAL S 210 -67.45 -46.12 -110.24
CA VAL S 210 -66.69 -46.39 -111.45
C VAL S 210 -66.68 -45.16 -112.36
N GLU S 211 -67.82 -44.48 -112.49
CA GLU S 211 -67.86 -43.28 -113.31
C GLU S 211 -66.98 -42.18 -112.74
N GLN S 212 -66.91 -42.07 -111.41
CA GLN S 212 -65.97 -41.14 -110.79
C GLN S 212 -64.53 -41.57 -111.08
N GLU S 213 -64.25 -42.88 -110.97
CA GLU S 213 -62.94 -43.38 -111.34
C GLU S 213 -62.64 -43.16 -112.82
N PHE S 214 -63.67 -43.22 -113.66
CA PHE S 214 -63.48 -42.95 -115.08
C PHE S 214 -62.98 -41.52 -115.31
N ASN S 215 -63.60 -40.54 -114.65
CA ASN S 215 -63.11 -39.18 -114.72
C ASN S 215 -61.73 -39.04 -114.08
N ARG S 216 -61.47 -39.82 -113.02
CA ARG S 216 -60.16 -39.78 -112.37
C ARG S 216 -59.07 -40.32 -113.30
N LEU S 217 -59.38 -41.35 -114.08
CA LEU S 217 -58.41 -41.86 -115.05
C LEU S 217 -58.11 -40.82 -116.11
N LEU S 218 -59.14 -40.12 -116.59
CA LEU S 218 -58.93 -39.09 -117.61
C LEU S 218 -58.10 -37.94 -117.05
N GLU S 219 -58.35 -37.55 -115.80
CA GLU S 219 -57.53 -36.51 -115.18
C GLU S 219 -56.08 -36.96 -115.05
N ALA S 220 -55.86 -38.26 -114.81
CA ALA S 220 -54.50 -38.77 -114.76
C ALA S 220 -53.82 -38.69 -116.12
N THR S 221 -54.55 -39.05 -117.19
CA THR S 221 -53.98 -38.98 -118.54
C THR S 221 -53.71 -37.53 -118.94
N SER S 222 -54.57 -36.60 -118.51
CA SER S 222 -54.36 -35.19 -118.83
C SER S 222 -53.10 -34.67 -118.16
N TYR S 223 -52.81 -35.13 -116.94
CA TYR S 223 -51.62 -34.68 -116.23
C TYR S 223 -50.36 -35.38 -116.74
N LEU S 224 -50.51 -36.59 -117.29
CA LEU S 224 -49.37 -37.24 -117.95
C LEU S 224 -48.91 -36.43 -119.16
N SER S 225 -49.86 -35.85 -119.89
CA SER S 225 -49.53 -35.15 -121.13
C SER S 225 -48.93 -33.78 -120.85
N HIS S 226 -49.56 -32.99 -119.98
CA HIS S 226 -49.17 -31.60 -119.79
C HIS S 226 -48.09 -31.40 -118.75
N GLN S 227 -47.88 -32.35 -117.84
CA GLN S 227 -46.93 -32.19 -116.76
C GLN S 227 -45.74 -33.14 -116.85
N LEU S 228 -45.99 -34.43 -117.08
CA LEU S 228 -44.90 -35.40 -117.12
C LEU S 228 -44.28 -35.55 -118.50
N ASP S 229 -44.86 -34.91 -119.52
CA ASP S 229 -44.29 -34.90 -120.88
C ASP S 229 -44.14 -36.32 -121.44
N PHE S 230 -45.13 -37.17 -121.15
CA PHE S 230 -45.19 -38.52 -121.67
C PHE S 230 -45.81 -38.57 -123.08
N ASN S 231 -45.92 -37.43 -123.74
CA ASN S 231 -46.64 -37.32 -125.01
C ASN S 231 -45.95 -38.06 -126.15
N VAL S 232 -44.68 -38.42 -126.01
CA VAL S 232 -43.91 -39.03 -127.09
C VAL S 232 -43.33 -40.35 -126.60
N LEU S 233 -43.50 -41.41 -127.40
CA LEU S 233 -42.96 -42.72 -127.06
C LEU S 233 -42.70 -43.48 -128.34
N ASN S 234 -41.42 -43.74 -128.64
CA ASN S 234 -41.00 -44.55 -129.79
C ASN S 234 -41.46 -43.92 -131.10
N ASN S 235 -41.12 -42.64 -131.28
CA ASN S 235 -41.47 -41.88 -132.49
C ASN S 235 -42.96 -41.90 -132.80
N LYS S 236 -43.77 -42.37 -131.85
CA LYS S 236 -45.22 -42.44 -132.03
C LYS S 236 -45.89 -41.68 -130.90
N PRO S 237 -46.70 -40.66 -131.19
CA PRO S 237 -47.40 -39.95 -130.11
C PRO S 237 -48.31 -40.88 -129.35
N VAL S 238 -48.19 -40.87 -128.02
CA VAL S 238 -48.97 -41.75 -127.18
C VAL S 238 -50.46 -41.45 -127.36
N SER S 239 -51.26 -42.51 -127.40
CA SER S 239 -52.69 -42.35 -127.57
C SER S 239 -53.38 -42.27 -126.22
N LEU S 240 -54.63 -41.76 -126.24
CA LEU S 240 -55.41 -41.69 -125.02
C LEU S 240 -55.66 -43.09 -124.46
N GLY S 241 -55.84 -44.08 -125.33
CA GLY S 241 -56.00 -45.45 -124.86
C GLY S 241 -54.73 -45.98 -124.21
N GLN S 242 -53.57 -45.66 -124.78
CA GLN S 242 -52.31 -46.06 -124.17
C GLN S 242 -52.13 -45.41 -122.81
N ALA S 243 -52.42 -44.11 -122.71
CA ALA S 243 -52.28 -43.41 -121.43
C ALA S 243 -53.24 -43.98 -120.40
N LEU S 244 -54.48 -44.26 -120.81
CA LEU S 244 -55.43 -44.90 -119.89
C LEU S 244 -54.95 -46.27 -119.46
N GLU S 245 -54.36 -47.03 -120.39
CA GLU S 245 -53.86 -48.36 -120.05
C GLU S 245 -52.69 -48.28 -119.07
N VAL S 246 -51.85 -47.25 -119.22
CA VAL S 246 -50.72 -47.09 -118.30
C VAL S 246 -51.21 -46.78 -116.89
N VAL S 247 -52.17 -45.85 -116.77
CA VAL S 247 -52.67 -45.47 -115.46
C VAL S 247 -53.32 -46.65 -114.76
N ILE S 248 -54.08 -47.46 -115.52
CA ILE S 248 -54.69 -48.65 -114.94
C ILE S 248 -53.61 -49.62 -114.47
N GLN S 249 -52.55 -49.78 -115.26
CA GLN S 249 -51.43 -50.61 -114.82
C GLN S 249 -50.74 -50.01 -113.60
N LEU S 250 -50.69 -48.68 -113.51
CA LEU S 250 -50.15 -48.03 -112.33
C LEU S 250 -51.04 -48.27 -111.12
N GLN S 251 -52.36 -48.23 -111.32
CA GLN S 251 -53.29 -48.48 -110.22
C GLN S 251 -53.18 -49.92 -109.74
N GLU S 252 -53.01 -50.87 -110.66
CA GLU S 252 -52.81 -52.25 -110.26
C GLU S 252 -51.51 -52.41 -109.48
N LYS S 253 -50.45 -51.72 -109.92
CA LYS S 253 -49.19 -51.77 -109.18
C LYS S 253 -49.34 -51.15 -107.80
N HIS S 254 -50.09 -50.05 -107.69
CA HIS S 254 -50.27 -49.41 -106.39
C HIS S 254 -51.00 -50.32 -105.42
N VAL S 255 -52.02 -51.04 -105.89
CA VAL S 255 -52.74 -51.97 -105.02
C VAL S 255 -51.83 -53.12 -104.61
N LYS S 256 -51.03 -53.63 -105.55
CA LYS S 256 -50.09 -54.70 -105.22
C LYS S 256 -49.05 -54.23 -104.21
N ASP S 257 -48.56 -53.00 -104.36
CA ASP S 257 -47.62 -52.46 -103.38
C ASP S 257 -48.28 -52.21 -102.04
N GLU S 258 -49.57 -51.83 -102.04
CA GLU S 258 -50.28 -51.62 -100.78
C GLU S 258 -50.40 -52.93 -99.99
N GLN S 259 -50.79 -54.02 -100.66
CA GLN S 259 -50.95 -55.28 -99.97
C GLN S 259 -49.60 -55.86 -99.55
N ILE S 260 -48.56 -55.66 -100.36
CA ILE S 260 -47.23 -56.14 -100.00
C ILE S 260 -46.73 -55.45 -98.73
N GLU S 261 -46.93 -54.12 -98.65
CA GLU S 261 -46.53 -53.41 -97.44
C GLU S 261 -47.32 -53.87 -96.22
N HIS S 262 -48.59 -54.26 -96.40
CA HIS S 262 -49.38 -54.70 -95.26
C HIS S 262 -48.96 -56.07 -94.78
N TRP S 263 -48.69 -57.00 -95.69
CA TRP S 263 -48.20 -58.32 -95.29
C TRP S 263 -46.82 -58.21 -94.67
N LYS S 264 -46.02 -57.23 -95.09
CA LYS S 264 -44.73 -56.99 -94.44
C LYS S 264 -44.93 -56.46 -93.02
N LYS S 265 -45.97 -55.64 -92.81
CA LYS S 265 -46.31 -55.21 -91.46
C LYS S 265 -46.73 -56.39 -90.60
N ILE S 266 -47.44 -57.35 -91.19
CA ILE S 266 -47.83 -58.55 -90.46
C ILE S 266 -46.60 -59.39 -90.13
N VAL S 267 -45.62 -59.42 -91.04
CA VAL S 267 -44.36 -60.11 -90.76
C VAL S 267 -43.63 -59.42 -89.61
N LYS S 268 -43.61 -58.09 -89.62
CA LYS S 268 -42.96 -57.35 -88.54
C LYS S 268 -43.63 -57.63 -87.20
N THR S 269 -44.96 -57.67 -87.18
CA THR S 269 -45.67 -58.02 -85.95
C THR S 269 -45.45 -59.50 -85.60
N GLN S 270 -45.42 -60.37 -86.62
CA GLN S 270 -45.18 -61.78 -86.37
C GLN S 270 -43.78 -62.03 -85.83
N GLU S 271 -42.80 -61.23 -86.26
CA GLU S 271 -41.44 -61.38 -85.74
C GLU S 271 -41.33 -60.86 -84.31
N GLU S 272 -42.08 -59.80 -83.98
CA GLU S 272 -42.09 -59.32 -82.60
C GLU S 272 -42.66 -60.36 -81.65
N LEU S 273 -43.73 -61.05 -82.07
CA LEU S 273 -44.26 -62.14 -81.27
C LEU S 273 -43.27 -63.30 -81.19
N LYS S 274 -42.52 -63.55 -82.27
CA LYS S 274 -41.51 -64.61 -82.25
C LYS S 274 -40.45 -64.33 -81.19
N GLU S 275 -39.94 -63.09 -81.16
CA GLU S 275 -38.93 -62.74 -80.17
C GLU S 275 -39.53 -62.70 -78.77
N LEU S 276 -40.78 -62.23 -78.64
CA LEU S 276 -41.40 -62.17 -77.32
C LEU S 276 -41.67 -63.57 -76.77
N LEU S 277 -42.18 -64.48 -77.60
CA LEU S 277 -42.42 -65.84 -77.14
C LEU S 277 -41.12 -66.56 -76.81
N ASN S 278 -40.05 -66.29 -77.56
CA ASN S 278 -38.74 -66.83 -77.22
C ASN S 278 -38.31 -66.35 -75.84
N LYS S 279 -38.53 -65.07 -75.54
CA LYS S 279 -38.22 -64.54 -74.22
C LYS S 279 -39.16 -65.09 -73.15
N MET S 280 -40.42 -65.37 -73.52
CA MET S 280 -41.34 -65.94 -72.55
C MET S 280 -40.93 -67.37 -72.17
N VAL S 281 -40.55 -68.17 -73.16
CA VAL S 281 -40.14 -69.54 -72.89
C VAL S 281 -38.83 -69.55 -72.09
N ASN S 282 -37.87 -68.71 -72.50
CA ASN S 282 -36.61 -68.63 -71.77
C ASN S 282 -36.84 -68.18 -70.33
N LEU S 283 -37.74 -67.21 -70.12
CA LEU S 283 -38.01 -66.75 -68.76
C LEU S 283 -38.73 -67.82 -67.95
N LYS S 284 -39.66 -68.54 -68.56
CA LYS S 284 -40.39 -69.58 -67.84
C LYS S 284 -39.47 -70.71 -67.42
N GLU S 285 -38.53 -71.11 -68.29
CA GLU S 285 -37.56 -72.12 -67.91
C GLU S 285 -36.67 -71.65 -66.77
N LYS S 286 -36.29 -70.36 -66.79
CA LYS S 286 -35.51 -69.81 -65.68
C LYS S 286 -36.33 -69.72 -64.41
N ILE S 287 -37.63 -69.38 -64.53
CA ILE S 287 -38.48 -69.35 -63.36
C ILE S 287 -38.64 -70.75 -62.78
N LYS S 288 -38.78 -71.75 -63.64
CA LYS S 288 -38.96 -73.13 -63.16
C LYS S 288 -37.72 -73.63 -62.43
N GLU S 289 -36.54 -73.38 -63.00
CA GLU S 289 -35.31 -73.83 -62.35
C GLU S 289 -35.04 -73.06 -61.06
N LEU S 290 -35.35 -71.76 -61.05
CA LEU S 290 -35.24 -70.99 -59.82
C LEU S 290 -36.27 -71.44 -58.79
N HIS S 291 -37.49 -71.75 -59.24
CA HIS S 291 -38.51 -72.26 -58.33
C HIS S 291 -38.07 -73.58 -57.70
N GLN S 292 -37.38 -74.41 -58.48
CA GLN S 292 -36.84 -75.65 -57.92
C GLN S 292 -35.77 -75.38 -56.88
N GLN S 293 -34.87 -74.42 -57.15
CA GLN S 293 -33.87 -74.04 -56.16
C GLN S 293 -34.52 -73.40 -54.94
N TYR S 294 -35.57 -72.61 -55.14
CA TYR S 294 -36.24 -71.95 -54.02
C TYR S 294 -37.05 -72.94 -53.20
N LYS S 295 -37.65 -73.94 -53.85
CA LYS S 295 -38.37 -74.97 -53.12
C LYS S 295 -37.41 -75.85 -52.32
N GLU S 296 -36.24 -76.16 -52.89
CA GLU S 296 -35.24 -76.94 -52.16
C GLU S 296 -34.77 -76.20 -50.92
N ALA S 297 -34.62 -74.87 -51.03
CA ALA S 297 -34.25 -74.08 -49.85
C ALA S 297 -35.38 -74.04 -48.84
N SER S 298 -36.63 -74.16 -49.30
CA SER S 298 -37.78 -74.22 -48.41
C SER S 298 -37.96 -75.58 -47.77
N GLU S 299 -37.29 -76.62 -48.28
CA GLU S 299 -37.40 -77.95 -47.69
C GLU S 299 -36.79 -78.01 -46.30
N VAL S 300 -35.80 -77.16 -46.03
CA VAL S 300 -35.22 -77.11 -44.69
C VAL S 300 -36.24 -76.53 -43.71
N LYS S 301 -36.08 -76.89 -42.44
CA LYS S 301 -37.01 -76.49 -41.39
C LYS S 301 -37.14 -74.97 -41.35
N PRO S 302 -38.33 -74.42 -41.57
CA PRO S 302 -38.51 -72.95 -41.51
C PRO S 302 -38.28 -72.39 -40.11
N PRO S 303 -38.71 -73.06 -39.01
CA PRO S 303 -38.48 -72.36 -37.73
C PRO S 303 -37.03 -72.46 -37.26
N ARG S 304 -36.15 -71.76 -37.96
CA ARG S 304 -34.72 -71.72 -37.63
C ARG S 304 -34.24 -70.29 -37.83
N ASP S 305 -33.73 -69.69 -36.75
CA ASP S 305 -33.18 -68.35 -36.80
C ASP S 305 -31.67 -68.34 -37.01
N ILE S 306 -31.09 -69.47 -37.41
CA ILE S 306 -29.66 -69.56 -37.68
C ILE S 306 -29.42 -69.29 -39.16
N THR S 307 -29.54 -68.02 -39.56
CA THR S 307 -29.38 -67.59 -40.95
C THR S 307 -30.25 -68.42 -41.89
N ALA S 308 -31.52 -68.59 -41.50
CA ALA S 308 -32.46 -69.39 -42.27
C ALA S 308 -33.86 -68.77 -42.17
N GLU S 309 -33.94 -67.45 -42.22
CA GLU S 309 -35.21 -66.74 -42.19
C GLU S 309 -35.27 -65.64 -43.23
N PHE S 310 -34.17 -64.91 -43.45
CA PHE S 310 -34.14 -63.89 -44.49
C PHE S 310 -34.23 -64.51 -45.88
N LEU S 311 -33.67 -65.71 -46.06
CA LEU S 311 -33.71 -66.36 -47.36
C LEU S 311 -35.13 -66.76 -47.73
N VAL S 312 -35.92 -67.19 -46.75
CA VAL S 312 -37.29 -67.64 -47.02
C VAL S 312 -38.12 -66.49 -47.58
N LYS S 313 -38.12 -65.36 -46.89
CA LYS S 313 -38.89 -64.20 -47.35
C LYS S 313 -38.37 -63.69 -48.69
N SER S 314 -37.06 -63.76 -48.90
CA SER S 314 -36.48 -63.28 -50.15
C SER S 314 -36.98 -64.09 -51.33
N LYS S 315 -36.95 -65.42 -51.22
CA LYS S 315 -37.41 -66.26 -52.33
C LYS S 315 -38.92 -66.15 -52.52
N HIS S 316 -39.66 -65.81 -51.45
CA HIS S 316 -41.10 -65.60 -51.58
C HIS S 316 -41.39 -64.35 -52.40
N ARG S 317 -40.67 -63.25 -52.11
CA ARG S 317 -40.86 -62.02 -52.88
C ARG S 317 -40.40 -62.18 -54.31
N ASP S 318 -39.25 -62.86 -54.51
CA ASP S 318 -38.73 -63.03 -55.87
C ASP S 318 -39.67 -63.88 -56.72
N LEU S 319 -40.22 -64.96 -56.15
CA LEU S 319 -41.16 -65.79 -56.89
C LEU S 319 -42.44 -65.02 -57.21
N THR S 320 -42.89 -64.17 -56.28
CA THR S 320 -44.07 -63.36 -56.55
C THR S 320 -43.82 -62.39 -57.70
N ALA S 321 -42.62 -61.81 -57.75
CA ALA S 321 -42.27 -60.92 -58.86
C ALA S 321 -42.20 -61.68 -60.17
N LEU S 322 -41.70 -62.92 -60.14
CA LEU S 322 -41.63 -63.72 -61.36
C LEU S 322 -43.03 -64.05 -61.87
N CYS S 323 -43.97 -64.30 -60.96
CA CYS S 323 -45.35 -64.55 -61.37
C CYS S 323 -45.98 -63.30 -61.95
N LYS S 324 -45.65 -62.13 -61.41
CA LYS S 324 -46.18 -60.88 -61.94
C LYS S 324 -45.68 -60.63 -63.36
N GLU S 325 -44.41 -60.92 -63.62
CA GLU S 325 -43.88 -60.76 -64.98
C GLU S 325 -44.55 -61.73 -65.94
N TYR S 326 -44.78 -62.97 -65.49
CA TYR S 326 -45.46 -63.94 -66.34
C TYR S 326 -46.89 -63.52 -66.66
N ASP S 327 -47.56 -62.85 -65.71
CA ASP S 327 -48.92 -62.38 -65.95
C ASP S 327 -48.92 -61.24 -66.96
N GLU S 328 -47.97 -60.32 -66.85
CA GLU S 328 -47.87 -59.24 -67.83
C GLU S 328 -47.50 -59.78 -69.20
N LEU S 329 -46.60 -60.76 -69.25
CA LEU S 329 -46.25 -61.39 -70.51
C LEU S 329 -47.45 -62.13 -71.12
N ALA S 330 -48.31 -62.69 -70.27
CA ALA S 330 -49.55 -63.30 -70.77
C ALA S 330 -50.50 -62.23 -71.30
N GLU S 331 -50.52 -61.06 -70.65
CA GLU S 331 -51.33 -59.96 -71.14
C GLU S 331 -50.90 -59.53 -72.53
N THR S 332 -49.59 -59.36 -72.73
CA THR S 332 -49.10 -58.97 -74.05
C THR S 332 -49.28 -60.09 -75.07
N GLN S 333 -49.21 -61.34 -74.61
CA GLN S 333 -49.44 -62.47 -75.51
C GLN S 333 -50.86 -62.43 -76.08
N GLY S 334 -51.85 -62.21 -75.22
CA GLY S 334 -53.22 -62.12 -75.69
C GLY S 334 -53.45 -60.93 -76.59
N LYS S 335 -52.78 -59.82 -76.30
CA LYS S 335 -52.93 -58.63 -77.14
C LYS S 335 -52.35 -58.87 -78.53
N LEU S 336 -51.21 -59.53 -78.62
CA LEU S 336 -50.62 -59.81 -79.93
C LEU S 336 -51.37 -60.91 -80.67
N GLU S 337 -51.96 -61.86 -79.94
CA GLU S 337 -52.76 -62.90 -80.58
C GLU S 337 -54.03 -62.33 -81.19
N GLU S 338 -54.73 -61.48 -80.45
CA GLU S 338 -55.92 -60.84 -81.00
C GLU S 338 -55.58 -59.86 -82.11
N LYS S 339 -54.35 -59.32 -82.12
CA LYS S 339 -53.93 -58.46 -83.21
C LYS S 339 -53.70 -59.25 -84.49
N LEU S 340 -53.12 -60.45 -84.37
CA LEU S 340 -52.90 -61.28 -85.54
C LEU S 340 -54.19 -61.86 -86.08
N GLN S 341 -55.10 -62.28 -85.20
CA GLN S 341 -56.40 -62.78 -85.65
C GLN S 341 -57.20 -61.71 -86.38
N GLU S 342 -56.97 -60.44 -86.05
CA GLU S 342 -57.64 -59.37 -86.78
C GLU S 342 -56.98 -59.09 -88.13
N LEU S 343 -55.66 -59.24 -88.20
CA LEU S 343 -54.93 -59.00 -89.45
C LEU S 343 -55.08 -60.13 -90.46
N GLU S 344 -55.78 -61.21 -90.10
CA GLU S 344 -55.97 -62.34 -91.00
C GLU S 344 -57.38 -62.45 -91.55
N ALA S 345 -58.30 -61.58 -91.12
CA ALA S 345 -59.67 -61.63 -91.62
C ALA S 345 -60.31 -60.27 -91.81
N ASN S 346 -59.62 -59.18 -91.46
CA ASN S 346 -60.16 -57.83 -91.62
C ASN S 346 -59.53 -57.07 -92.78
N PRO S 347 -58.20 -56.99 -92.89
CA PRO S 347 -57.61 -56.15 -93.93
C PRO S 347 -57.83 -56.74 -95.31
N PRO S 348 -58.03 -55.91 -96.32
CA PRO S 348 -58.21 -56.41 -97.68
C PRO S 348 -56.92 -56.99 -98.24
N SER S 349 -57.09 -57.85 -99.25
CA SER S 349 -55.95 -58.46 -99.91
C SER S 349 -56.23 -58.85 -101.35
N ASP S 350 -57.46 -58.65 -101.84
CA ASP S 350 -57.79 -58.89 -103.24
C ASP S 350 -58.38 -57.64 -103.85
N VAL S 351 -59.69 -57.44 -103.64
CA VAL S 351 -60.44 -56.28 -104.11
C VAL S 351 -60.21 -56.07 -105.60
N TYR S 352 -59.05 -55.47 -105.95
CA TYR S 352 -58.68 -55.19 -107.33
C TYR S 352 -59.84 -54.53 -108.07
N LEU S 353 -60.35 -55.23 -109.08
CA LEU S 353 -61.58 -54.82 -109.76
C LEU S 353 -62.59 -55.95 -109.80
N SER S 354 -62.35 -57.04 -109.04
CA SER S 354 -63.16 -58.25 -109.08
C SER S 354 -63.26 -58.79 -110.50
N SER S 355 -64.30 -59.58 -110.77
CA SER S 355 -64.58 -59.99 -112.15
C SER S 355 -65.14 -58.81 -112.93
N ARG S 356 -64.90 -58.83 -114.25
CA ARG S 356 -65.45 -57.84 -115.17
C ARG S 356 -65.00 -56.42 -114.78
N ASP S 357 -63.70 -56.19 -114.98
CA ASP S 357 -63.11 -54.90 -114.62
C ASP S 357 -63.62 -53.79 -115.53
N ARG S 358 -63.57 -54.01 -116.85
CA ARG S 358 -64.05 -53.05 -117.84
C ARG S 358 -65.57 -53.00 -117.92
N GLN S 359 -66.29 -53.72 -117.07
CA GLN S 359 -67.75 -53.75 -117.06
C GLN S 359 -68.36 -52.36 -117.26
N ILE S 360 -68.27 -51.50 -116.25
CA ILE S 360 -68.80 -50.15 -116.42
C ILE S 360 -67.78 -49.21 -117.08
N LEU S 361 -66.49 -49.46 -116.87
CA LEU S 361 -65.45 -48.57 -117.39
C LEU S 361 -65.38 -48.59 -118.92
N ASP S 362 -65.55 -49.76 -119.54
CA ASP S 362 -65.44 -49.79 -121.00
C ASP S 362 -66.64 -49.16 -121.67
N TRP S 363 -67.80 -49.16 -121.02
CA TRP S 363 -68.95 -48.44 -121.55
C TRP S 363 -68.65 -46.94 -121.63
N HIS S 364 -68.09 -46.37 -120.57
CA HIS S 364 -67.66 -44.98 -120.61
C HIS S 364 -66.59 -44.77 -121.68
N PHE S 365 -65.72 -45.76 -121.88
CA PHE S 365 -64.77 -45.68 -122.98
C PHE S 365 -65.49 -45.68 -124.32
N ALA S 366 -66.54 -46.50 -124.45
CA ALA S 366 -67.33 -46.51 -125.68
C ALA S 366 -68.04 -45.19 -125.89
N ASN S 367 -68.55 -44.58 -124.81
CA ASN S 367 -69.14 -43.25 -124.92
C ASN S 367 -68.10 -42.23 -125.37
N LEU S 368 -66.88 -42.32 -124.82
CA LEU S 368 -65.80 -41.44 -125.26
C LEU S 368 -65.39 -41.73 -126.70
N GLU S 369 -65.47 -43.00 -127.12
CA GLU S 369 -65.20 -43.32 -128.52
C GLU S 369 -66.33 -42.86 -129.44
N PHE S 370 -67.55 -42.81 -128.93
CA PHE S 370 -68.66 -42.28 -129.72
C PHE S 370 -68.49 -40.78 -129.97
N ALA S 371 -67.98 -40.06 -128.98
CA ALA S 371 -67.74 -38.63 -129.16
C ALA S 371 -66.67 -38.36 -130.20
N ASN S 372 -65.77 -39.31 -130.42
CA ASN S 372 -64.68 -39.15 -131.39
C ASN S 372 -64.79 -40.09 -132.58
N ALA S 373 -65.76 -41.01 -132.57
CA ALA S 373 -66.00 -41.93 -133.69
C ALA S 373 -64.76 -42.73 -134.05
N THR S 374 -63.90 -43.00 -133.08
CA THR S 374 -62.65 -43.71 -133.32
C THR S 374 -62.22 -44.38 -132.03
N PRO S 375 -61.48 -45.49 -132.12
CA PRO S 375 -60.95 -46.10 -130.90
C PRO S 375 -60.00 -45.16 -130.16
N LEU S 376 -59.88 -45.40 -128.86
CA LEU S 376 -59.02 -44.55 -128.03
C LEU S 376 -57.55 -44.71 -128.36
N SER S 377 -57.19 -45.77 -129.10
CA SER S 377 -55.79 -46.02 -129.46
C SER S 377 -55.33 -45.18 -130.64
N THR S 378 -56.17 -44.30 -131.17
CA THR S 378 -55.82 -43.45 -132.31
C THR S 378 -55.83 -41.96 -132.00
N LEU S 379 -56.34 -41.56 -130.84
CA LEU S 379 -56.44 -40.14 -130.52
C LEU S 379 -55.11 -39.61 -129.99
N SER S 380 -54.79 -38.37 -130.35
CA SER S 380 -53.62 -37.70 -129.82
C SER S 380 -53.90 -37.25 -128.38
N LEU S 381 -53.06 -37.69 -127.45
CA LEU S 381 -53.31 -37.40 -126.03
C LEU S 381 -53.28 -35.91 -125.74
N LYS S 382 -52.50 -35.13 -126.50
CA LYS S 382 -52.35 -33.72 -126.18
C LYS S 382 -53.48 -32.88 -126.77
N HIS S 383 -53.96 -33.22 -127.97
CA HIS S 383 -54.87 -32.34 -128.70
C HIS S 383 -56.21 -32.99 -129.04
N TRP S 384 -56.54 -34.14 -128.46
CA TRP S 384 -57.84 -34.74 -128.77
C TRP S 384 -58.99 -33.91 -128.21
N ASP S 385 -58.77 -33.19 -127.12
CA ASP S 385 -59.76 -32.32 -126.50
C ASP S 385 -59.32 -30.86 -126.57
N GLN S 386 -58.73 -30.46 -127.69
CA GLN S 386 -58.21 -29.10 -127.83
C GLN S 386 -59.31 -28.04 -127.90
N ASP S 387 -60.55 -28.44 -128.19
CA ASP S 387 -61.65 -27.50 -128.35
C ASP S 387 -62.58 -27.46 -127.13
N ASP S 388 -62.18 -28.07 -126.01
CA ASP S 388 -63.02 -28.03 -124.82
C ASP S 388 -63.15 -26.62 -124.25
N ASP S 389 -62.26 -25.71 -124.62
CA ASP S 389 -62.35 -24.32 -124.21
C ASP S 389 -63.34 -23.53 -125.04
N PHE S 390 -64.16 -24.20 -125.85
CA PHE S 390 -65.12 -23.55 -126.73
C PHE S 390 -66.51 -24.14 -126.60
N GLU S 391 -66.79 -24.84 -125.49
CA GLU S 391 -68.09 -25.47 -125.31
C GLU S 391 -69.20 -24.43 -125.21
N PHE S 392 -70.37 -24.79 -125.75
CA PHE S 392 -71.55 -23.94 -125.68
C PHE S 392 -72.31 -24.20 -124.39
N THR S 393 -73.18 -23.26 -124.04
CA THR S 393 -73.97 -23.35 -122.83
C THR S 393 -75.41 -23.75 -123.16
N GLY S 394 -76.13 -24.14 -122.12
CA GLY S 394 -77.51 -24.60 -122.26
C GLY S 394 -77.60 -26.11 -122.34
N SER S 395 -78.84 -26.58 -122.38
CA SER S 395 -79.12 -28.01 -122.46
C SER S 395 -79.02 -28.48 -123.91
N HIS S 396 -78.66 -29.76 -124.07
CA HIS S 396 -78.60 -30.34 -125.40
C HIS S 396 -80.00 -30.54 -125.96
N LEU S 397 -80.13 -30.33 -127.26
CA LEU S 397 -81.42 -30.36 -127.93
C LEU S 397 -81.39 -31.30 -129.12
N THR S 398 -82.55 -31.86 -129.45
CA THR S 398 -82.71 -32.72 -130.62
C THR S 398 -83.74 -32.11 -131.56
N VAL S 399 -83.59 -32.39 -132.85
CA VAL S 399 -84.50 -31.89 -133.87
C VAL S 399 -85.62 -32.90 -134.03
N ARG S 400 -86.78 -32.59 -133.45
CA ARG S 400 -87.88 -33.57 -133.43
C ARG S 400 -88.44 -33.80 -134.83
N ASN S 401 -88.56 -32.75 -135.63
CA ASN S 401 -89.10 -32.86 -136.99
C ASN S 401 -88.04 -33.21 -138.02
N GLY S 402 -86.97 -33.89 -137.62
CA GLY S 402 -85.91 -34.25 -138.54
C GLY S 402 -85.00 -33.09 -138.86
N TYR S 403 -83.69 -33.29 -138.70
CA TYR S 403 -82.76 -32.19 -138.90
C TYR S 403 -82.59 -31.82 -140.37
N SER S 404 -82.97 -32.71 -141.29
CA SER S 404 -82.84 -32.42 -142.71
C SER S 404 -83.64 -31.19 -143.13
N CYS S 405 -84.52 -30.66 -142.27
CA CYS S 405 -85.29 -29.48 -142.62
C CYS S 405 -84.39 -28.27 -142.83
N VAL S 406 -83.24 -28.23 -142.18
CA VAL S 406 -82.34 -27.08 -142.29
C VAL S 406 -81.67 -27.06 -143.66
N PRO S 407 -80.98 -28.12 -144.10
CA PRO S 407 -80.37 -28.07 -145.45
C PRO S 407 -81.40 -28.00 -146.56
N VAL S 408 -82.55 -28.65 -146.39
CA VAL S 408 -83.61 -28.55 -147.40
C VAL S 408 -84.10 -27.11 -147.52
N ALA S 409 -84.22 -26.42 -146.39
CA ALA S 409 -84.62 -25.01 -146.43
C ALA S 409 -83.49 -24.13 -146.96
N LEU S 410 -82.23 -24.48 -146.64
CA LEU S 410 -81.11 -23.70 -147.14
C LEU S 410 -80.96 -23.81 -148.65
N ALA S 411 -81.45 -24.90 -149.24
CA ALA S 411 -81.36 -25.10 -150.68
C ALA S 411 -82.34 -24.21 -151.45
N GLU S 412 -83.20 -23.47 -150.76
CA GLU S 412 -84.16 -22.61 -151.44
C GLU S 412 -83.44 -21.49 -152.18
N GLY S 413 -83.70 -21.36 -153.47
CA GLY S 413 -83.14 -20.31 -154.27
C GLY S 413 -81.74 -20.54 -154.80
N LEU S 414 -81.15 -21.70 -154.51
CA LEU S 414 -79.80 -22.01 -154.98
C LEU S 414 -79.86 -22.86 -156.24
N ASP S 415 -78.85 -22.70 -157.08
CA ASP S 415 -78.71 -23.50 -158.31
C ASP S 415 -77.85 -24.71 -157.97
N ILE S 416 -78.51 -25.82 -157.62
CA ILE S 416 -77.84 -27.04 -157.19
C ILE S 416 -78.02 -28.10 -158.26
N LYS S 417 -76.90 -28.68 -158.70
CA LYS S 417 -76.91 -29.77 -159.68
C LYS S 417 -76.80 -31.09 -158.92
N LEU S 418 -77.96 -31.63 -158.55
CA LEU S 418 -77.98 -32.91 -157.85
C LEU S 418 -77.54 -34.03 -158.79
N ASN S 419 -77.07 -35.12 -158.19
CA ASN S 419 -76.61 -36.31 -158.93
C ASN S 419 -75.48 -35.95 -159.89
N THR S 420 -74.46 -35.30 -159.36
CA THR S 420 -73.34 -34.81 -160.16
C THR S 420 -72.05 -35.08 -159.37
N ALA S 421 -71.35 -36.15 -159.76
CA ALA S 421 -70.13 -36.56 -159.06
C ALA S 421 -68.91 -35.96 -159.74
N VAL S 422 -68.17 -35.14 -159.00
CA VAL S 422 -66.97 -34.50 -159.54
C VAL S 422 -65.86 -35.52 -159.71
N ARG S 423 -65.20 -35.50 -160.85
CA ARG S 423 -64.10 -36.41 -161.14
C ARG S 423 -62.73 -35.74 -161.06
N GLN S 424 -62.57 -34.58 -161.70
CA GLN S 424 -61.28 -33.89 -161.73
C GLN S 424 -61.50 -32.41 -161.48
N VAL S 425 -60.50 -31.78 -160.87
CA VAL S 425 -60.52 -30.36 -160.54
C VAL S 425 -59.24 -29.74 -161.08
N ARG S 426 -59.37 -28.90 -162.10
CA ARG S 426 -58.25 -28.22 -162.71
C ARG S 426 -58.29 -26.74 -162.34
N TYR S 427 -57.16 -26.22 -161.85
CA TYR S 427 -57.06 -24.82 -161.46
C TYR S 427 -55.76 -24.24 -162.01
N THR S 428 -55.88 -23.13 -162.73
CA THR S 428 -54.72 -22.44 -163.29
C THR S 428 -54.75 -20.96 -162.91
N ALA S 429 -53.83 -20.18 -163.47
CA ALA S 429 -53.76 -18.76 -163.16
C ALA S 429 -54.82 -17.94 -163.87
N SER S 430 -55.51 -18.50 -164.87
CA SER S 430 -56.49 -17.77 -165.64
C SER S 430 -57.91 -18.30 -165.47
N GLY S 431 -58.12 -19.25 -164.58
CA GLY S 431 -59.45 -19.80 -164.37
C GLY S 431 -59.36 -21.23 -163.87
N CYS S 432 -60.53 -21.82 -163.69
CA CYS S 432 -60.64 -23.19 -163.18
C CYS S 432 -61.61 -23.98 -164.04
N GLU S 433 -61.45 -25.30 -164.00
CA GLU S 433 -62.33 -26.21 -164.72
C GLU S 433 -62.59 -27.43 -163.84
N VAL S 434 -63.87 -27.80 -163.72
CA VAL S 434 -64.30 -28.93 -162.90
C VAL S 434 -64.94 -29.97 -163.82
N ILE S 435 -64.47 -31.20 -163.72
CA ILE S 435 -65.00 -32.31 -164.52
C ILE S 435 -65.88 -33.17 -163.63
N ALA S 436 -67.12 -33.39 -164.07
CA ALA S 436 -68.10 -34.15 -163.30
C ALA S 436 -68.95 -34.96 -164.27
N VAL S 437 -69.59 -36.00 -163.75
CA VAL S 437 -70.44 -36.85 -164.56
C VAL S 437 -71.87 -36.73 -164.07
N ASN S 438 -72.80 -37.18 -164.91
CA ASN S 438 -74.22 -37.17 -164.61
C ASN S 438 -74.71 -38.60 -164.45
N THR S 439 -75.28 -38.90 -163.27
CA THR S 439 -75.82 -40.24 -163.07
C THR S 439 -77.05 -40.48 -163.93
N ALA S 440 -77.85 -39.45 -164.16
CA ALA S 440 -79.05 -39.58 -164.98
C ALA S 440 -78.67 -39.72 -166.45
N SER S 441 -79.26 -40.71 -167.12
CA SER S 441 -78.98 -40.97 -168.53
C SER S 441 -79.60 -39.86 -169.37
N THR S 442 -78.83 -38.78 -169.53
CA THR S 442 -79.28 -37.64 -170.33
C THR S 442 -78.13 -37.08 -171.16
N SER S 443 -76.92 -37.06 -170.61
CA SER S 443 -75.76 -36.53 -171.30
C SER S 443 -74.57 -37.45 -171.00
N GLN S 444 -73.37 -36.96 -171.29
CA GLN S 444 -72.15 -37.74 -171.13
C GLN S 444 -71.24 -37.15 -170.05
N THR S 445 -70.46 -36.13 -170.42
CA THR S 445 -69.52 -35.49 -169.52
C THR S 445 -69.70 -33.98 -169.61
N PHE S 446 -69.52 -33.30 -168.48
CA PHE S 446 -69.73 -31.87 -168.41
C PHE S 446 -68.44 -31.15 -168.03
N ILE S 447 -68.41 -29.85 -168.34
CA ILE S 447 -67.28 -28.98 -168.05
C ILE S 447 -67.84 -27.65 -167.56
N TYR S 448 -67.50 -27.28 -166.33
CA TYR S 448 -67.90 -26.00 -165.75
C TYR S 448 -66.67 -25.14 -165.58
N LYS S 449 -66.68 -23.97 -166.24
CA LYS S 449 -65.59 -23.00 -166.17
C LYS S 449 -66.01 -21.85 -165.26
N CYS S 450 -65.24 -21.63 -164.19
CA CYS S 450 -65.56 -20.62 -163.20
C CYS S 450 -64.28 -19.90 -162.81
N ASP S 451 -64.42 -18.91 -161.92
CA ASP S 451 -63.27 -18.15 -161.43
C ASP S 451 -62.64 -18.77 -160.20
N ALA S 452 -63.42 -19.44 -159.36
CA ALA S 452 -62.90 -20.04 -158.14
C ALA S 452 -63.72 -21.27 -157.79
N VAL S 453 -63.06 -22.24 -157.16
CA VAL S 453 -63.70 -23.49 -156.75
C VAL S 453 -63.57 -23.62 -155.25
N LEU S 454 -64.68 -23.88 -154.57
CA LEU S 454 -64.71 -24.13 -153.14
C LEU S 454 -64.94 -25.62 -152.92
N CYS S 455 -63.97 -26.28 -152.31
CA CYS S 455 -64.02 -27.73 -152.09
C CYS S 455 -64.53 -28.01 -150.68
N THR S 456 -65.71 -28.61 -150.59
CA THR S 456 -66.28 -29.05 -149.32
C THR S 456 -66.27 -30.56 -149.20
N LEU S 457 -65.39 -31.23 -149.94
CA LEU S 457 -65.33 -32.69 -149.88
C LEU S 457 -64.92 -33.15 -148.48
N PRO S 458 -65.51 -34.23 -147.97
CA PRO S 458 -65.14 -34.71 -146.64
C PRO S 458 -63.69 -35.16 -146.60
N LEU S 459 -63.15 -35.21 -145.38
CA LEU S 459 -61.78 -35.66 -145.20
C LEU S 459 -61.61 -37.11 -145.63
N GLY S 460 -62.67 -37.92 -145.50
CA GLY S 460 -62.58 -39.31 -145.92
C GLY S 460 -62.45 -39.45 -147.42
N VAL S 461 -63.17 -38.62 -148.18
CA VAL S 461 -63.05 -38.65 -149.64
C VAL S 461 -61.66 -38.21 -150.06
N LEU S 462 -61.09 -37.23 -149.35
CA LEU S 462 -59.74 -36.77 -149.65
C LEU S 462 -58.69 -37.83 -149.31
N LYS S 463 -58.97 -38.66 -148.29
CA LYS S 463 -58.05 -39.72 -147.90
C LYS S 463 -58.15 -40.95 -148.79
N GLN S 464 -59.14 -41.01 -149.69
CA GLN S 464 -59.37 -42.20 -150.49
C GLN S 464 -58.20 -42.47 -151.42
N GLN S 465 -57.66 -43.69 -151.35
CA GLN S 465 -56.59 -44.13 -152.24
C GLN S 465 -57.05 -45.42 -152.94
N PRO S 466 -57.15 -45.43 -154.28
CA PRO S 466 -56.85 -44.33 -155.20
C PRO S 466 -57.84 -43.17 -155.10
N PRO S 467 -57.39 -41.96 -155.42
CA PRO S 467 -58.26 -40.79 -155.24
C PRO S 467 -59.49 -40.85 -156.12
N ALA S 468 -60.61 -40.39 -155.56
CA ALA S 468 -61.85 -40.26 -156.32
C ALA S 468 -61.98 -38.91 -157.01
N VAL S 469 -61.25 -37.90 -156.53
CA VAL S 469 -61.21 -36.58 -157.15
C VAL S 469 -59.74 -36.22 -157.35
N GLN S 470 -59.35 -36.00 -158.60
CA GLN S 470 -57.97 -35.73 -158.95
C GLN S 470 -57.77 -34.23 -159.17
N PHE S 471 -56.66 -33.70 -158.65
CA PHE S 471 -56.32 -32.29 -158.76
C PHE S 471 -55.16 -32.11 -159.71
N VAL S 472 -55.33 -31.21 -160.69
CA VAL S 472 -54.28 -30.88 -161.65
C VAL S 472 -54.10 -29.37 -161.67
N PRO S 473 -52.95 -28.83 -161.20
CA PRO S 473 -51.81 -29.59 -160.66
C PRO S 473 -52.09 -30.21 -159.29
N PRO S 474 -51.36 -31.26 -158.93
CA PRO S 474 -51.60 -31.92 -157.64
C PRO S 474 -51.40 -30.96 -156.47
N LEU S 475 -52.04 -31.31 -155.36
CA LEU S 475 -51.96 -30.49 -154.17
C LEU S 475 -50.53 -30.50 -153.61
N PRO S 476 -50.13 -29.41 -152.96
CA PRO S 476 -48.78 -29.36 -152.38
C PRO S 476 -48.60 -30.38 -151.26
N GLU S 477 -47.33 -30.57 -150.87
CA GLU S 477 -47.01 -31.61 -149.89
C GLU S 477 -47.57 -31.28 -148.51
N TRP S 478 -47.63 -30.00 -148.14
CA TRP S 478 -48.16 -29.65 -146.83
C TRP S 478 -49.66 -29.91 -146.74
N LYS S 479 -50.39 -29.72 -147.84
CA LYS S 479 -51.81 -30.02 -147.84
C LYS S 479 -52.05 -31.53 -147.75
N THR S 480 -51.32 -32.31 -148.56
CA THR S 480 -51.49 -33.76 -148.52
C THR S 480 -51.01 -34.35 -147.20
N SER S 481 -49.94 -33.80 -146.63
CA SER S 481 -49.46 -34.29 -145.35
C SER S 481 -50.46 -33.97 -144.24
N ALA S 482 -51.12 -32.81 -144.33
CA ALA S 482 -52.16 -32.49 -143.36
C ALA S 482 -53.35 -33.44 -143.49
N VAL S 483 -53.67 -33.86 -144.71
CA VAL S 483 -54.73 -34.83 -144.92
C VAL S 483 -54.35 -36.18 -144.32
N GLN S 484 -53.09 -36.60 -144.52
CA GLN S 484 -52.67 -37.91 -144.06
C GLN S 484 -52.51 -37.95 -142.54
N ARG S 485 -52.00 -36.87 -141.94
CA ARG S 485 -51.80 -36.86 -140.50
C ARG S 485 -53.13 -36.81 -139.75
N MET S 486 -54.08 -36.01 -140.25
CA MET S 486 -55.39 -35.95 -139.62
C MET S 486 -56.10 -37.29 -139.71
N GLY S 487 -57.11 -37.45 -138.85
CA GLY S 487 -57.89 -38.66 -138.84
C GLY S 487 -59.34 -38.44 -139.19
N PHE S 488 -60.01 -39.47 -139.70
CA PHE S 488 -61.42 -39.40 -140.07
C PHE S 488 -62.08 -40.66 -139.54
N GLY S 489 -62.88 -40.52 -138.48
CA GLY S 489 -63.41 -41.66 -137.75
C GLY S 489 -64.64 -42.26 -138.39
N ASN S 490 -65.37 -43.04 -137.60
CA ASN S 490 -66.54 -43.75 -138.09
C ASN S 490 -67.45 -44.11 -136.93
N LEU S 491 -68.76 -44.04 -137.19
CA LEU S 491 -69.77 -44.57 -136.30
C LEU S 491 -71.06 -44.73 -137.09
N ASN S 492 -71.89 -45.68 -136.67
CA ASN S 492 -73.11 -46.00 -137.39
C ASN S 492 -74.31 -45.95 -136.45
N LYS S 493 -75.49 -45.89 -137.05
CA LYS S 493 -76.75 -45.83 -136.30
C LYS S 493 -77.70 -46.88 -136.85
N VAL S 494 -78.50 -47.47 -135.95
CA VAL S 494 -79.46 -48.51 -136.30
C VAL S 494 -80.83 -48.03 -135.82
N VAL S 495 -81.70 -47.73 -136.78
CA VAL S 495 -83.04 -47.23 -136.47
C VAL S 495 -84.00 -48.40 -136.33
N LEU S 496 -84.72 -48.45 -135.21
CA LEU S 496 -85.71 -49.50 -134.94
C LEU S 496 -87.07 -48.83 -134.76
N CYS S 497 -87.97 -49.05 -135.71
CA CYS S 497 -89.30 -48.47 -135.67
C CYS S 497 -90.29 -49.55 -135.22
N PHE S 498 -90.96 -49.31 -134.10
CA PHE S 498 -91.96 -50.21 -133.55
C PHE S 498 -93.35 -49.59 -133.63
N ASP S 499 -94.36 -50.40 -133.33
CA ASP S 499 -95.75 -49.98 -133.37
C ASP S 499 -96.33 -49.69 -132.00
N ARG S 500 -95.55 -49.88 -130.93
CA ARG S 500 -96.03 -49.67 -129.58
C ARG S 500 -94.86 -49.32 -128.68
N VAL S 501 -95.15 -48.61 -127.60
CA VAL S 501 -94.14 -48.18 -126.63
C VAL S 501 -93.96 -49.29 -125.60
N PHE S 502 -92.74 -49.82 -125.50
CA PHE S 502 -92.43 -50.90 -124.59
C PHE S 502 -91.31 -50.58 -123.62
N TRP S 503 -90.74 -49.38 -123.68
CA TRP S 503 -89.66 -48.95 -122.80
C TRP S 503 -90.18 -47.88 -121.85
N ASP S 504 -89.25 -47.22 -121.15
CA ASP S 504 -89.60 -46.15 -120.22
C ASP S 504 -89.72 -44.83 -120.98
N PRO S 505 -90.91 -44.21 -121.02
CA PRO S 505 -91.04 -42.95 -121.75
C PRO S 505 -90.27 -41.81 -121.12
N SER S 506 -90.11 -41.80 -119.79
CA SER S 506 -89.43 -40.71 -119.11
C SER S 506 -87.91 -40.77 -119.23
N VAL S 507 -87.37 -41.87 -119.74
CA VAL S 507 -85.92 -42.02 -119.92
C VAL S 507 -85.61 -41.78 -121.39
N ASN S 508 -84.71 -40.82 -121.66
CA ASN S 508 -84.41 -40.46 -123.04
C ASN S 508 -83.34 -41.35 -123.67
N LEU S 509 -82.59 -42.11 -122.87
CA LEU S 509 -81.58 -43.01 -123.44
C LEU S 509 -81.09 -43.94 -122.34
N PHE S 510 -80.77 -45.17 -122.74
CA PHE S 510 -80.24 -46.18 -121.84
C PHE S 510 -79.11 -46.92 -122.53
N GLY S 511 -78.17 -47.43 -121.74
CA GLY S 511 -76.96 -48.03 -122.26
C GLY S 511 -76.92 -49.54 -122.04
N HIS S 512 -76.26 -50.23 -122.97
CA HIS S 512 -76.03 -51.67 -122.88
C HIS S 512 -74.53 -51.92 -122.74
N VAL S 513 -74.16 -52.70 -121.74
CA VAL S 513 -72.76 -52.98 -121.46
C VAL S 513 -72.29 -54.17 -122.30
N GLY S 514 -71.19 -53.97 -123.02
CA GLY S 514 -70.63 -55.05 -123.79
C GLY S 514 -70.00 -56.12 -122.92
N SER S 515 -69.82 -57.30 -123.50
CA SER S 515 -69.27 -58.43 -122.75
C SER S 515 -67.75 -58.40 -122.70
N THR S 516 -67.11 -58.09 -123.81
CA THR S 516 -65.65 -58.11 -123.92
C THR S 516 -65.13 -56.73 -124.30
N THR S 517 -63.80 -56.61 -124.30
CA THR S 517 -63.17 -55.35 -124.63
C THR S 517 -63.24 -55.05 -126.12
N ALA S 518 -63.34 -56.08 -126.97
CA ALA S 518 -63.36 -55.85 -128.41
C ALA S 518 -64.67 -55.21 -128.86
N SER S 519 -65.78 -55.58 -128.23
CA SER S 519 -67.11 -55.16 -128.65
C SER S 519 -67.72 -54.15 -127.67
N ARG S 520 -66.93 -53.18 -127.23
CA ARG S 520 -67.44 -52.19 -126.28
C ARG S 520 -68.40 -51.21 -126.95
N GLY S 521 -68.22 -50.96 -128.25
CA GLY S 521 -69.10 -50.07 -128.99
C GLY S 521 -70.22 -50.74 -129.74
N GLU S 522 -70.38 -52.06 -129.60
CA GLU S 522 -71.42 -52.80 -130.30
C GLU S 522 -72.74 -52.63 -129.55
N LEU S 523 -73.58 -51.72 -130.05
CA LEU S 523 -74.92 -51.49 -129.50
C LEU S 523 -74.85 -51.11 -128.02
N PHE S 524 -73.99 -50.14 -127.72
CA PHE S 524 -73.75 -49.76 -126.33
C PHE S 524 -74.72 -48.71 -125.82
N LEU S 525 -75.41 -47.99 -126.70
CA LEU S 525 -76.33 -46.93 -126.27
C LEU S 525 -77.52 -46.87 -127.22
N PHE S 526 -78.72 -46.91 -126.64
CA PHE S 526 -79.96 -46.82 -127.40
C PHE S 526 -80.64 -45.48 -127.13
N TRP S 527 -81.21 -44.89 -128.18
CA TRP S 527 -81.94 -43.65 -128.09
C TRP S 527 -83.43 -43.91 -128.31
N ASN S 528 -84.27 -43.15 -127.61
CA ASN S 528 -85.72 -43.30 -127.77
C ASN S 528 -86.49 -41.99 -127.80
N LEU S 529 -85.90 -40.86 -127.40
CA LEU S 529 -86.61 -39.58 -127.34
C LEU S 529 -87.22 -39.20 -128.68
N TYR S 530 -88.52 -39.42 -128.81
CA TYR S 530 -89.28 -39.05 -130.00
C TYR S 530 -90.76 -39.24 -129.70
N LYS S 531 -91.61 -38.58 -130.49
CA LYS S 531 -93.05 -38.68 -130.29
C LYS S 531 -93.54 -40.09 -130.59
N ALA S 532 -93.14 -40.64 -131.72
CA ALA S 532 -93.50 -42.01 -132.10
C ALA S 532 -92.52 -43.00 -131.47
N PRO S 533 -92.96 -44.23 -131.21
CA PRO S 533 -92.05 -45.22 -130.60
C PRO S 533 -90.95 -45.65 -131.56
N ILE S 534 -89.83 -44.93 -131.53
CA ILE S 534 -88.69 -45.21 -132.40
C ILE S 534 -87.45 -45.34 -131.53
N LEU S 535 -86.64 -46.36 -131.80
CA LEU S 535 -85.39 -46.58 -131.11
C LEU S 535 -84.21 -46.39 -132.05
N LEU S 536 -83.13 -45.82 -131.54
CA LEU S 536 -81.92 -45.56 -132.32
C LEU S 536 -80.74 -46.18 -131.59
N ALA S 537 -80.09 -47.14 -132.23
CA ALA S 537 -78.94 -47.84 -131.66
C ALA S 537 -77.65 -47.24 -132.21
N LEU S 538 -76.63 -47.14 -131.37
CA LEU S 538 -75.34 -46.57 -131.74
C LEU S 538 -74.29 -47.67 -131.88
N VAL S 539 -73.41 -47.50 -132.86
CA VAL S 539 -72.28 -48.37 -133.07
C VAL S 539 -71.04 -47.50 -133.23
N ALA S 540 -70.10 -47.63 -132.30
CA ALA S 540 -68.87 -46.83 -132.33
C ALA S 540 -67.70 -47.73 -131.95
N GLY S 541 -66.52 -47.13 -131.88
CA GLY S 541 -65.34 -47.89 -131.50
C GLY S 541 -64.92 -48.86 -132.60
N GLU S 542 -64.30 -49.96 -132.19
CA GLU S 542 -63.85 -50.97 -133.13
C GLU S 542 -65.01 -51.60 -133.88
N ALA S 543 -66.19 -51.66 -133.26
CA ALA S 543 -67.34 -52.29 -133.90
C ALA S 543 -67.83 -51.51 -135.11
N ALA S 544 -67.57 -50.20 -135.16
CA ALA S 544 -68.09 -49.38 -136.25
C ALA S 544 -67.71 -49.93 -137.62
N GLY S 545 -66.44 -50.31 -137.78
CA GLY S 545 -65.99 -50.89 -139.04
C GLY S 545 -66.43 -52.33 -139.21
N ILE S 546 -66.40 -53.11 -138.13
CA ILE S 546 -66.71 -54.53 -138.22
C ILE S 546 -68.20 -54.74 -138.49
N MET S 547 -69.06 -53.95 -137.85
CA MET S 547 -70.50 -54.13 -138.01
C MET S 547 -70.97 -53.85 -139.43
N GLU S 548 -70.18 -53.12 -140.23
CA GLU S 548 -70.56 -52.90 -141.63
C GLU S 548 -70.41 -54.19 -142.45
N ALA S 549 -69.51 -55.08 -142.03
CA ALA S 549 -69.33 -56.37 -142.70
C ALA S 549 -70.33 -57.42 -142.24
N ILE S 550 -71.42 -57.01 -141.62
CA ILE S 550 -72.45 -57.91 -141.13
C ILE S 550 -73.78 -57.48 -141.73
N SER S 551 -74.62 -58.46 -142.08
CA SER S 551 -75.90 -58.16 -142.70
C SER S 551 -76.79 -57.35 -141.75
N ASP S 552 -77.79 -56.70 -142.34
CA ASP S 552 -78.69 -55.86 -141.54
C ASP S 552 -79.52 -56.69 -140.58
N ALA S 553 -79.95 -57.88 -141.00
CA ALA S 553 -80.86 -58.68 -140.18
C ALA S 553 -80.16 -59.20 -138.93
N VAL S 554 -78.86 -59.48 -139.01
CA VAL S 554 -78.13 -59.90 -137.81
C VAL S 554 -78.03 -58.74 -136.83
N ILE S 555 -77.81 -57.52 -137.34
CA ILE S 555 -77.75 -56.35 -136.46
C ILE S 555 -79.08 -56.12 -135.78
N VAL S 556 -80.19 -56.27 -136.53
CA VAL S 556 -81.51 -56.13 -135.94
C VAL S 556 -81.74 -57.22 -134.90
N GLY S 557 -81.26 -58.43 -135.16
CA GLY S 557 -81.43 -59.52 -134.20
C GLY S 557 -80.69 -59.27 -132.90
N ARG S 558 -79.49 -58.70 -132.99
CA ARG S 558 -78.72 -58.40 -131.78
C ARG S 558 -79.36 -57.26 -131.00
N CYS S 559 -79.94 -56.28 -131.71
CA CYS S 559 -80.66 -55.21 -131.05
C CYS S 559 -81.86 -55.75 -130.27
N LEU S 560 -82.65 -56.62 -130.91
CA LEU S 560 -83.80 -57.21 -130.24
C LEU S 560 -83.37 -58.10 -129.08
N ALA S 561 -82.25 -58.81 -129.24
CA ALA S 561 -81.76 -59.67 -128.16
C ALA S 561 -81.40 -58.86 -126.92
N ILE S 562 -80.78 -57.69 -127.11
CA ILE S 562 -80.49 -56.81 -125.99
C ILE S 562 -81.78 -56.29 -125.37
N LEU S 563 -82.75 -55.92 -126.20
CA LEU S 563 -84.00 -55.38 -125.68
C LEU S 563 -84.81 -56.46 -124.96
N LYS S 564 -84.81 -57.69 -125.48
CA LYS S 564 -85.51 -58.77 -124.80
C LYS S 564 -84.84 -59.13 -123.49
N GLY S 565 -83.51 -59.00 -123.40
CA GLY S 565 -82.84 -59.25 -122.14
C GLY S 565 -83.10 -58.20 -121.09
N ILE S 566 -83.38 -56.97 -121.51
CA ILE S 566 -83.59 -55.85 -120.60
C ILE S 566 -85.06 -55.78 -120.16
N PHE S 567 -85.95 -55.60 -121.13
CA PHE S 567 -87.36 -55.37 -120.84
C PHE S 567 -88.21 -56.63 -120.87
N GLY S 568 -87.67 -57.76 -121.30
CA GLY S 568 -88.44 -58.98 -121.38
C GLY S 568 -88.59 -59.48 -122.80
N SER S 569 -88.66 -60.81 -122.96
CA SER S 569 -88.74 -61.38 -124.30
C SER S 569 -90.06 -61.04 -124.98
N SER S 570 -91.18 -61.19 -124.26
CA SER S 570 -92.49 -60.93 -124.85
C SER S 570 -92.82 -59.45 -124.97
N ALA S 571 -92.09 -58.58 -124.25
CA ALA S 571 -92.40 -57.16 -124.28
C ALA S 571 -91.92 -56.47 -125.54
N VAL S 572 -90.95 -57.04 -126.24
CA VAL S 572 -90.35 -56.42 -127.42
C VAL S 572 -90.93 -57.10 -128.66
N PRO S 573 -91.77 -56.42 -129.44
CA PRO S 573 -92.30 -57.00 -130.68
C PRO S 573 -91.28 -56.90 -131.80
N GLN S 574 -91.69 -57.39 -132.98
CA GLN S 574 -90.84 -57.26 -134.15
C GLN S 574 -90.98 -55.87 -134.76
N PRO S 575 -89.87 -55.25 -135.17
CA PRO S 575 -89.95 -53.90 -135.73
C PRO S 575 -90.61 -53.91 -137.10
N LYS S 576 -91.25 -52.78 -137.42
CA LYS S 576 -91.92 -52.64 -138.71
C LYS S 576 -91.00 -52.11 -139.79
N GLU S 577 -90.03 -51.26 -139.44
CA GLU S 577 -89.06 -50.73 -140.40
C GLU S 577 -87.69 -50.67 -139.74
N THR S 578 -86.67 -51.08 -140.47
CA THR S 578 -85.30 -51.10 -139.98
C THR S 578 -84.39 -50.43 -141.00
N VAL S 579 -83.52 -49.55 -140.51
CA VAL S 579 -82.55 -48.85 -141.35
C VAL S 579 -81.19 -48.90 -140.66
N VAL S 580 -80.16 -49.30 -141.40
CA VAL S 580 -78.80 -49.42 -140.90
C VAL S 580 -77.89 -48.55 -141.74
N SER S 581 -77.09 -47.72 -141.09
CA SER S 581 -76.17 -46.83 -141.77
C SER S 581 -74.81 -47.48 -141.94
N ARG S 582 -74.11 -47.10 -143.02
CA ARG S 582 -72.76 -47.58 -143.34
C ARG S 582 -71.99 -46.39 -143.91
N TRP S 583 -71.45 -45.57 -143.02
CA TRP S 583 -70.78 -44.35 -143.46
C TRP S 583 -69.43 -44.65 -144.09
N ARG S 584 -68.70 -45.63 -143.56
CA ARG S 584 -67.43 -46.01 -144.15
C ARG S 584 -67.63 -46.61 -145.54
N ALA S 585 -68.64 -47.45 -145.71
CA ALA S 585 -68.94 -48.02 -147.02
C ALA S 585 -69.60 -47.02 -147.95
N ASP S 586 -70.10 -45.92 -147.41
CA ASP S 586 -70.70 -44.87 -148.22
C ASP S 586 -69.61 -44.18 -149.04
N PRO S 587 -69.61 -44.30 -150.37
CA PRO S 587 -68.50 -43.74 -151.16
C PRO S 587 -68.45 -42.22 -151.15
N TRP S 588 -69.46 -41.54 -150.60
CA TRP S 588 -69.47 -40.09 -150.56
C TRP S 588 -69.18 -39.56 -149.16
N ALA S 589 -68.73 -40.41 -148.25
CA ALA S 589 -68.35 -39.99 -146.91
C ALA S 589 -67.04 -40.64 -146.48
N ARG S 590 -66.91 -41.94 -146.76
CA ARG S 590 -65.72 -42.72 -146.41
C ARG S 590 -65.40 -42.60 -144.92
N GLY S 591 -66.44 -42.67 -144.09
CA GLY S 591 -66.34 -42.54 -142.66
C GLY S 591 -67.41 -41.61 -142.14
N SER S 592 -67.27 -41.22 -140.88
CA SER S 592 -68.28 -40.37 -140.26
C SER S 592 -67.84 -38.90 -140.24
N TYR S 593 -66.83 -38.57 -139.45
CA TYR S 593 -66.49 -37.18 -139.17
C TYR S 593 -65.09 -37.10 -138.60
N SER S 594 -64.52 -35.90 -138.68
CA SER S 594 -63.11 -35.71 -138.37
C SER S 594 -62.82 -35.97 -136.89
N TYR S 595 -61.54 -36.15 -136.59
CA TYR S 595 -61.10 -36.48 -135.25
C TYR S 595 -59.59 -36.25 -135.17
N VAL S 596 -59.13 -35.77 -134.02
CA VAL S 596 -57.73 -35.45 -133.82
C VAL S 596 -56.92 -36.73 -133.72
N ALA S 597 -56.29 -37.14 -134.82
CA ALA S 597 -55.51 -38.36 -134.85
C ALA S 597 -54.18 -38.17 -134.12
N ALA S 598 -53.59 -39.29 -133.72
CA ALA S 598 -52.28 -39.27 -133.09
C ALA S 598 -51.23 -38.76 -134.07
N GLY S 599 -50.63 -37.62 -133.76
CA GLY S 599 -49.66 -36.99 -134.63
C GLY S 599 -50.17 -35.72 -135.28
N SER S 600 -51.43 -35.34 -135.05
CA SER S 600 -52.02 -34.13 -135.61
C SER S 600 -52.30 -33.14 -134.49
N SER S 601 -52.86 -31.99 -134.87
CA SER S 601 -53.19 -30.94 -133.92
C SER S 601 -54.17 -29.98 -134.60
N GLY S 602 -54.53 -28.91 -133.90
CA GLY S 602 -55.40 -27.91 -134.47
C GLY S 602 -54.80 -27.18 -135.66
N ASN S 603 -53.47 -27.17 -135.75
CA ASN S 603 -52.82 -26.52 -136.89
C ASN S 603 -53.17 -27.20 -138.21
N ASP S 604 -53.46 -28.50 -138.17
CA ASP S 604 -53.83 -29.20 -139.39
C ASP S 604 -55.18 -28.75 -139.92
N TYR S 605 -56.13 -28.43 -139.04
CA TYR S 605 -57.39 -27.86 -139.48
C TYR S 605 -57.19 -26.53 -140.19
N ASP S 606 -56.28 -25.70 -139.67
CA ASP S 606 -55.97 -24.44 -140.33
C ASP S 606 -55.32 -24.68 -141.69
N LEU S 607 -54.42 -25.67 -141.78
CA LEU S 607 -53.79 -25.99 -143.05
C LEU S 607 -54.82 -26.43 -144.09
N MET S 608 -55.86 -27.15 -143.64
CA MET S 608 -56.93 -27.52 -144.55
C MET S 608 -57.74 -26.30 -144.99
N ALA S 609 -57.85 -25.29 -144.12
CA ALA S 609 -58.61 -24.09 -144.44
C ALA S 609 -57.86 -23.15 -145.38
N GLN S 610 -56.53 -23.25 -145.44
CA GLN S 610 -55.76 -22.35 -146.29
C GLN S 610 -56.00 -22.71 -147.76
N PRO S 611 -56.23 -21.72 -148.62
CA PRO S 611 -56.44 -22.01 -150.04
C PRO S 611 -55.15 -22.37 -150.74
N ILE S 612 -55.30 -22.82 -152.00
CA ILE S 612 -54.19 -23.17 -152.86
C ILE S 612 -54.07 -22.11 -153.95
N THR S 613 -52.86 -21.60 -154.17
CA THR S 613 -52.62 -20.60 -155.18
C THR S 613 -51.82 -21.21 -156.33
N PRO S 614 -52.38 -21.32 -157.53
CA PRO S 614 -51.65 -21.94 -158.63
C PRO S 614 -50.53 -21.04 -159.13
N GLY S 615 -49.57 -21.66 -159.81
CA GLY S 615 -48.45 -20.94 -160.38
C GLY S 615 -48.84 -20.20 -161.63
N PRO S 616 -47.94 -19.33 -162.08
CA PRO S 616 -48.22 -18.54 -163.29
C PRO S 616 -48.16 -19.40 -164.54
N SER S 617 -49.03 -19.10 -165.49
CA SER S 617 -49.04 -19.83 -166.75
C SER S 617 -47.89 -19.42 -167.66
N ILE S 618 -47.49 -18.16 -167.62
CA ILE S 618 -46.38 -17.63 -168.40
C ILE S 618 -45.20 -17.44 -167.46
N PRO S 619 -44.00 -17.91 -167.81
CA PRO S 619 -42.84 -17.72 -166.93
C PRO S 619 -42.49 -16.25 -166.80
N GLY S 620 -42.38 -15.79 -165.55
CA GLY S 620 -42.12 -14.39 -165.26
C GLY S 620 -43.34 -13.58 -164.90
N ALA S 621 -44.51 -14.20 -164.81
CA ALA S 621 -45.73 -13.49 -164.48
C ALA S 621 -45.83 -13.29 -162.96
N PRO S 622 -46.53 -12.25 -162.52
CA PRO S 622 -46.68 -12.01 -161.08
C PRO S 622 -47.52 -13.09 -160.41
N GLN S 623 -47.58 -13.01 -159.09
CA GLN S 623 -48.30 -13.99 -158.28
C GLN S 623 -49.77 -14.03 -158.65
N PRO S 624 -50.29 -15.17 -159.11
CA PRO S 624 -51.72 -15.26 -159.47
C PRO S 624 -52.64 -15.14 -158.27
N ILE S 625 -53.95 -15.10 -158.54
CA ILE S 625 -54.98 -15.02 -157.50
C ILE S 625 -55.27 -16.42 -156.99
N PRO S 626 -55.43 -16.61 -155.68
CA PRO S 626 -55.83 -17.94 -155.16
C PRO S 626 -57.13 -18.41 -155.80
N ARG S 627 -57.14 -19.68 -156.20
CA ARG S 627 -58.24 -20.23 -156.98
C ARG S 627 -59.02 -21.33 -156.25
N LEU S 628 -58.35 -22.16 -155.46
CA LEU S 628 -58.96 -23.33 -154.85
C LEU S 628 -59.00 -23.13 -153.34
N PHE S 629 -60.22 -23.03 -152.79
CA PHE S 629 -60.44 -22.89 -151.36
C PHE S 629 -61.17 -24.12 -150.83
N PHE S 630 -60.97 -24.41 -149.55
CA PHE S 630 -61.57 -25.57 -148.91
C PHE S 630 -62.42 -25.12 -147.73
N ALA S 631 -63.59 -25.76 -147.58
CA ALA S 631 -64.47 -25.54 -146.45
C ALA S 631 -64.99 -26.87 -145.94
N GLY S 632 -65.78 -26.83 -144.88
CA GLY S 632 -66.38 -28.02 -144.31
C GLY S 632 -66.05 -28.15 -142.84
N GLU S 633 -66.56 -29.23 -142.25
CA GLU S 633 -66.33 -29.49 -140.83
C GLU S 633 -64.85 -29.71 -140.53
N HIS S 634 -64.10 -30.28 -141.48
CA HIS S 634 -62.69 -30.58 -141.28
C HIS S 634 -61.80 -29.38 -141.55
N THR S 635 -62.37 -28.17 -141.67
CA THR S 635 -61.60 -26.97 -141.97
C THR S 635 -61.74 -25.90 -140.89
N ILE S 636 -62.35 -26.22 -139.76
CA ILE S 636 -62.51 -25.29 -138.64
C ILE S 636 -61.76 -25.85 -137.44
N ARG S 637 -60.92 -25.02 -136.84
CA ARG S 637 -60.06 -25.47 -135.74
C ARG S 637 -60.82 -25.53 -134.42
N ASN S 638 -61.65 -24.53 -134.13
CA ASN S 638 -62.24 -24.39 -132.81
C ASN S 638 -63.50 -25.24 -132.64
N TYR S 639 -64.16 -25.63 -133.72
CA TYR S 639 -65.39 -26.42 -133.64
C TYR S 639 -65.35 -27.55 -134.68
N PRO S 640 -64.43 -28.49 -134.54
CA PRO S 640 -64.32 -29.57 -135.53
C PRO S 640 -65.37 -30.65 -135.31
N ALA S 641 -65.65 -31.37 -136.39
CA ALA S 641 -66.52 -32.55 -136.36
C ALA S 641 -67.93 -32.22 -135.88
N THR S 642 -68.37 -30.98 -136.08
CA THR S 642 -69.68 -30.53 -135.63
C THR S 642 -70.43 -29.91 -136.78
N VAL S 643 -71.70 -29.58 -136.52
CA VAL S 643 -72.52 -28.91 -137.52
C VAL S 643 -72.19 -27.43 -137.58
N HIS S 644 -72.21 -26.76 -136.42
CA HIS S 644 -71.88 -25.34 -136.37
C HIS S 644 -70.48 -25.06 -136.87
N GLY S 645 -69.56 -26.03 -136.72
CA GLY S 645 -68.22 -25.84 -137.26
C GLY S 645 -68.21 -25.74 -138.77
N ALA S 646 -68.92 -26.65 -139.44
CA ALA S 646 -69.05 -26.56 -140.89
C ALA S 646 -69.83 -25.32 -141.30
N LEU S 647 -70.83 -24.93 -140.50
CA LEU S 647 -71.59 -23.72 -140.78
C LEU S 647 -70.67 -22.49 -140.80
N LEU S 648 -69.81 -22.37 -139.79
CA LEU S 648 -68.91 -21.22 -139.73
C LEU S 648 -67.83 -21.28 -140.80
N SER S 649 -67.39 -22.50 -141.15
CA SER S 649 -66.40 -22.64 -142.22
C SER S 649 -66.98 -22.18 -143.56
N GLY S 650 -68.27 -22.45 -143.79
CA GLY S 650 -68.91 -21.95 -145.00
C GLY S 650 -69.03 -20.44 -145.02
N LEU S 651 -69.40 -19.85 -143.87
CA LEU S 651 -69.43 -18.40 -143.77
C LEU S 651 -68.03 -17.81 -143.94
N ARG S 652 -67.02 -18.47 -143.36
CA ARG S 652 -65.64 -17.99 -143.47
C ARG S 652 -65.18 -17.95 -144.93
N GLU S 653 -65.26 -19.09 -145.62
CA GLU S 653 -64.74 -19.15 -146.98
C GLU S 653 -65.57 -18.30 -147.93
N ALA S 654 -66.88 -18.15 -147.67
CA ALA S 654 -67.68 -17.25 -148.48
C ALA S 654 -67.20 -15.81 -148.34
N GLY S 655 -66.84 -15.39 -147.12
CA GLY S 655 -66.27 -14.08 -146.93
C GLY S 655 -64.88 -13.94 -147.52
N ARG S 656 -64.09 -15.02 -147.46
CA ARG S 656 -62.75 -15.00 -148.05
C ARG S 656 -62.82 -14.83 -149.55
N ILE S 657 -63.71 -15.57 -150.21
CA ILE S 657 -63.82 -15.50 -151.67
C ILE S 657 -64.34 -14.13 -152.11
N ALA S 658 -65.35 -13.61 -151.39
CA ALA S 658 -65.94 -12.34 -151.78
C ALA S 658 -64.93 -11.20 -151.67
N ASP S 659 -64.14 -11.20 -150.59
CA ASP S 659 -63.11 -10.17 -150.44
C ASP S 659 -62.02 -10.31 -151.49
N GLN S 660 -61.83 -11.53 -152.01
CA GLN S 660 -60.79 -11.76 -153.00
C GLN S 660 -61.22 -11.32 -154.40
N PHE S 661 -62.44 -11.67 -154.80
CA PHE S 661 -62.89 -11.46 -156.17
C PHE S 661 -63.81 -10.27 -156.34
N LEU S 662 -64.28 -9.67 -155.25
CA LEU S 662 -65.12 -8.47 -155.31
C LEU S 662 -64.47 -7.25 -154.67
N GLY S 663 -63.38 -7.42 -153.93
CA GLY S 663 -62.77 -6.29 -153.26
C GLY S 663 -63.40 -6.00 -151.92
N ALA S 664 -62.58 -5.49 -151.01
CA ALA S 664 -63.01 -5.15 -149.65
C ALA S 664 -63.05 -3.65 -149.52
N MET S 665 -64.25 -3.11 -149.29
CA MET S 665 -64.44 -1.67 -149.14
C MET S 665 -64.41 -1.22 -147.68
N TYR S 666 -64.41 -2.15 -146.73
CA TYR S 666 -64.40 -1.84 -145.31
C TYR S 666 -63.00 -1.82 -144.71
N THR S 667 -61.99 -2.34 -145.42
CA THR S 667 -60.63 -2.37 -144.90
C THR S 667 -59.93 -1.02 -145.03
N LEU S 668 -60.35 -0.18 -145.97
CA LEU S 668 -59.73 1.13 -146.16
C LEU S 668 -60.13 2.08 -145.04
N ARG T 25 -53.05 -32.06 -109.76
CA ARG T 25 -51.82 -32.03 -108.98
C ARG T 25 -52.01 -32.73 -107.63
N LYS T 26 -53.20 -32.58 -107.06
CA LYS T 26 -53.48 -33.19 -105.76
C LYS T 26 -53.57 -34.71 -105.91
N PRO T 27 -52.97 -35.46 -105.00
CA PRO T 27 -53.05 -36.92 -105.07
C PRO T 27 -54.44 -37.40 -104.66
N PRO T 28 -54.96 -38.43 -105.32
CA PRO T 28 -56.31 -38.91 -104.99
C PRO T 28 -56.36 -39.51 -103.59
N LYS T 29 -57.57 -39.83 -103.16
CA LYS T 29 -57.79 -40.39 -101.83
C LYS T 29 -57.16 -41.77 -101.74
N GLY T 30 -56.20 -41.93 -100.82
CA GLY T 30 -55.54 -43.22 -100.65
C GLY T 30 -54.85 -43.73 -101.89
N MET T 31 -54.16 -42.86 -102.61
CA MET T 31 -53.56 -43.21 -103.90
C MET T 31 -52.25 -42.47 -104.06
N PHE T 32 -51.17 -43.21 -104.28
CA PHE T 32 -49.85 -42.65 -104.51
C PHE T 32 -49.48 -42.81 -105.98
N LEU T 33 -49.05 -41.72 -106.60
CA LEU T 33 -48.66 -41.71 -108.01
C LEU T 33 -47.42 -40.84 -108.14
N SER T 34 -46.27 -41.46 -108.37
CA SER T 34 -45.01 -40.75 -108.47
C SER T 34 -44.44 -40.87 -109.88
N GLN T 35 -43.52 -39.95 -110.19
CA GLN T 35 -42.88 -39.96 -111.51
C GLN T 35 -41.97 -41.15 -111.68
N GLU T 36 -41.40 -41.67 -110.58
CA GLU T 36 -40.49 -42.80 -110.68
C GLU T 36 -41.20 -44.06 -111.15
N ASP T 37 -42.41 -44.30 -110.63
CA ASP T 37 -43.16 -45.49 -111.04
C ASP T 37 -43.60 -45.40 -112.50
N VAL T 38 -43.95 -44.19 -112.95
CA VAL T 38 -44.33 -44.00 -114.34
C VAL T 38 -43.13 -44.25 -115.25
N GLU T 39 -41.96 -43.74 -114.86
CA GLU T 39 -40.76 -43.96 -115.66
C GLU T 39 -40.30 -45.42 -115.60
N ALA T 40 -40.55 -46.09 -114.47
CA ALA T 40 -40.12 -47.48 -114.34
C ALA T 40 -40.97 -48.42 -115.19
N VAL T 41 -42.28 -48.19 -115.24
CA VAL T 41 -43.15 -49.04 -116.04
C VAL T 41 -42.86 -48.84 -117.53
N SER T 42 -42.60 -47.61 -117.95
CA SER T 42 -42.27 -47.30 -119.34
C SER T 42 -40.77 -47.27 -119.60
N ALA T 43 -39.98 -48.00 -118.80
CA ALA T 43 -38.54 -48.02 -119.00
C ALA T 43 -38.16 -48.73 -120.29
N ASN T 44 -38.82 -49.86 -120.58
CA ASN T 44 -38.60 -50.58 -121.83
C ASN T 44 -39.86 -51.39 -122.15
N ALA T 45 -39.74 -52.32 -123.10
CA ALA T 45 -40.91 -53.05 -123.55
C ALA T 45 -41.42 -54.04 -122.51
N THR T 46 -40.52 -54.61 -121.71
CA THR T 46 -40.87 -55.65 -120.73
C THR T 46 -40.54 -55.20 -119.31
N ALA T 47 -40.71 -53.90 -119.03
CA ALA T 47 -40.43 -53.41 -117.68
C ALA T 47 -41.56 -53.75 -116.72
N ALA T 48 -42.82 -53.61 -117.15
CA ALA T 48 -43.94 -53.93 -116.29
C ALA T 48 -43.95 -55.40 -115.90
N THR T 49 -43.63 -56.28 -116.85
CA THR T 49 -43.57 -57.71 -116.55
C THR T 49 -42.47 -58.01 -115.52
N THR T 50 -41.31 -57.35 -115.66
CA THR T 50 -40.22 -57.57 -114.71
C THR T 50 -40.61 -57.12 -113.31
N VAL T 51 -41.26 -55.97 -113.20
CA VAL T 51 -41.66 -55.45 -111.89
C VAL T 51 -42.70 -56.37 -111.24
N LEU T 52 -43.67 -56.85 -112.02
CA LEU T 52 -44.70 -57.71 -111.46
C LEU T 52 -44.12 -59.05 -111.01
N ARG T 53 -43.17 -59.60 -111.77
CA ARG T 53 -42.54 -60.85 -111.36
C ARG T 53 -41.70 -60.67 -110.10
N GLN T 54 -40.99 -59.55 -109.98
CA GLN T 54 -40.19 -59.29 -108.79
C GLN T 54 -41.08 -59.11 -107.57
N LEU T 55 -42.23 -58.45 -107.74
CA LEU T 55 -43.17 -58.30 -106.64
C LEU T 55 -43.80 -59.64 -106.27
N ASP T 56 -44.05 -60.49 -107.27
CA ASP T 56 -44.59 -61.82 -106.99
C ASP T 56 -43.57 -62.68 -106.25
N MET T 57 -42.30 -62.60 -106.65
CA MET T 57 -41.26 -63.34 -105.94
C MET T 57 -41.09 -62.82 -104.52
N GLU T 58 -41.21 -61.51 -104.33
CA GLU T 58 -41.16 -60.95 -102.99
C GLU T 58 -42.35 -61.41 -102.15
N LEU T 59 -43.53 -61.53 -102.77
CA LEU T 59 -44.70 -62.00 -102.04
C LEU T 59 -44.57 -63.46 -101.65
N VAL T 60 -44.00 -64.29 -102.52
CA VAL T 60 -43.77 -65.69 -102.17
C VAL T 60 -42.75 -65.79 -101.05
N SER T 61 -41.72 -64.94 -101.08
CA SER T 61 -40.73 -64.94 -100.01
C SER T 61 -41.35 -64.54 -98.68
N VAL T 62 -42.23 -63.53 -98.70
CA VAL T 62 -42.89 -63.11 -97.48
C VAL T 62 -43.88 -64.16 -97.00
N LYS T 63 -44.49 -64.91 -97.91
CA LYS T 63 -45.45 -65.93 -97.51
C LYS T 63 -44.76 -67.10 -96.82
N ARG T 64 -43.63 -67.57 -97.36
CA ARG T 64 -42.93 -68.67 -96.72
C ARG T 64 -42.27 -68.24 -95.41
N GLN T 65 -41.87 -66.97 -95.31
CA GLN T 65 -41.31 -66.49 -94.05
C GLN T 65 -42.37 -66.45 -92.95
N ILE T 66 -43.60 -66.13 -93.31
CA ILE T 66 -44.71 -66.24 -92.36
C ILE T 66 -44.88 -67.68 -91.92
N GLN T 67 -44.78 -68.62 -92.86
CA GLN T 67 -45.01 -70.03 -92.55
C GLN T 67 -43.94 -70.58 -91.62
N ASN T 68 -42.68 -70.16 -91.81
CA ASN T 68 -41.61 -70.61 -90.93
C ASN T 68 -41.77 -70.05 -89.52
N ILE T 69 -42.06 -68.75 -89.42
CA ILE T 69 -42.24 -68.14 -88.10
C ILE T 69 -43.50 -68.68 -87.43
N LYS T 70 -44.54 -68.97 -88.20
CA LYS T 70 -45.74 -69.60 -87.63
C LYS T 70 -45.39 -70.98 -87.06
N GLN T 71 -44.53 -71.72 -87.77
CA GLN T 71 -44.08 -73.01 -87.24
C GLN T 71 -43.23 -72.83 -85.98
N THR T 72 -42.42 -71.77 -85.95
CA THR T 72 -41.61 -71.49 -84.77
C THR T 72 -42.49 -71.12 -83.58
N ASN T 73 -43.48 -70.26 -83.80
CA ASN T 73 -44.38 -69.87 -82.71
C ASN T 73 -45.23 -71.04 -82.23
N SER T 74 -45.60 -71.94 -83.14
CA SER T 74 -46.36 -73.13 -82.74
C SER T 74 -45.54 -74.02 -81.82
N ALA T 75 -44.25 -74.19 -82.12
CA ALA T 75 -43.38 -74.97 -81.25
C ALA T 75 -43.15 -74.27 -79.92
N LEU T 76 -42.99 -72.95 -79.93
CA LEU T 76 -42.82 -72.21 -78.70
C LEU T 76 -44.06 -72.27 -77.84
N LYS T 77 -45.25 -72.18 -78.46
CA LYS T 77 -46.49 -72.33 -77.70
C LYS T 77 -46.65 -73.74 -77.15
N GLU T 78 -46.12 -74.74 -77.86
CA GLU T 78 -46.17 -76.11 -77.35
C GLU T 78 -45.30 -76.25 -76.09
N LYS T 79 -44.24 -75.45 -75.98
CA LYS T 79 -43.39 -75.49 -74.80
C LYS T 79 -44.08 -74.86 -73.59
N LEU T 80 -45.05 -73.97 -73.81
CA LEU T 80 -45.74 -73.27 -72.73
C LEU T 80 -47.00 -74.01 -72.27
N ASP T 81 -47.11 -75.30 -72.56
CA ASP T 81 -48.28 -76.06 -72.15
C ASP T 81 -48.28 -76.26 -70.64
N GLY T 82 -49.34 -75.80 -69.97
CA GLY T 82 -49.48 -75.94 -68.54
C GLY T 82 -49.39 -74.64 -67.77
N GLY T 83 -48.73 -73.62 -68.32
CA GLY T 83 -48.59 -72.36 -67.63
C GLY T 83 -47.75 -72.48 -66.37
N ILE T 84 -48.04 -71.63 -65.40
CA ILE T 84 -47.33 -71.64 -64.12
C ILE T 84 -48.28 -72.09 -63.02
N GLU T 85 -49.29 -72.87 -63.39
CA GLU T 85 -50.26 -73.34 -62.41
C GLU T 85 -49.65 -74.25 -61.34
N PRO T 86 -48.79 -75.23 -61.67
CA PRO T 86 -48.13 -76.01 -60.61
C PRO T 86 -47.10 -75.22 -59.81
N TYR T 87 -46.84 -73.96 -60.17
CA TYR T 87 -45.84 -73.14 -59.50
C TYR T 87 -46.46 -71.96 -58.75
N ARG T 88 -47.76 -72.03 -58.48
CA ARG T 88 -48.47 -70.95 -57.81
C ARG T 88 -48.53 -71.20 -56.31
N LEU T 89 -48.35 -70.14 -55.53
CA LEU T 89 -48.46 -70.22 -54.09
C LEU T 89 -49.70 -69.49 -53.59
N PRO T 90 -50.36 -70.00 -52.56
CA PRO T 90 -51.53 -69.29 -52.02
C PRO T 90 -51.13 -67.96 -51.40
N GLU T 91 -52.10 -67.05 -51.35
CA GLU T 91 -51.87 -65.72 -50.81
C GLU T 91 -51.95 -65.74 -49.29
N VAL T 92 -50.99 -65.10 -48.64
CA VAL T 92 -50.97 -65.01 -47.17
C VAL T 92 -51.67 -63.70 -46.82
N ILE T 93 -52.99 -63.76 -46.77
CA ILE T 93 -53.81 -62.58 -46.48
C ILE T 93 -53.79 -62.36 -44.97
N GLN T 94 -53.10 -61.29 -44.54
CA GLN T 94 -53.00 -60.94 -43.13
C GLN T 94 -53.05 -59.44 -42.98
N LYS T 95 -53.71 -58.97 -41.91
CA LYS T 95 -53.88 -57.55 -41.68
C LYS T 95 -52.55 -56.90 -41.30
N CYS T 96 -52.54 -55.57 -41.39
CA CYS T 96 -51.37 -54.77 -41.04
C CYS T 96 -51.38 -54.46 -39.55
N ASN T 97 -50.27 -54.75 -38.88
CA ASN T 97 -50.16 -54.52 -37.45
C ASN T 97 -49.77 -53.06 -37.19
N ALA T 98 -49.63 -52.70 -35.91
CA ALA T 98 -49.30 -51.34 -35.52
C ALA T 98 -48.03 -51.20 -34.70
N ARG T 99 -47.55 -52.28 -34.07
CA ARG T 99 -46.35 -52.22 -33.25
C ARG T 99 -45.20 -52.92 -33.94
N TRP T 100 -44.00 -52.39 -33.73
CA TRP T 100 -42.77 -52.92 -34.31
C TRP T 100 -42.02 -53.75 -33.27
N THR T 101 -41.87 -55.04 -33.55
CA THR T 101 -41.07 -55.91 -32.69
C THR T 101 -39.63 -55.97 -33.19
N THR T 102 -38.75 -56.49 -32.34
CA THR T 102 -37.34 -56.60 -32.71
C THR T 102 -37.17 -57.47 -33.96
N GLU T 103 -37.92 -58.56 -34.05
CA GLU T 103 -37.87 -59.40 -35.24
C GLU T 103 -38.31 -58.63 -36.47
N GLU T 104 -39.40 -57.87 -36.36
CA GLU T 104 -39.90 -57.12 -37.50
C GLU T 104 -38.91 -56.05 -37.95
N GLN T 105 -38.24 -55.39 -36.99
CA GLN T 105 -37.28 -54.36 -37.34
C GLN T 105 -36.04 -54.95 -37.99
N LEU T 106 -35.53 -56.06 -37.46
CA LEU T 106 -34.35 -56.69 -38.05
C LEU T 106 -34.65 -57.24 -39.43
N LEU T 107 -35.83 -57.83 -39.62
CA LEU T 107 -36.23 -58.29 -40.95
C LEU T 107 -36.33 -57.11 -41.91
N ALA T 108 -36.78 -55.96 -41.42
CA ALA T 108 -36.81 -54.76 -42.25
C ALA T 108 -35.39 -54.34 -42.65
N VAL T 109 -34.45 -54.42 -41.71
CA VAL T 109 -33.07 -54.06 -42.01
C VAL T 109 -32.52 -54.93 -43.13
N GLN T 110 -32.75 -56.24 -43.05
CA GLN T 110 -32.30 -57.14 -44.10
C GLN T 110 -33.03 -56.88 -45.41
N ALA T 111 -34.29 -56.46 -45.35
CA ALA T 111 -35.02 -56.14 -46.56
C ALA T 111 -34.46 -54.89 -47.23
N ILE T 112 -34.09 -53.87 -46.45
CA ILE T 112 -33.44 -52.69 -47.00
C ILE T 112 -32.09 -53.07 -47.60
N ARG T 113 -31.40 -54.03 -46.97
CA ARG T 113 -30.07 -54.43 -47.43
C ARG T 113 -30.11 -55.02 -48.83
N LYS T 114 -31.12 -55.84 -49.12
CA LYS T 114 -31.19 -56.50 -50.41
C LYS T 114 -32.01 -55.73 -51.44
N TYR T 115 -33.11 -55.11 -51.02
CA TYR T 115 -34.03 -54.45 -51.94
C TYR T 115 -33.81 -52.94 -52.03
N GLY T 116 -33.48 -52.28 -50.93
CA GLY T 116 -33.20 -50.85 -50.95
C GLY T 116 -34.45 -50.02 -50.66
N ARG T 117 -34.96 -49.34 -51.68
CA ARG T 117 -36.10 -48.46 -51.55
C ARG T 117 -37.40 -49.07 -52.07
N ASP T 118 -37.39 -50.36 -52.42
CA ASP T 118 -38.61 -51.01 -52.87
C ASP T 118 -39.54 -51.22 -51.69
N PHE T 119 -40.41 -50.25 -51.42
CA PHE T 119 -41.26 -50.31 -50.23
C PHE T 119 -42.23 -51.48 -50.31
N GLN T 120 -42.75 -51.77 -51.51
CA GLN T 120 -43.70 -52.87 -51.66
C GLN T 120 -43.03 -54.20 -51.35
N ALA T 121 -41.77 -54.37 -51.78
CA ALA T 121 -41.05 -55.60 -51.47
C ALA T 121 -40.81 -55.73 -49.97
N ILE T 122 -40.39 -54.66 -49.31
CA ILE T 122 -40.14 -54.69 -47.88
C ILE T 122 -41.43 -54.97 -47.12
N SER T 123 -42.54 -54.39 -47.59
CA SER T 123 -43.83 -54.65 -46.95
C SER T 123 -44.21 -56.12 -47.06
N ASP T 124 -43.94 -56.74 -48.21
CA ASP T 124 -44.24 -58.15 -48.39
C ASP T 124 -43.32 -59.04 -47.58
N VAL T 125 -42.06 -58.62 -47.39
CA VAL T 125 -41.13 -59.41 -46.59
C VAL T 125 -41.57 -59.44 -45.13
N ILE T 126 -41.89 -58.27 -44.57
CA ILE T 126 -42.34 -58.22 -43.18
C ILE T 126 -43.72 -58.87 -43.05
N GLY T 127 -44.59 -58.61 -44.00
CA GLY T 127 -45.92 -59.24 -44.03
C GLY T 127 -47.03 -58.50 -43.33
N ASN T 128 -46.77 -58.00 -42.12
CA ASN T 128 -47.78 -57.33 -41.32
C ASN T 128 -47.53 -55.83 -41.21
N LYS T 129 -46.81 -55.24 -42.17
CA LYS T 129 -46.53 -53.81 -42.19
C LYS T 129 -46.83 -53.29 -43.59
N SER T 130 -47.70 -52.29 -43.67
CA SER T 130 -48.10 -51.74 -44.95
C SER T 130 -46.97 -50.89 -45.55
N VAL T 131 -47.21 -50.44 -46.79
CA VAL T 131 -46.20 -49.64 -47.49
C VAL T 131 -45.98 -48.31 -46.79
N VAL T 132 -47.06 -47.66 -46.34
CA VAL T 132 -46.93 -46.37 -45.69
C VAL T 132 -46.18 -46.50 -44.37
N GLN T 133 -46.34 -47.63 -43.68
CA GLN T 133 -45.61 -47.83 -42.42
C GLN T 133 -44.14 -48.13 -42.67
N VAL T 134 -43.82 -48.77 -43.80
CA VAL T 134 -42.43 -48.98 -44.16
C VAL T 134 -41.75 -47.66 -44.51
N LYS T 135 -42.46 -46.81 -45.25
CA LYS T 135 -41.91 -45.49 -45.58
C LYS T 135 -41.71 -44.65 -44.32
N ASN T 136 -42.64 -44.75 -43.37
CA ASN T 136 -42.46 -44.08 -42.09
C ASN T 136 -41.34 -44.72 -41.28
N PHE T 137 -41.15 -46.04 -41.42
CA PHE T 137 -40.06 -46.70 -40.71
C PHE T 137 -38.70 -46.17 -41.12
N PHE T 138 -38.55 -45.78 -42.39
CA PHE T 138 -37.27 -45.25 -42.85
C PHE T 138 -36.95 -43.93 -42.17
N VAL T 139 -37.96 -43.09 -41.94
CA VAL T 139 -37.72 -41.77 -41.38
C VAL T 139 -37.50 -41.83 -39.88
N ASN T 140 -38.34 -42.60 -39.18
CA ASN T 140 -38.28 -42.63 -37.72
C ASN T 140 -37.00 -43.32 -37.24
N TYR T 141 -36.56 -44.37 -37.93
CA TYR T 141 -35.40 -45.14 -37.52
C TYR T 141 -34.19 -44.92 -38.44
N ARG T 142 -34.09 -43.73 -39.02
CA ARG T 142 -32.98 -43.45 -39.92
C ARG T 142 -31.65 -43.38 -39.17
N ARG T 143 -31.64 -42.65 -38.04
CA ARG T 143 -30.40 -42.46 -37.30
C ARG T 143 -29.99 -43.71 -36.55
N ARG T 144 -30.96 -44.45 -36.01
CA ARG T 144 -30.62 -45.58 -35.14
C ARG T 144 -30.13 -46.78 -35.94
N PHE T 145 -30.76 -47.08 -37.08
CA PHE T 145 -30.44 -48.27 -37.85
C PHE T 145 -29.46 -48.02 -38.98
N ASN T 146 -28.98 -46.79 -39.15
CA ASN T 146 -28.01 -46.44 -40.19
C ASN T 146 -28.53 -46.83 -41.57
N ILE T 147 -29.76 -46.39 -41.88
CA ILE T 147 -30.38 -46.75 -43.15
C ILE T 147 -29.64 -46.12 -44.32
N ASP T 148 -29.09 -44.92 -44.13
CA ASP T 148 -28.31 -44.29 -45.19
C ASP T 148 -27.10 -45.14 -45.56
N GLU T 149 -26.44 -45.73 -44.56
CA GLU T 149 -25.31 -46.62 -44.83
C GLU T 149 -25.76 -47.91 -45.49
N VAL T 150 -26.95 -48.40 -45.13
CA VAL T 150 -27.47 -49.62 -45.75
C VAL T 150 -27.85 -49.35 -47.20
N LEU T 151 -28.41 -48.17 -47.48
CA LEU T 151 -28.78 -47.83 -48.86
C LEU T 151 -27.55 -47.68 -49.73
N GLN T 152 -26.50 -47.02 -49.23
CA GLN T 152 -25.29 -46.86 -50.03
C GLN T 152 -24.56 -48.17 -50.23
N GLU T 153 -24.78 -49.15 -49.34
CA GLU T 153 -24.24 -50.50 -49.55
C GLU T 153 -25.07 -51.28 -50.56
N TRP T 154 -26.39 -51.05 -50.59
CA TRP T 154 -27.23 -51.68 -51.61
C TRP T 154 -26.88 -51.14 -52.99
N GLU T 155 -26.61 -49.83 -53.09
CA GLU T 155 -26.25 -49.23 -54.37
C GLU T 155 -24.95 -49.77 -54.94
N ALA T 156 -24.09 -50.35 -54.09
CA ALA T 156 -22.83 -50.92 -54.56
C ALA T 156 -23.01 -52.23 -55.31
N GLU T 157 -24.19 -52.84 -55.24
CA GLU T 157 -24.43 -54.10 -55.92
C GLU T 157 -25.50 -53.94 -57.02
N PRO U 3 96.22 63.76 52.62
CA PRO U 3 96.50 64.24 51.26
C PRO U 3 97.99 64.49 51.02
N SER U 4 98.55 63.85 50.00
CA SER U 4 99.96 63.97 49.66
C SER U 4 100.11 64.16 48.16
N GLY U 5 101.31 64.54 47.74
CA GLY U 5 101.58 64.74 46.33
C GLY U 5 100.93 66.01 45.80
N VAL U 6 100.42 65.94 44.57
CA VAL U 6 99.75 67.09 43.98
C VAL U 6 98.42 67.37 44.68
N GLU U 7 97.76 66.33 45.19
CA GLU U 7 96.51 66.53 45.92
C GLU U 7 96.78 67.21 47.27
N GLY U 8 97.88 66.85 47.94
CA GLY U 8 98.22 67.51 49.19
C GLY U 8 98.57 68.96 49.02
N ALA U 9 99.21 69.31 47.91
CA ALA U 9 99.51 70.71 47.63
C ALA U 9 98.24 71.52 47.42
N ALA U 10 97.26 70.95 46.71
CA ALA U 10 96.00 71.63 46.51
C ALA U 10 95.25 71.79 47.83
N PHE U 11 95.29 70.76 48.68
CA PHE U 11 94.68 70.87 50.00
C PHE U 11 95.37 71.94 50.84
N GLN U 12 96.69 72.07 50.68
CA GLN U 12 97.43 73.09 51.42
C GLN U 12 97.17 74.49 50.88
N SER U 13 96.69 74.62 49.65
CA SER U 13 96.47 75.91 49.01
C SER U 13 95.00 76.29 48.93
N ARG U 14 94.14 75.61 49.71
CA ARG U 14 92.71 75.91 49.76
C ARG U 14 92.02 75.72 48.41
N LEU U 15 92.57 74.83 47.57
CA LEU U 15 92.05 74.67 46.23
C LEU U 15 91.61 73.24 45.98
N PRO U 16 90.49 73.04 45.28
CA PRO U 16 90.08 71.67 44.91
C PRO U 16 91.01 71.12 43.84
N HIS U 17 91.50 69.89 44.06
CA HIS U 17 92.49 69.32 43.15
C HIS U 17 91.87 68.90 41.82
N ASP U 18 90.57 68.61 41.79
CA ASP U 18 89.92 68.10 40.58
C ASP U 18 88.84 69.03 40.06
N ARG U 19 88.89 70.32 40.41
CA ARG U 19 87.90 71.26 39.94
C ARG U 19 88.50 72.66 39.91
N MET U 20 88.08 73.46 38.94
CA MET U 20 88.53 74.83 38.80
C MET U 20 87.59 75.77 39.57
N THR U 21 88.19 76.76 40.23
CA THR U 21 87.41 77.71 41.01
C THR U 21 86.86 78.82 40.11
N SER U 22 86.00 79.66 40.70
CA SER U 22 85.44 80.78 39.96
C SER U 22 86.51 81.80 39.60
N GLN U 23 87.48 82.01 40.50
CA GLN U 23 88.59 82.90 40.19
C GLN U 23 89.43 82.39 39.03
N GLU U 24 89.61 81.07 38.96
CA GLU U 24 90.37 80.49 37.85
C GLU U 24 89.62 80.63 36.53
N ALA U 25 88.28 80.55 36.57
CA ALA U 25 87.50 80.73 35.35
C ALA U 25 87.56 82.18 34.87
N ALA U 26 87.57 83.13 35.81
CA ALA U 26 87.65 84.54 35.41
C ALA U 26 89.00 84.86 34.79
N CYS U 27 90.06 84.17 35.21
CA CYS U 27 91.39 84.39 34.65
C CYS U 27 91.62 83.56 33.39
N PHE U 28 91.16 82.31 33.37
CA PHE U 28 91.26 81.43 32.21
C PHE U 28 89.87 80.97 31.81
N PRO U 29 89.11 81.83 31.10
CA PRO U 29 87.79 81.40 30.62
C PRO U 29 87.86 80.45 29.44
N ASP U 30 88.96 80.44 28.70
CA ASP U 30 89.07 79.58 27.52
C ASP U 30 89.25 78.12 27.92
N ILE U 31 89.89 77.86 29.05
CA ILE U 31 90.17 76.47 29.45
C ILE U 31 88.92 75.83 30.04
N ILE U 32 88.23 76.53 30.96
CA ILE U 32 87.04 75.98 31.58
C ILE U 32 85.92 75.79 30.57
N SER U 33 85.95 76.50 29.45
CA SER U 33 84.98 76.33 28.39
C SER U 33 85.45 75.38 27.30
N GLY U 34 86.66 74.83 27.43
CA GLY U 34 87.19 73.92 26.45
C GLY U 34 86.95 72.47 26.80
N PRO U 35 87.72 71.57 26.19
CA PRO U 35 87.55 70.14 26.47
C PRO U 35 87.99 69.79 27.89
N GLN U 36 87.49 68.64 28.36
CA GLN U 36 87.78 68.21 29.72
C GLN U 36 89.26 67.84 29.89
N GLN U 37 89.90 67.35 28.82
CA GLN U 37 91.31 66.98 28.93
C GLN U 37 92.18 68.21 29.16
N THR U 38 91.87 69.33 28.49
CA THR U 38 92.62 70.56 28.71
C THR U 38 92.46 71.04 30.14
N GLN U 39 91.27 70.87 30.73
CA GLN U 39 91.06 71.24 32.12
C GLN U 39 91.91 70.38 33.05
N LYS U 40 92.01 69.08 32.77
CA LYS U 40 92.81 68.19 33.60
C LYS U 40 94.29 68.56 33.52
N VAL U 41 94.76 68.95 32.33
CA VAL U 41 96.14 69.40 32.19
C VAL U 41 96.37 70.67 32.99
N PHE U 42 95.40 71.59 32.96
CA PHE U 42 95.51 72.81 33.75
C PHE U 42 95.54 72.51 35.24
N LEU U 43 94.71 71.55 35.69
CA LEU U 43 94.69 71.21 37.11
C LEU U 43 96.01 70.58 37.54
N PHE U 44 96.59 69.73 36.71
CA PHE U 44 97.87 69.10 37.08
C PHE U 44 99.00 70.10 37.10
N ILE U 45 99.04 71.02 36.14
CA ILE U 45 100.11 72.02 36.11
C ILE U 45 100.01 72.94 37.32
N ARG U 46 98.80 73.34 37.70
CA ARG U 46 98.62 74.18 38.88
C ARG U 46 99.00 73.42 40.15
N ASN U 47 98.55 72.17 40.28
CA ASN U 47 98.85 71.39 41.47
C ASN U 47 100.35 71.10 41.57
N ARG U 48 101.00 70.85 40.44
CA ARG U 48 102.43 70.59 40.46
C ARG U 48 103.22 71.84 40.82
N THR U 49 102.82 72.99 40.26
CA THR U 49 103.50 74.24 40.59
C THR U 49 103.35 74.58 42.06
N LEU U 50 102.15 74.37 42.61
CA LEU U 50 101.96 74.58 44.04
C LEU U 50 102.81 73.63 44.87
N GLN U 51 102.98 72.39 44.40
CA GLN U 51 103.81 71.43 45.11
C GLN U 51 105.27 71.85 45.10
N LEU U 52 105.75 72.37 43.96
CA LEU U 52 107.14 72.81 43.88
C LEU U 52 107.42 73.95 44.85
N TRP U 53 106.46 74.86 45.02
CA TRP U 53 106.62 75.95 45.96
C TRP U 53 106.56 75.46 47.41
N LEU U 54 105.60 74.59 47.72
CA LEU U 54 105.42 74.15 49.10
C LEU U 54 106.57 73.25 49.56
N ASP U 55 107.25 72.57 48.63
CA ASP U 55 108.37 71.73 49.02
C ASP U 55 109.55 72.55 49.48
N ASN U 56 109.72 73.76 48.94
CA ASN U 56 110.83 74.63 49.31
C ASN U 56 110.39 76.08 49.20
N PRO U 57 109.68 76.59 50.20
CA PRO U 57 109.22 77.98 50.17
C PRO U 57 110.30 79.00 50.53
N LYS U 58 111.51 78.55 50.88
CA LYS U 58 112.57 79.47 51.28
C LYS U 58 113.28 80.11 50.11
N ILE U 59 113.03 79.64 48.87
CA ILE U 59 113.63 80.21 47.69
C ILE U 59 112.52 80.56 46.69
N GLN U 60 112.86 81.44 45.76
CA GLN U 60 111.90 81.87 44.75
C GLN U 60 111.70 80.76 43.72
N LEU U 61 110.44 80.46 43.41
CA LEU U 61 110.08 79.48 42.40
C LEU U 61 109.83 80.23 41.09
N THR U 62 110.82 80.23 40.21
CA THR U 62 110.74 80.95 38.96
C THR U 62 110.06 80.09 37.88
N PHE U 63 109.70 80.75 36.78
CA PHE U 63 109.09 80.03 35.67
C PHE U 63 110.06 79.05 35.03
N GLU U 64 111.34 79.40 34.98
CA GLU U 64 112.33 78.51 34.35
C GLU U 64 112.51 77.24 35.17
N ALA U 65 112.57 77.35 36.49
CA ALA U 65 112.70 76.17 37.34
C ALA U 65 111.44 75.33 37.28
N THR U 66 110.26 75.96 37.21
CA THR U 66 109.01 75.21 37.15
C THR U 66 108.91 74.43 35.85
N LEU U 67 109.23 75.07 34.72
CA LEU U 67 109.17 74.38 33.43
C LEU U 67 110.24 73.31 33.32
N GLN U 68 111.37 73.47 34.03
CA GLN U 68 112.44 72.48 33.94
C GLN U 68 112.07 71.19 34.66
N GLN U 69 111.46 71.30 35.84
CA GLN U 69 111.11 70.12 36.63
C GLN U 69 109.82 69.46 36.17
N LEU U 70 109.14 70.01 35.16
CA LEU U 70 107.99 69.37 34.57
C LEU U 70 108.42 68.38 33.50
N GLU U 71 107.68 67.29 33.37
CA GLU U 71 107.94 66.26 32.38
C GLU U 71 106.88 66.29 31.29
N ALA U 72 107.11 65.47 30.27
CA ALA U 72 106.20 65.41 29.14
C ALA U 72 104.88 64.73 29.56
N PRO U 73 103.75 65.11 28.92
CA PRO U 73 103.65 66.17 27.91
C PRO U 73 103.35 67.53 28.52
N TYR U 74 103.44 67.64 29.85
CA TYR U 74 103.05 68.87 30.52
C TYR U 74 104.06 70.00 30.30
N ASN U 75 105.33 69.66 30.10
CA ASN U 75 106.36 70.67 29.87
C ASN U 75 106.46 71.09 28.41
N SER U 76 105.55 70.62 27.55
CA SER U 76 105.58 70.99 26.14
C SER U 76 104.84 72.29 25.85
N ASP U 77 103.77 72.57 26.61
CA ASP U 77 103.00 73.80 26.42
C ASP U 77 103.58 74.86 27.35
N THR U 78 104.57 75.61 26.83
CA THR U 78 105.29 76.57 27.66
C THR U 78 104.42 77.78 27.98
N VAL U 79 103.59 78.22 27.04
CA VAL U 79 102.76 79.40 27.28
C VAL U 79 101.69 79.10 28.33
N LEU U 80 101.24 77.87 28.43
CA LEU U 80 100.27 77.52 29.46
C LEU U 80 100.92 77.48 30.84
N VAL U 81 102.15 76.95 30.93
CA VAL U 81 102.86 76.92 32.20
C VAL U 81 103.17 78.34 32.68
N HIS U 82 103.51 79.23 31.74
CA HIS U 82 103.81 80.61 32.11
C HIS U 82 102.56 81.32 32.63
N ARG U 83 101.41 81.08 32.00
CA ARG U 83 100.17 81.70 32.46
C ARG U 83 99.77 81.21 33.84
N VAL U 84 99.96 79.91 34.11
CA VAL U 84 99.65 79.38 35.43
C VAL U 84 100.61 79.93 36.48
N HIS U 85 101.91 79.99 36.15
CA HIS U 85 102.87 80.52 37.10
C HIS U 85 102.62 81.99 37.39
N SER U 86 102.27 82.77 36.36
CA SER U 86 101.96 84.18 36.58
C SER U 86 100.66 84.33 37.37
N TYR U 87 99.69 83.45 37.13
CA TYR U 87 98.43 83.51 37.88
C TYR U 87 98.67 83.22 39.36
N LEU U 88 99.40 82.15 39.66
CA LEU U 88 99.62 81.78 41.06
C LEU U 88 100.50 82.79 41.78
N GLU U 89 101.44 83.41 41.08
CA GLU U 89 102.33 84.38 41.71
C GLU U 89 101.62 85.71 41.96
N ARG U 90 100.75 86.12 41.03
CA ARG U 90 100.08 87.41 41.15
C ARG U 90 99.12 87.42 42.33
N HIS U 91 98.40 86.32 42.55
CA HIS U 91 97.42 86.25 43.62
C HIS U 91 97.99 85.72 44.93
N GLY U 92 99.31 85.72 45.08
CA GLY U 92 99.93 85.36 46.34
C GLY U 92 99.87 83.91 46.72
N LEU U 93 99.56 83.02 45.78
CA LEU U 93 99.53 81.59 46.10
C LEU U 93 100.93 80.98 46.07
N ILE U 94 101.83 81.54 45.27
CA ILE U 94 103.23 81.13 45.25
C ILE U 94 104.09 82.39 45.28
N ASN U 95 105.37 82.19 45.60
CA ASN U 95 106.33 83.29 45.72
C ASN U 95 105.82 84.36 46.70
N PHE U 96 105.46 83.91 47.90
CA PHE U 96 104.86 84.76 48.91
C PHE U 96 105.58 84.56 50.23
N GLY U 97 105.63 85.63 51.02
CA GLY U 97 106.31 85.60 52.30
C GLY U 97 107.76 86.06 52.21
N ILE U 98 108.63 85.43 52.97
CA ILE U 98 110.06 85.77 53.02
C ILE U 98 110.83 84.62 52.39
N TYR U 99 111.52 84.91 51.29
CA TYR U 99 112.24 83.88 50.55
C TYR U 99 113.44 84.50 49.86
N LYS U 100 114.43 83.66 49.58
CA LYS U 100 115.61 84.13 48.85
C LYS U 100 115.25 84.35 47.39
N ARG U 101 115.55 85.55 46.90
CA ARG U 101 115.17 85.94 45.53
C ARG U 101 116.28 85.55 44.56
N ILE U 102 115.88 84.89 43.46
CA ILE U 102 116.83 84.42 42.46
C ILE U 102 116.82 85.40 41.29
N LYS U 103 115.66 86.00 41.05
CA LYS U 103 115.48 86.99 40.00
C LYS U 103 115.51 88.37 40.63
N PRO U 104 116.58 89.15 40.46
CA PRO U 104 116.68 90.42 41.20
C PRO U 104 115.71 91.46 40.67
N LEU U 105 115.25 92.30 41.59
CA LEU U 105 114.14 93.20 41.34
C LEU U 105 114.49 94.21 40.24
N PRO U 106 113.50 94.71 39.51
CA PRO U 106 113.77 95.76 38.52
C PRO U 106 114.20 97.05 39.22
N THR U 107 115.23 97.68 38.67
CA THR U 107 115.81 98.86 39.30
C THR U 107 114.88 100.06 39.30
N LYS U 108 113.89 100.10 38.40
CA LYS U 108 112.96 101.21 38.30
C LYS U 108 111.56 100.73 38.66
N LYS U 109 110.92 101.44 39.57
CA LYS U 109 109.59 101.09 40.07
C LYS U 109 108.51 101.78 39.24
N THR U 110 107.32 101.18 39.25
CA THR U 110 106.18 101.68 38.50
C THR U 110 104.96 101.74 39.41
N GLY U 111 104.40 102.94 39.56
CA GLY U 111 103.22 103.12 40.39
C GLY U 111 103.51 103.33 41.86
N LYS U 112 102.91 104.36 42.45
CA LYS U 112 103.04 104.66 43.87
C LYS U 112 101.81 104.15 44.61
N VAL U 113 102.03 103.44 45.70
CA VAL U 113 100.96 102.88 46.53
C VAL U 113 101.25 103.19 47.99
N ILE U 114 100.26 103.76 48.67
CA ILE U 114 100.34 104.05 50.10
C ILE U 114 99.45 103.07 50.83
N ILE U 115 100.01 102.36 51.81
CA ILE U 115 99.28 101.39 52.61
C ILE U 115 99.13 101.96 54.02
N ILE U 116 97.88 102.04 54.49
CA ILE U 116 97.58 102.57 55.81
C ILE U 116 97.58 101.42 56.80
N GLY U 117 98.53 101.43 57.73
CA GLY U 117 98.63 100.37 58.71
C GLY U 117 99.68 99.34 58.37
N SER U 118 100.43 98.88 59.37
CA SER U 118 101.48 97.90 59.14
C SER U 118 101.14 96.57 59.83
N GLY U 119 99.92 96.10 59.64
CA GLY U 119 99.49 94.83 60.18
C GLY U 119 99.89 93.67 59.29
N VAL U 120 99.40 92.48 59.66
CA VAL U 120 99.68 91.28 58.88
C VAL U 120 99.17 91.45 57.45
N SER U 121 97.97 92.02 57.29
CA SER U 121 97.46 92.29 55.96
C SER U 121 98.28 93.34 55.24
N GLY U 122 98.65 94.41 55.95
CA GLY U 122 99.45 95.45 55.33
C GLY U 122 100.84 95.00 54.95
N LEU U 123 101.50 94.24 55.83
CA LEU U 123 102.85 93.77 55.53
C LEU U 123 102.84 92.75 54.40
N ALA U 124 101.82 91.89 54.35
CA ALA U 124 101.75 90.90 53.28
C ALA U 124 101.54 91.56 51.93
N ALA U 125 100.59 92.51 51.85
CA ALA U 125 100.36 93.22 50.61
C ALA U 125 101.58 94.06 50.20
N ALA U 126 102.31 94.58 51.19
CA ALA U 126 103.49 95.38 50.88
C ALA U 126 104.60 94.55 50.27
N ARG U 127 104.80 93.33 50.79
CA ARG U 127 105.86 92.47 50.28
C ARG U 127 105.54 92.00 48.87
N GLN U 128 104.27 91.69 48.60
CA GLN U 128 103.87 91.25 47.26
C GLN U 128 104.02 92.38 46.25
N LEU U 129 103.50 93.57 46.57
CA LEU U 129 103.56 94.68 45.63
C LEU U 129 105.00 95.11 45.38
N GLN U 130 105.86 95.05 46.41
CA GLN U 130 107.27 95.38 46.21
C GLN U 130 107.95 94.31 45.37
N SER U 131 107.61 93.04 45.60
CA SER U 131 108.15 91.97 44.76
C SER U 131 107.62 92.06 43.34
N PHE U 132 106.43 92.64 43.15
CA PHE U 132 105.86 92.85 41.83
C PHE U 132 106.49 94.01 41.09
N GLY U 133 107.25 94.86 41.78
CA GLY U 133 107.94 95.97 41.16
C GLY U 133 107.30 97.32 41.35
N MET U 134 106.50 97.52 42.39
CA MET U 134 105.85 98.78 42.65
C MET U 134 106.44 99.44 43.90
N ASP U 135 106.27 100.75 43.99
CA ASP U 135 106.77 101.53 45.11
C ASP U 135 105.70 101.57 46.20
N VAL U 136 106.05 101.10 47.39
CA VAL U 136 105.11 100.95 48.50
C VAL U 136 105.66 101.67 49.71
N THR U 137 104.79 102.44 50.38
CA THR U 137 105.13 103.11 51.63
C THR U 137 104.03 102.84 52.64
N LEU U 138 104.41 102.44 53.85
CA LEU U 138 103.47 102.06 54.89
C LEU U 138 103.38 103.17 55.94
N LEU U 139 102.16 103.43 56.40
CA LEU U 139 101.89 104.44 57.43
C LEU U 139 101.29 103.74 58.64
N GLU U 140 102.03 103.74 59.74
CA GLU U 140 101.60 103.08 60.97
C GLU U 140 101.53 104.10 62.10
N ALA U 141 100.40 104.11 62.82
CA ALA U 141 100.24 105.03 63.94
C ALA U 141 101.01 104.56 65.16
N ARG U 142 101.05 103.26 65.42
CA ARG U 142 101.77 102.73 66.56
C ARG U 142 103.28 102.91 66.38
N ASP U 143 104.01 102.68 67.47
CA ASP U 143 105.46 102.74 67.46
C ASP U 143 106.11 101.41 67.10
N ARG U 144 105.37 100.55 66.40
CA ARG U 144 105.85 99.21 66.04
C ARG U 144 104.98 98.69 64.91
N VAL U 145 105.32 97.50 64.42
CA VAL U 145 104.55 96.85 63.39
C VAL U 145 103.72 95.74 64.01
N GLY U 146 102.82 95.16 63.22
CA GLY U 146 101.97 94.08 63.69
C GLY U 146 100.56 94.53 64.03
N GLY U 147 100.44 95.70 64.66
CA GLY U 147 99.14 96.22 65.05
C GLY U 147 98.47 95.36 66.10
N ARG U 148 97.49 94.57 65.68
CA ARG U 148 96.83 93.61 66.56
C ARG U 148 97.69 92.38 66.83
N VAL U 149 98.97 92.44 66.48
CA VAL U 149 99.96 91.43 66.84
C VAL U 149 100.82 92.05 67.93
N ALA U 150 100.61 91.63 69.18
CA ALA U 150 101.28 92.23 70.33
C ALA U 150 101.95 91.14 71.15
N THR U 151 103.24 91.34 71.44
CA THR U 151 104.01 90.42 72.27
C THR U 151 104.71 91.21 73.37
N PHE U 152 104.54 90.78 74.62
CA PHE U 152 105.23 91.37 75.75
C PHE U 152 106.59 90.70 75.91
N ARG U 153 107.66 91.50 75.89
CA ARG U 153 109.03 90.99 76.00
C ARG U 153 109.76 91.81 77.04
N LYS U 154 110.20 91.16 78.11
CA LYS U 154 110.99 91.83 79.14
C LYS U 154 111.82 90.78 79.86
N GLY U 155 113.15 90.89 79.76
CA GLY U 155 114.03 89.92 80.36
C GLY U 155 113.90 88.56 79.70
N ASN U 156 113.35 87.59 80.42
CA ASN U 156 113.13 86.25 79.89
C ASN U 156 111.65 85.93 79.73
N TYR U 157 110.76 86.85 80.05
CA TYR U 157 109.32 86.62 79.95
C TYR U 157 108.82 87.03 78.57
N VAL U 158 108.09 86.12 77.92
CA VAL U 158 107.48 86.39 76.61
C VAL U 158 106.05 85.88 76.64
N ALA U 159 105.09 86.76 76.38
CA ALA U 159 103.69 86.40 76.38
C ALA U 159 102.96 87.26 75.35
N ASP U 160 102.13 86.63 74.54
CA ASP U 160 101.40 87.33 73.48
C ASP U 160 100.09 87.89 74.01
N LEU U 161 99.88 89.18 73.79
CA LEU U 161 98.66 89.85 74.20
C LEU U 161 97.60 89.91 73.10
N GLY U 162 97.93 89.50 71.88
CA GLY U 162 97.00 89.59 70.77
C GLY U 162 96.61 88.28 70.12
N ALA U 163 97.51 87.81 69.26
CA ALA U 163 97.37 86.58 68.48
C ALA U 163 98.59 85.71 68.70
N MET U 164 98.38 84.42 68.96
CA MET U 164 99.51 83.50 69.08
C MET U 164 99.11 82.05 68.88
N VAL U 165 97.81 81.77 68.78
CA VAL U 165 97.31 80.40 68.73
C VAL U 165 97.00 80.05 67.29
N VAL U 166 97.69 79.06 66.76
CA VAL U 166 97.44 78.58 65.41
C VAL U 166 96.22 77.66 65.42
N THR U 167 95.34 77.85 64.43
CA THR U 167 94.13 77.04 64.29
C THR U 167 94.38 75.72 63.55
N GLY U 168 95.64 75.33 63.40
CA GLY U 168 95.98 74.12 62.66
C GLY U 168 96.82 74.41 61.44
N LEU U 169 97.70 73.47 61.08
CA LEU U 169 98.57 73.66 59.93
C LEU U 169 97.96 73.18 58.62
N GLY U 170 96.92 72.34 58.68
CA GLY U 170 96.30 71.82 57.48
C GLY U 170 95.61 72.90 56.65
N GLY U 171 96.26 73.35 55.59
CA GLY U 171 95.72 74.39 54.76
C GLY U 171 95.99 75.79 55.24
N ASN U 172 96.87 75.97 56.23
CA ASN U 172 97.17 77.28 56.75
C ASN U 172 98.42 77.82 56.08
N PRO U 173 98.36 78.99 55.42
CA PRO U 173 99.59 79.59 54.88
C PRO U 173 100.61 79.94 55.96
N MET U 174 100.21 79.93 57.24
CA MET U 174 101.17 80.13 58.32
C MET U 174 102.18 79.00 58.43
N ALA U 175 101.84 77.80 57.93
CA ALA U 175 102.81 76.72 57.88
C ALA U 175 103.99 77.08 56.98
N VAL U 176 103.69 77.70 55.83
CA VAL U 176 104.77 78.23 54.99
C VAL U 176 105.52 79.33 55.73
N VAL U 177 104.80 80.17 56.47
CA VAL U 177 105.44 81.22 57.26
C VAL U 177 106.36 80.61 58.31
N SER U 178 105.91 79.53 58.94
CA SER U 178 106.74 78.88 59.95
C SER U 178 107.98 78.24 59.35
N LYS U 179 107.91 77.83 58.09
CA LYS U 179 109.09 77.31 57.40
C LYS U 179 110.01 78.43 56.92
N GLN U 180 109.49 79.65 56.76
CA GLN U 180 110.29 80.78 56.34
C GLN U 180 110.83 81.58 57.52
N VAL U 181 110.01 81.81 58.54
CA VAL U 181 110.39 82.60 59.71
C VAL U 181 110.62 81.65 60.88
N ASN U 182 111.62 81.97 61.70
CA ASN U 182 112.00 81.14 62.85
C ASN U 182 110.86 81.15 63.86
N MET U 183 109.86 80.30 63.61
CA MET U 183 108.74 80.11 64.52
C MET U 183 108.93 78.80 65.28
N GLU U 184 108.70 78.84 66.59
CA GLU U 184 108.79 77.66 67.45
C GLU U 184 107.37 77.26 67.83
N LEU U 185 106.81 76.30 67.11
CA LEU U 185 105.44 75.87 67.32
C LEU U 185 105.41 74.72 68.33
N ALA U 186 104.46 74.78 69.25
CA ALA U 186 104.31 73.78 70.30
C ALA U 186 102.86 73.33 70.35
N LYS U 187 102.65 72.02 70.45
CA LYS U 187 101.30 71.48 70.48
C LYS U 187 100.64 71.77 71.83
N ILE U 188 99.32 71.93 71.80
CA ILE U 188 98.54 72.29 72.96
C ILE U 188 97.63 71.10 73.31
N LYS U 189 97.88 70.48 74.47
CA LYS U 189 97.01 69.42 74.93
C LYS U 189 95.68 70.01 75.39
N GLN U 190 94.58 69.43 74.89
CA GLN U 190 93.26 69.99 75.15
C GLN U 190 92.71 69.68 76.53
N LYS U 191 93.45 68.95 77.36
CA LYS U 191 93.00 68.67 78.71
C LYS U 191 92.89 69.97 79.50
N CYS U 192 91.68 70.28 79.95
CA CYS U 192 91.41 71.52 80.68
C CYS U 192 90.46 71.24 81.84
N PRO U 193 90.99 70.96 83.02
CA PRO U 193 90.13 70.76 84.18
C PRO U 193 89.45 72.05 84.60
N LEU U 194 88.33 71.89 85.29
CA LEU U 194 87.51 73.02 85.73
C LEU U 194 87.36 73.01 87.24
N TYR U 195 87.52 74.18 87.85
CA TYR U 195 87.32 74.36 89.28
C TYR U 195 86.24 75.41 89.49
N GLU U 196 85.31 75.12 90.40
CA GLU U 196 84.16 75.98 90.65
C GLU U 196 84.62 77.24 91.39
N ALA U 197 83.63 78.00 91.89
CA ALA U 197 83.95 79.22 92.64
C ALA U 197 84.71 78.90 93.92
N ASN U 198 84.44 77.74 94.53
CA ASN U 198 85.14 77.36 95.75
C ASN U 198 86.58 76.92 95.50
N GLY U 199 86.96 76.67 94.24
CA GLY U 199 88.30 76.24 93.90
C GLY U 199 88.48 74.75 93.77
N GLN U 200 87.44 73.95 94.01
CA GLN U 200 87.53 72.51 93.90
C GLN U 200 87.13 72.05 92.50
N ALA U 201 87.73 70.94 92.07
CA ALA U 201 87.53 70.46 90.72
C ALA U 201 86.10 69.92 90.53
N VAL U 202 85.69 69.82 89.27
CA VAL U 202 84.37 69.34 88.91
C VAL U 202 84.46 67.84 88.61
N PRO U 203 83.54 67.02 89.13
CA PRO U 203 83.57 65.59 88.83
C PRO U 203 83.39 65.31 87.36
N LYS U 204 83.80 64.10 86.94
CA LYS U 204 83.73 63.74 85.54
C LYS U 204 82.28 63.62 85.06
N GLU U 205 81.41 63.02 85.87
CA GLU U 205 80.03 62.79 85.43
C GLU U 205 79.32 64.10 85.16
N LYS U 206 79.35 65.03 86.12
CA LYS U 206 78.66 66.29 85.94
C LYS U 206 79.28 67.12 84.82
N ASP U 207 80.61 67.14 84.75
CA ASP U 207 81.27 67.92 83.69
C ASP U 207 80.93 67.39 82.31
N GLU U 208 80.94 66.06 82.14
CA GLU U 208 80.64 65.48 80.84
C GLU U 208 79.17 65.65 80.47
N MET U 209 78.27 65.49 81.45
CA MET U 209 76.85 65.60 81.17
C MET U 209 76.44 67.04 80.84
N VAL U 210 77.02 68.01 81.56
CA VAL U 210 76.69 69.41 81.28
C VAL U 210 77.30 69.84 79.94
N GLU U 211 78.55 69.43 79.68
CA GLU U 211 79.18 69.77 78.40
C GLU U 211 78.45 69.13 77.24
N GLN U 212 77.96 67.90 77.42
CA GLN U 212 77.13 67.28 76.39
C GLN U 212 75.83 68.04 76.20
N GLU U 213 75.19 68.46 77.30
CA GLU U 213 74.01 69.31 77.19
C GLU U 213 74.34 70.64 76.55
N PHE U 214 75.54 71.17 76.80
CA PHE U 214 75.97 72.41 76.17
C PHE U 214 75.98 72.28 74.65
N ASN U 215 76.57 71.19 74.14
CA ASN U 215 76.54 70.94 72.71
C ASN U 215 75.13 70.67 72.21
N ARG U 216 74.30 70.01 73.03
CA ARG U 216 72.92 69.74 72.64
C ARG U 216 72.11 71.03 72.51
N LEU U 217 72.34 71.99 73.41
CA LEU U 217 71.65 73.26 73.31
C LEU U 217 72.06 74.01 72.06
N LEU U 218 73.35 74.00 71.71
CA LEU U 218 73.80 74.69 70.52
C LEU U 218 73.24 74.05 69.26
N GLU U 219 73.19 72.71 69.21
CA GLU U 219 72.56 72.04 68.08
C GLU U 219 71.07 72.37 68.00
N ALA U 220 70.42 72.56 69.15
CA ALA U 220 69.02 72.95 69.15
C ALA U 220 68.84 74.34 68.56
N THR U 221 69.72 75.29 68.93
CA THR U 221 69.64 76.63 68.37
C THR U 221 69.93 76.63 66.87
N SER U 222 70.82 75.75 66.41
CA SER U 222 71.11 75.67 64.98
C SER U 222 69.89 75.19 64.21
N TYR U 223 69.10 74.29 64.79
CA TYR U 223 67.90 73.79 64.12
C TYR U 223 66.76 74.80 64.21
N LEU U 224 66.75 75.66 65.23
CA LEU U 224 65.79 76.74 65.29
C LEU U 224 65.98 77.70 64.11
N SER U 225 67.23 77.96 63.73
CA SER U 225 67.53 78.94 62.70
C SER U 225 67.22 78.41 61.31
N HIS U 226 67.69 77.20 61.00
CA HIS U 226 67.64 76.70 59.63
C HIS U 226 66.35 75.93 59.31
N GLN U 227 65.63 75.44 60.31
CA GLN U 227 64.45 74.61 60.09
C GLN U 227 63.16 75.29 60.52
N LEU U 228 63.11 75.85 61.73
CA LEU U 228 61.88 76.47 62.22
C LEU U 228 61.75 77.93 61.83
N ASP U 229 62.77 78.51 61.20
CA ASP U 229 62.72 79.88 60.69
C ASP U 229 62.43 80.88 61.80
N PHE U 230 63.00 80.64 62.98
CA PHE U 230 62.90 81.56 64.10
C PHE U 230 63.94 82.68 64.03
N ASN U 231 64.57 82.85 62.86
CA ASN U 231 65.69 83.76 62.72
C ASN U 231 65.31 85.23 62.89
N VAL U 232 64.02 85.56 62.82
CA VAL U 232 63.56 86.95 62.88
C VAL U 232 62.54 87.08 63.98
N LEU U 233 62.71 88.10 64.84
CA LEU U 233 61.77 88.36 65.93
C LEU U 233 61.83 89.85 66.22
N ASN U 234 60.73 90.55 65.95
CA ASN U 234 60.59 91.98 66.25
C ASN U 234 61.63 92.80 65.47
N ASN U 235 61.69 92.56 64.15
CA ASN U 235 62.61 93.24 63.24
C ASN U 235 64.06 93.13 63.69
N LYS U 236 64.34 92.24 64.65
CA LYS U 236 65.68 92.06 65.17
C LYS U 236 66.06 90.58 65.00
N PRO U 237 67.13 90.27 64.29
CA PRO U 237 67.53 88.86 64.15
C PRO U 237 67.87 88.27 65.52
N VAL U 238 67.27 87.11 65.80
CA VAL U 238 67.47 86.48 67.09
C VAL U 238 68.95 86.17 67.31
N SER U 239 69.41 86.39 68.54
CA SER U 239 70.80 86.15 68.88
C SER U 239 70.99 84.73 69.38
N LEU U 240 72.24 84.27 69.36
CA LEU U 240 72.56 82.94 69.88
C LEU U 240 72.21 82.85 71.35
N GLY U 241 72.42 83.93 72.11
CA GLY U 241 72.03 83.93 73.51
C GLY U 241 70.53 83.86 73.69
N GLN U 242 69.78 84.57 72.85
CA GLN U 242 68.32 84.48 72.91
C GLN U 242 67.84 83.07 72.56
N ALA U 243 68.41 82.49 71.50
CA ALA U 243 68.02 81.14 71.11
C ALA U 243 68.36 80.12 72.20
N LEU U 244 69.55 80.27 72.81
CA LEU U 244 69.91 79.40 73.93
C LEU U 244 68.95 79.58 75.09
N GLU U 245 68.55 80.83 75.37
CA GLU U 245 67.62 81.08 76.46
C GLU U 245 66.25 80.47 76.18
N VAL U 246 65.83 80.48 74.91
CA VAL U 246 64.54 79.89 74.55
C VAL U 246 64.57 78.37 74.78
N VAL U 247 65.62 77.71 74.31
CA VAL U 247 65.71 76.26 74.44
C VAL U 247 65.75 75.85 75.91
N ILE U 248 66.48 76.61 76.73
CA ILE U 248 66.52 76.33 78.16
C ILE U 248 65.14 76.48 78.78
N GLN U 249 64.40 77.53 78.37
CA GLN U 249 63.03 77.68 78.83
C GLN U 249 62.14 76.55 78.32
N LEU U 250 62.42 76.04 77.11
CA LEU U 250 61.68 74.90 76.60
C LEU U 250 61.96 73.64 77.41
N GLN U 251 63.23 73.45 77.80
CA GLN U 251 63.57 72.28 78.62
C GLN U 251 62.93 72.36 79.99
N GLU U 252 62.89 73.56 80.58
CA GLU U 252 62.20 73.74 81.86
C GLU U 252 60.72 73.41 81.73
N LYS U 253 60.09 73.85 80.64
CA LYS U 253 58.69 73.54 80.41
C LYS U 253 58.49 72.04 80.20
N HIS U 254 59.40 71.40 79.47
CA HIS U 254 59.28 69.97 79.22
C HIS U 254 59.39 69.17 80.51
N VAL U 255 60.30 69.57 81.40
CA VAL U 255 60.43 68.87 82.68
C VAL U 255 59.19 69.09 83.54
N LYS U 256 58.66 70.31 83.54
CA LYS U 256 57.44 70.59 84.30
C LYS U 256 56.26 69.79 83.77
N ASP U 257 56.16 69.64 82.45
CA ASP U 257 55.11 68.81 81.89
C ASP U 257 55.33 67.34 82.23
N GLU U 258 56.59 66.91 82.34
CA GLU U 258 56.87 65.53 82.72
C GLU U 258 56.39 65.24 84.13
N GLN U 259 56.71 66.12 85.08
CA GLN U 259 56.30 65.89 86.46
C GLN U 259 54.79 66.04 86.64
N ILE U 260 54.17 66.98 85.91
CA ILE U 260 52.73 67.14 85.99
C ILE U 260 52.01 65.89 85.48
N GLU U 261 52.48 65.34 84.36
CA GLU U 261 51.90 64.09 83.86
C GLU U 261 52.12 62.95 84.84
N HIS U 262 53.24 62.96 85.57
CA HIS U 262 53.52 61.89 86.52
C HIS U 262 52.62 62.00 87.75
N TRP U 263 52.42 63.21 88.27
CA TRP U 263 51.50 63.38 89.39
C TRP U 263 50.06 63.11 88.98
N LYS U 264 49.72 63.37 87.71
CA LYS U 264 48.39 63.02 87.22
C LYS U 264 48.20 61.52 87.14
N LYS U 265 49.26 60.78 86.78
CA LYS U 265 49.19 59.33 86.82
C LYS U 265 48.99 58.83 88.25
N ILE U 266 49.61 59.50 89.22
CA ILE U 266 49.42 59.14 90.62
C ILE U 266 48.00 59.45 91.05
N VAL U 267 47.42 60.54 90.54
CA VAL U 267 46.01 60.85 90.83
C VAL U 267 45.11 59.78 90.21
N LYS U 268 45.41 59.37 88.98
CA LYS U 268 44.61 58.34 88.33
C LYS U 268 44.66 57.03 89.10
N THR U 269 45.83 56.66 89.60
CA THR U 269 45.94 55.47 90.43
C THR U 269 45.25 55.67 91.77
N GLN U 270 45.35 56.88 92.33
CA GLN U 270 44.69 57.18 93.60
C GLN U 270 43.17 57.12 93.45
N GLU U 271 42.65 57.50 92.28
CA GLU U 271 41.21 57.43 92.05
C GLU U 271 40.75 55.98 91.88
N GLU U 272 41.57 55.13 91.27
CA GLU U 272 41.23 53.71 91.15
C GLU U 272 41.15 53.06 92.53
N LEU U 273 42.07 53.41 93.43
CA LEU U 273 41.98 52.92 94.79
C LEU U 273 40.76 53.48 95.51
N LYS U 274 40.38 54.73 95.19
CA LYS U 274 39.18 55.31 95.79
C LYS U 274 37.94 54.51 95.41
N GLU U 275 37.80 54.17 94.14
CA GLU U 275 36.64 53.40 93.71
C GLU U 275 36.70 51.97 94.24
N LEU U 276 37.90 51.38 94.31
CA LEU U 276 38.03 50.01 94.80
C LEU U 276 37.69 49.93 96.29
N LEU U 277 38.19 50.87 97.09
CA LEU U 277 37.88 50.86 98.51
C LEU U 277 36.40 51.14 98.75
N ASN U 278 35.79 52.01 97.94
CA ASN U 278 34.34 52.20 98.03
C ASN U 278 33.60 50.91 97.75
N LYS U 279 34.03 50.16 96.73
CA LYS U 279 33.42 48.87 96.44
C LYS U 279 33.77 47.84 97.50
N MET U 280 34.97 47.93 98.08
CA MET U 280 35.36 47.01 99.14
C MET U 280 34.53 47.23 100.40
N VAL U 281 34.33 48.49 100.80
CA VAL U 281 33.51 48.78 101.97
C VAL U 281 32.06 48.41 101.72
N ASN U 282 31.53 48.74 100.54
CA ASN U 282 30.16 48.36 100.21
C ASN U 282 29.97 46.85 100.22
N LEU U 283 30.97 46.11 99.73
CA LEU U 283 30.86 44.66 99.72
C LEU U 283 30.91 44.09 101.13
N LYS U 284 31.76 44.65 102.00
CA LYS U 284 31.86 44.15 103.36
C LYS U 284 30.56 44.38 104.13
N GLU U 285 29.92 45.54 103.94
CA GLU U 285 28.64 45.80 104.60
C GLU U 285 27.57 44.83 104.10
N LYS U 286 27.58 44.51 102.80
CA LYS U 286 26.63 43.55 102.27
C LYS U 286 26.92 42.15 102.80
N ILE U 287 28.21 41.79 102.94
CA ILE U 287 28.57 40.51 103.51
C ILE U 287 28.12 40.42 104.97
N LYS U 288 28.29 41.51 105.72
CA LYS U 288 27.93 41.50 107.13
C LYS U 288 26.43 41.32 107.32
N GLU U 289 25.61 42.04 106.55
CA GLU U 289 24.16 41.92 106.69
C GLU U 289 23.69 40.56 106.21
N LEU U 290 24.29 40.02 105.15
CA LEU U 290 23.96 38.68 104.72
C LEU U 290 24.43 37.65 105.74
N HIS U 291 25.60 37.87 106.34
CA HIS U 291 26.08 36.97 107.38
C HIS U 291 25.14 36.97 108.58
N GLN U 292 24.57 38.12 108.92
CA GLN U 292 23.59 38.19 109.99
C GLN U 292 22.33 37.41 109.62
N GLN U 293 21.86 37.55 108.38
CA GLN U 293 20.71 36.77 107.92
C GLN U 293 21.03 35.28 107.89
N TYR U 294 22.27 34.93 107.53
CA TYR U 294 22.66 33.53 107.47
C TYR U 294 22.84 32.94 108.87
N LYS U 295 23.31 33.75 109.81
CA LYS U 295 23.43 33.28 111.19
C LYS U 295 22.05 33.08 111.83
N GLU U 296 21.10 33.97 111.53
CA GLU U 296 19.76 33.83 112.06
C GLU U 296 19.09 32.55 111.53
N ALA U 297 19.31 32.24 110.26
CA ALA U 297 18.77 31.01 109.69
C ALA U 297 19.45 29.78 110.25
N SER U 298 20.73 29.91 110.65
CA SER U 298 21.45 28.79 111.25
C SER U 298 21.08 28.55 112.70
N GLU U 299 20.40 29.49 113.35
CA GLU U 299 19.97 29.28 114.72
C GLU U 299 18.91 28.20 114.82
N VAL U 300 18.14 27.98 113.75
CA VAL U 300 17.14 26.92 113.73
C VAL U 300 17.84 25.57 113.74
N LYS U 301 17.12 24.55 114.20
CA LYS U 301 17.65 23.19 114.36
C LYS U 301 18.22 22.67 113.05
N PRO U 302 19.52 22.38 112.97
CA PRO U 302 20.08 21.80 111.76
C PRO U 302 19.58 20.40 111.47
N PRO U 303 19.44 19.50 112.49
CA PRO U 303 18.98 18.15 112.09
C PRO U 303 17.48 18.09 111.84
N ARG U 304 17.06 18.67 110.71
CA ARG U 304 15.65 18.69 110.35
C ARG U 304 15.52 18.41 108.86
N ASP U 305 14.61 17.50 108.51
CA ASP U 305 14.36 17.12 107.12
C ASP U 305 13.02 17.67 106.62
N ILE U 306 12.62 18.84 107.10
CA ILE U 306 11.39 19.48 106.63
C ILE U 306 11.78 20.78 105.93
N THR U 307 12.39 20.65 104.75
CA THR U 307 12.85 21.79 103.96
C THR U 307 13.69 22.76 104.79
N ALA U 308 14.64 22.19 105.53
CA ALA U 308 15.51 22.98 106.40
C ALA U 308 16.91 22.40 106.43
N GLU U 309 17.40 21.95 105.28
CA GLU U 309 18.74 21.40 105.15
C GLU U 309 19.49 21.96 103.95
N PHE U 310 18.81 22.19 102.84
CA PHE U 310 19.46 22.75 101.65
C PHE U 310 19.92 24.19 101.90
N LEU U 311 19.21 24.95 102.73
CA LEU U 311 19.59 26.33 103.00
C LEU U 311 20.91 26.40 103.75
N VAL U 312 21.16 25.45 104.65
CA VAL U 312 22.37 25.49 105.46
C VAL U 312 23.62 25.42 104.59
N LYS U 313 23.66 24.43 103.69
CA LYS U 313 24.83 24.29 102.81
C LYS U 313 24.95 25.47 101.87
N SER U 314 23.83 26.01 101.40
CA SER U 314 23.88 27.16 100.50
C SER U 314 24.50 28.37 101.18
N LYS U 315 24.15 28.60 102.45
CA LYS U 315 24.74 29.72 103.19
C LYS U 315 26.24 29.53 103.38
N HIS U 316 26.67 28.29 103.62
CA HIS U 316 28.09 28.02 103.86
C HIS U 316 28.91 28.26 102.61
N ARG U 317 28.44 27.78 101.45
CA ARG U 317 29.16 28.02 100.21
C ARG U 317 29.17 29.49 99.84
N ASP U 318 28.04 30.18 100.02
CA ASP U 318 27.98 31.60 99.68
C ASP U 318 28.90 32.42 100.58
N LEU U 319 28.92 32.11 101.88
CA LEU U 319 29.81 32.82 102.79
C LEU U 319 31.27 32.55 102.47
N THR U 320 31.59 31.31 102.07
CA THR U 320 32.95 30.99 101.69
C THR U 320 33.38 31.77 100.45
N ALA U 321 32.47 31.93 99.48
CA ALA U 321 32.78 32.71 98.30
C ALA U 321 32.95 34.19 98.63
N LEU U 322 32.16 34.71 99.57
CA LEU U 322 32.31 36.10 99.98
C LEU U 322 33.64 36.33 100.67
N CYS U 323 34.10 35.38 101.47
CA CYS U 323 35.41 35.50 102.09
C CYS U 323 36.53 35.43 101.06
N LYS U 324 36.35 34.60 100.02
CA LYS U 324 37.35 34.51 98.97
C LYS U 324 37.46 35.82 98.20
N GLU U 325 36.33 36.47 97.93
CA GLU U 325 36.36 37.77 97.26
C GLU U 325 37.02 38.82 98.14
N TYR U 326 36.74 38.79 99.44
CA TYR U 326 37.38 39.74 100.36
C TYR U 326 38.88 39.55 100.39
N ASP U 327 39.36 38.31 100.24
CA ASP U 327 40.79 38.07 100.22
C ASP U 327 41.44 38.60 98.94
N GLU U 328 40.76 38.44 97.80
CA GLU U 328 41.29 38.96 96.55
C GLU U 328 41.32 40.48 96.56
N LEU U 329 40.29 41.11 97.10
CA LEU U 329 40.31 42.57 97.23
C LEU U 329 41.38 43.04 98.20
N ALA U 330 41.66 42.24 99.24
CA ALA U 330 42.76 42.57 100.15
C ALA U 330 44.11 42.42 99.43
N GLU U 331 44.22 41.44 98.54
CA GLU U 331 45.43 41.29 97.73
C GLU U 331 45.65 42.53 96.87
N THR U 332 44.61 42.99 96.19
CA THR U 332 44.73 44.18 95.36
C THR U 332 44.94 45.42 96.21
N GLN U 333 44.40 45.44 97.43
CA GLN U 333 44.62 46.57 98.33
C GLN U 333 46.11 46.72 98.65
N GLY U 334 46.77 45.62 98.99
CA GLY U 334 48.20 45.69 99.27
C GLY U 334 49.01 46.04 98.05
N LYS U 335 48.60 45.57 96.88
CA LYS U 335 49.30 45.90 95.64
C LYS U 335 49.19 47.38 95.31
N LEU U 336 48.00 47.96 95.50
CA LEU U 336 47.83 49.38 95.24
C LEU U 336 48.49 50.24 96.31
N GLU U 337 48.55 49.74 97.56
CA GLU U 337 49.22 50.48 98.60
C GLU U 337 50.73 50.54 98.38
N GLU U 338 51.34 49.41 98.01
CA GLU U 338 52.76 49.41 97.69
C GLU U 338 53.04 50.19 96.40
N LYS U 339 52.05 50.31 95.51
CA LYS U 339 52.24 51.12 94.31
C LYS U 339 52.28 52.61 94.64
N LEU U 340 51.43 53.04 95.59
CA LEU U 340 51.43 54.45 95.98
C LEU U 340 52.68 54.80 96.78
N GLN U 341 53.10 53.92 97.68
CA GLN U 341 54.34 54.15 98.42
C GLN U 341 55.55 54.18 97.52
N GLU U 342 55.47 53.57 96.33
CA GLU U 342 56.55 53.65 95.37
C GLU U 342 56.50 54.96 94.57
N LEU U 343 55.32 55.36 94.14
CA LEU U 343 55.16 56.58 93.34
C LEU U 343 55.35 57.85 94.16
N GLU U 344 55.55 57.75 95.47
CA GLU U 344 55.73 58.92 96.32
C GLU U 344 57.16 59.08 96.82
N ALA U 345 58.06 58.15 96.48
CA ALA U 345 59.44 58.25 96.92
C ALA U 345 60.44 57.77 95.88
N ASN U 346 60.00 57.30 94.71
CA ASN U 346 60.88 56.81 93.67
C ASN U 346 61.02 57.80 92.52
N PRO U 347 59.93 58.32 91.93
CA PRO U 347 60.08 59.17 90.76
C PRO U 347 60.74 60.49 91.12
N PRO U 348 61.56 61.04 90.23
CA PRO U 348 62.23 62.31 90.54
C PRO U 348 61.23 63.46 90.59
N SER U 349 61.62 64.51 91.31
CA SER U 349 60.79 65.69 91.45
C SER U 349 61.69 66.89 91.73
N ASP U 350 61.11 68.08 91.57
CA ASP U 350 61.78 69.35 91.90
C ASP U 350 63.09 69.50 91.13
N VAL U 351 62.98 69.39 89.80
CA VAL U 351 64.14 69.55 88.95
C VAL U 351 64.44 71.03 88.71
N TYR U 352 63.45 71.77 88.20
CA TYR U 352 63.56 73.19 87.93
C TYR U 352 64.84 73.53 87.16
N LEU U 353 65.78 74.20 87.83
CA LEU U 353 67.08 74.49 87.24
C LEU U 353 68.20 73.84 88.06
N SER U 354 68.08 72.55 88.30
CA SER U 354 69.09 71.74 89.00
C SER U 354 69.32 72.34 90.39
N SER U 355 70.53 72.20 90.93
CA SER U 355 70.87 72.73 92.23
C SER U 355 71.79 73.95 92.10
N ARG U 356 71.30 74.98 91.41
CA ARG U 356 72.12 76.14 91.06
C ARG U 356 73.39 75.66 90.36
N ASP U 357 73.25 75.27 89.09
CA ASP U 357 74.33 74.58 88.41
C ASP U 357 74.62 75.11 87.01
N ARG U 358 73.89 76.10 86.52
CA ARG U 358 74.19 76.66 85.21
C ARG U 358 75.51 77.43 85.21
N GLN U 359 76.14 77.55 86.37
CA GLN U 359 77.47 78.12 86.51
C GLN U 359 78.43 77.55 85.47
N ILE U 360 78.59 76.22 85.46
CA ILE U 360 79.52 75.59 84.54
C ILE U 360 79.02 75.71 83.10
N LEU U 361 77.69 75.80 82.92
CA LEU U 361 77.16 76.03 81.58
C LEU U 361 77.57 77.41 81.09
N ASP U 362 77.64 78.39 82.01
CA ASP U 362 78.03 79.74 81.63
C ASP U 362 79.51 79.82 81.30
N TRP U 363 80.33 78.95 81.90
CA TRP U 363 81.75 78.88 81.53
C TRP U 363 81.91 78.48 80.07
N HIS U 364 81.17 77.45 79.64
CA HIS U 364 81.18 77.08 78.23
C HIS U 364 80.64 78.21 77.37
N PHE U 365 79.65 78.95 77.89
CA PHE U 365 79.18 80.14 77.19
C PHE U 365 80.28 81.19 77.12
N ALA U 366 81.04 81.35 78.20
CA ALA U 366 82.16 82.29 78.20
C ALA U 366 83.24 81.84 77.22
N ASN U 367 83.49 80.54 77.13
CA ASN U 367 84.40 80.03 76.13
C ASN U 367 83.90 80.33 74.72
N LEU U 368 82.59 80.16 74.50
CA LEU U 368 82.02 80.50 73.21
C LEU U 368 82.04 82.01 72.96
N GLU U 369 81.91 82.80 74.02
CA GLU U 369 82.03 84.25 73.88
C GLU U 369 83.48 84.67 73.65
N PHE U 370 84.43 83.90 74.18
CA PHE U 370 85.84 84.19 73.92
C PHE U 370 86.19 83.93 72.46
N ALA U 371 85.61 82.89 71.88
CA ALA U 371 85.87 82.60 70.47
C ALA U 371 85.34 83.71 69.57
N ASN U 372 84.34 84.45 70.03
CA ASN U 372 83.75 85.53 69.25
C ASN U 372 83.99 86.91 69.86
N ALA U 373 84.64 86.98 71.03
CA ALA U 373 85.01 88.24 71.68
C ALA U 373 83.80 89.15 71.90
N THR U 374 82.62 88.56 72.08
CA THR U 374 81.40 89.33 72.24
C THR U 374 80.39 88.48 72.99
N PRO U 375 79.48 89.10 73.74
CA PRO U 375 78.42 88.33 74.40
C PRO U 375 77.54 87.62 73.38
N LEU U 376 76.89 86.55 73.84
CA LEU U 376 76.05 85.76 72.97
C LEU U 376 74.79 86.51 72.52
N SER U 377 74.46 87.61 73.18
CA SER U 377 73.27 88.39 72.84
C SER U 377 73.46 89.29 71.63
N THR U 378 74.64 89.27 70.99
CA THR U 378 74.89 90.11 69.83
C THR U 378 75.18 89.33 68.55
N LEU U 379 75.37 88.02 68.63
CA LEU U 379 75.71 87.23 67.45
C LEU U 379 74.46 86.88 66.66
N SER U 380 74.60 86.87 65.34
CA SER U 380 73.52 86.43 64.46
C SER U 380 73.40 84.92 64.52
N LEU U 381 72.22 84.41 64.85
CA LEU U 381 72.04 82.97 65.02
C LEU U 381 72.31 82.22 63.73
N LYS U 382 72.05 82.84 62.58
CA LYS U 382 72.18 82.12 61.31
C LYS U 382 73.61 82.09 60.80
N HIS U 383 74.38 83.17 61.02
CA HIS U 383 75.68 83.31 60.38
C HIS U 383 76.84 83.47 61.36
N TRP U 384 76.63 83.20 62.65
CA TRP U 384 77.74 83.33 63.60
C TRP U 384 78.81 82.28 63.35
N ASP U 385 78.43 81.12 62.82
CA ASP U 385 79.35 80.04 62.48
C ASP U 385 79.37 79.78 60.99
N GLN U 386 79.31 80.86 60.19
CA GLN U 386 79.28 80.72 58.73
C GLN U 386 80.58 80.21 58.16
N ASP U 387 81.68 80.30 58.93
CA ASP U 387 83.00 79.88 58.46
C ASP U 387 83.43 78.55 59.07
N ASP U 388 82.51 77.81 59.72
CA ASP U 388 82.87 76.53 60.29
C ASP U 388 83.20 75.48 59.23
N ASP U 389 82.77 75.70 57.99
CA ASP U 389 83.11 74.82 56.87
C ASP U 389 84.50 75.10 56.31
N PHE U 390 85.31 75.90 57.01
CA PHE U 390 86.65 76.25 56.54
C PHE U 390 87.70 76.02 57.61
N GLU U 391 87.40 75.19 58.61
CA GLU U 391 88.35 74.92 59.68
C GLU U 391 89.58 74.20 59.14
N PHE U 392 90.73 74.49 59.72
CA PHE U 392 91.96 73.83 59.37
C PHE U 392 92.13 72.53 60.15
N THR U 393 92.99 71.67 59.66
CA THR U 393 93.24 70.37 60.28
C THR U 393 94.56 70.40 61.04
N GLY U 394 94.75 69.38 61.87
CA GLY U 394 95.93 69.28 62.72
C GLY U 394 95.66 69.81 64.11
N SER U 395 96.67 69.68 64.95
CA SER U 395 96.58 70.15 66.32
C SER U 395 96.84 71.65 66.40
N HIS U 396 96.24 72.30 67.39
CA HIS U 396 96.46 73.72 67.59
C HIS U 396 97.87 73.96 68.10
N LEU U 397 98.48 75.06 67.63
CA LEU U 397 99.87 75.36 67.93
C LEU U 397 99.98 76.79 68.46
N THR U 398 101.00 77.01 69.28
CA THR U 398 101.31 78.32 69.81
C THR U 398 102.73 78.71 69.40
N VAL U 399 102.97 80.02 69.30
CA VAL U 399 104.28 80.53 68.92
C VAL U 399 105.05 80.74 70.22
N ARG U 400 105.97 79.81 70.51
CA ARG U 400 106.66 79.82 71.79
C ARG U 400 107.58 81.03 71.93
N ASN U 401 108.28 81.40 70.86
CA ASN U 401 109.19 82.54 70.89
C ASN U 401 108.50 83.86 70.60
N GLY U 402 107.22 83.99 70.91
CA GLY U 402 106.48 85.21 70.65
C GLY U 402 106.11 85.38 69.20
N TYR U 403 104.82 85.61 68.93
CA TYR U 403 104.37 85.69 67.54
C TYR U 403 104.83 86.97 66.85
N SER U 404 105.24 87.99 67.60
CA SER U 404 105.70 89.22 66.98
C SER U 404 106.92 89.02 66.09
N CYS U 405 107.57 87.86 66.14
CA CYS U 405 108.72 87.61 65.28
C CYS U 405 108.31 87.57 63.81
N VAL U 406 107.07 87.21 63.52
CA VAL U 406 106.59 87.08 62.14
C VAL U 406 106.44 88.47 61.51
N PRO U 407 105.67 89.40 62.09
CA PRO U 407 105.58 90.74 61.46
C PRO U 407 106.90 91.49 61.49
N VAL U 408 107.72 91.30 62.52
CA VAL U 408 109.04 91.92 62.55
C VAL U 408 109.89 91.41 61.41
N ALA U 409 109.82 90.12 61.11
CA ALA U 409 110.58 89.57 59.99
C ALA U 409 110.01 90.03 58.65
N LEU U 410 108.68 90.15 58.57
CA LEU U 410 108.06 90.63 57.33
C LEU U 410 108.41 92.09 57.06
N ALA U 411 108.69 92.86 58.11
CA ALA U 411 109.02 94.28 57.95
C ALA U 411 110.41 94.50 57.37
N GLU U 412 111.20 93.45 57.18
CA GLU U 412 112.55 93.59 56.65
C GLU U 412 112.50 94.07 55.21
N GLY U 413 113.18 95.17 54.93
CA GLY U 413 113.26 95.70 53.57
C GLY U 413 112.11 96.57 53.14
N LEU U 414 111.13 96.81 54.00
CA LEU U 414 109.98 97.63 53.67
C LEU U 414 110.18 99.06 54.15
N ASP U 415 109.58 100.00 53.43
CA ASP U 415 109.61 101.42 53.81
C ASP U 415 108.39 101.68 54.68
N ILE U 416 108.57 101.58 56.00
CA ILE U 416 107.50 101.74 56.97
C ILE U 416 107.73 103.04 57.72
N LYS U 417 106.71 103.89 57.76
CA LYS U 417 106.76 105.17 58.47
C LYS U 417 106.12 104.95 59.84
N LEU U 418 106.95 104.57 60.80
CA LEU U 418 106.47 104.38 62.16
C LEU U 418 106.05 105.71 62.78
N ASN U 419 105.15 105.62 63.77
CA ASN U 419 104.63 106.80 64.47
C ASN U 419 104.00 107.79 63.50
N THR U 420 103.08 107.29 62.68
CA THR U 420 102.45 108.09 61.63
C THR U 420 100.95 107.75 61.62
N ALA U 421 100.16 108.61 62.24
CA ALA U 421 98.72 108.40 62.35
C ALA U 421 98.01 109.13 61.20
N VAL U 422 97.31 108.37 60.37
CA VAL U 422 96.61 108.95 59.23
C VAL U 422 95.38 109.72 59.72
N ARG U 423 95.20 110.92 59.18
CA ARG U 423 94.06 111.78 59.53
C ARG U 423 92.99 111.81 58.43
N GLN U 424 93.39 112.01 57.18
CA GLN U 424 92.45 112.14 56.08
C GLN U 424 92.94 111.33 54.89
N VAL U 425 91.99 110.83 54.11
CA VAL U 425 92.26 110.03 52.91
C VAL U 425 91.47 110.65 51.77
N ARG U 426 92.17 111.26 50.83
CA ARG U 426 91.56 111.89 49.67
C ARG U 426 91.85 111.05 48.43
N TYR U 427 90.81 110.72 47.68
CA TYR U 427 90.94 109.94 46.45
C TYR U 427 90.12 110.59 45.34
N THR U 428 90.76 110.87 44.22
CA THR U 428 90.09 111.46 43.07
C THR U 428 90.36 110.63 41.82
N ALA U 429 89.94 111.12 40.66
CA ALA U 429 90.15 110.39 39.41
C ALA U 429 91.58 110.48 38.90
N SER U 430 92.39 111.39 39.43
CA SER U 430 93.74 111.61 38.95
C SER U 430 94.82 111.26 39.97
N GLY U 431 94.45 110.74 41.13
CA GLY U 431 95.43 110.40 42.15
C GLY U 431 94.81 110.46 43.53
N CYS U 432 95.64 110.18 44.52
CA CYS U 432 95.23 110.15 45.92
C CYS U 432 96.19 110.97 46.77
N GLU U 433 95.69 111.42 47.92
CA GLU U 433 96.50 112.16 48.88
C GLU U 433 96.12 111.72 50.28
N VAL U 434 97.13 111.41 51.10
CA VAL U 434 96.95 110.95 52.46
C VAL U 434 97.60 111.94 53.41
N ILE U 435 96.83 112.42 54.38
CA ILE U 435 97.30 113.36 55.40
C ILE U 435 97.48 112.60 56.69
N ALA U 436 98.66 112.72 57.30
CA ALA U 436 98.94 111.98 58.53
C ALA U 436 99.73 112.84 59.50
N VAL U 437 99.62 112.48 60.78
CA VAL U 437 100.30 113.17 61.88
C VAL U 437 101.20 112.17 62.58
N ASN U 438 102.02 112.70 63.50
CA ASN U 438 102.94 111.92 64.30
C ASN U 438 102.37 111.84 65.72
N THR U 439 102.17 110.61 66.21
CA THR U 439 101.60 110.41 67.53
C THR U 439 102.50 110.88 68.66
N ALA U 440 103.79 111.15 68.37
CA ALA U 440 104.66 111.72 69.40
C ALA U 440 104.48 113.23 69.48
N SER U 441 104.70 113.93 68.38
CA SER U 441 104.52 115.38 68.30
C SER U 441 103.79 115.71 67.01
N THR U 442 102.56 116.23 67.13
CA THR U 442 101.75 116.58 65.96
C THR U 442 102.14 117.95 65.43
N SER U 443 103.43 118.10 65.17
CA SER U 443 103.99 119.32 64.61
C SER U 443 104.69 119.02 63.28
N GLN U 444 104.10 118.12 62.50
CA GLN U 444 104.74 117.66 61.26
C GLN U 444 103.67 116.99 60.40
N THR U 445 103.05 117.78 59.52
CA THR U 445 102.02 117.28 58.63
C THR U 445 102.65 116.81 57.32
N PHE U 446 102.13 115.70 56.79
CA PHE U 446 102.67 115.10 55.59
C PHE U 446 101.60 115.02 54.49
N ILE U 447 102.08 114.90 53.25
CA ILE U 447 101.24 114.75 52.07
C ILE U 447 101.91 113.72 51.17
N TYR U 448 101.24 112.59 50.93
CA TYR U 448 101.73 111.55 50.03
C TYR U 448 100.81 111.47 48.82
N LYS U 449 101.38 111.68 47.64
CA LYS U 449 100.64 111.56 46.38
C LYS U 449 101.00 110.24 45.73
N CYS U 450 100.00 109.38 45.55
CA CYS U 450 100.20 108.05 45.01
C CYS U 450 99.10 107.72 44.02
N ASP U 451 99.17 106.52 43.44
CA ASP U 451 98.17 106.07 42.48
C ASP U 451 97.01 105.33 43.14
N ALA U 452 97.26 104.63 44.25
CA ALA U 452 96.21 103.89 44.92
C ALA U 452 96.54 103.81 46.41
N VAL U 453 95.48 103.76 47.22
CA VAL U 453 95.61 103.67 48.68
C VAL U 453 94.92 102.40 49.14
N LEU U 454 95.63 101.59 49.91
CA LEU U 454 95.08 100.38 50.51
C LEU U 454 94.85 100.64 52.00
N CYS U 455 93.59 100.59 52.41
CA CYS U 455 93.20 100.88 53.80
C CYS U 455 93.07 99.57 54.57
N THR U 456 93.96 99.37 55.54
CA THR U 456 93.89 98.22 56.43
C THR U 456 93.48 98.63 57.85
N LEU U 457 92.79 99.76 57.99
CA LEU U 457 92.36 100.22 59.30
C LEU U 457 91.38 99.20 59.91
N PRO U 458 91.47 98.95 61.22
CA PRO U 458 90.58 97.98 61.84
C PRO U 458 89.11 98.43 61.75
N LEU U 459 88.22 97.45 61.89
CA LEU U 459 86.80 97.75 61.84
C LEU U 459 86.39 98.67 63.00
N GLY U 460 87.07 98.57 64.14
CA GLY U 460 86.75 99.45 65.24
C GLY U 460 87.08 100.91 64.96
N VAL U 461 88.21 101.16 64.30
CA VAL U 461 88.57 102.52 63.93
C VAL U 461 87.58 103.07 62.91
N LEU U 462 87.10 102.21 62.00
CA LEU U 462 86.11 102.66 61.03
C LEU U 462 84.77 102.95 61.69
N LYS U 463 84.45 102.24 62.78
CA LYS U 463 83.23 102.46 63.53
C LYS U 463 83.31 103.67 64.46
N GLN U 464 84.49 104.25 64.62
CA GLN U 464 84.68 105.32 65.60
C GLN U 464 83.87 106.55 65.21
N GLN U 465 83.06 107.03 66.14
CA GLN U 465 82.27 108.25 65.97
C GLN U 465 82.59 109.21 67.11
N PRO U 466 83.13 110.41 66.83
CA PRO U 466 83.46 110.94 65.50
C PRO U 466 84.62 110.22 64.84
N PRO U 467 84.64 110.19 63.51
CA PRO U 467 85.67 109.42 62.80
C PRO U 467 87.07 109.95 63.08
N ALA U 468 88.03 109.02 63.21
CA ALA U 468 89.43 109.37 63.35
C ALA U 468 90.14 109.52 62.01
N VAL U 469 89.60 108.93 60.95
CA VAL U 469 90.13 109.07 59.60
C VAL U 469 88.98 109.49 58.69
N GLN U 470 89.13 110.65 58.05
CA GLN U 470 88.09 111.22 57.21
C GLN U 470 88.38 110.95 55.75
N PHE U 471 87.33 110.59 55.01
CA PHE U 471 87.43 110.27 53.59
C PHE U 471 86.79 111.39 52.79
N VAL U 472 87.52 111.90 51.80
CA VAL U 472 87.01 112.94 50.92
C VAL U 472 87.19 112.50 49.46
N PRO U 473 86.10 112.22 48.72
CA PRO U 473 84.71 112.30 49.16
C PRO U 473 84.32 111.17 50.13
N PRO U 474 83.28 111.40 50.92
CA PRO U 474 82.87 110.39 51.91
C PRO U 474 82.51 109.07 51.25
N LEU U 475 82.61 108.00 52.05
CA LEU U 475 82.31 106.66 51.56
C LEU U 475 80.83 106.53 51.23
N PRO U 476 80.48 105.69 50.26
CA PRO U 476 79.07 105.50 49.90
C PRO U 476 78.29 104.86 51.03
N GLU U 477 76.96 104.89 50.90
CA GLU U 477 76.09 104.41 51.96
C GLU U 477 76.21 102.90 52.15
N TRP U 478 76.42 102.15 51.08
CA TRP U 478 76.53 100.69 51.22
C TRP U 478 77.79 100.30 51.98
N LYS U 479 78.89 101.05 51.80
CA LYS U 479 80.10 100.78 52.57
C LYS U 479 79.91 101.13 54.04
N THR U 480 79.32 102.30 54.31
CA THR U 480 79.11 102.71 55.70
C THR U 480 78.09 101.82 56.40
N SER U 481 77.05 101.39 55.67
CA SER U 481 76.06 100.50 56.26
C SER U 481 76.66 99.13 56.57
N ALA U 482 77.57 98.66 55.72
CA ALA U 482 78.25 97.41 56.00
C ALA U 482 79.13 97.53 57.25
N VAL U 483 79.74 98.69 57.45
CA VAL U 483 80.52 98.92 58.66
C VAL U 483 79.62 98.91 59.89
N GLN U 484 78.44 99.53 59.78
CA GLN U 484 77.56 99.64 60.94
C GLN U 484 76.89 98.30 61.27
N ARG U 485 76.52 97.52 60.25
CA ARG U 485 75.87 96.25 60.50
C ARG U 485 76.84 95.24 61.10
N MET U 486 78.08 95.21 60.61
CA MET U 486 79.07 94.29 61.16
C MET U 486 79.37 94.63 62.61
N GLY U 487 79.96 93.66 63.31
CA GLY U 487 80.32 93.85 64.70
C GLY U 487 81.82 93.76 64.93
N PHE U 488 82.30 94.40 65.99
CA PHE U 488 83.71 94.37 66.35
C PHE U 488 83.79 94.14 67.85
N GLY U 489 84.20 92.93 68.24
CA GLY U 489 84.13 92.51 69.63
C GLY U 489 85.30 92.99 70.47
N ASN U 490 85.47 92.34 71.62
CA ASN U 490 86.49 92.73 72.57
C ASN U 490 86.84 91.57 73.47
N LEU U 491 88.12 91.48 73.84
CA LEU U 491 88.58 90.57 74.88
C LEU U 491 89.95 91.04 75.32
N ASN U 492 90.29 90.76 76.58
CA ASN U 492 91.54 91.21 77.16
C ASN U 492 92.30 90.05 77.76
N LYS U 493 93.59 90.28 78.02
CA LYS U 493 94.47 89.28 78.59
C LYS U 493 95.23 89.87 79.76
N VAL U 494 95.49 89.04 80.76
CA VAL U 494 96.18 89.45 81.98
C VAL U 494 97.40 88.54 82.13
N VAL U 495 98.60 89.11 81.96
CA VAL U 495 99.84 88.35 82.03
C VAL U 495 100.34 88.37 83.47
N LEU U 496 100.60 87.18 84.01
CA LEU U 496 101.13 87.02 85.37
C LEU U 496 102.47 86.30 85.27
N CYS U 497 103.55 87.02 85.57
CA CYS U 497 104.90 86.48 85.49
C CYS U 497 105.38 86.15 86.90
N PHE U 498 105.70 84.88 87.14
CA PHE U 498 106.21 84.41 88.42
C PHE U 498 107.65 83.93 88.27
N ASP U 499 108.27 83.66 89.42
CA ASP U 499 109.66 83.21 89.47
C ASP U 499 109.79 81.71 89.73
N ARG U 500 108.68 81.00 89.89
CA ARG U 500 108.71 79.57 90.18
C ARG U 500 107.42 78.94 89.68
N VAL U 501 107.49 77.65 89.38
CA VAL U 501 106.34 76.90 88.88
C VAL U 501 105.56 76.37 90.08
N PHE U 502 104.29 76.76 90.19
CA PHE U 502 103.45 76.36 91.31
C PHE U 502 102.17 75.65 90.87
N TRP U 503 101.97 75.46 89.57
CA TRP U 503 100.80 74.79 89.03
C TRP U 503 101.20 73.43 88.47
N ASP U 504 100.29 72.80 87.72
CA ASP U 504 100.56 71.52 87.11
C ASP U 504 101.25 71.71 85.77
N PRO U 505 102.49 71.25 85.61
CA PRO U 505 103.17 71.45 84.32
C PRO U 505 102.55 70.68 83.18
N SER U 506 101.95 69.52 83.44
CA SER U 506 101.38 68.70 82.39
C SER U 506 100.03 69.21 81.90
N VAL U 507 99.44 70.19 82.58
CA VAL U 507 98.17 70.78 82.17
C VAL U 507 98.47 72.11 81.50
N ASN U 508 98.04 72.26 80.25
CA ASN U 508 98.34 73.46 79.49
C ASN U 508 97.37 74.61 79.75
N LEU U 509 96.21 74.33 80.34
CA LEU U 509 95.26 75.38 80.66
C LEU U 509 94.18 74.82 81.58
N PHE U 510 93.68 75.68 82.48
CA PHE U 510 92.63 75.32 83.41
C PHE U 510 91.64 76.47 83.50
N GLY U 511 90.39 76.14 83.81
CA GLY U 511 89.31 77.09 83.80
C GLY U 511 88.79 77.41 85.19
N HIS U 512 88.31 78.63 85.36
CA HIS U 512 87.68 79.08 86.59
C HIS U 512 86.21 79.37 86.32
N VAL U 513 85.34 78.81 87.14
CA VAL U 513 83.90 78.95 86.97
C VAL U 513 83.46 80.24 87.62
N GLY U 514 82.76 81.09 86.86
CA GLY U 514 82.25 82.34 87.39
C GLY U 514 81.12 82.13 88.38
N SER U 515 80.88 83.17 89.18
CA SER U 515 79.85 83.09 90.21
C SER U 515 78.47 83.39 89.64
N THR U 516 78.37 84.41 88.79
CA THR U 516 77.10 84.84 88.22
C THR U 516 77.17 84.76 86.70
N THR U 517 76.03 85.01 86.06
CA THR U 517 75.96 84.98 84.61
C THR U 517 76.61 86.21 83.99
N ALA U 518 76.60 87.34 84.69
CA ALA U 518 77.17 88.56 84.13
C ALA U 518 78.68 88.48 84.05
N SER U 519 79.32 87.85 85.03
CA SER U 519 80.78 87.76 85.11
C SER U 519 81.27 86.35 84.84
N ARG U 520 80.65 85.67 83.87
CA ARG U 520 81.08 84.32 83.53
C ARG U 520 82.40 84.31 82.79
N GLY U 521 82.72 85.40 82.07
CA GLY U 521 83.97 85.53 81.37
C GLY U 521 85.06 86.25 82.12
N GLU U 522 84.82 86.59 83.39
CA GLU U 522 85.81 87.29 84.20
C GLU U 522 86.82 86.27 84.71
N LEU U 523 87.98 86.22 84.06
CA LEU U 523 89.08 85.33 84.47
C LEU U 523 88.61 83.87 84.45
N PHE U 524 87.99 83.48 83.34
CA PHE U 524 87.39 82.16 83.22
C PHE U 524 88.38 81.09 82.75
N LEU U 525 89.50 81.49 82.14
CA LEU U 525 90.44 80.53 81.59
C LEU U 525 91.86 81.07 81.74
N PHE U 526 92.74 80.28 82.34
CA PHE U 526 94.13 80.63 82.51
C PHE U 526 95.01 79.78 81.60
N TRP U 527 96.03 80.41 81.03
CA TRP U 527 97.00 79.74 80.19
C TRP U 527 98.35 79.68 80.90
N ASN U 528 99.09 78.60 80.68
CA ASN U 528 100.41 78.45 81.28
C ASN U 528 101.47 77.86 80.37
N LEU U 529 101.10 77.26 79.24
CA LEU U 529 102.06 76.60 78.35
C LEU U 529 103.16 77.55 77.91
N TYR U 530 104.34 77.42 78.52
CA TYR U 530 105.52 78.20 78.16
C TYR U 530 106.70 77.63 78.93
N LYS U 531 107.90 77.92 78.43
CA LYS U 531 109.12 77.42 79.07
C LYS U 531 109.31 78.05 80.45
N ALA U 532 109.17 79.36 80.54
CA ALA U 532 109.27 80.07 81.81
C ALA U 532 107.92 80.07 82.53
N PRO U 533 107.92 80.13 83.86
CA PRO U 533 106.65 80.13 84.60
C PRO U 533 105.83 81.39 84.38
N ILE U 534 104.97 81.38 83.35
CA ILE U 534 104.14 82.53 83.01
C ILE U 534 102.69 82.06 82.91
N LEU U 535 101.79 82.84 83.51
CA LEU U 535 100.36 82.58 83.45
C LEU U 535 99.67 83.67 82.66
N LEU U 536 98.66 83.30 81.88
CA LEU U 536 97.90 84.23 81.05
C LEU U 536 96.42 84.06 81.36
N ALA U 537 95.80 85.12 81.85
CA ALA U 537 94.39 85.13 82.21
C ALA U 537 93.57 85.76 81.08
N LEU U 538 92.38 85.21 80.83
CA LEU U 538 91.51 85.68 79.77
C LEU U 538 90.33 86.45 80.34
N VAL U 539 89.92 87.50 79.64
CA VAL U 539 88.75 88.29 79.98
C VAL U 539 87.91 88.45 78.72
N ALA U 540 86.70 87.91 78.74
CA ALA U 540 85.80 87.98 77.59
C ALA U 540 84.39 88.25 78.09
N GLY U 541 83.45 88.30 77.14
CA GLY U 541 82.06 88.52 77.48
C GLY U 541 81.79 89.95 77.93
N GLU U 542 80.77 90.09 78.78
CA GLU U 542 80.42 91.41 79.29
C GLU U 542 81.55 92.03 80.11
N ALA U 543 82.36 91.19 80.74
CA ALA U 543 83.45 91.71 81.57
C ALA U 543 84.52 92.41 80.75
N ALA U 544 84.65 92.07 79.46
CA ALA U 544 85.71 92.62 78.63
C ALA U 544 85.73 94.15 78.66
N GLY U 545 84.55 94.77 78.52
CA GLY U 545 84.46 96.21 78.59
C GLY U 545 84.55 96.76 79.99
N ILE U 546 83.92 96.08 80.95
CA ILE U 546 83.87 96.57 82.32
C ILE U 546 85.24 96.47 82.99
N MET U 547 85.96 95.37 82.74
CA MET U 547 87.27 95.18 83.37
C MET U 547 88.28 96.24 82.94
N GLU U 548 88.04 96.91 81.81
CA GLU U 548 88.92 98.01 81.41
C GLU U 548 88.75 99.22 82.33
N ALA U 549 87.58 99.37 82.94
CA ALA U 549 87.31 100.45 83.88
C ALA U 549 87.77 100.13 85.29
N ILE U 550 88.63 99.14 85.47
CA ILE U 550 89.14 98.75 86.78
C ILE U 550 90.66 98.81 86.73
N SER U 551 91.27 99.25 87.83
CA SER U 551 92.71 99.40 87.89
C SER U 551 93.41 98.05 87.71
N ASP U 552 94.69 98.12 87.37
CA ASP U 552 95.46 96.90 87.13
C ASP U 552 95.61 96.08 88.40
N ALA U 553 95.79 96.75 89.54
CA ALA U 553 96.08 96.03 90.79
C ALA U 553 94.87 95.22 91.26
N VAL U 554 93.65 95.71 91.01
CA VAL U 554 92.47 94.95 91.39
C VAL U 554 92.33 93.70 90.52
N ILE U 555 92.62 93.84 89.22
CA ILE U 555 92.55 92.69 88.32
C ILE U 555 93.58 91.64 88.70
N VAL U 556 94.80 92.07 89.03
CA VAL U 556 95.83 91.13 89.47
C VAL U 556 95.41 90.48 90.79
N GLY U 557 94.78 91.26 91.67
CA GLY U 557 94.34 90.70 92.95
C GLY U 557 93.28 89.63 92.78
N ARG U 558 92.35 89.84 91.83
CA ARG U 558 91.35 88.82 91.56
C ARG U 558 91.95 87.59 90.92
N CYS U 559 92.97 87.78 90.07
CA CYS U 559 93.71 86.64 89.53
C CYS U 559 94.38 85.84 90.63
N LEU U 560 95.06 86.53 91.55
CA LEU U 560 95.71 85.84 92.66
C LEU U 560 94.68 85.19 93.58
N ALA U 561 93.52 85.85 93.78
CA ALA U 561 92.49 85.27 94.63
C ALA U 561 91.97 83.96 94.06
N ILE U 562 91.79 83.88 92.74
CA ILE U 562 91.40 82.63 92.11
C ILE U 562 92.50 81.59 92.25
N LEU U 563 93.76 82.01 92.04
CA LEU U 563 94.87 81.06 92.12
C LEU U 563 95.08 80.56 93.54
N LYS U 564 94.93 81.43 94.54
CA LYS U 564 95.07 81.01 95.92
C LYS U 564 93.94 80.07 96.34
N GLY U 565 92.74 80.25 95.78
CA GLY U 565 91.64 79.36 96.09
C GLY U 565 91.81 77.97 95.49
N ILE U 566 92.52 77.87 94.38
CA ILE U 566 92.69 76.60 93.68
C ILE U 566 93.88 75.83 94.25
N PHE U 567 95.07 76.42 94.16
CA PHE U 567 96.30 75.73 94.53
C PHE U 567 96.73 75.97 95.96
N GLY U 568 96.07 76.88 96.68
CA GLY U 568 96.47 77.19 98.04
C GLY U 568 96.95 78.61 98.21
N SER U 569 96.70 79.20 99.38
CA SER U 569 97.08 80.59 99.63
C SER U 569 98.58 80.76 99.62
N SER U 570 99.31 79.88 100.31
CA SER U 570 100.75 79.99 100.40
C SER U 570 101.46 79.51 99.14
N ALA U 571 100.77 78.76 98.28
CA ALA U 571 101.41 78.21 97.08
C ALA U 571 101.62 79.25 95.99
N VAL U 572 100.85 80.33 96.00
CA VAL U 572 100.91 81.34 94.94
C VAL U 572 101.70 82.54 95.47
N PRO U 573 102.89 82.80 94.96
CA PRO U 573 103.66 83.97 95.40
C PRO U 573 103.16 85.23 94.69
N GLN U 574 103.81 86.35 94.99
CA GLN U 574 103.48 87.59 94.32
C GLN U 574 104.16 87.65 92.96
N PRO U 575 103.46 88.09 91.92
CA PRO U 575 104.08 88.14 90.58
C PRO U 575 105.14 89.22 90.51
N LYS U 576 106.12 88.99 89.63
CA LYS U 576 107.19 89.95 89.42
C LYS U 576 106.85 90.99 88.37
N GLU U 577 106.08 90.61 87.34
CA GLU U 577 105.67 91.54 86.29
C GLU U 577 104.23 91.24 85.91
N THR U 578 103.43 92.30 85.76
CA THR U 578 102.03 92.18 85.40
C THR U 578 101.71 93.13 84.25
N VAL U 579 101.00 92.62 83.25
CA VAL U 579 100.60 93.40 82.08
C VAL U 579 99.12 93.13 81.82
N VAL U 580 98.34 94.20 81.65
CA VAL U 580 96.91 94.12 81.40
C VAL U 580 96.62 94.84 80.10
N SER U 581 95.88 94.17 79.21
CA SER U 581 95.53 94.72 77.91
C SER U 581 94.19 95.44 77.97
N ARG U 582 94.05 96.47 77.12
CA ARG U 582 92.81 97.25 76.99
C ARG U 582 92.64 97.56 75.50
N TRP U 583 92.06 96.61 74.77
CA TRP U 583 91.93 96.75 73.32
C TRP U 583 90.85 97.76 72.96
N ARG U 584 89.75 97.80 73.72
CA ARG U 584 88.72 98.79 73.45
C ARG U 584 89.23 100.21 73.71
N ALA U 585 89.99 100.39 74.79
CA ALA U 585 90.54 101.70 75.09
C ALA U 585 91.71 102.05 74.17
N ASP U 586 92.27 101.09 73.47
CA ASP U 586 93.35 101.33 72.52
C ASP U 586 92.79 102.11 71.33
N PRO U 587 93.21 103.38 71.13
CA PRO U 587 92.61 104.17 70.04
C PRO U 587 92.94 103.67 68.65
N TRP U 588 93.85 102.70 68.51
CA TRP U 588 94.23 102.18 67.21
C TRP U 588 93.63 100.80 66.94
N ALA U 589 92.70 100.35 67.78
CA ALA U 589 92.02 99.08 67.57
C ALA U 589 90.53 99.22 67.84
N ARG U 590 90.19 99.91 68.92
CA ARG U 590 88.80 100.12 69.34
C ARG U 590 88.07 98.79 69.49
N GLY U 591 88.73 97.82 70.10
CA GLY U 591 88.21 96.50 70.29
C GLY U 591 89.25 95.46 69.95
N SER U 592 88.81 94.20 69.87
CA SER U 592 89.73 93.10 69.60
C SER U 592 89.72 92.71 68.13
N TYR U 593 88.61 92.14 67.66
CA TYR U 593 88.57 91.53 66.34
C TYR U 593 87.13 91.34 65.90
N SER U 594 86.95 91.19 64.59
CA SER U 594 85.63 91.21 63.98
C SER U 594 84.80 90.01 64.43
N TYR U 595 83.49 90.11 64.21
CA TYR U 595 82.54 89.10 64.64
C TYR U 595 81.22 89.32 63.91
N VAL U 596 80.55 88.22 63.57
CA VAL U 596 79.31 88.28 62.82
C VAL U 596 78.19 88.78 63.73
N ALA U 597 77.87 90.07 63.61
CA ALA U 597 76.85 90.68 64.44
C ALA U 597 75.46 90.27 63.98
N ALA U 598 74.49 90.41 64.88
CA ALA U 598 73.10 90.14 64.53
C ALA U 598 72.62 91.12 63.48
N GLY U 599 72.27 90.61 62.31
CA GLY U 599 71.87 91.43 61.18
C GLY U 599 72.89 91.48 60.07
N SER U 600 74.05 90.86 60.23
CA SER U 600 75.09 90.82 59.23
C SER U 600 75.25 89.40 58.71
N SER U 601 76.18 89.23 57.77
CA SER U 601 76.46 87.94 57.18
C SER U 601 77.82 88.02 56.48
N GLY U 602 78.18 86.94 55.80
CA GLY U 602 79.43 86.94 55.04
C GLY U 602 79.43 87.93 53.89
N ASN U 603 78.26 88.33 53.41
CA ASN U 603 78.19 89.31 52.33
C ASN U 603 78.76 90.65 52.77
N ASP U 604 78.66 90.98 54.06
CA ASP U 604 79.23 92.23 54.54
C ASP U 604 80.75 92.22 54.49
N TYR U 605 81.37 91.06 54.73
CA TYR U 605 82.82 90.95 54.56
C TYR U 605 83.21 91.19 53.11
N ASP U 606 82.42 90.69 52.16
CA ASP U 606 82.70 90.95 50.76
C ASP U 606 82.52 92.42 50.42
N LEU U 607 81.50 93.07 51.00
CA LEU U 607 81.28 94.49 50.76
C LEU U 607 82.46 95.31 51.28
N MET U 608 83.07 94.89 52.38
CA MET U 608 84.26 95.57 52.88
C MET U 608 85.45 95.35 51.95
N ALA U 609 85.50 94.20 51.28
CA ALA U 609 86.59 93.90 50.37
C ALA U 609 86.48 94.63 49.04
N GLN U 610 85.29 95.05 48.65
CA GLN U 610 85.11 95.72 47.38
C GLN U 610 85.76 97.10 47.42
N PRO U 611 86.50 97.49 46.40
CA PRO U 611 87.13 98.81 46.39
C PRO U 611 86.13 99.91 46.11
N ILE U 612 86.59 101.16 46.27
CA ILE U 612 85.79 102.35 46.00
C ILE U 612 86.34 103.00 44.74
N THR U 613 85.44 103.33 43.82
CA THR U 613 85.83 103.98 42.57
C THR U 613 85.34 105.42 42.58
N PRO U 614 86.23 106.41 42.59
CA PRO U 614 85.79 107.80 42.63
C PRO U 614 85.19 108.24 41.31
N GLY U 615 84.41 109.31 41.38
CA GLY U 615 83.79 109.88 40.20
C GLY U 615 84.78 110.67 39.37
N PRO U 616 84.37 111.02 38.16
CA PRO U 616 85.24 111.78 37.28
C PRO U 616 85.39 113.21 37.75
N SER U 617 86.60 113.77 37.57
CA SER U 617 86.85 115.14 37.95
C SER U 617 86.24 116.13 36.94
N ILE U 618 86.20 115.75 35.67
CA ILE U 618 85.63 116.58 34.61
C ILE U 618 84.29 115.96 34.22
N PRO U 619 83.22 116.75 34.13
CA PRO U 619 81.91 116.19 33.74
C PRO U 619 81.95 115.68 32.31
N GLY U 620 81.54 114.42 32.14
CA GLY U 620 81.57 113.77 30.84
C GLY U 620 82.76 112.86 30.61
N ALA U 621 83.61 112.69 31.62
CA ALA U 621 84.78 111.83 31.50
C ALA U 621 84.40 110.37 31.70
N PRO U 622 85.16 109.45 31.11
CA PRO U 622 84.85 108.02 31.30
C PRO U 622 85.10 107.58 32.74
N GLN U 623 84.72 106.33 33.00
CA GLN U 623 84.83 105.76 34.34
C GLN U 623 86.28 105.75 34.82
N PRO U 624 86.60 106.43 35.92
CA PRO U 624 87.99 106.45 36.41
C PRO U 624 88.44 105.08 36.91
N ILE U 625 89.72 105.00 37.28
CA ILE U 625 90.31 103.78 37.81
C ILE U 625 90.01 103.71 39.30
N PRO U 626 89.65 102.54 39.84
CA PRO U 626 89.45 102.44 41.29
C PRO U 626 90.72 102.85 42.05
N ARG U 627 90.52 103.66 43.09
CA ARG U 627 91.62 104.28 43.82
C ARG U 627 91.76 103.81 45.26
N LEU U 628 90.65 103.54 45.95
CA LEU U 628 90.68 103.21 47.37
C LEU U 628 90.24 101.76 47.55
N PHE U 629 91.18 100.92 48.00
CA PHE U 629 90.94 99.52 48.26
C PHE U 629 91.08 99.24 49.76
N PHE U 630 90.38 98.21 50.23
CA PHE U 630 90.40 97.85 51.64
C PHE U 630 90.89 96.41 51.80
N ALA U 631 91.72 96.20 52.82
CA ALA U 631 92.19 94.87 53.20
C ALA U 631 92.13 94.79 54.72
N GLY U 632 92.51 93.63 55.25
CA GLY U 632 92.54 93.42 56.68
C GLY U 632 91.72 92.22 57.10
N GLU U 633 91.68 92.01 58.42
CA GLU U 633 90.95 90.88 58.99
C GLU U 633 89.46 90.95 58.69
N HIS U 634 88.89 92.14 58.65
CA HIS U 634 87.46 92.34 58.44
C HIS U 634 87.08 92.36 56.96
N THR U 635 87.97 91.92 56.06
CA THR U 635 87.72 91.97 54.64
C THR U 635 87.77 90.59 53.98
N ILE U 636 87.83 89.52 54.76
CA ILE U 636 87.84 88.15 54.23
C ILE U 636 86.61 87.42 54.76
N ARG U 637 85.85 86.81 53.86
CA ARG U 637 84.61 86.16 54.24
C ARG U 637 84.84 84.77 54.83
N ASN U 638 85.75 83.99 54.24
CA ASN U 638 85.89 82.58 54.60
C ASN U 638 86.75 82.37 55.83
N TYR U 639 87.61 83.33 56.20
CA TYR U 639 88.48 83.19 57.36
C TYR U 639 88.48 84.48 58.17
N PRO U 640 87.33 84.85 58.74
CA PRO U 640 87.27 86.10 59.51
C PRO U 640 87.85 85.94 60.90
N ALA U 641 88.24 87.08 61.48
CA ALA U 641 88.70 87.16 62.86
C ALA U 641 89.93 86.29 63.13
N THR U 642 90.72 86.03 62.10
CA THR U 642 91.90 85.18 62.22
C THR U 642 93.12 85.90 61.67
N VAL U 643 94.28 85.28 61.86
CA VAL U 643 95.52 85.82 61.31
C VAL U 643 95.64 85.49 59.84
N HIS U 644 95.48 84.21 59.49
CA HIS U 644 95.56 83.80 58.08
C HIS U 644 94.53 84.52 57.23
N GLY U 645 93.40 84.93 57.83
CA GLY U 645 92.42 85.69 57.08
C GLY U 645 92.96 87.04 56.65
N ALA U 646 93.60 87.76 57.57
CA ALA U 646 94.26 89.01 57.20
C ALA U 646 95.43 88.75 56.26
N LEU U 647 96.14 87.63 56.44
CA LEU U 647 97.23 87.28 55.55
C LEU U 647 96.74 87.12 54.12
N LEU U 648 95.65 86.38 53.93
CA LEU U 648 95.11 86.17 52.59
C LEU U 648 94.50 87.44 52.01
N SER U 649 93.90 88.28 52.86
CA SER U 649 93.34 89.53 52.38
C SER U 649 94.43 90.45 51.85
N GLY U 650 95.61 90.42 52.49
CA GLY U 650 96.73 91.19 51.98
C GLY U 650 97.24 90.65 50.66
N LEU U 651 97.34 89.32 50.54
CA LEU U 651 97.70 88.72 49.26
C LEU U 651 96.66 89.02 48.20
N ARG U 652 95.38 88.96 48.57
CA ARG U 652 94.30 89.25 47.64
C ARG U 652 94.40 90.66 47.09
N GLU U 653 94.44 91.66 47.98
CA GLU U 653 94.43 93.05 47.55
C GLU U 653 95.70 93.40 46.79
N ALA U 654 96.82 92.75 47.11
CA ALA U 654 98.04 92.95 46.32
C ALA U 654 97.83 92.54 44.88
N GLY U 655 97.09 91.44 44.66
CA GLY U 655 96.75 91.04 43.30
C GLY U 655 95.78 92.00 42.65
N ARG U 656 94.85 92.57 43.42
CA ARG U 656 93.91 93.54 42.87
C ARG U 656 94.64 94.79 42.36
N ILE U 657 95.57 95.30 43.16
CA ILE U 657 96.29 96.52 42.78
C ILE U 657 97.21 96.26 41.60
N ALA U 658 97.93 95.13 41.63
CA ALA U 658 98.90 94.84 40.57
C ALA U 658 98.20 94.60 39.23
N ASP U 659 97.08 93.88 39.23
CA ASP U 659 96.34 93.66 38.00
C ASP U 659 95.72 94.95 37.47
N GLN U 660 95.45 95.90 38.36
CA GLN U 660 94.82 97.15 37.95
C GLN U 660 95.82 98.13 37.35
N PHE U 661 96.97 98.30 38.00
CA PHE U 661 97.91 99.35 37.64
C PHE U 661 99.12 98.85 36.85
N LEU U 662 99.32 97.53 36.76
CA LEU U 662 100.41 96.99 35.96
C LEU U 662 99.94 96.14 34.78
N GLY U 663 98.65 95.80 34.71
CA GLY U 663 98.15 94.98 33.62
C GLY U 663 98.32 93.50 33.90
N ALA U 664 97.40 92.71 33.35
CA ALA U 664 97.39 91.27 33.52
C ALA U 664 97.77 90.61 32.20
N MET U 665 98.90 89.92 32.18
CA MET U 665 99.38 89.24 30.99
C MET U 665 98.94 87.78 30.92
N TYR U 666 98.36 87.25 31.99
CA TYR U 666 97.91 85.86 32.04
C TYR U 666 96.45 85.69 31.68
N THR U 667 95.67 86.77 31.64
CA THR U 667 94.25 86.66 31.32
C THR U 667 94.00 86.49 29.82
N LEU U 668 94.92 86.95 28.98
CA LEU U 668 94.77 86.81 27.53
C LEU U 668 94.99 85.37 27.09
N ARG V 25 64.81 69.37 55.14
CA ARG V 25 66.23 69.26 54.81
C ARG V 25 66.81 67.98 55.38
N LYS V 26 67.22 68.03 56.65
CA LYS V 26 67.79 66.89 57.34
C LYS V 26 67.09 66.74 58.68
N PRO V 27 66.62 65.53 59.02
CA PRO V 27 65.97 65.34 60.32
C PRO V 27 66.96 65.52 61.46
N PRO V 28 66.52 66.10 62.58
CA PRO V 28 67.44 66.33 63.70
C PRO V 28 67.99 65.03 64.29
N LYS V 29 67.11 64.14 64.71
CA LYS V 29 67.49 62.84 65.28
C LYS V 29 68.39 63.02 66.51
N GLY V 30 68.03 63.95 67.38
CA GLY V 30 68.81 64.20 68.58
C GLY V 30 68.17 65.17 69.53
N MET V 31 67.06 65.78 69.13
CA MET V 31 66.33 66.74 69.94
C MET V 31 64.93 66.22 70.21
N PHE V 32 64.12 67.05 70.86
CA PHE V 32 62.70 66.77 71.07
C PHE V 32 61.81 67.43 70.03
N LEU V 33 62.36 68.36 69.25
CA LEU V 33 61.63 69.03 68.16
C LEU V 33 60.37 69.71 68.70
N SER V 34 60.57 70.59 69.69
CA SER V 34 59.47 71.29 70.34
C SER V 34 59.09 72.50 69.49
N GLN V 35 57.91 72.43 68.87
CA GLN V 35 57.34 73.55 68.13
C GLN V 35 56.06 74.08 68.73
N GLU V 36 55.20 73.19 69.25
CA GLU V 36 54.00 73.63 69.95
C GLU V 36 54.35 74.42 71.20
N ASP V 37 55.51 74.14 71.81
CA ASP V 37 55.90 74.83 73.02
C ASP V 37 56.53 76.19 72.72
N VAL V 38 57.18 76.33 71.57
CA VAL V 38 57.79 77.62 71.21
C VAL V 38 56.71 78.67 71.00
N GLU V 39 55.67 78.31 70.25
CA GLU V 39 54.59 79.26 70.00
C GLU V 39 53.80 79.57 71.26
N ALA V 40 53.80 78.66 72.23
CA ALA V 40 53.08 78.89 73.47
C ALA V 40 53.88 79.76 74.44
N VAL V 41 55.20 79.54 74.51
CA VAL V 41 56.04 80.35 75.39
C VAL V 41 56.30 81.72 74.77
N SER V 42 56.57 81.76 73.46
CA SER V 42 56.81 83.01 72.76
C SER V 42 55.54 83.58 72.13
N ALA V 43 54.38 83.41 72.77
CA ALA V 43 53.14 83.95 72.23
C ALA V 43 53.10 85.47 72.35
N ASN V 44 53.38 85.98 73.54
CA ASN V 44 53.45 87.43 73.77
C ASN V 44 54.56 87.69 74.78
N ALA V 45 54.47 88.83 75.48
CA ALA V 45 55.51 89.19 76.43
C ALA V 45 55.41 88.41 77.74
N THR V 46 54.21 88.08 78.18
CA THR V 46 53.97 87.39 79.44
C THR V 46 53.29 86.05 79.21
N ALA V 47 53.70 85.33 78.16
CA ALA V 47 53.11 84.02 77.89
C ALA V 47 53.70 82.94 78.79
N ALA V 48 55.01 83.00 79.05
CA ALA V 48 55.63 82.01 79.91
C ALA V 48 55.12 82.11 81.34
N THR V 49 54.88 83.35 81.81
CA THR V 49 54.37 83.53 83.17
C THR V 49 52.95 82.99 83.31
N THR V 50 52.12 83.20 82.29
CA THR V 50 50.74 82.70 82.34
C THR V 50 50.70 81.17 82.36
N VAL V 51 51.59 80.54 81.59
CA VAL V 51 51.62 79.07 81.58
C VAL V 51 52.07 78.53 82.93
N LEU V 52 53.11 79.14 83.52
CA LEU V 52 53.61 78.67 84.81
C LEU V 52 52.56 78.83 85.90
N ARG V 53 51.81 79.94 85.88
CA ARG V 53 50.77 80.15 86.89
C ARG V 53 49.62 79.16 86.71
N GLN V 54 49.26 78.87 85.46
CA GLN V 54 48.19 77.90 85.22
C GLN V 54 48.61 76.50 85.63
N LEU V 55 49.88 76.15 85.43
CA LEU V 55 50.36 74.85 85.86
C LEU V 55 50.48 74.76 87.37
N ASP V 56 50.79 75.88 88.02
CA ASP V 56 50.85 75.89 89.48
C ASP V 56 49.46 75.78 90.10
N MET V 57 48.49 76.54 89.58
CA MET V 57 47.13 76.44 90.08
C MET V 57 46.54 75.06 89.81
N GLU V 58 46.88 74.45 88.68
CA GLU V 58 46.47 73.08 88.42
C GLU V 58 47.14 72.12 89.40
N LEU V 59 48.40 72.37 89.74
CA LEU V 59 49.08 71.52 90.72
C LEU V 59 48.45 71.65 92.09
N VAL V 60 47.99 72.85 92.46
CA VAL V 60 47.31 73.03 93.74
C VAL V 60 45.98 72.30 93.75
N SER V 61 45.24 72.37 92.64
CA SER V 61 43.98 71.63 92.54
C SER V 61 44.22 70.13 92.56
N VAL V 62 45.37 69.68 92.04
CA VAL V 62 45.72 68.27 92.10
C VAL V 62 46.01 67.85 93.53
N LYS V 63 46.73 68.70 94.29
CA LYS V 63 47.13 68.34 95.64
C LYS V 63 45.92 68.25 96.58
N ARG V 64 45.01 69.23 96.51
CA ARG V 64 43.84 69.17 97.38
C ARG V 64 42.88 68.06 96.98
N GLN V 65 42.91 67.65 95.71
CA GLN V 65 42.10 66.50 95.29
C GLN V 65 42.67 65.20 95.84
N ILE V 66 44.00 65.10 95.90
CA ILE V 66 44.63 63.94 96.53
C ILE V 66 44.33 63.93 98.02
N GLN V 67 44.41 65.10 98.66
CA GLN V 67 44.13 65.18 100.09
C GLN V 67 42.68 64.82 100.41
N ASN V 68 41.75 65.18 99.52
CA ASN V 68 40.35 64.83 99.75
C ASN V 68 40.12 63.34 99.57
N ILE V 69 40.73 62.74 98.55
CA ILE V 69 40.63 61.30 98.37
C ILE V 69 41.31 60.57 99.53
N LYS V 70 42.40 61.14 100.04
CA LYS V 70 43.06 60.56 101.21
C LYS V 70 42.15 60.62 102.42
N GLN V 71 41.39 61.71 102.57
CA GLN V 71 40.44 61.80 103.67
C GLN V 71 39.30 60.81 103.49
N THR V 72 38.87 60.59 102.25
CA THR V 72 37.81 59.61 102.00
C THR V 72 38.29 58.18 102.27
N ASN V 73 39.49 57.85 101.80
CA ASN V 73 40.02 56.51 102.01
C ASN V 73 40.28 56.23 103.48
N SER V 74 40.71 57.25 104.24
CA SER V 74 40.91 57.07 105.67
C SER V 74 39.59 56.79 106.39
N ALA V 75 38.52 57.44 105.95
CA ALA V 75 37.20 57.15 106.54
C ALA V 75 36.70 55.77 106.12
N LEU V 76 37.02 55.34 104.90
CA LEU V 76 36.63 54.01 104.46
C LEU V 76 37.42 52.93 105.19
N LYS V 77 38.72 53.17 105.42
CA LYS V 77 39.53 52.22 106.16
C LYS V 77 39.08 52.13 107.61
N GLU V 78 38.58 53.23 108.18
CA GLU V 78 38.07 53.19 109.55
C GLU V 78 36.83 52.32 109.64
N LYS V 79 36.01 52.28 108.58
CA LYS V 79 34.87 51.37 108.54
C LYS V 79 35.31 49.92 108.42
N LEU V 80 36.55 49.68 107.99
CA LEU V 80 37.07 48.34 107.79
C LEU V 80 37.75 47.76 109.02
N ASP V 81 37.60 48.40 110.17
CA ASP V 81 38.26 47.92 111.38
C ASP V 81 37.63 46.61 111.86
N GLY V 82 38.48 45.68 112.29
CA GLY V 82 38.04 44.38 112.73
C GLY V 82 38.05 43.32 111.65
N GLY V 83 37.85 43.71 110.39
CA GLY V 83 37.84 42.76 109.29
C GLY V 83 36.64 41.83 109.36
N ILE V 84 36.78 40.69 108.70
CA ILE V 84 35.77 39.65 108.72
C ILE V 84 36.17 38.49 109.63
N GLU V 85 37.04 38.76 110.61
CA GLU V 85 37.49 37.71 111.51
C GLU V 85 36.37 37.13 112.36
N PRO V 86 35.49 37.91 113.00
CA PRO V 86 34.38 37.31 113.74
C PRO V 86 33.31 36.69 112.86
N TYR V 87 33.45 36.74 111.53
CA TYR V 87 32.44 36.23 110.63
C TYR V 87 32.85 34.96 109.90
N ARG V 88 34.12 34.57 109.97
CA ARG V 88 34.55 33.33 109.35
C ARG V 88 34.04 32.12 110.12
N LEU V 89 34.10 30.96 109.47
CA LEU V 89 33.67 29.71 110.08
C LEU V 89 34.73 28.64 109.87
N PRO V 90 34.92 27.76 110.86
CA PRO V 90 35.89 26.66 110.68
C PRO V 90 35.47 25.74 109.54
N GLU V 91 36.48 25.12 108.93
CA GLU V 91 36.25 24.26 107.77
C GLU V 91 35.75 22.89 108.22
N VAL V 92 34.66 22.43 107.62
CA VAL V 92 34.15 21.08 107.86
C VAL V 92 35.04 20.11 107.10
N ILE V 93 36.18 19.75 107.69
CA ILE V 93 37.16 18.89 107.02
C ILE V 93 36.70 17.44 107.14
N GLN V 94 36.26 16.86 106.03
CA GLN V 94 35.83 15.48 105.99
C GLN V 94 36.26 14.86 104.66
N LYS V 95 36.71 13.61 104.71
CA LYS V 95 37.22 12.93 103.54
C LYS V 95 36.10 12.63 102.55
N CYS V 96 36.49 12.35 101.31
CA CYS V 96 35.53 12.02 100.27
C CYS V 96 35.12 10.56 100.37
N ASN V 97 33.84 10.30 100.17
CA ASN V 97 33.29 8.96 100.22
C ASN V 97 33.05 8.43 98.81
N ALA V 98 32.98 7.11 98.69
CA ALA V 98 32.82 6.44 97.41
C ALA V 98 31.39 6.00 97.13
N ARG V 99 30.52 6.00 98.13
CA ARG V 99 29.15 5.53 97.98
C ARG V 99 28.16 6.68 98.09
N TRP V 100 27.06 6.56 97.36
CA TRP V 100 26.00 7.57 97.33
C TRP V 100 24.81 7.05 98.14
N THR V 101 24.28 7.90 99.01
CA THR V 101 23.06 7.60 99.75
C THR V 101 21.91 8.42 99.19
N THR V 102 20.69 8.02 99.57
CA THR V 102 19.51 8.72 99.08
C THR V 102 19.50 10.18 99.53
N GLU V 103 19.99 10.44 100.75
CA GLU V 103 20.13 11.82 101.20
C GLU V 103 21.14 12.58 100.34
N GLU V 104 22.27 11.95 100.02
CA GLU V 104 23.28 12.59 99.20
C GLU V 104 22.79 12.78 97.77
N GLN V 105 21.94 11.88 97.27
CA GLN V 105 21.41 12.04 95.92
C GLN V 105 20.43 13.19 95.85
N LEU V 106 19.55 13.33 96.84
CA LEU V 106 18.57 14.42 96.84
C LEU V 106 19.23 15.76 97.07
N LEU V 107 20.23 15.82 97.96
CA LEU V 107 20.99 17.05 98.14
C LEU V 107 21.72 17.44 96.88
N ALA V 108 22.20 16.46 96.12
CA ALA V 108 22.85 16.75 94.84
C ALA V 108 21.86 17.35 93.85
N VAL V 109 20.64 16.81 93.80
CA VAL V 109 19.62 17.34 92.91
C VAL V 109 19.31 18.79 93.24
N GLN V 110 19.17 19.09 94.53
CA GLN V 110 18.89 20.47 94.94
C GLN V 110 20.08 21.39 94.68
N ALA V 111 21.30 20.86 94.75
CA ALA V 111 22.48 21.68 94.47
C ALA V 111 22.58 22.01 92.98
N ILE V 112 22.23 21.05 92.12
CA ILE V 112 22.19 21.31 90.69
C ILE V 112 21.08 22.31 90.37
N ARG V 113 20.00 22.30 91.14
CA ARG V 113 18.88 23.19 90.89
C ARG V 113 19.27 24.65 91.08
N LYS V 114 20.09 24.93 92.10
CA LYS V 114 20.44 26.31 92.41
C LYS V 114 21.74 26.75 91.75
N TYR V 115 22.75 25.89 91.69
CA TYR V 115 24.06 26.26 91.20
C TYR V 115 24.29 25.90 89.73
N GLY V 116 23.65 24.85 89.23
CA GLY V 116 23.79 24.49 87.84
C GLY V 116 25.01 23.64 87.53
N ARG V 117 26.07 24.27 87.02
CA ARG V 117 27.28 23.57 86.65
C ARG V 117 28.46 23.86 87.57
N ASP V 118 28.27 24.67 88.61
CA ASP V 118 29.34 24.95 89.57
C ASP V 118 29.64 23.68 90.35
N PHE V 119 30.67 22.96 89.91
CA PHE V 119 30.99 21.68 90.54
C PHE V 119 31.53 21.86 91.95
N GLN V 120 32.30 22.93 92.17
CA GLN V 120 32.86 23.16 93.50
C GLN V 120 31.76 23.44 94.52
N ALA V 121 30.75 24.22 94.14
CA ALA V 121 29.66 24.52 95.06
C ALA V 121 28.85 23.26 95.39
N ILE V 122 28.54 22.45 94.37
CA ILE V 122 27.80 21.22 94.61
C ILE V 122 28.63 20.26 95.46
N SER V 123 29.95 20.25 95.26
CA SER V 123 30.81 19.40 96.08
C SER V 123 30.81 19.86 97.53
N ASP V 124 30.69 21.16 97.78
CA ASP V 124 30.65 21.66 99.15
C ASP V 124 29.27 21.47 99.78
N VAL V 125 28.21 21.47 98.98
CA VAL V 125 26.88 21.24 99.52
C VAL V 125 26.72 19.81 99.99
N ILE V 126 27.18 18.85 99.19
CA ILE V 126 27.10 17.45 99.60
C ILE V 126 28.05 17.17 100.75
N GLY V 127 29.30 17.63 100.64
CA GLY V 127 30.25 17.49 101.72
C GLY V 127 31.26 16.38 101.54
N ASN V 128 30.77 15.16 101.33
CA ASN V 128 31.63 13.98 101.22
C ASN V 128 31.76 13.49 99.78
N LYS V 129 31.71 14.41 98.81
CA LYS V 129 31.88 14.06 97.41
C LYS V 129 32.79 15.08 96.75
N SER V 130 33.82 14.61 96.06
CA SER V 130 34.79 15.47 95.42
C SER V 130 34.23 16.03 94.11
N VAL V 131 35.01 16.90 93.47
CA VAL V 131 34.58 17.52 92.23
C VAL V 131 34.50 16.48 91.11
N VAL V 132 35.47 15.56 91.08
CA VAL V 132 35.49 14.56 90.00
C VAL V 132 34.30 13.60 90.12
N GLN V 133 33.82 13.35 91.34
CA GLN V 133 32.67 12.48 91.50
C GLN V 133 31.37 13.21 91.22
N VAL V 134 31.34 14.54 91.39
CA VAL V 134 30.17 15.31 91.00
C VAL V 134 30.07 15.39 89.48
N LYS V 135 31.21 15.59 88.81
CA LYS V 135 31.21 15.56 87.35
C LYS V 135 30.83 14.18 86.82
N ASN V 136 31.16 13.12 87.56
CA ASN V 136 30.68 11.79 87.21
C ASN V 136 29.22 11.63 87.57
N PHE V 137 28.75 12.37 88.57
CA PHE V 137 27.34 12.30 88.97
C PHE V 137 26.42 12.84 87.88
N PHE V 138 26.89 13.81 87.10
CA PHE V 138 26.05 14.39 86.06
C PHE V 138 25.82 13.39 84.93
N VAL V 139 26.87 12.71 84.48
CA VAL V 139 26.76 11.82 83.34
C VAL V 139 26.01 10.55 83.73
N ASN V 140 26.38 9.95 84.86
CA ASN V 140 25.80 8.68 85.25
C ASN V 140 24.32 8.80 85.57
N TYR V 141 23.92 9.92 86.20
CA TYR V 141 22.52 10.13 86.58
C TYR V 141 21.86 11.21 85.73
N ARG V 142 22.25 11.32 84.45
CA ARG V 142 21.66 12.33 83.59
C ARG V 142 20.22 12.00 83.24
N ARG V 143 19.88 10.72 83.16
CA ARG V 143 18.55 10.30 82.72
C ARG V 143 17.59 10.09 83.89
N ARG V 144 18.07 9.55 85.01
CA ARG V 144 17.18 9.28 86.13
C ARG V 144 16.80 10.55 86.89
N PHE V 145 17.64 11.58 86.84
CA PHE V 145 17.36 12.84 87.53
C PHE V 145 17.05 13.97 86.57
N ASN V 146 17.14 13.74 85.26
CA ASN V 146 16.82 14.74 84.24
C ASN V 146 17.70 15.99 84.41
N ILE V 147 18.98 15.78 84.15
CA ILE V 147 19.95 16.89 84.25
C ILE V 147 19.63 17.96 83.22
N ASP V 148 19.23 17.55 82.01
CA ASP V 148 18.86 18.52 80.98
C ASP V 148 17.67 19.37 81.42
N GLU V 149 16.77 18.80 82.22
CA GLU V 149 15.60 19.54 82.68
C GLU V 149 15.93 20.44 83.87
N VAL V 150 16.82 19.98 84.75
CA VAL V 150 17.19 20.79 85.90
C VAL V 150 18.07 21.96 85.47
N LEU V 151 18.96 21.73 84.51
CA LEU V 151 19.82 22.81 84.02
C LEU V 151 19.01 23.88 83.30
N GLN V 152 18.03 23.47 82.49
CA GLN V 152 17.22 24.45 81.79
C GLN V 152 16.31 25.23 82.73
N GLU V 153 16.02 24.70 83.92
CA GLU V 153 15.30 25.46 84.92
C GLU V 153 16.23 26.41 85.69
N TRP V 154 17.49 26.01 85.87
CA TRP V 154 18.47 26.90 86.49
C TRP V 154 18.76 28.10 85.57
N GLU V 155 18.85 27.85 84.27
CA GLU V 155 19.10 28.93 83.31
C GLU V 155 17.95 29.92 83.26
N ALA V 156 16.75 29.53 83.71
CA ALA V 156 15.61 30.44 83.67
C ALA V 156 15.76 31.55 84.72
N GLU V 157 16.52 31.31 85.78
CA GLU V 157 16.68 32.30 86.84
C GLU V 157 18.06 32.96 86.77
N PRO W 3 -112.19 -43.99 -50.90
CA PRO W 3 -111.41 -45.15 -51.36
C PRO W 3 -112.30 -46.35 -51.72
N SER W 4 -111.75 -47.56 -51.63
CA SER W 4 -112.47 -48.76 -52.01
C SER W 4 -112.28 -49.83 -50.94
N GLY W 5 -113.14 -50.84 -50.99
CA GLY W 5 -113.03 -51.96 -50.06
C GLY W 5 -113.52 -51.58 -48.68
N VAL W 6 -112.73 -51.94 -47.66
CA VAL W 6 -113.14 -51.67 -46.29
C VAL W 6 -113.01 -50.18 -45.97
N GLU W 7 -111.97 -49.53 -46.48
CA GLU W 7 -111.80 -48.10 -46.21
C GLU W 7 -112.82 -47.26 -46.97
N GLY W 8 -113.23 -47.70 -48.16
CA GLY W 8 -114.25 -46.99 -48.90
C GLY W 8 -115.62 -47.08 -48.26
N ALA W 9 -115.90 -48.20 -47.58
CA ALA W 9 -117.18 -48.34 -46.88
C ALA W 9 -117.23 -47.48 -45.63
N ALA W 10 -116.09 -47.30 -44.96
CA ALA W 10 -116.05 -46.43 -43.79
C ALA W 10 -116.24 -44.97 -44.20
N PHE W 11 -115.66 -44.57 -45.33
CA PHE W 11 -115.84 -43.21 -45.81
C PHE W 11 -117.29 -42.94 -46.20
N GLN W 12 -117.97 -43.96 -46.75
CA GLN W 12 -119.37 -43.81 -47.14
C GLN W 12 -120.29 -43.73 -45.92
N SER W 13 -119.87 -44.26 -44.78
CA SER W 13 -120.70 -44.30 -43.58
C SER W 13 -120.23 -43.31 -42.52
N ARG W 14 -119.48 -42.27 -42.92
CA ARG W 14 -119.08 -41.18 -42.02
C ARG W 14 -118.24 -41.70 -40.85
N LEU W 15 -117.39 -42.69 -41.12
CA LEU W 15 -116.59 -43.28 -40.07
C LEU W 15 -115.12 -43.34 -40.48
N PRO W 16 -114.20 -43.02 -39.57
CA PRO W 16 -112.78 -43.11 -39.91
C PRO W 16 -112.36 -44.55 -40.15
N HIS W 17 -111.63 -44.77 -41.25
CA HIS W 17 -111.28 -46.13 -41.65
C HIS W 17 -110.20 -46.72 -40.76
N ASP W 18 -109.32 -45.88 -40.21
CA ASP W 18 -108.19 -46.35 -39.41
C ASP W 18 -108.26 -45.87 -37.97
N ARG W 19 -109.47 -45.63 -37.46
CA ARG W 19 -109.63 -45.15 -36.11
C ARG W 19 -111.04 -45.48 -35.63
N MET W 20 -111.17 -45.70 -34.33
CA MET W 20 -112.45 -45.97 -33.70
C MET W 20 -113.05 -44.68 -33.16
N THR W 21 -114.36 -44.54 -33.31
CA THR W 21 -115.05 -43.34 -32.83
C THR W 21 -115.23 -43.42 -31.31
N SER W 22 -115.65 -42.28 -30.74
CA SER W 22 -115.91 -42.24 -29.30
C SER W 22 -117.08 -43.14 -28.93
N GLN W 23 -118.06 -43.29 -29.83
CA GLN W 23 -119.17 -44.20 -29.57
C GLN W 23 -118.71 -45.65 -29.56
N GLU W 24 -117.78 -46.00 -30.44
CA GLU W 24 -117.24 -47.36 -30.46
C GLU W 24 -116.36 -47.64 -29.26
N ALA W 25 -115.82 -46.61 -28.61
CA ALA W 25 -115.02 -46.80 -27.42
C ALA W 25 -115.87 -47.01 -26.17
N ALA W 26 -117.04 -46.38 -26.11
CA ALA W 26 -117.89 -46.48 -24.94
C ALA W 26 -118.62 -47.83 -24.88
N CYS W 27 -118.92 -48.43 -26.03
CA CYS W 27 -119.62 -49.71 -26.06
C CYS W 27 -118.68 -50.90 -25.89
N PHE W 28 -117.50 -50.87 -26.53
CA PHE W 28 -116.48 -51.89 -26.37
C PHE W 28 -115.23 -51.24 -25.80
N PRO W 29 -115.19 -51.02 -24.48
CA PRO W 29 -113.96 -50.49 -23.88
C PRO W 29 -112.84 -51.50 -23.78
N ASP W 30 -113.14 -52.79 -23.92
CA ASP W 30 -112.11 -53.82 -23.81
C ASP W 30 -111.28 -53.92 -25.08
N ILE W 31 -111.86 -53.62 -26.24
CA ILE W 31 -111.13 -53.75 -27.50
C ILE W 31 -110.22 -52.55 -27.71
N ILE W 32 -110.73 -51.34 -27.50
CA ILE W 32 -109.93 -50.13 -27.73
C ILE W 32 -108.83 -49.98 -26.69
N SER W 33 -108.99 -50.56 -25.50
CA SER W 33 -107.97 -50.51 -24.47
C SER W 33 -107.03 -51.71 -24.52
N GLY W 34 -107.23 -52.63 -25.45
CA GLY W 34 -106.39 -53.79 -25.57
C GLY W 34 -105.30 -53.60 -26.61
N PRO W 35 -104.87 -54.69 -27.24
CA PRO W 35 -103.82 -54.59 -28.25
C PRO W 35 -104.33 -53.92 -29.52
N GLN W 36 -103.37 -53.44 -30.31
CA GLN W 36 -103.72 -52.74 -31.54
C GLN W 36 -104.18 -53.72 -32.62
N GLN W 37 -103.72 -54.96 -32.58
CA GLN W 37 -104.14 -55.94 -33.58
C GLN W 37 -105.62 -56.28 -33.45
N THR W 38 -106.11 -56.37 -32.21
CA THR W 38 -107.53 -56.62 -32.00
C THR W 38 -108.37 -55.45 -32.51
N GLN W 39 -107.86 -54.22 -32.38
CA GLN W 39 -108.56 -53.06 -32.91
C GLN W 39 -108.66 -53.14 -34.44
N LYS W 40 -107.58 -53.55 -35.10
CA LYS W 40 -107.60 -53.67 -36.55
C LYS W 40 -108.57 -54.74 -37.02
N VAL W 41 -108.71 -55.82 -36.25
CA VAL W 41 -109.69 -56.85 -36.58
C VAL W 41 -111.11 -56.30 -36.44
N PHE W 42 -111.35 -55.52 -35.39
CA PHE W 42 -112.67 -54.90 -35.22
C PHE W 42 -112.95 -53.89 -36.34
N LEU W 43 -111.93 -53.14 -36.75
CA LEU W 43 -112.12 -52.19 -37.85
C LEU W 43 -112.38 -52.92 -39.16
N PHE W 44 -111.75 -54.08 -39.35
CA PHE W 44 -111.94 -54.83 -40.59
C PHE W 44 -113.31 -55.50 -40.63
N ILE W 45 -113.75 -56.07 -39.51
CA ILE W 45 -115.06 -56.71 -39.47
C ILE W 45 -116.17 -55.68 -39.65
N ARG W 46 -116.01 -54.50 -39.03
CA ARG W 46 -117.01 -53.44 -39.18
C ARG W 46 -117.08 -52.96 -40.61
N ASN W 47 -115.93 -52.65 -41.21
CA ASN W 47 -115.91 -52.06 -42.54
C ASN W 47 -116.25 -53.07 -43.62
N ARG W 48 -115.99 -54.36 -43.38
CA ARG W 48 -116.38 -55.38 -44.36
C ARG W 48 -117.89 -55.54 -44.39
N THR W 49 -118.54 -55.56 -43.21
CA THR W 49 -120.00 -55.62 -43.17
C THR W 49 -120.61 -54.33 -43.72
N LEU W 50 -119.95 -53.19 -43.51
CA LEU W 50 -120.37 -51.96 -44.17
C LEU W 50 -120.33 -52.12 -45.68
N GLN W 51 -119.26 -52.72 -46.20
CA GLN W 51 -119.14 -52.92 -47.65
C GLN W 51 -120.21 -53.87 -48.17
N LEU W 52 -120.52 -54.93 -47.42
CA LEU W 52 -121.56 -55.86 -47.84
C LEU W 52 -122.93 -55.21 -47.88
N TRP W 53 -123.20 -54.28 -46.96
CA TRP W 53 -124.48 -53.57 -46.98
C TRP W 53 -124.55 -52.59 -48.14
N LEU W 54 -123.48 -51.82 -48.36
CA LEU W 54 -123.46 -50.84 -49.44
C LEU W 54 -123.51 -51.51 -50.81
N ASP W 55 -123.15 -52.78 -50.91
CA ASP W 55 -123.22 -53.49 -52.19
C ASP W 55 -124.65 -53.88 -52.52
N ASN W 56 -125.41 -54.36 -51.53
CA ASN W 56 -126.79 -54.81 -51.73
C ASN W 56 -127.65 -54.21 -50.63
N PRO W 57 -128.16 -53.00 -50.83
CA PRO W 57 -129.01 -52.36 -49.82
C PRO W 57 -130.50 -52.68 -49.93
N LYS W 58 -130.90 -53.53 -50.88
CA LYS W 58 -132.32 -53.81 -51.10
C LYS W 58 -132.82 -55.05 -50.38
N ILE W 59 -131.93 -55.83 -49.77
CA ILE W 59 -132.30 -56.98 -48.96
C ILE W 59 -131.60 -56.88 -47.62
N GLN W 60 -132.07 -57.68 -46.66
CA GLN W 60 -131.46 -57.72 -45.34
C GLN W 60 -130.07 -58.35 -45.43
N LEU W 61 -129.05 -57.61 -45.01
CA LEU W 61 -127.71 -58.16 -44.90
C LEU W 61 -127.66 -59.02 -43.64
N THR W 62 -127.75 -60.34 -43.82
CA THR W 62 -127.79 -61.26 -42.69
C THR W 62 -126.44 -61.32 -42.00
N PHE W 63 -126.37 -62.12 -40.95
CA PHE W 63 -125.17 -62.24 -40.13
C PHE W 63 -124.57 -63.64 -40.10
N GLU W 64 -125.25 -64.64 -40.66
CA GLU W 64 -124.65 -65.96 -40.82
C GLU W 64 -123.90 -66.09 -42.14
N ALA W 65 -124.45 -65.52 -43.21
CA ALA W 65 -123.74 -65.51 -44.49
C ALA W 65 -122.55 -64.55 -44.47
N THR W 66 -122.60 -63.53 -43.61
CA THR W 66 -121.46 -62.63 -43.47
C THR W 66 -120.26 -63.37 -42.89
N LEU W 67 -120.47 -64.12 -41.81
CA LEU W 67 -119.39 -64.91 -41.22
C LEU W 67 -118.93 -66.02 -42.15
N GLN W 68 -119.85 -66.58 -42.96
CA GLN W 68 -119.49 -67.65 -43.86
C GLN W 68 -118.65 -67.16 -45.03
N GLN W 69 -118.89 -65.92 -45.49
CA GLN W 69 -118.18 -65.34 -46.62
C GLN W 69 -117.06 -64.41 -46.20
N LEU W 70 -116.46 -64.64 -45.04
CA LEU W 70 -115.43 -63.75 -44.50
C LEU W 70 -114.25 -64.58 -44.02
N GLU W 71 -113.10 -64.39 -44.67
CA GLU W 71 -111.83 -65.01 -44.27
C GLU W 71 -111.94 -66.54 -44.23
N ALA W 72 -112.30 -67.12 -45.38
CA ALA W 72 -112.32 -68.57 -45.54
C ALA W 72 -113.26 -69.16 -44.47
N PRO W 73 -113.12 -70.44 -44.05
CA PRO W 73 -113.72 -70.81 -42.78
C PRO W 73 -113.08 -70.09 -41.60
N TYR W 74 -113.73 -69.02 -41.14
CA TYR W 74 -113.22 -68.19 -40.04
C TYR W 74 -113.91 -68.63 -38.76
N ASN W 75 -113.15 -69.36 -37.91
CA ASN W 75 -113.69 -69.87 -36.66
C ASN W 75 -112.73 -69.66 -35.49
N SER W 76 -111.97 -68.57 -35.51
CA SER W 76 -111.01 -68.27 -34.47
C SER W 76 -111.53 -67.24 -33.47
N ASP W 77 -112.84 -67.06 -33.41
CA ASP W 77 -113.45 -66.11 -32.48
C ASP W 77 -114.65 -66.76 -31.80
N THR W 78 -114.76 -66.56 -30.49
CA THR W 78 -115.84 -67.16 -29.69
C THR W 78 -117.10 -66.31 -29.84
N VAL W 79 -117.74 -66.44 -31.00
CA VAL W 79 -118.98 -65.76 -31.33
C VAL W 79 -118.77 -64.25 -31.16
N LEU W 80 -117.71 -63.74 -31.76
CA LEU W 80 -117.42 -62.31 -31.71
C LEU W 80 -118.11 -61.54 -32.82
N VAL W 81 -118.38 -62.19 -33.95
CA VAL W 81 -119.06 -61.52 -35.06
C VAL W 81 -120.50 -61.21 -34.68
N HIS W 82 -121.14 -62.10 -33.92
CA HIS W 82 -122.51 -61.85 -33.47
C HIS W 82 -122.60 -60.57 -32.66
N ARG W 83 -121.69 -60.39 -31.70
CA ARG W 83 -121.74 -59.20 -30.85
C ARG W 83 -121.44 -57.93 -31.63
N VAL W 84 -120.51 -58.01 -32.58
CA VAL W 84 -120.15 -56.83 -33.36
C VAL W 84 -121.24 -56.50 -34.38
N HIS W 85 -121.80 -57.53 -35.04
CA HIS W 85 -122.83 -57.29 -36.04
C HIS W 85 -124.10 -56.72 -35.41
N SER W 86 -124.50 -57.26 -34.25
CA SER W 86 -125.67 -56.72 -33.57
C SER W 86 -125.40 -55.32 -33.03
N TYR W 87 -124.17 -55.02 -32.65
CA TYR W 87 -123.82 -53.68 -32.20
C TYR W 87 -123.93 -52.67 -33.33
N LEU W 88 -123.43 -53.03 -34.52
CA LEU W 88 -123.40 -52.09 -35.63
C LEU W 88 -124.77 -51.90 -36.26
N GLU W 89 -125.57 -52.97 -36.34
CA GLU W 89 -126.88 -52.89 -36.97
C GLU W 89 -127.86 -52.08 -36.15
N ARG W 90 -127.65 -51.98 -34.83
CA ARG W 90 -128.59 -51.25 -33.98
C ARG W 90 -128.38 -49.74 -34.09
N HIS W 91 -127.13 -49.29 -34.07
CA HIS W 91 -126.82 -47.86 -34.06
C HIS W 91 -126.87 -47.21 -35.44
N GLY W 92 -127.39 -47.91 -36.45
CA GLY W 92 -127.56 -47.31 -37.75
C GLY W 92 -126.30 -47.10 -38.56
N LEU W 93 -125.16 -47.63 -38.11
CA LEU W 93 -123.94 -47.53 -38.91
C LEU W 93 -123.99 -48.49 -40.10
N ILE W 94 -124.29 -49.76 -39.84
CA ILE W 94 -124.56 -50.72 -40.89
C ILE W 94 -126.06 -50.94 -40.97
N ASN W 95 -126.52 -51.43 -42.12
CA ASN W 95 -127.94 -51.72 -42.34
C ASN W 95 -128.80 -50.50 -42.02
N PHE W 96 -128.43 -49.37 -42.62
CA PHE W 96 -129.10 -48.10 -42.37
C PHE W 96 -130.14 -47.82 -43.44
N GLY W 97 -131.16 -47.05 -43.07
CA GLY W 97 -132.29 -46.82 -43.93
C GLY W 97 -133.38 -47.86 -43.69
N ILE W 98 -134.25 -48.01 -44.69
CA ILE W 98 -135.38 -48.93 -44.62
C ILE W 98 -135.20 -49.96 -45.73
N TYR W 99 -135.04 -51.21 -45.34
CA TYR W 99 -134.76 -52.30 -46.27
C TYR W 99 -135.67 -53.49 -45.96
N LYS W 100 -135.89 -54.33 -46.97
CA LYS W 100 -136.70 -55.51 -46.79
C LYS W 100 -135.96 -56.53 -45.94
N ARG W 101 -136.63 -56.98 -44.87
CA ARG W 101 -136.03 -57.84 -43.87
C ARG W 101 -136.34 -59.30 -44.18
N ILE W 102 -135.29 -60.14 -44.19
CA ILE W 102 -135.47 -61.56 -44.48
C ILE W 102 -136.13 -62.26 -43.30
N LYS W 103 -135.53 -62.16 -42.12
CA LYS W 103 -136.11 -62.77 -40.93
C LYS W 103 -137.40 -62.05 -40.56
N PRO W 104 -138.50 -62.76 -40.35
CA PRO W 104 -139.78 -62.09 -40.09
C PRO W 104 -139.78 -61.36 -38.76
N LEU W 105 -140.61 -60.33 -38.69
CA LEU W 105 -140.72 -59.55 -37.47
C LEU W 105 -141.40 -60.36 -36.37
N PRO W 106 -141.07 -60.10 -35.10
CA PRO W 106 -141.71 -60.85 -34.01
C PRO W 106 -143.20 -60.52 -33.93
N THR W 107 -144.02 -61.57 -33.81
CA THR W 107 -145.46 -61.39 -33.78
C THR W 107 -145.94 -60.68 -32.51
N LYS W 108 -145.16 -60.72 -31.44
CA LYS W 108 -145.48 -60.04 -30.20
C LYS W 108 -144.45 -58.93 -29.98
N LYS W 109 -144.94 -57.70 -29.91
CA LYS W 109 -144.07 -56.53 -29.76
C LYS W 109 -143.81 -56.24 -28.29
N THR W 110 -142.72 -55.53 -28.03
CA THR W 110 -142.29 -55.21 -26.67
C THR W 110 -142.17 -53.69 -26.55
N GLY W 111 -143.04 -53.08 -25.75
CA GLY W 111 -142.98 -51.65 -25.53
C GLY W 111 -143.84 -50.88 -26.50
N LYS W 112 -144.28 -49.69 -26.06
CA LYS W 112 -145.13 -48.82 -26.84
C LYS W 112 -144.48 -47.44 -26.91
N VAL W 113 -144.31 -46.92 -28.12
CA VAL W 113 -143.67 -45.62 -28.35
C VAL W 113 -144.57 -44.78 -29.23
N ILE W 114 -144.83 -43.55 -28.80
CA ILE W 114 -145.61 -42.57 -29.57
C ILE W 114 -144.65 -41.55 -30.16
N ILE W 115 -144.75 -41.34 -31.46
CA ILE W 115 -143.90 -40.39 -32.18
C ILE W 115 -144.77 -39.22 -32.65
N ILE W 116 -144.39 -38.01 -32.27
CA ILE W 116 -145.11 -36.81 -32.67
C ILE W 116 -144.51 -36.30 -33.98
N GLY W 117 -145.33 -36.26 -35.02
CA GLY W 117 -144.87 -35.82 -36.33
C GLY W 117 -144.42 -36.97 -37.21
N SER W 118 -144.95 -37.04 -38.43
CA SER W 118 -144.63 -38.11 -39.37
C SER W 118 -143.62 -37.65 -40.42
N GLY W 119 -142.64 -36.85 -40.03
CA GLY W 119 -141.61 -36.39 -40.94
C GLY W 119 -140.58 -37.47 -41.22
N VAL W 120 -139.52 -37.06 -41.92
CA VAL W 120 -138.45 -37.99 -42.27
C VAL W 120 -137.83 -38.58 -41.00
N SER W 121 -137.66 -37.75 -39.97
CA SER W 121 -137.16 -38.27 -38.70
C SER W 121 -138.19 -39.16 -38.00
N GLY W 122 -139.46 -38.75 -38.05
CA GLY W 122 -140.50 -39.55 -37.42
C GLY W 122 -140.79 -40.85 -38.13
N LEU W 123 -140.59 -40.87 -39.46
CA LEU W 123 -140.81 -42.10 -40.22
C LEU W 123 -139.63 -43.04 -40.13
N ALA W 124 -138.41 -42.53 -40.06
CA ALA W 124 -137.23 -43.38 -39.97
C ALA W 124 -137.18 -44.10 -38.63
N ALA W 125 -137.32 -43.36 -37.53
CA ALA W 125 -137.27 -43.97 -36.22
C ALA W 125 -138.45 -44.92 -35.99
N ALA W 126 -139.58 -44.66 -36.65
CA ALA W 126 -140.75 -45.52 -36.49
C ALA W 126 -140.51 -46.90 -37.09
N ARG W 127 -140.11 -46.95 -38.36
CA ARG W 127 -139.84 -48.23 -39.00
C ARG W 127 -138.66 -48.94 -38.33
N GLN W 128 -137.70 -48.19 -37.79
CA GLN W 128 -136.62 -48.82 -37.03
C GLN W 128 -137.14 -49.39 -35.72
N LEU W 129 -137.99 -48.64 -35.01
CA LEU W 129 -138.64 -49.16 -33.81
C LEU W 129 -139.46 -50.42 -34.14
N GLN W 130 -140.17 -50.40 -35.27
CA GLN W 130 -141.00 -51.55 -35.62
C GLN W 130 -140.14 -52.74 -36.04
N SER W 131 -139.04 -52.49 -36.77
CA SER W 131 -138.15 -53.57 -37.16
C SER W 131 -137.42 -54.17 -35.97
N PHE W 132 -137.27 -53.41 -34.88
CA PHE W 132 -136.65 -53.93 -33.67
C PHE W 132 -137.60 -54.72 -32.80
N GLY W 133 -138.91 -54.67 -33.08
CA GLY W 133 -139.88 -55.44 -32.33
C GLY W 133 -140.64 -54.64 -31.30
N MET W 134 -141.00 -53.41 -31.63
CA MET W 134 -141.71 -52.53 -30.71
C MET W 134 -142.97 -51.99 -31.38
N ASP W 135 -143.94 -51.61 -30.55
CA ASP W 135 -145.20 -51.07 -31.02
C ASP W 135 -145.06 -49.57 -31.26
N VAL W 136 -145.50 -49.12 -32.43
CA VAL W 136 -145.31 -47.73 -32.86
C VAL W 136 -146.66 -47.17 -33.32
N THR W 137 -146.91 -45.91 -32.98
CA THR W 137 -148.08 -45.18 -33.47
C THR W 137 -147.67 -43.73 -33.67
N LEU W 138 -147.78 -43.25 -34.91
CA LEU W 138 -147.37 -41.90 -35.26
C LEU W 138 -148.58 -40.96 -35.21
N LEU W 139 -148.38 -39.80 -34.60
CA LEU W 139 -149.41 -38.77 -34.51
C LEU W 139 -149.00 -37.60 -35.40
N GLU W 140 -149.75 -37.39 -36.48
CA GLU W 140 -149.47 -36.34 -37.44
C GLU W 140 -150.63 -35.37 -37.49
N ALA W 141 -150.33 -34.07 -37.37
CA ALA W 141 -151.36 -33.04 -37.46
C ALA W 141 -151.73 -32.74 -38.89
N ARG W 142 -150.80 -32.86 -39.82
CA ARG W 142 -151.08 -32.62 -41.23
C ARG W 142 -151.89 -33.79 -41.81
N ASP W 143 -152.48 -33.54 -42.98
CA ASP W 143 -153.21 -34.55 -43.72
C ASP W 143 -152.31 -35.39 -44.62
N ARG W 144 -151.01 -35.40 -44.35
CA ARG W 144 -150.05 -36.15 -45.15
C ARG W 144 -148.83 -36.43 -44.28
N VAL W 145 -147.81 -37.03 -44.88
CA VAL W 145 -146.58 -37.35 -44.18
C VAL W 145 -145.43 -36.52 -44.77
N GLY W 146 -144.29 -36.54 -44.09
CA GLY W 146 -143.11 -35.83 -44.49
C GLY W 146 -142.84 -34.56 -43.71
N GLY W 147 -143.86 -33.97 -43.09
CA GLY W 147 -143.70 -32.73 -42.35
C GLY W 147 -143.26 -31.58 -43.22
N ARG W 148 -141.97 -31.24 -43.16
CA ARG W 148 -141.44 -30.14 -43.97
C ARG W 148 -140.98 -30.65 -45.33
N VAL W 149 -141.61 -31.71 -45.81
CA VAL W 149 -141.36 -32.25 -47.15
C VAL W 149 -142.65 -32.10 -47.92
N ALA W 150 -142.73 -31.06 -48.75
CA ALA W 150 -143.94 -30.74 -49.51
C ALA W 150 -143.67 -30.82 -51.00
N THR W 151 -144.63 -31.38 -51.73
CA THR W 151 -144.54 -31.52 -53.18
C THR W 151 -145.88 -31.18 -53.80
N PHE W 152 -145.87 -30.24 -54.74
CA PHE W 152 -147.07 -29.85 -55.48
C PHE W 152 -147.23 -30.76 -56.69
N ARG W 153 -148.32 -31.53 -56.72
CA ARG W 153 -148.62 -32.45 -57.81
C ARG W 153 -150.00 -32.14 -58.35
N LYS W 154 -150.08 -31.80 -59.64
CA LYS W 154 -151.36 -31.50 -60.28
C LYS W 154 -151.20 -31.81 -61.77
N GLY W 155 -151.79 -32.92 -62.20
CA GLY W 155 -151.67 -33.36 -63.57
C GLY W 155 -150.27 -33.86 -63.90
N ASN W 156 -149.53 -33.08 -64.67
CA ASN W 156 -148.15 -33.39 -64.99
C ASN W 156 -147.16 -32.42 -64.35
N TYR W 157 -147.65 -31.42 -63.62
CA TYR W 157 -146.77 -30.45 -62.98
C TYR W 157 -146.29 -30.98 -61.64
N VAL W 158 -144.97 -31.01 -61.46
CA VAL W 158 -144.35 -31.43 -60.21
C VAL W 158 -143.47 -30.30 -59.72
N ALA W 159 -143.64 -29.91 -58.46
CA ALA W 159 -142.86 -28.83 -57.87
C ALA W 159 -142.79 -29.04 -56.36
N ASP W 160 -141.60 -28.88 -55.80
CA ASP W 160 -141.36 -29.12 -54.38
C ASP W 160 -141.31 -27.80 -53.64
N LEU W 161 -142.20 -27.65 -52.66
CA LEU W 161 -142.31 -26.41 -51.89
C LEU W 161 -141.38 -26.35 -50.70
N GLY W 162 -140.59 -27.41 -50.46
CA GLY W 162 -139.74 -27.43 -49.28
C GLY W 162 -138.42 -28.15 -49.44
N ALA W 163 -138.48 -29.37 -49.99
CA ALA W 163 -137.32 -30.25 -50.08
C ALA W 163 -137.32 -30.96 -51.42
N MET W 164 -136.18 -30.90 -52.11
CA MET W 164 -135.99 -31.69 -53.33
C MET W 164 -134.51 -31.87 -53.67
N VAL W 165 -133.70 -30.84 -53.44
CA VAL W 165 -132.28 -30.92 -53.78
C VAL W 165 -131.54 -31.43 -52.56
N VAL W 166 -130.43 -32.11 -52.84
CA VAL W 166 -129.53 -32.70 -51.86
C VAL W 166 -128.18 -32.03 -52.09
N THR W 167 -127.14 -32.46 -51.36
CA THR W 167 -125.82 -31.86 -51.47
C THR W 167 -124.75 -32.89 -51.82
N GLY W 168 -125.10 -33.92 -52.58
CA GLY W 168 -124.14 -34.90 -53.01
C GLY W 168 -124.43 -36.31 -52.52
N LEU W 169 -123.78 -37.29 -53.13
CA LEU W 169 -123.99 -38.69 -52.77
C LEU W 169 -122.80 -39.32 -52.04
N GLY W 170 -121.65 -38.64 -52.00
CA GLY W 170 -120.48 -39.18 -51.33
C GLY W 170 -120.63 -39.22 -49.82
N GLY W 171 -120.83 -40.41 -49.28
CA GLY W 171 -121.07 -40.57 -47.86
C GLY W 171 -122.50 -40.35 -47.43
N ASN W 172 -123.34 -39.78 -48.27
CA ASN W 172 -124.71 -39.47 -47.89
C ASN W 172 -125.55 -40.76 -47.84
N PRO W 173 -126.26 -41.02 -46.74
CA PRO W 173 -127.21 -42.14 -46.75
C PRO W 173 -128.35 -41.96 -47.73
N MET W 174 -128.53 -40.77 -48.30
CA MET W 174 -129.54 -40.57 -49.34
C MET W 174 -129.24 -41.35 -50.60
N ALA W 175 -127.96 -41.69 -50.85
CA ALA W 175 -127.63 -42.52 -52.01
C ALA W 175 -128.24 -43.90 -51.88
N VAL W 176 -128.22 -44.46 -50.68
CA VAL W 176 -128.86 -45.76 -50.45
C VAL W 176 -130.38 -45.62 -50.50
N VAL W 177 -130.92 -44.52 -49.98
CA VAL W 177 -132.36 -44.27 -50.07
C VAL W 177 -132.79 -44.19 -51.52
N SER W 178 -131.95 -43.57 -52.37
CA SER W 178 -132.26 -43.54 -53.80
C SER W 178 -132.16 -44.92 -54.42
N LYS W 179 -131.26 -45.77 -53.92
CA LYS W 179 -131.18 -47.15 -54.39
C LYS W 179 -132.33 -47.99 -53.86
N GLN W 180 -132.99 -47.54 -52.78
CA GLN W 180 -134.12 -48.26 -52.19
C GLN W 180 -135.45 -47.77 -52.74
N VAL W 181 -135.71 -46.46 -52.63
CA VAL W 181 -136.93 -45.86 -53.12
C VAL W 181 -136.69 -45.33 -54.52
N ASN W 182 -137.68 -45.53 -55.40
CA ASN W 182 -137.58 -45.09 -56.78
C ASN W 182 -137.39 -43.58 -56.86
N MET W 183 -136.14 -43.14 -56.95
CA MET W 183 -135.80 -41.72 -57.03
C MET W 183 -135.01 -41.47 -58.30
N GLU W 184 -135.56 -40.66 -59.19
CA GLU W 184 -134.86 -40.23 -60.40
C GLU W 184 -134.04 -38.99 -60.05
N LEU W 185 -132.73 -39.14 -60.03
CA LEU W 185 -131.82 -38.06 -59.63
C LEU W 185 -131.24 -37.40 -60.87
N ALA W 186 -131.31 -36.08 -60.91
CA ALA W 186 -130.80 -35.28 -62.03
C ALA W 186 -129.76 -34.30 -61.51
N LYS W 187 -128.63 -34.20 -62.19
CA LYS W 187 -127.55 -33.33 -61.76
C LYS W 187 -127.91 -31.86 -62.02
N ILE W 188 -127.32 -30.99 -61.22
CA ILE W 188 -127.55 -29.55 -61.31
C ILE W 188 -126.39 -28.93 -62.09
N LYS W 189 -126.71 -28.20 -63.15
CA LYS W 189 -125.71 -27.44 -63.89
C LYS W 189 -125.47 -26.13 -63.16
N GLN W 190 -124.25 -25.94 -62.66
CA GLN W 190 -123.91 -24.78 -61.84
C GLN W 190 -123.86 -23.48 -62.63
N LYS W 191 -124.03 -23.52 -63.95
CA LYS W 191 -124.02 -22.30 -64.75
C LYS W 191 -125.26 -21.47 -64.42
N CYS W 192 -125.05 -20.32 -63.79
CA CYS W 192 -126.14 -19.44 -63.36
C CYS W 192 -125.86 -18.03 -63.85
N PRO W 193 -126.40 -17.65 -65.01
CA PRO W 193 -126.20 -16.28 -65.50
C PRO W 193 -126.97 -15.27 -64.66
N LEU W 194 -126.46 -14.05 -64.63
CA LEU W 194 -127.03 -12.97 -63.84
C LEU W 194 -127.46 -11.82 -64.75
N TYR W 195 -128.69 -11.36 -64.56
CA TYR W 195 -129.21 -10.20 -65.26
C TYR W 195 -129.64 -9.16 -64.24
N GLU W 196 -129.39 -7.89 -64.55
CA GLU W 196 -129.65 -6.80 -63.63
C GLU W 196 -131.15 -6.50 -63.58
N ALA W 197 -131.52 -5.39 -62.93
CA ALA W 197 -132.92 -5.01 -62.83
C ALA W 197 -133.48 -4.61 -64.18
N ASN W 198 -132.64 -4.14 -65.10
CA ASN W 198 -133.09 -3.77 -66.43
C ASN W 198 -133.29 -4.99 -67.34
N GLY W 199 -132.71 -6.13 -66.98
CA GLY W 199 -132.88 -7.35 -67.75
C GLY W 199 -131.65 -7.78 -68.53
N GLN W 200 -130.62 -6.94 -68.61
CA GLN W 200 -129.42 -7.27 -69.36
C GLN W 200 -128.43 -8.03 -68.49
N ALA W 201 -127.68 -8.93 -69.12
CA ALA W 201 -126.76 -9.79 -68.40
C ALA W 201 -125.52 -9.01 -67.96
N VAL W 202 -124.72 -9.67 -67.12
CA VAL W 202 -123.48 -9.09 -66.60
C VAL W 202 -122.31 -9.67 -67.39
N PRO W 203 -121.37 -8.85 -67.83
CA PRO W 203 -120.21 -9.38 -68.58
C PRO W 203 -119.39 -10.34 -67.73
N LYS W 204 -118.52 -11.10 -68.42
CA LYS W 204 -117.71 -12.09 -67.73
C LYS W 204 -116.68 -11.44 -66.82
N GLU W 205 -116.06 -10.36 -67.27
CA GLU W 205 -115.04 -9.69 -66.46
C GLU W 205 -115.64 -9.08 -65.20
N LYS W 206 -116.83 -8.49 -65.32
CA LYS W 206 -117.48 -7.89 -64.15
C LYS W 206 -117.97 -8.96 -63.18
N ASP W 207 -118.59 -10.03 -63.71
CA ASP W 207 -119.15 -11.07 -62.85
C ASP W 207 -118.05 -11.79 -62.09
N GLU W 208 -116.89 -12.00 -62.74
CA GLU W 208 -115.80 -12.69 -62.06
C GLU W 208 -115.14 -11.82 -61.00
N MET W 209 -115.18 -10.50 -61.16
CA MET W 209 -114.55 -9.62 -60.19
C MET W 209 -115.43 -9.40 -58.96
N VAL W 210 -116.76 -9.36 -59.13
CA VAL W 210 -117.64 -9.21 -57.98
C VAL W 210 -117.68 -10.50 -57.17
N GLU W 211 -117.66 -11.66 -57.86
CA GLU W 211 -117.61 -12.92 -57.15
C GLU W 211 -116.28 -13.10 -56.44
N GLN W 212 -115.19 -12.61 -57.04
CA GLN W 212 -113.89 -12.66 -56.37
C GLN W 212 -113.85 -11.75 -55.15
N GLU W 213 -114.41 -10.55 -55.27
CA GLU W 213 -114.50 -9.66 -54.12
C GLU W 213 -115.48 -10.20 -53.09
N PHE W 214 -116.52 -10.91 -53.52
CA PHE W 214 -117.42 -11.57 -52.58
C PHE W 214 -116.70 -12.67 -51.81
N ASN W 215 -115.86 -13.45 -52.50
CA ASN W 215 -115.06 -14.45 -51.81
C ASN W 215 -113.99 -13.82 -50.93
N ARG W 216 -113.51 -12.63 -51.30
CA ARG W 216 -112.56 -11.92 -50.46
C ARG W 216 -113.20 -11.44 -49.17
N LEU W 217 -114.48 -11.03 -49.23
CA LEU W 217 -115.18 -10.64 -48.03
C LEU W 217 -115.48 -11.84 -47.14
N LEU W 218 -115.69 -13.02 -47.73
CA LEU W 218 -115.85 -14.22 -46.93
C LEU W 218 -114.54 -14.66 -46.29
N GLU W 219 -113.41 -14.42 -46.96
CA GLU W 219 -112.12 -14.64 -46.32
C GLU W 219 -111.90 -13.66 -45.17
N ALA W 220 -112.38 -12.43 -45.31
CA ALA W 220 -112.38 -11.52 -44.18
C ALA W 220 -113.28 -12.03 -43.05
N THR W 221 -114.42 -12.62 -43.41
CA THR W 221 -115.29 -13.23 -42.42
C THR W 221 -114.56 -14.32 -41.65
N SER W 222 -113.76 -15.14 -42.34
CA SER W 222 -113.09 -16.25 -41.69
C SER W 222 -112.06 -15.77 -40.67
N TYR W 223 -111.27 -14.75 -41.02
CA TYR W 223 -110.21 -14.31 -40.15
C TYR W 223 -110.70 -13.36 -39.05
N LEU W 224 -111.84 -12.69 -39.28
CA LEU W 224 -112.48 -11.95 -38.20
C LEU W 224 -113.04 -12.87 -37.13
N SER W 225 -113.36 -14.12 -37.49
CA SER W 225 -113.99 -15.06 -36.56
C SER W 225 -112.96 -15.92 -35.83
N HIS W 226 -112.13 -16.63 -36.58
CA HIS W 226 -111.21 -17.61 -36.00
C HIS W 226 -109.90 -16.98 -35.51
N GLN W 227 -109.62 -15.72 -35.84
CA GLN W 227 -108.35 -15.10 -35.48
C GLN W 227 -108.54 -13.84 -34.65
N LEU W 228 -109.27 -12.85 -35.15
CA LEU W 228 -109.43 -11.60 -34.41
C LEU W 228 -110.37 -11.74 -33.22
N ASP W 229 -111.16 -12.82 -33.17
CA ASP W 229 -112.09 -13.08 -32.08
C ASP W 229 -113.08 -11.93 -31.88
N PHE W 230 -113.44 -11.25 -32.97
CA PHE W 230 -114.40 -10.15 -32.92
C PHE W 230 -115.78 -10.74 -32.65
N ASN W 231 -116.01 -11.10 -31.38
CA ASN W 231 -117.22 -11.82 -30.99
C ASN W 231 -118.02 -11.13 -29.89
N VAL W 232 -117.50 -10.06 -29.29
CA VAL W 232 -118.19 -9.34 -28.24
C VAL W 232 -118.19 -7.86 -28.60
N LEU W 233 -119.38 -7.27 -28.71
CA LEU W 233 -119.54 -5.85 -29.01
C LEU W 233 -120.72 -5.32 -28.21
N ASN W 234 -120.44 -4.38 -27.30
CA ASN W 234 -121.46 -3.77 -26.46
C ASN W 234 -122.20 -4.81 -25.62
N ASN W 235 -121.44 -5.74 -25.04
CA ASN W 235 -121.98 -6.81 -24.19
C ASN W 235 -123.03 -7.64 -24.92
N LYS W 236 -122.87 -7.81 -26.23
CA LYS W 236 -123.78 -8.58 -27.05
C LYS W 236 -122.99 -9.39 -28.06
N PRO W 237 -123.52 -10.54 -28.49
CA PRO W 237 -122.84 -11.31 -29.54
C PRO W 237 -122.86 -10.58 -30.86
N VAL W 238 -121.79 -10.75 -31.62
CA VAL W 238 -121.61 -10.05 -32.89
C VAL W 238 -122.17 -10.88 -34.02
N SER W 239 -122.91 -10.23 -34.92
CA SER W 239 -123.46 -10.89 -36.10
C SER W 239 -122.41 -10.88 -37.21
N LEU W 240 -122.83 -11.01 -38.45
CA LEU W 240 -121.94 -11.00 -39.60
C LEU W 240 -122.14 -9.81 -40.52
N GLY W 241 -123.39 -9.38 -40.72
CA GLY W 241 -123.64 -8.23 -41.58
C GLY W 241 -122.95 -6.97 -41.11
N GLN W 242 -122.72 -6.84 -39.80
CA GLN W 242 -121.98 -5.69 -39.28
C GLN W 242 -120.50 -5.80 -39.63
N ALA W 243 -119.91 -6.97 -39.46
CA ALA W 243 -118.49 -7.14 -39.73
C ALA W 243 -118.18 -6.90 -41.20
N LEU W 244 -119.00 -7.43 -42.10
CA LEU W 244 -118.77 -7.24 -43.53
C LEU W 244 -118.92 -5.77 -43.92
N GLU W 245 -119.95 -5.10 -43.39
CA GLU W 245 -120.17 -3.70 -43.75
C GLU W 245 -119.05 -2.81 -43.22
N VAL W 246 -118.49 -3.14 -42.05
CA VAL W 246 -117.36 -2.38 -41.54
C VAL W 246 -116.14 -2.57 -42.42
N VAL W 247 -115.87 -3.81 -42.83
CA VAL W 247 -114.73 -4.08 -43.70
C VAL W 247 -114.85 -3.31 -45.01
N ILE W 248 -116.04 -3.32 -45.61
CA ILE W 248 -116.25 -2.59 -46.87
C ILE W 248 -115.99 -1.10 -46.68
N GLN W 249 -116.47 -0.54 -45.56
CA GLN W 249 -116.21 0.88 -45.29
C GLN W 249 -114.72 1.13 -45.05
N LEU W 250 -113.99 0.13 -44.57
CA LEU W 250 -112.55 0.28 -44.38
C LEU W 250 -111.81 0.25 -45.71
N GLN W 251 -112.35 -0.46 -46.71
CA GLN W 251 -111.73 -0.45 -48.02
C GLN W 251 -111.91 0.90 -48.69
N GLU W 252 -113.07 1.55 -48.48
CA GLU W 252 -113.22 2.93 -48.91
C GLU W 252 -112.26 3.84 -48.17
N LYS W 253 -111.97 3.53 -46.90
CA LYS W 253 -110.93 4.26 -46.18
C LYS W 253 -109.55 3.99 -46.77
N HIS W 254 -109.30 2.74 -47.18
CA HIS W 254 -108.03 2.42 -47.82
C HIS W 254 -107.86 3.14 -49.14
N VAL W 255 -108.95 3.36 -49.86
CA VAL W 255 -108.88 4.12 -51.10
C VAL W 255 -108.57 5.59 -50.81
N LYS W 256 -109.18 6.14 -49.77
CA LYS W 256 -108.89 7.52 -49.40
C LYS W 256 -107.45 7.67 -48.91
N ASP W 257 -106.95 6.69 -48.15
CA ASP W 257 -105.55 6.73 -47.72
C ASP W 257 -104.60 6.62 -48.90
N GLU W 258 -104.93 5.76 -49.87
CA GLU W 258 -104.12 5.69 -51.09
C GLU W 258 -104.16 7.00 -51.86
N GLN W 259 -105.30 7.70 -51.83
CA GLN W 259 -105.36 9.03 -52.42
C GLN W 259 -104.47 10.01 -51.66
N ILE W 260 -104.60 10.04 -50.34
CA ILE W 260 -103.83 10.97 -49.52
C ILE W 260 -102.33 10.68 -49.68
N GLU W 261 -101.94 9.41 -49.60
CA GLU W 261 -100.54 9.06 -49.78
C GLU W 261 -100.05 9.39 -51.18
N HIS W 262 -100.92 9.29 -52.19
CA HIS W 262 -100.54 9.70 -53.53
C HIS W 262 -100.30 11.20 -53.61
N TRP W 263 -101.17 11.98 -52.96
CA TRP W 263 -100.95 13.43 -52.92
C TRP W 263 -99.80 13.79 -52.01
N LYS W 264 -99.52 12.96 -51.00
CA LYS W 264 -98.34 13.19 -50.16
C LYS W 264 -97.06 13.01 -50.95
N LYS W 265 -97.01 12.02 -51.84
CA LYS W 265 -95.85 11.85 -52.68
C LYS W 265 -95.71 12.96 -53.72
N ILE W 266 -96.81 13.62 -54.06
CA ILE W 266 -96.73 14.72 -55.03
C ILE W 266 -96.26 16.00 -54.35
N VAL W 267 -96.77 16.29 -53.15
CA VAL W 267 -96.27 17.45 -52.42
C VAL W 267 -94.82 17.24 -52.00
N LYS W 268 -94.40 15.99 -51.85
CA LYS W 268 -93.01 15.71 -51.51
C LYS W 268 -92.08 16.01 -52.67
N THR W 269 -92.40 15.49 -53.86
CA THR W 269 -91.58 15.79 -55.03
C THR W 269 -91.74 17.24 -55.46
N GLN W 270 -92.92 17.84 -55.26
CA GLN W 270 -93.12 19.23 -55.62
C GLN W 270 -92.29 20.15 -54.74
N GLU W 271 -92.14 19.81 -53.45
CA GLU W 271 -91.28 20.60 -52.58
C GLU W 271 -89.81 20.41 -52.94
N GLU W 272 -89.43 19.22 -53.40
CA GLU W 272 -88.07 19.03 -53.90
C GLU W 272 -87.82 19.90 -55.12
N LEU W 273 -88.81 20.02 -56.00
CA LEU W 273 -88.70 20.95 -57.12
C LEU W 273 -88.68 22.40 -56.63
N LYS W 274 -89.41 22.70 -55.56
CA LYS W 274 -89.39 24.04 -54.99
C LYS W 274 -87.99 24.41 -54.52
N GLU W 275 -87.36 23.52 -53.74
CA GLU W 275 -86.00 23.79 -53.28
C GLU W 275 -84.99 23.74 -54.43
N LEU W 276 -85.27 22.94 -55.46
CA LEU W 276 -84.37 22.88 -56.61
C LEU W 276 -84.44 24.14 -57.45
N LEU W 277 -85.66 24.65 -57.69
CA LEU W 277 -85.80 25.88 -58.47
C LEU W 277 -85.25 27.08 -57.72
N ASN W 278 -85.40 27.09 -56.39
CA ASN W 278 -84.85 28.19 -55.60
C ASN W 278 -83.33 28.21 -55.69
N LYS W 279 -82.70 27.03 -55.69
CA LYS W 279 -81.26 26.96 -55.89
C LYS W 279 -80.87 27.36 -57.30
N MET W 280 -81.72 27.07 -58.30
CA MET W 280 -81.43 27.47 -59.66
C MET W 280 -81.54 28.99 -59.82
N VAL W 281 -82.50 29.60 -59.13
CA VAL W 281 -82.63 31.06 -59.18
C VAL W 281 -81.42 31.73 -58.53
N ASN W 282 -81.05 31.26 -57.33
CA ASN W 282 -79.91 31.84 -56.64
C ASN W 282 -78.63 31.64 -57.42
N LEU W 283 -78.46 30.47 -58.06
CA LEU W 283 -77.28 30.24 -58.87
C LEU W 283 -77.32 31.06 -60.16
N LYS W 284 -78.51 31.27 -60.72
CA LYS W 284 -78.62 32.11 -61.90
C LYS W 284 -78.22 33.55 -61.60
N GLU W 285 -78.55 34.04 -60.40
CA GLU W 285 -78.13 35.38 -60.02
C GLU W 285 -76.63 35.46 -59.82
N LYS W 286 -76.03 34.41 -59.27
CA LYS W 286 -74.58 34.39 -59.10
C LYS W 286 -73.86 34.27 -60.45
N ILE W 287 -74.43 33.47 -61.36
CA ILE W 287 -73.85 33.38 -62.71
C ILE W 287 -74.00 34.70 -63.44
N LYS W 288 -75.13 35.39 -63.25
CA LYS W 288 -75.32 36.69 -63.88
C LYS W 288 -74.32 37.71 -63.33
N GLU W 289 -73.98 37.60 -62.05
CA GLU W 289 -73.01 38.51 -61.47
C GLU W 289 -71.61 38.23 -61.99
N LEU W 290 -71.23 36.95 -62.03
CA LEU W 290 -69.91 36.59 -62.57
C LEU W 290 -69.80 36.93 -64.04
N HIS W 291 -70.93 36.85 -64.77
CA HIS W 291 -70.92 37.25 -66.18
C HIS W 291 -70.65 38.74 -66.33
N GLN W 292 -71.09 39.55 -65.37
CA GLN W 292 -70.83 40.98 -65.42
C GLN W 292 -69.42 41.32 -64.95
N GLN W 293 -68.83 40.48 -64.11
CA GLN W 293 -67.52 40.79 -63.53
C GLN W 293 -66.40 40.60 -64.55
N TYR W 294 -66.36 39.43 -65.19
CA TYR W 294 -65.21 39.06 -66.00
C TYR W 294 -65.16 39.82 -67.32
N LYS W 295 -66.28 40.39 -67.77
CA LYS W 295 -66.25 41.23 -68.97
C LYS W 295 -65.37 42.46 -68.75
N GLU W 296 -65.37 43.01 -67.52
CA GLU W 296 -64.50 44.13 -67.23
C GLU W 296 -63.04 43.70 -67.18
N ALA W 297 -62.76 42.46 -66.74
CA ALA W 297 -61.41 41.95 -66.77
C ALA W 297 -60.95 41.60 -68.19
N SER W 298 -61.89 41.38 -69.11
CA SER W 298 -61.54 41.11 -70.50
C SER W 298 -61.22 42.37 -71.27
N GLU W 299 -61.65 43.54 -70.79
CA GLU W 299 -61.36 44.79 -71.47
C GLU W 299 -59.88 45.16 -71.42
N VAL W 300 -59.09 44.50 -70.60
CA VAL W 300 -57.66 44.74 -70.48
C VAL W 300 -56.91 43.59 -71.14
N LYS W 301 -55.79 43.90 -71.78
CA LYS W 301 -55.02 42.87 -72.46
C LYS W 301 -54.51 41.83 -71.47
N PRO W 302 -54.54 40.55 -71.81
CA PRO W 302 -54.05 39.51 -70.89
C PRO W 302 -52.58 39.70 -70.54
N PRO W 303 -51.67 39.94 -71.50
CA PRO W 303 -50.26 40.14 -71.12
C PRO W 303 -49.97 41.51 -70.54
N ARG W 304 -50.92 42.44 -70.58
CA ARG W 304 -50.69 43.78 -70.05
C ARG W 304 -50.42 43.75 -68.56
N ASP W 305 -51.41 43.29 -67.79
CA ASP W 305 -51.27 43.16 -66.35
C ASP W 305 -50.70 41.80 -65.98
N ILE W 306 -50.41 41.62 -64.69
CA ILE W 306 -49.77 40.42 -64.17
C ILE W 306 -50.80 39.59 -63.42
N THR W 307 -50.55 38.27 -63.38
CA THR W 307 -51.38 37.32 -62.65
C THR W 307 -52.84 37.35 -63.09
N ALA W 308 -53.09 37.75 -64.33
CA ALA W 308 -54.45 37.72 -64.87
C ALA W 308 -54.83 36.31 -65.29
N GLU W 309 -53.88 35.57 -65.88
CA GLU W 309 -54.15 34.20 -66.31
C GLU W 309 -54.62 33.33 -65.15
N PHE W 310 -54.20 33.66 -63.92
CA PHE W 310 -54.69 32.94 -62.76
C PHE W 310 -56.08 33.42 -62.35
N LEU W 311 -56.29 34.74 -62.32
CA LEU W 311 -57.56 35.27 -61.87
C LEU W 311 -58.66 35.07 -62.91
N VAL W 312 -58.31 35.16 -64.20
CA VAL W 312 -59.31 35.00 -65.25
C VAL W 312 -59.76 33.55 -65.33
N LYS W 313 -58.82 32.62 -65.37
CA LYS W 313 -59.18 31.20 -65.44
C LYS W 313 -59.85 30.71 -64.16
N SER W 314 -59.55 31.34 -63.03
CA SER W 314 -60.21 30.97 -61.78
C SER W 314 -61.68 31.31 -61.82
N LYS W 315 -62.01 32.55 -62.21
CA LYS W 315 -63.41 32.93 -62.37
C LYS W 315 -64.05 32.19 -63.54
N HIS W 316 -63.25 31.80 -64.53
CA HIS W 316 -63.79 31.04 -65.66
C HIS W 316 -64.06 29.59 -65.28
N ARG W 317 -63.17 28.99 -64.48
CA ARG W 317 -63.39 27.61 -64.05
C ARG W 317 -64.55 27.52 -63.06
N ASP W 318 -64.65 28.48 -62.15
CA ASP W 318 -65.77 28.49 -61.21
C ASP W 318 -67.09 28.71 -61.93
N LEU W 319 -67.11 29.58 -62.94
CA LEU W 319 -68.32 29.79 -63.72
C LEU W 319 -68.66 28.55 -64.54
N THR W 320 -67.64 27.87 -65.07
CA THR W 320 -67.88 26.65 -65.83
C THR W 320 -68.44 25.55 -64.94
N ALA W 321 -67.93 25.44 -63.71
CA ALA W 321 -68.43 24.44 -62.79
C ALA W 321 -69.87 24.71 -62.39
N LEU W 322 -70.22 25.99 -62.16
CA LEU W 322 -71.58 26.32 -61.79
C LEU W 322 -72.54 26.16 -62.96
N CYS W 323 -72.07 26.41 -64.19
CA CYS W 323 -72.91 26.18 -65.36
C CYS W 323 -73.12 24.70 -65.62
N LYS W 324 -72.12 23.87 -65.32
CA LYS W 324 -72.30 22.42 -65.45
C LYS W 324 -73.31 21.90 -64.44
N GLU W 325 -73.28 22.43 -63.21
CA GLU W 325 -74.28 22.03 -62.22
C GLU W 325 -75.66 22.53 -62.61
N TYR W 326 -75.75 23.74 -63.16
CA TYR W 326 -77.03 24.26 -63.62
C TYR W 326 -77.58 23.42 -64.77
N ASP W 327 -76.70 22.89 -65.62
CA ASP W 327 -77.16 22.03 -66.71
C ASP W 327 -77.68 20.70 -66.19
N GLU W 328 -77.04 20.16 -65.14
CA GLU W 328 -77.53 18.92 -64.55
C GLU W 328 -78.79 19.16 -63.73
N LEU W 329 -78.89 20.31 -63.07
CA LEU W 329 -80.15 20.67 -62.41
C LEU W 329 -81.25 20.94 -63.43
N ALA W 330 -80.89 21.46 -64.61
CA ALA W 330 -81.87 21.57 -65.68
C ALA W 330 -82.26 20.19 -66.22
N GLU W 331 -81.33 19.24 -66.19
CA GLU W 331 -81.67 17.87 -66.54
C GLU W 331 -82.67 17.28 -65.54
N THR W 332 -82.45 17.54 -64.24
CA THR W 332 -83.41 17.09 -63.24
C THR W 332 -84.74 17.82 -63.39
N GLN W 333 -84.68 19.10 -63.75
CA GLN W 333 -85.92 19.84 -64.02
C GLN W 333 -86.72 19.20 -65.13
N GLY W 334 -86.06 18.80 -66.21
CA GLY W 334 -86.74 18.09 -67.28
C GLY W 334 -87.25 16.73 -66.86
N LYS W 335 -86.51 16.04 -65.97
CA LYS W 335 -86.99 14.76 -65.46
C LYS W 335 -88.18 14.93 -64.53
N LEU W 336 -88.23 16.03 -63.77
CA LEU W 336 -89.38 16.28 -62.90
C LEU W 336 -90.57 16.79 -63.68
N GLU W 337 -90.34 17.51 -64.79
CA GLU W 337 -91.46 17.97 -65.60
C GLU W 337 -92.14 16.82 -66.33
N GLU W 338 -91.35 15.91 -66.90
CA GLU W 338 -91.94 14.74 -67.55
C GLU W 338 -92.60 13.80 -66.53
N LYS W 339 -92.20 13.88 -65.26
CA LYS W 339 -92.92 13.16 -64.22
C LYS W 339 -94.22 13.88 -63.87
N LEU W 340 -94.21 15.22 -63.90
CA LEU W 340 -95.43 15.98 -63.72
C LEU W 340 -96.35 15.94 -64.94
N GLN W 341 -95.88 15.35 -66.05
CA GLN W 341 -96.73 15.09 -67.20
C GLN W 341 -97.15 13.63 -67.32
N GLU W 342 -96.45 12.73 -66.63
CA GLU W 342 -96.75 11.30 -66.66
C GLU W 342 -97.70 10.89 -65.53
N LEU W 343 -97.46 11.40 -64.32
CA LEU W 343 -98.26 11.03 -63.15
C LEU W 343 -99.30 12.08 -62.80
N GLU W 344 -99.58 13.02 -63.70
CA GLU W 344 -100.57 14.05 -63.42
C GLU W 344 -101.99 13.56 -63.63
N ALA W 345 -102.23 12.81 -64.71
CA ALA W 345 -103.56 12.37 -65.08
C ALA W 345 -103.79 10.89 -64.81
N ASN W 346 -102.89 10.23 -64.10
CA ASN W 346 -103.02 8.81 -63.77
C ASN W 346 -102.69 8.57 -62.31
N PRO W 347 -103.60 8.93 -61.41
CA PRO W 347 -103.40 8.61 -59.99
C PRO W 347 -103.96 7.24 -59.66
N PRO W 348 -103.21 6.41 -58.93
CA PRO W 348 -103.75 5.11 -58.51
C PRO W 348 -104.83 5.25 -57.46
N SER W 349 -106.06 5.53 -57.89
CA SER W 349 -107.15 5.80 -56.97
C SER W 349 -108.47 5.45 -57.66
N ASP W 350 -109.58 5.79 -57.00
CA ASP W 350 -110.92 5.63 -57.54
C ASP W 350 -111.23 4.15 -57.80
N VAL W 351 -111.06 3.35 -56.76
CA VAL W 351 -111.36 1.91 -56.84
C VAL W 351 -112.16 1.51 -55.60
N TYR W 352 -113.44 1.90 -55.56
CA TYR W 352 -114.30 1.44 -54.47
C TYR W 352 -115.11 0.24 -54.94
N LEU W 353 -116.33 0.09 -54.44
CA LEU W 353 -117.23 -0.97 -54.89
C LEU W 353 -118.43 -0.46 -55.67
N SER W 354 -118.84 0.79 -55.45
CA SER W 354 -119.88 1.46 -56.22
C SER W 354 -121.23 0.75 -56.11
N SER W 355 -122.25 1.29 -56.78
CA SER W 355 -123.54 0.62 -56.87
C SER W 355 -123.57 -0.43 -57.98
N ARG W 356 -122.59 -0.43 -58.87
CA ARG W 356 -122.52 -1.46 -59.90
C ARG W 356 -122.24 -2.83 -59.28
N ASP W 357 -121.16 -2.93 -58.53
CA ASP W 357 -120.79 -4.19 -57.89
C ASP W 357 -121.63 -4.49 -56.65
N ARG W 358 -122.23 -3.46 -56.03
CA ARG W 358 -123.04 -3.68 -54.84
C ARG W 358 -124.31 -4.45 -55.17
N GLN W 359 -124.89 -4.20 -56.34
CA GLN W 359 -126.09 -4.93 -56.74
C GLN W 359 -125.81 -6.42 -56.89
N ILE W 360 -124.68 -6.78 -57.52
CA ILE W 360 -124.31 -8.18 -57.64
C ILE W 360 -123.87 -8.72 -56.29
N LEU W 361 -123.18 -7.91 -55.49
CA LEU W 361 -122.80 -8.34 -54.15
C LEU W 361 -124.01 -8.57 -53.27
N ASP W 362 -125.08 -7.78 -53.46
CA ASP W 362 -126.32 -8.01 -52.73
C ASP W 362 -126.97 -9.32 -53.17
N TRP W 363 -126.77 -9.73 -54.43
CA TRP W 363 -127.28 -11.03 -54.86
C TRP W 363 -126.52 -12.17 -54.20
N HIS W 364 -125.20 -12.07 -54.14
CA HIS W 364 -124.41 -13.10 -53.46
C HIS W 364 -124.76 -13.16 -51.99
N PHE W 365 -125.01 -12.00 -51.36
CA PHE W 365 -125.45 -11.99 -49.97
C PHE W 365 -126.81 -12.65 -49.84
N ALA W 366 -127.71 -12.41 -50.80
CA ALA W 366 -129.01 -13.06 -50.77
C ALA W 366 -128.89 -14.57 -50.98
N ASN W 367 -127.95 -14.99 -51.83
CA ASN W 367 -127.70 -16.42 -52.00
C ASN W 367 -127.17 -17.04 -50.72
N LEU W 368 -126.29 -16.32 -50.01
CA LEU W 368 -125.82 -16.80 -48.72
C LEU W 368 -126.93 -16.75 -47.68
N GLU W 369 -127.84 -15.77 -47.77
CA GLU W 369 -128.99 -15.75 -46.87
C GLU W 369 -129.97 -16.86 -47.19
N PHE W 370 -130.04 -17.29 -48.46
CA PHE W 370 -130.93 -18.38 -48.81
C PHE W 370 -130.44 -19.70 -48.25
N ALA W 371 -129.14 -19.95 -48.31
CA ALA W 371 -128.58 -21.17 -47.76
C ALA W 371 -128.73 -21.26 -46.24
N ASN W 372 -129.10 -20.16 -45.58
CA ASN W 372 -129.34 -20.16 -44.15
C ASN W 372 -130.74 -19.69 -43.77
N ALA W 373 -131.53 -19.19 -44.73
CA ALA W 373 -132.92 -18.79 -44.51
C ALA W 373 -133.05 -17.74 -43.42
N THR W 374 -132.07 -16.84 -43.32
CA THR W 374 -132.09 -15.78 -42.33
C THR W 374 -131.15 -14.68 -42.78
N PRO W 375 -131.42 -13.43 -42.43
CA PRO W 375 -130.50 -12.34 -42.79
C PRO W 375 -129.15 -12.52 -42.13
N LEU W 376 -128.13 -11.88 -42.74
CA LEU W 376 -126.77 -11.97 -42.23
C LEU W 376 -126.60 -11.33 -40.87
N SER W 377 -127.57 -10.54 -40.41
CA SER W 377 -127.50 -9.88 -39.12
C SER W 377 -127.96 -10.77 -37.97
N THR W 378 -128.30 -12.03 -38.24
CA THR W 378 -128.73 -12.97 -37.21
C THR W 378 -127.80 -14.17 -37.06
N LEU W 379 -126.84 -14.36 -37.96
CA LEU W 379 -125.94 -15.50 -37.89
C LEU W 379 -124.77 -15.21 -36.96
N SER W 380 -124.39 -16.23 -36.19
CA SER W 380 -123.23 -16.10 -35.30
C SER W 380 -121.94 -16.15 -36.12
N LEU W 381 -121.07 -15.17 -35.90
CA LEU W 381 -119.82 -15.10 -36.64
C LEU W 381 -118.93 -16.30 -36.35
N LYS W 382 -119.06 -16.91 -35.17
CA LYS W 382 -118.16 -17.97 -34.75
C LYS W 382 -118.60 -19.35 -35.23
N HIS W 383 -119.91 -19.62 -35.28
CA HIS W 383 -120.39 -20.97 -35.55
C HIS W 383 -121.40 -21.03 -36.70
N TRP W 384 -121.40 -20.05 -37.60
CA TRP W 384 -122.33 -20.12 -38.73
C TRP W 384 -121.92 -21.18 -39.74
N ASP W 385 -120.64 -21.54 -39.80
CA ASP W 385 -120.14 -22.60 -40.67
C ASP W 385 -119.47 -23.70 -39.85
N GLN W 386 -120.01 -23.99 -38.67
CA GLN W 386 -119.43 -25.01 -37.81
C GLN W 386 -119.55 -26.40 -38.43
N ASP W 387 -120.55 -26.61 -39.28
CA ASP W 387 -120.74 -27.88 -39.95
C ASP W 387 -120.20 -27.89 -41.38
N ASP W 388 -119.36 -26.91 -41.73
CA ASP W 388 -118.83 -26.80 -43.07
C ASP W 388 -117.72 -27.81 -43.36
N ASP W 389 -117.27 -28.56 -42.36
CA ASP W 389 -116.26 -29.58 -42.54
C ASP W 389 -116.85 -30.96 -42.78
N PHE W 390 -118.17 -31.11 -42.69
CA PHE W 390 -118.84 -32.39 -42.88
C PHE W 390 -119.62 -32.43 -44.20
N GLU W 391 -119.25 -31.60 -45.17
CA GLU W 391 -119.95 -31.58 -46.44
C GLU W 391 -119.71 -32.87 -47.22
N PHE W 392 -120.64 -33.16 -48.12
CA PHE W 392 -120.61 -34.39 -48.91
C PHE W 392 -119.95 -34.13 -50.26
N THR W 393 -119.34 -35.17 -50.81
CA THR W 393 -118.63 -35.08 -52.07
C THR W 393 -119.56 -35.38 -53.25
N GLY W 394 -119.12 -34.99 -54.44
CA GLY W 394 -119.89 -35.16 -55.65
C GLY W 394 -120.66 -33.90 -56.02
N SER W 395 -121.38 -34.01 -57.13
CA SER W 395 -122.19 -32.90 -57.61
C SER W 395 -123.50 -32.81 -56.83
N HIS W 396 -124.21 -31.71 -57.05
CA HIS W 396 -125.51 -31.51 -56.43
C HIS W 396 -126.60 -32.04 -57.36
N LEU W 397 -127.51 -32.83 -56.80
CA LEU W 397 -128.56 -33.47 -57.58
C LEU W 397 -129.93 -33.13 -56.99
N THR W 398 -130.95 -33.34 -57.80
CA THR W 398 -132.34 -33.08 -57.43
C THR W 398 -133.16 -34.36 -57.58
N VAL W 399 -134.43 -34.29 -57.20
CA VAL W 399 -135.38 -35.37 -57.41
C VAL W 399 -136.22 -35.01 -58.62
N ARG W 400 -136.07 -35.78 -59.69
CA ARG W 400 -136.74 -35.44 -60.96
C ARG W 400 -138.25 -35.56 -60.85
N ASN W 401 -138.75 -36.39 -59.94
CA ASN W 401 -140.18 -36.68 -59.84
C ASN W 401 -140.73 -36.33 -58.46
N GLY W 402 -140.21 -35.26 -57.86
CA GLY W 402 -140.69 -34.83 -56.56
C GLY W 402 -140.17 -35.65 -55.40
N TYR W 403 -139.62 -34.99 -54.39
CA TYR W 403 -139.00 -35.69 -53.28
C TYR W 403 -140.00 -36.37 -52.35
N SER W 404 -141.29 -36.04 -52.46
CA SER W 404 -142.29 -36.65 -51.59
C SER W 404 -142.43 -38.16 -51.80
N CYS W 405 -141.78 -38.72 -52.84
CA CYS W 405 -141.80 -40.16 -53.03
C CYS W 405 -141.03 -40.90 -51.94
N VAL W 406 -140.22 -40.20 -51.15
CA VAL W 406 -139.45 -40.83 -50.07
C VAL W 406 -140.32 -40.98 -48.83
N PRO W 407 -140.92 -39.93 -48.27
CA PRO W 407 -141.72 -40.12 -47.04
C PRO W 407 -142.96 -40.97 -47.28
N VAL W 408 -143.56 -40.90 -48.46
CA VAL W 408 -144.72 -41.75 -48.76
C VAL W 408 -144.30 -43.21 -48.79
N ALA W 409 -143.12 -43.51 -49.34
CA ALA W 409 -142.61 -44.87 -49.35
C ALA W 409 -142.14 -45.31 -47.96
N LEU W 410 -141.58 -44.40 -47.17
CA LEU W 410 -141.17 -44.74 -45.81
C LEU W 410 -142.36 -44.99 -44.90
N ALA W 411 -143.54 -44.46 -45.24
CA ALA W 411 -144.74 -44.65 -44.45
C ALA W 411 -145.43 -45.98 -44.76
N GLU W 412 -144.80 -46.86 -45.53
CA GLU W 412 -145.38 -48.15 -45.88
C GLU W 412 -145.31 -49.09 -44.69
N GLY W 413 -146.47 -49.49 -44.18
CA GLY W 413 -146.54 -50.43 -43.08
C GLY W 413 -146.60 -49.82 -41.70
N LEU W 414 -146.60 -48.51 -41.58
CA LEU W 414 -146.64 -47.86 -40.28
C LEU W 414 -148.07 -47.56 -39.86
N ASP W 415 -148.24 -47.22 -38.59
CA ASP W 415 -149.52 -46.89 -38.00
C ASP W 415 -149.52 -45.39 -37.70
N ILE W 416 -149.81 -44.60 -38.72
CA ILE W 416 -149.77 -43.14 -38.63
C ILE W 416 -151.19 -42.63 -38.43
N LYS W 417 -151.35 -41.69 -37.50
CA LYS W 417 -152.65 -41.06 -37.23
C LYS W 417 -152.64 -39.68 -37.89
N LEU W 418 -153.18 -39.61 -39.10
CA LEU W 418 -153.27 -38.35 -39.81
C LEU W 418 -154.38 -37.49 -39.20
N ASN W 419 -154.25 -36.17 -39.39
CA ASN W 419 -155.18 -35.19 -38.85
C ASN W 419 -155.30 -35.33 -37.33
N THR W 420 -154.16 -35.31 -36.65
CA THR W 420 -154.10 -35.51 -35.20
C THR W 420 -153.02 -34.58 -34.64
N ALA W 421 -153.44 -33.45 -34.09
CA ALA W 421 -152.53 -32.48 -33.51
C ALA W 421 -152.36 -32.74 -32.02
N VAL W 422 -151.11 -32.75 -31.57
CA VAL W 422 -150.80 -33.03 -30.18
C VAL W 422 -150.95 -31.75 -29.35
N ARG W 423 -151.62 -31.86 -28.21
CA ARG W 423 -151.81 -30.71 -27.33
C ARG W 423 -150.81 -30.74 -26.18
N GLN W 424 -150.92 -31.73 -25.30
CA GLN W 424 -150.03 -31.86 -24.15
C GLN W 424 -149.21 -33.13 -24.27
N VAL W 425 -148.09 -33.14 -23.54
CA VAL W 425 -147.19 -34.29 -23.48
C VAL W 425 -146.88 -34.54 -22.01
N ARG W 426 -147.47 -35.58 -21.44
CA ARG W 426 -147.26 -35.94 -20.05
C ARG W 426 -146.26 -37.09 -19.97
N TYR W 427 -145.24 -36.93 -19.11
CA TYR W 427 -144.23 -37.97 -18.92
C TYR W 427 -143.95 -38.11 -17.43
N THR W 428 -144.06 -39.33 -16.93
CA THR W 428 -143.80 -39.61 -15.52
C THR W 428 -142.80 -40.76 -15.38
N ALA W 429 -142.58 -41.21 -14.15
CA ALA W 429 -141.60 -42.26 -13.88
C ALA W 429 -142.08 -43.65 -14.26
N SER W 430 -143.38 -43.81 -14.53
CA SER W 430 -143.93 -45.12 -14.86
C SER W 430 -144.51 -45.20 -16.26
N GLY W 431 -144.51 -44.11 -17.02
CA GLY W 431 -145.04 -44.14 -18.36
C GLY W 431 -145.25 -42.73 -18.89
N CYS W 432 -145.87 -42.67 -20.07
CA CYS W 432 -146.12 -41.41 -20.75
C CYS W 432 -147.55 -41.38 -21.25
N GLU W 433 -148.10 -40.17 -21.37
CA GLU W 433 -149.46 -39.97 -21.86
C GLU W 433 -149.46 -38.77 -22.81
N VAL W 434 -149.92 -38.99 -24.03
CA VAL W 434 -149.96 -37.95 -25.05
C VAL W 434 -151.41 -37.57 -25.29
N ILE W 435 -151.72 -36.28 -25.15
CA ILE W 435 -153.05 -35.75 -25.39
C ILE W 435 -153.07 -35.10 -26.75
N ALA W 436 -153.97 -35.55 -27.62
CA ALA W 436 -154.05 -35.04 -28.98
C ALA W 436 -155.51 -34.82 -29.36
N VAL W 437 -155.72 -33.95 -30.35
CA VAL W 437 -157.05 -33.61 -30.83
C VAL W 437 -157.09 -33.80 -32.34
N ASN W 438 -158.31 -33.75 -32.88
CA ASN W 438 -158.53 -33.87 -34.31
C ASN W 438 -158.51 -32.49 -34.94
N THR W 439 -157.86 -32.38 -36.11
CA THR W 439 -157.80 -31.11 -36.80
C THR W 439 -159.13 -30.73 -37.43
N ALA W 440 -159.99 -31.71 -37.70
CA ALA W 440 -161.31 -31.39 -38.26
C ALA W 440 -162.24 -30.83 -37.19
N SER W 441 -162.02 -31.18 -35.92
CA SER W 441 -162.82 -30.67 -34.81
C SER W 441 -161.95 -30.71 -33.56
N THR W 442 -161.56 -29.53 -33.08
CA THR W 442 -160.68 -29.43 -31.92
C THR W 442 -161.32 -29.94 -30.63
N SER W 443 -162.63 -30.16 -30.62
CA SER W 443 -163.30 -30.67 -29.42
C SER W 443 -163.04 -32.16 -29.22
N GLN W 444 -162.82 -32.91 -30.30
CA GLN W 444 -162.57 -34.34 -30.20
C GLN W 444 -161.15 -34.56 -29.70
N THR W 445 -161.01 -35.20 -28.54
CA THR W 445 -159.72 -35.41 -27.90
C THR W 445 -159.37 -36.89 -27.90
N PHE W 446 -158.10 -37.19 -28.18
CA PHE W 446 -157.58 -38.55 -28.19
C PHE W 446 -156.50 -38.71 -27.13
N ILE W 447 -156.45 -39.89 -26.52
CA ILE W 447 -155.48 -40.21 -25.48
C ILE W 447 -154.78 -41.51 -25.86
N TYR W 448 -153.45 -41.49 -25.88
CA TYR W 448 -152.64 -42.66 -26.18
C TYR W 448 -151.68 -42.92 -25.03
N LYS W 449 -151.63 -44.17 -24.59
CA LYS W 449 -150.68 -44.61 -23.58
C LYS W 449 -149.43 -45.17 -24.25
N CYS W 450 -148.27 -44.95 -23.62
CA CYS W 450 -147.01 -45.43 -24.17
C CYS W 450 -145.95 -45.40 -23.08
N ASP W 451 -144.78 -45.95 -23.41
CA ASP W 451 -143.64 -45.97 -22.50
C ASP W 451 -142.63 -44.86 -22.79
N ALA W 452 -142.58 -44.37 -24.03
CA ALA W 452 -141.65 -43.32 -24.40
C ALA W 452 -142.27 -42.48 -25.52
N VAL W 453 -141.85 -41.22 -25.60
CA VAL W 453 -142.36 -40.28 -26.58
C VAL W 453 -141.17 -39.69 -27.33
N LEU W 454 -141.26 -39.67 -28.66
CA LEU W 454 -140.27 -39.05 -29.51
C LEU W 454 -140.87 -37.80 -30.14
N CYS W 455 -140.29 -36.64 -29.84
CA CYS W 455 -140.79 -35.36 -30.32
C CYS W 455 -139.93 -34.88 -31.49
N THR W 456 -140.57 -34.64 -32.63
CA THR W 456 -139.90 -34.13 -33.82
C THR W 456 -140.40 -32.73 -34.18
N LEU W 457 -141.01 -32.03 -33.23
CA LEU W 457 -141.54 -30.71 -33.49
C LEU W 457 -140.41 -29.70 -33.71
N PRO W 458 -140.62 -28.72 -34.58
CA PRO W 458 -139.58 -27.72 -34.81
C PRO W 458 -139.34 -26.86 -33.58
N LEU W 459 -138.14 -26.29 -33.52
CA LEU W 459 -137.72 -25.56 -32.33
C LEU W 459 -138.43 -24.20 -32.23
N GLY W 460 -138.86 -23.64 -33.36
CA GLY W 460 -139.56 -22.37 -33.32
C GLY W 460 -140.91 -22.46 -32.62
N VAL W 461 -141.52 -23.64 -32.60
CA VAL W 461 -142.80 -23.81 -31.90
C VAL W 461 -142.58 -23.75 -30.40
N LEU W 462 -141.51 -24.36 -29.91
CA LEU W 462 -141.26 -24.40 -28.46
C LEU W 462 -140.81 -23.04 -27.93
N LYS W 463 -140.13 -22.25 -28.77
CA LYS W 463 -139.64 -20.95 -28.32
C LYS W 463 -140.78 -19.95 -28.16
N GLN W 464 -141.83 -20.07 -28.96
CA GLN W 464 -142.95 -19.15 -28.88
C GLN W 464 -143.74 -19.35 -27.60
N GLN W 465 -144.11 -18.25 -26.96
CA GLN W 465 -144.96 -18.28 -25.78
C GLN W 465 -146.29 -17.61 -26.09
N PRO W 466 -147.43 -18.24 -25.77
CA PRO W 466 -147.52 -19.54 -25.10
C PRO W 466 -147.18 -20.72 -26.02
N PRO W 467 -146.62 -21.78 -25.45
CA PRO W 467 -146.25 -22.95 -26.27
C PRO W 467 -147.48 -23.60 -26.89
N ALA W 468 -147.31 -24.05 -28.14
CA ALA W 468 -148.38 -24.76 -28.82
C ALA W 468 -148.54 -26.19 -28.32
N VAL W 469 -147.49 -26.77 -27.74
CA VAL W 469 -147.54 -28.11 -27.18
C VAL W 469 -146.96 -28.04 -25.76
N GLN W 470 -147.76 -28.36 -24.76
CA GLN W 470 -147.36 -28.26 -23.37
C GLN W 470 -146.72 -29.55 -22.90
N PHE W 471 -145.70 -29.42 -22.06
CA PHE W 471 -145.01 -30.56 -21.46
C PHE W 471 -145.31 -30.60 -19.97
N VAL W 472 -145.73 -31.76 -19.49
CA VAL W 472 -146.06 -31.95 -18.07
C VAL W 472 -145.23 -33.12 -17.53
N PRO W 473 -144.26 -32.87 -16.62
CA PRO W 473 -143.91 -31.57 -16.05
C PRO W 473 -143.16 -30.67 -17.04
N PRO W 474 -143.16 -29.35 -16.80
CA PRO W 474 -142.46 -28.43 -17.71
C PRO W 474 -140.99 -28.75 -17.81
N LEU W 475 -140.40 -28.35 -18.94
CA LEU W 475 -138.99 -28.60 -19.18
C LEU W 475 -138.14 -27.75 -18.24
N PRO W 476 -136.95 -28.23 -17.87
CA PRO W 476 -136.08 -27.43 -16.99
C PRO W 476 -135.60 -26.17 -17.67
N GLU W 477 -134.99 -25.29 -16.86
CA GLU W 477 -134.59 -23.97 -17.36
C GLU W 477 -133.45 -24.08 -18.36
N TRP W 478 -132.52 -25.02 -18.15
CA TRP W 478 -131.42 -25.17 -19.09
C TRP W 478 -131.89 -25.68 -20.44
N LYS W 479 -132.96 -26.48 -20.47
CA LYS W 479 -133.51 -26.96 -21.73
C LYS W 479 -134.26 -25.85 -22.44
N THR W 480 -135.10 -25.12 -21.71
CA THR W 480 -135.86 -24.03 -22.33
C THR W 480 -134.96 -22.88 -22.75
N SER W 481 -133.83 -22.68 -22.07
CA SER W 481 -132.89 -21.63 -22.47
C SER W 481 -132.22 -21.97 -23.80
N ALA W 482 -131.82 -23.23 -23.98
CA ALA W 482 -131.28 -23.65 -25.27
C ALA W 482 -132.33 -23.57 -26.37
N VAL W 483 -133.61 -23.68 -26.01
CA VAL W 483 -134.68 -23.51 -26.98
C VAL W 483 -134.78 -22.05 -27.42
N GLN W 484 -134.64 -21.13 -26.47
CA GLN W 484 -134.83 -19.71 -26.77
C GLN W 484 -133.59 -19.08 -27.41
N ARG W 485 -132.39 -19.57 -27.05
CA ARG W 485 -131.17 -19.02 -27.64
C ARG W 485 -131.11 -19.30 -29.14
N MET W 486 -131.38 -20.53 -29.54
CA MET W 486 -131.37 -20.87 -30.96
C MET W 486 -132.54 -20.22 -31.67
N GLY W 487 -132.45 -20.16 -32.99
CA GLY W 487 -133.51 -19.60 -33.80
C GLY W 487 -134.05 -20.58 -34.82
N PHE W 488 -134.98 -20.12 -35.66
CA PHE W 488 -135.54 -20.96 -36.71
C PHE W 488 -135.75 -20.10 -37.94
N GLY W 489 -135.07 -20.45 -39.03
CA GLY W 489 -135.02 -19.61 -40.22
C GLY W 489 -136.32 -19.58 -41.00
N ASN W 490 -136.25 -18.97 -42.18
CA ASN W 490 -137.42 -18.82 -43.05
C ASN W 490 -136.98 -18.61 -44.48
N LEU W 491 -137.54 -19.40 -45.40
CA LEU W 491 -137.43 -19.14 -46.82
C LEU W 491 -138.69 -19.66 -47.50
N ASN W 492 -138.91 -19.19 -48.72
CA ASN W 492 -140.13 -19.54 -49.44
C ASN W 492 -139.82 -19.80 -50.90
N LYS W 493 -140.79 -20.41 -51.58
CA LYS W 493 -140.66 -20.75 -53.00
C LYS W 493 -141.96 -20.37 -53.71
N VAL W 494 -141.83 -19.96 -54.96
CA VAL W 494 -142.96 -19.57 -55.79
C VAL W 494 -142.96 -20.43 -57.03
N VAL W 495 -143.99 -21.25 -57.20
CA VAL W 495 -144.10 -22.16 -58.34
C VAL W 495 -144.77 -21.42 -59.49
N LEU W 496 -144.21 -21.56 -60.69
CA LEU W 496 -144.73 -20.93 -61.89
C LEU W 496 -144.86 -22.02 -62.97
N CYS W 497 -146.08 -22.48 -63.20
CA CYS W 497 -146.36 -23.54 -64.17
C CYS W 497 -146.79 -22.90 -65.48
N PHE W 498 -146.01 -23.11 -66.53
CA PHE W 498 -146.28 -22.57 -67.86
C PHE W 498 -146.70 -23.70 -68.80
N ASP W 499 -147.15 -23.30 -69.99
CA ASP W 499 -147.59 -24.24 -71.00
C ASP W 499 -146.59 -24.42 -72.13
N ARG W 500 -145.48 -23.68 -72.12
CA ARG W 500 -144.47 -23.80 -73.16
C ARG W 500 -143.14 -23.29 -72.63
N VAL W 501 -142.05 -23.85 -73.17
CA VAL W 501 -140.72 -23.44 -72.75
C VAL W 501 -140.41 -22.07 -73.32
N PHE W 502 -139.99 -21.14 -72.45
CA PHE W 502 -139.67 -19.79 -72.88
C PHE W 502 -138.42 -19.23 -72.20
N TRP W 503 -137.54 -20.09 -71.70
CA TRP W 503 -136.24 -19.69 -71.17
C TRP W 503 -135.13 -20.36 -71.96
N ASP W 504 -134.01 -20.62 -71.31
CA ASP W 504 -132.94 -21.40 -71.92
C ASP W 504 -133.00 -22.82 -71.36
N PRO W 505 -133.33 -23.84 -72.15
CA PRO W 505 -133.47 -25.19 -71.61
C PRO W 505 -132.18 -25.75 -71.04
N SER W 506 -131.02 -25.36 -71.58
CA SER W 506 -129.75 -25.88 -71.11
C SER W 506 -129.29 -25.23 -69.81
N VAL W 507 -129.97 -24.18 -69.34
CA VAL W 507 -129.61 -23.50 -68.11
C VAL W 507 -130.65 -23.85 -67.06
N ASN W 508 -130.19 -24.43 -65.95
CA ASN W 508 -131.11 -24.88 -64.90
C ASN W 508 -131.50 -23.77 -63.93
N LEU W 509 -130.74 -22.68 -63.87
CA LEU W 509 -131.04 -21.61 -62.93
C LEU W 509 -130.37 -20.33 -63.39
N PHE W 510 -131.05 -19.20 -63.19
CA PHE W 510 -130.51 -17.89 -63.50
C PHE W 510 -130.95 -16.91 -62.42
N GLY W 511 -130.07 -15.95 -62.11
CA GLY W 511 -130.30 -15.03 -61.01
C GLY W 511 -130.80 -13.67 -61.45
N HIS W 512 -131.45 -12.99 -60.51
CA HIS W 512 -131.96 -11.63 -60.72
C HIS W 512 -131.57 -10.79 -59.51
N VAL W 513 -130.71 -9.80 -59.72
CA VAL W 513 -130.25 -8.96 -58.61
C VAL W 513 -131.35 -7.98 -58.21
N GLY W 514 -131.28 -7.53 -56.96
CA GLY W 514 -132.24 -6.60 -56.45
C GLY W 514 -131.80 -5.15 -56.62
N SER W 515 -132.78 -4.25 -56.67
CA SER W 515 -132.48 -2.83 -56.82
C SER W 515 -131.88 -2.27 -55.54
N THR W 516 -132.39 -2.68 -54.38
CA THR W 516 -131.93 -2.20 -53.09
C THR W 516 -131.40 -3.36 -52.26
N THR W 517 -130.84 -3.02 -51.10
CA THR W 517 -130.32 -4.03 -50.19
C THR W 517 -131.41 -4.64 -49.32
N ALA W 518 -132.44 -3.85 -48.96
CA ALA W 518 -133.52 -4.38 -48.15
C ALA W 518 -134.32 -5.45 -48.88
N SER W 519 -134.36 -5.39 -50.20
CA SER W 519 -135.09 -6.35 -51.03
C SER W 519 -134.15 -7.22 -51.85
N ARG W 520 -132.99 -7.56 -51.29
CA ARG W 520 -132.04 -8.40 -52.01
C ARG W 520 -132.52 -9.84 -52.10
N GLY W 521 -133.29 -10.30 -51.12
CA GLY W 521 -133.80 -11.66 -51.12
C GLY W 521 -135.20 -11.77 -51.67
N GLU W 522 -135.57 -10.86 -52.57
CA GLU W 522 -136.89 -10.84 -53.19
C GLU W 522 -136.74 -11.27 -54.64
N LEU W 523 -137.11 -12.53 -54.92
CA LEU W 523 -137.14 -13.07 -56.28
C LEU W 523 -135.76 -12.95 -56.95
N PHE W 524 -134.77 -13.60 -56.33
CA PHE W 524 -133.39 -13.48 -56.77
C PHE W 524 -132.91 -14.66 -57.60
N LEU W 525 -133.67 -15.77 -57.64
CA LEU W 525 -133.19 -16.96 -58.34
C LEU W 525 -134.39 -17.84 -58.71
N PHE W 526 -134.43 -18.25 -59.97
CA PHE W 526 -135.41 -19.21 -60.46
C PHE W 526 -134.72 -20.51 -60.85
N TRP W 527 -135.51 -21.57 -61.01
CA TRP W 527 -134.96 -22.90 -61.25
C TRP W 527 -135.72 -23.60 -62.37
N ASN W 528 -135.01 -24.44 -63.11
CA ASN W 528 -135.59 -25.32 -64.11
C ASN W 528 -134.93 -26.69 -63.97
N LEU W 529 -135.72 -27.70 -63.58
CA LEU W 529 -135.16 -29.05 -63.53
C LEU W 529 -136.23 -30.14 -63.47
N TYR W 530 -137.48 -29.86 -63.81
CA TYR W 530 -138.51 -30.88 -63.93
C TYR W 530 -138.90 -31.03 -65.41
N LYS W 531 -139.77 -32.01 -65.67
CA LYS W 531 -140.18 -32.31 -67.04
C LYS W 531 -141.06 -31.20 -67.60
N ALA W 532 -142.10 -30.82 -66.87
CA ALA W 532 -142.98 -29.75 -67.32
C ALA W 532 -142.28 -28.40 -67.22
N PRO W 533 -142.61 -27.45 -68.11
CA PRO W 533 -141.99 -26.13 -68.03
C PRO W 533 -142.40 -25.37 -66.77
N ILE W 534 -141.59 -25.48 -65.72
CA ILE W 534 -141.90 -24.90 -64.43
C ILE W 534 -140.69 -24.12 -63.93
N LEU W 535 -140.94 -22.92 -63.40
CA LEU W 535 -139.93 -22.10 -62.77
C LEU W 535 -140.21 -21.97 -61.28
N LEU W 536 -139.15 -21.97 -60.48
CA LEU W 536 -139.24 -21.95 -59.02
C LEU W 536 -138.56 -20.70 -58.49
N ALA W 537 -139.33 -19.67 -58.19
CA ALA W 537 -138.78 -18.44 -57.66
C ALA W 537 -138.39 -18.63 -56.19
N LEU W 538 -137.44 -17.80 -55.74
CA LEU W 538 -136.87 -17.90 -54.40
C LEU W 538 -136.99 -16.56 -53.69
N VAL W 539 -137.52 -16.59 -52.47
CA VAL W 539 -137.68 -15.41 -51.64
C VAL W 539 -137.04 -15.69 -50.29
N ALA W 540 -136.19 -14.79 -49.83
CA ALA W 540 -135.49 -14.96 -48.57
C ALA W 540 -135.24 -13.59 -47.94
N GLY W 541 -134.57 -13.60 -46.79
CA GLY W 541 -134.24 -12.37 -46.10
C GLY W 541 -135.40 -11.81 -45.29
N GLU W 542 -135.23 -10.56 -44.85
CA GLU W 542 -136.29 -9.86 -44.14
C GLU W 542 -137.50 -9.65 -45.03
N ALA W 543 -137.31 -9.57 -46.34
CA ALA W 543 -138.42 -9.42 -47.27
C ALA W 543 -139.29 -10.67 -47.31
N ALA W 544 -138.73 -11.84 -46.98
CA ALA W 544 -139.50 -13.08 -47.05
C ALA W 544 -140.70 -13.04 -46.13
N GLY W 545 -140.50 -12.57 -44.89
CA GLY W 545 -141.62 -12.44 -43.97
C GLY W 545 -142.64 -11.41 -44.42
N ILE W 546 -142.20 -10.37 -45.14
CA ILE W 546 -143.12 -9.37 -45.64
C ILE W 546 -143.82 -9.86 -46.90
N MET W 547 -143.13 -10.62 -47.74
CA MET W 547 -143.74 -11.17 -48.94
C MET W 547 -144.85 -12.17 -48.61
N GLU W 548 -144.83 -12.76 -47.41
CA GLU W 548 -145.90 -13.67 -47.03
C GLU W 548 -147.20 -12.93 -46.75
N ALA W 549 -147.12 -11.69 -46.25
CA ALA W 549 -148.30 -10.86 -46.03
C ALA W 549 -148.88 -10.30 -47.31
N ILE W 550 -148.25 -10.55 -48.46
CA ILE W 550 -148.70 -10.07 -49.76
C ILE W 550 -149.44 -11.20 -50.46
N SER W 551 -150.51 -10.85 -51.17
CA SER W 551 -151.32 -11.85 -51.86
C SER W 551 -150.50 -12.55 -52.95
N ASP W 552 -151.04 -13.66 -53.45
CA ASP W 552 -150.34 -14.46 -54.44
C ASP W 552 -150.27 -13.77 -55.80
N ALA W 553 -151.28 -12.97 -56.14
CA ALA W 553 -151.32 -12.35 -57.46
C ALA W 553 -150.21 -11.32 -57.63
N VAL W 554 -149.89 -10.59 -56.56
CA VAL W 554 -148.85 -9.57 -56.66
C VAL W 554 -147.48 -10.23 -56.80
N ILE W 555 -147.24 -11.31 -56.07
CA ILE W 555 -145.95 -12.00 -56.17
C ILE W 555 -145.76 -12.59 -57.56
N VAL W 556 -146.80 -13.21 -58.11
CA VAL W 556 -146.70 -13.76 -59.46
C VAL W 556 -146.56 -12.64 -60.48
N GLY W 557 -147.27 -11.52 -60.27
CA GLY W 557 -147.09 -10.37 -61.14
C GLY W 557 -145.68 -9.82 -61.13
N ARG W 558 -145.01 -9.87 -59.97
CA ARG W 558 -143.61 -9.46 -59.91
C ARG W 558 -142.72 -10.47 -60.61
N CYS W 559 -143.04 -11.77 -60.50
CA CYS W 559 -142.27 -12.79 -61.18
C CYS W 559 -142.39 -12.65 -62.69
N LEU W 560 -143.59 -12.33 -63.18
CA LEU W 560 -143.78 -12.16 -64.62
C LEU W 560 -143.10 -10.89 -65.10
N ALA W 561 -143.15 -9.81 -64.30
CA ALA W 561 -142.52 -8.56 -64.70
C ALA W 561 -141.01 -8.71 -64.83
N ILE W 562 -140.39 -9.56 -63.99
CA ILE W 562 -138.96 -9.80 -64.12
C ILE W 562 -138.66 -10.62 -65.36
N LEU W 563 -139.48 -11.65 -65.62
CA LEU W 563 -139.25 -12.48 -66.80
C LEU W 563 -139.51 -11.70 -68.09
N LYS W 564 -140.52 -10.84 -68.09
CA LYS W 564 -140.76 -10.00 -69.26
C LYS W 564 -139.67 -8.96 -69.46
N GLY W 565 -139.07 -8.48 -68.36
CA GLY W 565 -137.98 -7.54 -68.47
C GLY W 565 -136.66 -8.13 -68.93
N ILE W 566 -136.54 -9.45 -68.89
CA ILE W 566 -135.32 -10.14 -69.29
C ILE W 566 -135.42 -10.69 -70.70
N PHE W 567 -136.52 -11.39 -71.01
CA PHE W 567 -136.68 -12.05 -72.29
C PHE W 567 -137.66 -11.35 -73.22
N GLY W 568 -138.47 -10.41 -72.73
CA GLY W 568 -139.44 -9.74 -73.57
C GLY W 568 -140.87 -9.99 -73.15
N SER W 569 -141.78 -9.13 -73.58
CA SER W 569 -143.18 -9.28 -73.20
C SER W 569 -143.86 -10.39 -74.00
N SER W 570 -143.58 -10.48 -75.30
CA SER W 570 -144.22 -11.50 -76.12
C SER W 570 -143.63 -12.87 -75.87
N ALA W 571 -142.33 -12.94 -75.57
CA ALA W 571 -141.69 -14.22 -75.28
C ALA W 571 -142.13 -14.79 -73.94
N VAL W 572 -142.79 -14.01 -73.10
CA VAL W 572 -143.24 -14.47 -71.78
C VAL W 572 -144.76 -14.63 -71.79
N PRO W 573 -145.28 -15.84 -71.90
CA PRO W 573 -146.72 -16.06 -71.81
C PRO W 573 -147.18 -16.04 -70.36
N GLN W 574 -148.48 -16.25 -70.17
CA GLN W 574 -149.05 -16.28 -68.83
C GLN W 574 -148.97 -17.69 -68.24
N PRO W 575 -148.71 -17.82 -66.94
CA PRO W 575 -148.65 -19.14 -66.33
C PRO W 575 -150.03 -19.76 -66.17
N LYS W 576 -150.04 -21.09 -66.06
CA LYS W 576 -151.29 -21.82 -65.89
C LYS W 576 -151.64 -22.07 -64.43
N GLU W 577 -150.65 -22.41 -63.61
CA GLU W 577 -150.86 -22.67 -62.19
C GLU W 577 -149.73 -22.02 -61.40
N THR W 578 -150.09 -21.38 -60.29
CA THR W 578 -149.12 -20.70 -59.43
C THR W 578 -149.37 -21.09 -57.99
N VAL W 579 -148.30 -21.46 -57.28
CA VAL W 579 -148.36 -21.84 -55.87
C VAL W 579 -147.25 -21.11 -55.13
N VAL W 580 -147.60 -20.43 -54.04
CA VAL W 580 -146.65 -19.69 -53.22
C VAL W 580 -146.64 -20.31 -51.82
N SER W 581 -145.46 -20.61 -51.31
CA SER W 581 -145.31 -21.22 -50.00
C SER W 581 -145.15 -20.15 -48.92
N ARG W 582 -145.65 -20.48 -47.71
CA ARG W 582 -145.57 -19.60 -46.55
C ARG W 582 -145.25 -20.48 -45.34
N TRP W 583 -143.97 -20.81 -45.18
CA TRP W 583 -143.57 -21.71 -44.09
C TRP W 583 -143.67 -21.05 -42.74
N ARG W 584 -143.42 -19.74 -42.65
CA ARG W 584 -143.58 -19.03 -41.38
C ARG W 584 -145.04 -18.97 -40.98
N ALA W 585 -145.94 -18.75 -41.95
CA ALA W 585 -147.37 -18.74 -41.66
C ALA W 585 -147.91 -20.13 -41.39
N ASP W 586 -147.18 -21.17 -41.77
CA ASP W 586 -147.60 -22.54 -41.51
C ASP W 586 -147.59 -22.80 -40.02
N PRO W 587 -148.73 -23.06 -39.38
CA PRO W 587 -148.73 -23.31 -37.93
C PRO W 587 -148.06 -24.62 -37.53
N TRP W 588 -147.75 -25.49 -38.49
CA TRP W 588 -147.10 -26.77 -38.21
C TRP W 588 -145.62 -26.75 -38.51
N ALA W 589 -145.03 -25.57 -38.68
CA ALA W 589 -143.60 -25.46 -38.96
C ALA W 589 -143.03 -24.20 -38.30
N ARG W 590 -143.76 -23.09 -38.42
CA ARG W 590 -143.36 -21.80 -37.83
C ARG W 590 -141.97 -21.39 -38.32
N GLY W 591 -141.76 -21.50 -39.63
CA GLY W 591 -140.51 -21.16 -40.28
C GLY W 591 -140.10 -22.25 -41.23
N SER W 592 -138.86 -22.15 -41.71
CA SER W 592 -138.34 -23.11 -42.67
C SER W 592 -137.51 -24.19 -41.99
N TYR W 593 -136.25 -23.88 -41.70
CA TYR W 593 -135.32 -24.89 -41.21
C TYR W 593 -134.20 -24.21 -40.43
N SER W 594 -133.49 -25.02 -39.64
CA SER W 594 -132.64 -24.53 -38.57
C SER W 594 -131.50 -23.65 -39.09
N TYR W 595 -130.88 -22.92 -38.17
CA TYR W 595 -129.83 -21.97 -38.46
C TYR W 595 -129.14 -21.58 -37.16
N VAL W 596 -127.83 -21.42 -37.23
CA VAL W 596 -127.03 -21.06 -36.05
C VAL W 596 -127.21 -19.57 -35.79
N ALA W 597 -127.82 -19.23 -34.67
CA ALA W 597 -128.09 -17.84 -34.32
C ALA W 597 -126.95 -17.25 -33.52
N ALA W 598 -126.89 -15.92 -33.52
CA ALA W 598 -125.88 -15.21 -32.74
C ALA W 598 -126.09 -15.46 -31.25
N GLY W 599 -125.05 -15.92 -30.58
CA GLY W 599 -125.13 -16.27 -29.17
C GLY W 599 -125.27 -17.74 -28.90
N SER W 600 -125.49 -18.55 -29.94
CA SER W 600 -125.61 -19.99 -29.81
C SER W 600 -124.34 -20.65 -30.36
N SER W 601 -124.32 -21.98 -30.32
CA SER W 601 -123.18 -22.74 -30.80
C SER W 601 -123.66 -24.15 -31.13
N GLY W 602 -122.71 -25.00 -31.52
CA GLY W 602 -123.02 -26.39 -31.80
C GLY W 602 -123.44 -27.19 -30.58
N ASN W 603 -123.07 -26.73 -29.38
CA ASN W 603 -123.45 -27.43 -28.16
C ASN W 603 -124.96 -27.42 -27.96
N ASP W 604 -125.64 -26.41 -28.49
CA ASP W 604 -127.10 -26.35 -28.35
C ASP W 604 -127.79 -27.45 -29.13
N TYR W 605 -127.22 -27.86 -30.27
CA TYR W 605 -127.77 -28.99 -31.01
C TYR W 605 -127.65 -30.28 -30.22
N ASP W 606 -126.54 -30.45 -29.49
CA ASP W 606 -126.39 -31.64 -28.65
C ASP W 606 -127.32 -31.59 -27.44
N LEU W 607 -127.57 -30.39 -26.90
CA LEU W 607 -128.50 -30.27 -25.79
C LEU W 607 -129.92 -30.63 -26.22
N MET W 608 -130.29 -30.30 -27.46
CA MET W 608 -131.57 -30.75 -27.99
C MET W 608 -131.61 -32.25 -28.18
N ALA W 609 -130.45 -32.88 -28.42
CA ALA W 609 -130.39 -34.33 -28.58
C ALA W 609 -130.52 -35.06 -27.25
N GLN W 610 -130.18 -34.42 -26.15
CA GLN W 610 -130.25 -35.08 -24.85
C GLN W 610 -131.70 -35.24 -24.42
N PRO W 611 -132.11 -36.43 -24.03
CA PRO W 611 -133.48 -36.63 -23.53
C PRO W 611 -133.63 -36.07 -22.12
N ILE W 612 -134.88 -35.99 -21.68
CA ILE W 612 -135.22 -35.54 -20.33
C ILE W 612 -135.71 -36.74 -19.53
N THR W 613 -135.44 -36.71 -18.23
CA THR W 613 -135.83 -37.79 -17.33
C THR W 613 -136.71 -37.21 -16.23
N PRO W 614 -137.96 -37.63 -16.11
CA PRO W 614 -138.84 -37.07 -15.08
C PRO W 614 -138.42 -37.53 -13.68
N GLY W 615 -138.84 -36.74 -12.69
CA GLY W 615 -138.57 -37.05 -11.31
C GLY W 615 -139.38 -38.24 -10.84
N PRO W 616 -138.99 -38.82 -9.70
CA PRO W 616 -139.71 -39.99 -9.18
C PRO W 616 -141.08 -39.59 -8.66
N SER W 617 -142.05 -40.49 -8.85
CA SER W 617 -143.41 -40.24 -8.39
C SER W 617 -143.54 -40.41 -6.88
N ILE W 618 -142.78 -41.33 -6.30
CA ILE W 618 -142.79 -41.59 -4.86
C ILE W 618 -141.52 -41.01 -4.27
N PRO W 619 -141.60 -40.23 -3.19
CA PRO W 619 -140.38 -39.66 -2.59
C PRO W 619 -139.49 -40.75 -2.02
N GLY W 620 -138.29 -40.88 -2.58
CA GLY W 620 -137.36 -41.92 -2.19
C GLY W 620 -137.13 -42.98 -3.24
N ALA W 621 -137.82 -42.92 -4.38
CA ALA W 621 -137.65 -43.88 -5.45
C ALA W 621 -136.34 -43.64 -6.19
N PRO W 622 -135.74 -44.69 -6.77
CA PRO W 622 -134.48 -44.51 -7.50
C PRO W 622 -134.65 -43.71 -8.78
N GLN W 623 -133.55 -43.52 -9.51
CA GLN W 623 -133.57 -42.72 -10.73
C GLN W 623 -134.44 -43.39 -11.78
N PRO W 624 -135.51 -42.75 -12.27
CA PRO W 624 -136.35 -43.39 -13.29
C PRO W 624 -135.63 -43.54 -14.63
N ILE W 625 -136.32 -44.14 -15.59
CA ILE W 625 -135.78 -44.35 -16.93
C ILE W 625 -136.11 -43.13 -17.78
N PRO W 626 -135.17 -42.62 -18.57
CA PRO W 626 -135.49 -41.50 -19.47
C PRO W 626 -136.65 -41.83 -20.40
N ARG W 627 -137.66 -40.97 -20.39
CA ARG W 627 -138.91 -41.22 -21.10
C ARG W 627 -139.03 -40.43 -22.40
N LEU W 628 -138.81 -39.12 -22.35
CA LEU W 628 -139.05 -38.24 -23.49
C LEU W 628 -137.74 -37.99 -24.24
N PHE W 629 -137.70 -38.38 -25.51
CA PHE W 629 -136.57 -38.12 -26.39
C PHE W 629 -137.02 -37.24 -27.54
N PHE W 630 -136.09 -36.50 -28.12
CA PHE W 630 -136.37 -35.61 -29.23
C PHE W 630 -135.55 -36.02 -30.45
N ALA W 631 -136.02 -35.57 -31.61
CA ALA W 631 -135.36 -35.83 -32.88
C ALA W 631 -135.68 -34.70 -33.85
N GLY W 632 -135.14 -34.80 -35.05
CA GLY W 632 -135.34 -33.80 -36.09
C GLY W 632 -134.03 -33.24 -36.58
N GLU W 633 -134.13 -32.22 -37.43
CA GLU W 633 -132.94 -31.62 -38.00
C GLU W 633 -132.17 -30.80 -36.97
N HIS W 634 -132.86 -30.26 -35.96
CA HIS W 634 -132.25 -29.39 -34.97
C HIS W 634 -131.67 -30.15 -33.78
N THR W 635 -131.63 -31.47 -33.86
CA THR W 635 -131.06 -32.29 -32.79
C THR W 635 -129.74 -32.92 -33.16
N ILE W 636 -129.29 -32.78 -34.40
CA ILE W 636 -127.99 -33.29 -34.85
C ILE W 636 -127.05 -32.11 -35.04
N ARG W 637 -125.81 -32.28 -34.56
CA ARG W 637 -124.83 -31.20 -34.60
C ARG W 637 -124.04 -31.17 -35.90
N ASN W 638 -123.62 -32.33 -36.40
CA ASN W 638 -122.75 -32.37 -37.56
C ASN W 638 -123.49 -32.11 -38.86
N TYR W 639 -124.77 -32.46 -38.93
CA TYR W 639 -125.56 -32.33 -40.17
C TYR W 639 -126.89 -31.64 -39.88
N PRO W 640 -126.87 -30.39 -39.44
CA PRO W 640 -128.13 -29.69 -39.20
C PRO W 640 -128.70 -29.13 -40.49
N ALA W 641 -129.98 -28.77 -40.42
CA ALA W 641 -130.65 -27.99 -41.47
C ALA W 641 -130.71 -28.77 -42.79
N THR W 642 -130.77 -30.09 -42.73
CA THR W 642 -130.85 -30.93 -43.93
C THR W 642 -131.88 -32.03 -43.70
N VAL W 643 -132.11 -32.83 -44.73
CA VAL W 643 -133.07 -33.93 -44.61
C VAL W 643 -132.39 -35.21 -44.12
N HIS W 644 -131.12 -35.44 -44.48
CA HIS W 644 -130.40 -36.57 -43.93
C HIS W 644 -130.03 -36.35 -42.47
N GLY W 645 -129.93 -35.10 -42.03
CA GLY W 645 -129.73 -34.83 -40.61
C GLY W 645 -130.90 -35.28 -39.77
N ALA W 646 -132.12 -34.98 -40.22
CA ALA W 646 -133.30 -35.53 -39.56
C ALA W 646 -133.39 -37.04 -39.76
N LEU W 647 -132.95 -37.54 -40.92
CA LEU W 647 -132.91 -38.98 -41.14
C LEU W 647 -131.96 -39.65 -40.16
N LEU W 648 -130.80 -39.06 -39.91
CA LEU W 648 -129.85 -39.64 -38.96
C LEU W 648 -130.33 -39.47 -37.52
N SER W 649 -131.15 -38.45 -37.25
CA SER W 649 -131.69 -38.28 -35.90
C SER W 649 -132.67 -39.39 -35.57
N GLY W 650 -133.47 -39.82 -36.54
CA GLY W 650 -134.34 -40.96 -36.32
C GLY W 650 -133.56 -42.25 -36.13
N LEU W 651 -132.48 -42.41 -36.90
CA LEU W 651 -131.60 -43.56 -36.70
C LEU W 651 -130.83 -43.46 -35.39
N ARG W 652 -130.53 -42.23 -34.95
CA ARG W 652 -129.84 -42.03 -33.68
C ARG W 652 -130.69 -42.51 -32.52
N GLU W 653 -131.93 -42.01 -32.42
CA GLU W 653 -132.83 -42.46 -31.37
C GLU W 653 -133.14 -43.95 -31.50
N ALA W 654 -133.08 -44.49 -32.72
CA ALA W 654 -133.22 -45.93 -32.91
C ALA W 654 -132.03 -46.67 -32.33
N GLY W 655 -130.83 -46.11 -32.48
CA GLY W 655 -129.66 -46.73 -31.89
C GLY W 655 -129.57 -46.55 -30.38
N ARG W 656 -130.15 -45.46 -29.87
CA ARG W 656 -130.18 -45.21 -28.44
C ARG W 656 -131.20 -46.07 -27.71
N ILE W 657 -131.94 -46.92 -28.42
CA ILE W 657 -132.85 -47.86 -27.77
C ILE W 657 -132.06 -48.89 -26.98
N ALA W 658 -131.07 -49.52 -27.62
CA ALA W 658 -130.23 -50.47 -26.93
C ALA W 658 -129.37 -49.79 -25.87
N ASP W 659 -128.97 -48.54 -26.11
CA ASP W 659 -128.27 -47.78 -25.08
C ASP W 659 -129.16 -47.53 -23.87
N GLN W 660 -130.48 -47.43 -24.09
CA GLN W 660 -131.41 -47.31 -22.97
C GLN W 660 -131.66 -48.67 -22.32
N PHE W 661 -131.73 -49.74 -23.13
CA PHE W 661 -131.90 -51.08 -22.58
C PHE W 661 -130.61 -51.56 -21.92
N LEU W 662 -129.48 -51.47 -22.64
CA LEU W 662 -128.17 -51.82 -22.12
C LEU W 662 -128.13 -53.28 -21.64
N GLY W 663 -128.47 -54.18 -22.57
CA GLY W 663 -128.43 -55.61 -22.34
C GLY W 663 -129.31 -56.06 -21.19
N ALA W 664 -129.06 -57.28 -20.74
CA ALA W 664 -129.77 -57.88 -19.62
C ALA W 664 -128.85 -58.13 -18.42
N MET W 665 -127.83 -57.29 -18.26
CA MET W 665 -126.87 -57.43 -17.17
C MET W 665 -127.34 -56.77 -15.87
N TYR W 666 -128.11 -55.70 -15.95
CA TYR W 666 -128.60 -55.00 -14.76
C TYR W 666 -129.63 -55.79 -13.99
N THR W 667 -130.21 -56.84 -14.58
CA THR W 667 -131.20 -57.65 -13.87
C THR W 667 -130.53 -58.57 -12.86
N LEU W 668 -129.47 -59.26 -13.28
CA LEU W 668 -128.73 -60.15 -12.39
C LEU W 668 -127.31 -59.65 -12.16
N ARG X 25 -106.78 -15.68 -42.28
CA ARG X 25 -105.57 -16.03 -41.56
C ARG X 25 -104.47 -15.01 -41.85
N LYS X 26 -104.49 -14.44 -43.05
CA LYS X 26 -103.53 -13.46 -43.48
C LYS X 26 -104.27 -12.47 -44.38
N PRO X 27 -104.00 -11.16 -44.22
CA PRO X 27 -104.71 -10.16 -45.03
C PRO X 27 -104.48 -10.40 -46.52
N PRO X 28 -105.50 -10.15 -47.35
CA PRO X 28 -105.38 -10.39 -48.79
C PRO X 28 -104.35 -9.52 -49.48
N LYS X 29 -104.14 -9.76 -50.78
CA LYS X 29 -103.15 -9.04 -51.55
C LYS X 29 -103.50 -7.57 -51.65
N GLY X 30 -102.59 -6.70 -51.20
CA GLY X 30 -102.82 -5.27 -51.23
C GLY X 30 -104.02 -4.83 -50.40
N MET X 31 -104.18 -5.41 -49.22
CA MET X 31 -105.33 -5.13 -48.36
C MET X 31 -104.88 -5.20 -46.92
N PHE X 32 -105.07 -4.12 -46.18
CA PHE X 32 -104.70 -4.04 -44.77
C PHE X 32 -105.96 -4.03 -43.92
N LEU X 33 -106.00 -4.89 -42.90
CA LEU X 33 -107.15 -5.00 -42.02
C LEU X 33 -106.64 -5.16 -40.58
N SER X 34 -106.78 -4.11 -39.77
CA SER X 34 -106.33 -4.11 -38.40
C SER X 34 -107.52 -4.01 -37.45
N GLN X 35 -107.27 -4.41 -36.20
CA GLN X 35 -108.34 -4.36 -35.19
C GLN X 35 -108.72 -2.93 -34.83
N GLU X 36 -107.79 -1.98 -34.97
CA GLU X 36 -108.06 -0.61 -34.59
C GLU X 36 -109.11 0.02 -35.50
N ASP X 37 -109.02 -0.23 -36.80
CA ASP X 37 -109.96 0.36 -37.74
C ASP X 37 -111.36 -0.21 -37.57
N VAL X 38 -111.46 -1.50 -37.26
CA VAL X 38 -112.78 -2.12 -37.03
C VAL X 38 -113.41 -1.54 -35.77
N GLU X 39 -112.63 -1.37 -34.70
CA GLU X 39 -113.16 -0.81 -33.47
C GLU X 39 -113.49 0.67 -33.62
N ALA X 40 -112.76 1.39 -34.47
CA ALA X 40 -113.00 2.82 -34.62
C ALA X 40 -114.30 3.09 -35.36
N VAL X 41 -114.60 2.30 -36.39
CA VAL X 41 -115.84 2.50 -37.14
C VAL X 41 -117.04 2.14 -36.29
N SER X 42 -116.93 1.08 -35.49
CA SER X 42 -118.01 0.64 -34.60
C SER X 42 -117.89 1.20 -33.20
N ALA X 43 -117.22 2.36 -33.04
CA ALA X 43 -117.09 2.96 -31.72
C ALA X 43 -118.44 3.46 -31.20
N ASN X 44 -119.23 4.06 -32.07
CA ASN X 44 -120.57 4.50 -31.72
C ASN X 44 -121.42 4.54 -32.99
N ALA X 45 -122.60 5.17 -32.91
CA ALA X 45 -123.53 5.15 -34.03
C ALA X 45 -123.04 5.99 -35.21
N THR X 46 -122.32 7.08 -34.93
CA THR X 46 -121.88 8.01 -35.97
C THR X 46 -120.36 8.09 -36.06
N ALA X 47 -119.68 6.98 -35.81
CA ALA X 47 -118.22 6.97 -35.89
C ALA X 47 -117.74 6.93 -37.34
N ALA X 48 -118.39 6.11 -38.18
CA ALA X 48 -117.98 6.02 -39.57
C ALA X 48 -118.16 7.34 -40.30
N THR X 49 -119.26 8.05 -40.01
CA THR X 49 -119.47 9.35 -40.62
C THR X 49 -118.39 10.35 -40.19
N THR X 50 -118.01 10.30 -38.92
CA THR X 50 -116.97 11.21 -38.43
C THR X 50 -115.63 10.92 -39.10
N VAL X 51 -115.29 9.64 -39.26
CA VAL X 51 -114.03 9.29 -39.90
C VAL X 51 -114.01 9.71 -41.36
N LEU X 52 -115.13 9.50 -42.07
CA LEU X 52 -115.19 9.87 -43.48
C LEU X 52 -115.09 11.38 -43.67
N ARG X 53 -115.73 12.14 -42.79
CA ARG X 53 -115.65 13.60 -42.89
C ARG X 53 -114.23 14.10 -42.60
N GLN X 54 -113.56 13.49 -41.62
CA GLN X 54 -112.18 13.88 -41.31
C GLN X 54 -111.24 13.55 -42.45
N LEU X 55 -111.46 12.40 -43.11
CA LEU X 55 -110.63 12.05 -44.26
C LEU X 55 -110.91 12.98 -45.43
N ASP X 56 -112.16 13.41 -45.60
CA ASP X 56 -112.47 14.36 -46.66
C ASP X 56 -111.85 15.73 -46.39
N MET X 57 -111.88 16.17 -45.13
CA MET X 57 -111.24 17.43 -44.78
C MET X 57 -109.73 17.36 -44.98
N GLU X 58 -109.13 16.21 -44.68
CA GLU X 58 -107.70 16.02 -44.94
C GLU X 58 -107.43 16.04 -46.45
N LEU X 59 -108.33 15.47 -47.24
CA LEU X 59 -108.14 15.47 -48.69
C LEU X 59 -108.27 16.88 -49.25
N VAL X 60 -109.20 17.68 -48.71
CA VAL X 60 -109.31 19.07 -49.13
C VAL X 60 -108.07 19.86 -48.71
N SER X 61 -107.55 19.56 -47.52
CA SER X 61 -106.36 20.27 -47.04
C SER X 61 -105.14 19.99 -47.90
N VAL X 62 -104.93 18.72 -48.27
CA VAL X 62 -103.77 18.40 -49.10
C VAL X 62 -103.95 18.95 -50.52
N LYS X 63 -105.20 19.04 -51.00
CA LYS X 63 -105.42 19.54 -52.35
C LYS X 63 -105.10 21.02 -52.46
N ARG X 64 -105.52 21.82 -51.47
CA ARG X 64 -105.19 23.24 -51.53
C ARG X 64 -103.71 23.49 -51.29
N GLN X 65 -103.05 22.62 -50.51
CA GLN X 65 -101.60 22.69 -50.41
C GLN X 65 -100.94 22.41 -51.75
N ILE X 66 -101.53 21.50 -52.54
CA ILE X 66 -101.07 21.28 -53.91
C ILE X 66 -101.25 22.54 -54.73
N GLN X 67 -102.39 23.22 -54.58
CA GLN X 67 -102.68 24.40 -55.39
C GLN X 67 -101.76 25.56 -55.04
N ASN X 68 -101.46 25.74 -53.75
CA ASN X 68 -100.57 26.82 -53.35
C ASN X 68 -99.14 26.59 -53.82
N ILE X 69 -98.64 25.36 -53.63
CA ILE X 69 -97.27 25.05 -54.04
C ILE X 69 -97.15 25.07 -55.56
N LYS X 70 -98.20 24.63 -56.26
CA LYS X 70 -98.19 24.72 -57.72
C LYS X 70 -98.12 26.16 -58.20
N GLN X 71 -98.82 27.06 -57.50
CA GLN X 71 -98.73 28.48 -57.83
C GLN X 71 -97.35 29.03 -57.54
N THR X 72 -96.73 28.57 -56.45
CA THR X 72 -95.38 29.05 -56.10
C THR X 72 -94.36 28.59 -57.13
N ASN X 73 -94.42 27.31 -57.54
CA ASN X 73 -93.48 26.80 -58.53
C ASN X 73 -93.69 27.44 -59.90
N SER X 74 -94.94 27.78 -60.24
CA SER X 74 -95.20 28.47 -61.50
C SER X 74 -94.53 29.83 -61.52
N ALA X 75 -94.57 30.55 -60.38
CA ALA X 75 -93.88 31.83 -60.28
C ALA X 75 -92.37 31.65 -60.32
N LEU X 76 -91.86 30.59 -59.66
CA LEU X 76 -90.43 30.32 -59.69
C LEU X 76 -89.97 29.96 -61.10
N LYS X 77 -90.78 29.20 -61.84
CA LYS X 77 -90.46 28.90 -63.23
C LYS X 77 -90.51 30.15 -64.09
N GLU X 78 -91.38 31.10 -63.75
CA GLU X 78 -91.43 32.36 -64.48
C GLU X 78 -90.16 33.18 -64.27
N LYS X 79 -89.52 33.05 -63.11
CA LYS X 79 -88.28 33.77 -62.85
C LYS X 79 -87.11 33.19 -63.63
N LEU X 80 -87.17 31.91 -64.01
CA LEU X 80 -86.09 31.25 -64.72
C LEU X 80 -86.25 31.33 -66.24
N ASP X 81 -87.04 32.28 -66.74
CA ASP X 81 -87.24 32.40 -68.17
C ASP X 81 -85.97 32.89 -68.84
N GLY X 82 -85.44 32.12 -69.78
CA GLY X 82 -84.24 32.45 -70.51
C GLY X 82 -83.07 31.55 -70.21
N GLY X 83 -83.03 30.93 -69.04
CA GLY X 83 -81.93 30.05 -68.68
C GLY X 83 -80.62 30.83 -68.53
N ILE X 84 -79.52 30.14 -68.80
CA ILE X 84 -78.20 30.73 -68.73
C ILE X 84 -77.60 30.81 -70.13
N GLU X 85 -78.46 30.87 -71.14
CA GLU X 85 -77.99 30.94 -72.52
C GLU X 85 -77.19 32.20 -72.81
N PRO X 86 -77.63 33.40 -72.41
CA PRO X 86 -76.77 34.58 -72.59
C PRO X 86 -75.56 34.61 -71.67
N TYR X 87 -75.42 33.65 -70.75
CA TYR X 87 -74.32 33.62 -69.81
C TYR X 87 -73.38 32.43 -70.03
N ARG X 88 -73.34 31.93 -71.25
CA ARG X 88 -72.51 30.77 -71.61
C ARG X 88 -71.33 31.24 -72.45
N LEU X 89 -70.14 30.76 -72.11
CA LEU X 89 -68.93 31.11 -72.84
C LEU X 89 -68.47 29.95 -73.71
N PRO X 90 -67.90 30.23 -74.88
CA PRO X 90 -67.43 29.15 -75.75
C PRO X 90 -66.27 28.38 -75.12
N GLU X 91 -66.13 27.14 -75.57
CA GLU X 91 -65.09 26.26 -75.05
C GLU X 91 -63.76 26.54 -75.74
N VAL X 92 -62.70 26.60 -74.94
CA VAL X 92 -61.34 26.84 -75.46
C VAL X 92 -60.73 25.46 -75.69
N ILE X 93 -61.05 24.87 -76.84
CA ILE X 93 -60.56 23.54 -77.19
C ILE X 93 -59.13 23.66 -77.70
N GLN X 94 -58.18 23.17 -76.90
CA GLN X 94 -56.77 23.21 -77.26
C GLN X 94 -56.11 21.93 -76.79
N LYS X 95 -55.14 21.45 -77.58
CA LYS X 95 -54.47 20.19 -77.27
C LYS X 95 -53.59 20.33 -76.03
N CYS X 96 -53.20 19.19 -75.47
CA CYS X 96 -52.33 19.15 -74.31
C CYS X 96 -50.88 19.16 -74.76
N ASN X 97 -50.09 20.07 -74.18
CA ASN X 97 -48.69 20.20 -74.54
C ASN X 97 -47.86 19.21 -73.73
N ALA X 98 -46.55 19.22 -73.95
CA ALA X 98 -45.63 18.31 -73.28
C ALA X 98 -44.55 19.01 -72.47
N ARG X 99 -44.15 20.22 -72.87
CA ARG X 99 -43.13 20.97 -72.14
C ARG X 99 -43.77 21.87 -71.11
N TRP X 100 -43.05 22.08 -70.01
CA TRP X 100 -43.47 22.99 -68.95
C TRP X 100 -42.65 24.26 -69.03
N THR X 101 -43.31 25.38 -69.27
CA THR X 101 -42.65 26.67 -69.29
C THR X 101 -42.74 27.33 -67.91
N THR X 102 -41.94 28.38 -67.72
CA THR X 102 -41.94 29.09 -66.44
C THR X 102 -43.31 29.65 -66.11
N GLU X 103 -44.00 30.21 -67.11
CA GLU X 103 -45.36 30.69 -66.89
C GLU X 103 -46.29 29.55 -66.50
N GLU X 104 -46.20 28.41 -67.18
CA GLU X 104 -47.07 27.29 -66.89
C GLU X 104 -46.81 26.72 -65.50
N GLN X 105 -45.54 26.72 -65.06
CA GLN X 105 -45.22 26.20 -63.74
C GLN X 105 -45.76 27.11 -62.64
N LEU X 106 -45.61 28.43 -62.81
CA LEU X 106 -46.12 29.36 -61.81
C LEU X 106 -47.64 29.33 -61.75
N LEU X 107 -48.30 29.22 -62.91
CA LEU X 107 -49.75 29.09 -62.93
C LEU X 107 -50.20 27.83 -62.20
N ALA X 108 -49.43 26.75 -62.32
CA ALA X 108 -49.74 25.54 -61.58
C ALA X 108 -49.59 25.76 -60.08
N VAL X 109 -48.54 26.47 -59.66
CA VAL X 109 -48.32 26.73 -58.24
C VAL X 109 -49.50 27.51 -57.66
N GLN X 110 -49.92 28.58 -58.34
CA GLN X 110 -51.03 29.38 -57.86
C GLN X 110 -52.34 28.59 -57.90
N ALA X 111 -52.49 27.68 -58.86
CA ALA X 111 -53.70 26.87 -58.93
C ALA X 111 -53.79 25.91 -57.75
N ILE X 112 -52.65 25.33 -57.34
CA ILE X 112 -52.62 24.48 -56.16
C ILE X 112 -52.98 25.28 -54.92
N ARG X 113 -52.56 26.55 -54.88
CA ARG X 113 -52.80 27.38 -53.70
C ARG X 113 -54.28 27.61 -53.47
N LYS X 114 -55.05 27.81 -54.54
CA LYS X 114 -56.46 28.13 -54.40
C LYS X 114 -57.35 26.89 -54.43
N TYR X 115 -57.04 25.92 -55.28
CA TYR X 115 -57.89 24.75 -55.46
C TYR X 115 -57.43 23.52 -54.68
N GLY X 116 -56.12 23.31 -54.56
CA GLY X 116 -55.61 22.19 -53.77
C GLY X 116 -55.40 20.95 -54.64
N ARG X 117 -56.23 19.93 -54.43
CA ARG X 117 -56.11 18.66 -55.13
C ARG X 117 -57.11 18.51 -56.28
N ASP X 118 -57.84 19.57 -56.61
CA ASP X 118 -58.76 19.51 -57.74
C ASP X 118 -57.97 19.51 -59.04
N PHE X 119 -57.63 18.32 -59.53
CA PHE X 119 -56.76 18.22 -60.70
C PHE X 119 -57.45 18.77 -61.95
N GLN X 120 -58.77 18.54 -62.08
CA GLN X 120 -59.48 19.04 -63.24
C GLN X 120 -59.50 20.56 -63.30
N ALA X 121 -59.64 21.21 -62.14
CA ALA X 121 -59.61 22.66 -62.11
C ALA X 121 -58.23 23.19 -62.48
N ILE X 122 -57.17 22.59 -61.95
CA ILE X 122 -55.81 23.03 -62.26
C ILE X 122 -55.51 22.81 -63.74
N SER X 123 -55.98 21.70 -64.30
CA SER X 123 -55.77 21.44 -65.72
C SER X 123 -56.47 22.49 -66.58
N ASP X 124 -57.67 22.90 -66.19
CA ASP X 124 -58.39 23.91 -66.96
C ASP X 124 -57.77 25.29 -66.81
N VAL X 125 -57.19 25.59 -65.65
CA VAL X 125 -56.54 26.89 -65.46
C VAL X 125 -55.32 27.02 -66.36
N ILE X 126 -54.46 25.99 -66.36
CA ILE X 126 -53.27 26.02 -67.20
C ILE X 126 -53.67 25.93 -68.67
N GLY X 127 -54.65 25.09 -68.98
CA GLY X 127 -55.20 24.97 -70.32
C GLY X 127 -54.56 23.94 -71.23
N ASN X 128 -53.23 23.88 -71.26
CA ASN X 128 -52.50 22.97 -72.13
C ASN X 128 -51.85 21.83 -71.37
N LYS X 129 -52.38 21.48 -70.20
CA LYS X 129 -51.87 20.38 -69.40
C LYS X 129 -53.03 19.51 -68.95
N SER X 130 -52.99 18.22 -69.29
CA SER X 130 -54.07 17.32 -68.96
C SER X 130 -54.05 16.98 -67.47
N VAL X 131 -55.07 16.23 -67.04
CA VAL X 131 -55.19 15.87 -65.63
C VAL X 131 -54.02 14.99 -65.20
N VAL X 132 -53.65 14.02 -66.04
CA VAL X 132 -52.56 13.11 -65.68
C VAL X 132 -51.23 13.86 -65.59
N GLN X 133 -51.05 14.90 -66.41
CA GLN X 133 -49.81 15.67 -66.34
C GLN X 133 -49.77 16.55 -65.11
N VAL X 134 -50.94 17.02 -64.64
CA VAL X 134 -50.99 17.77 -63.39
C VAL X 134 -50.69 16.87 -62.21
N LYS X 135 -51.24 15.65 -62.21
CA LYS X 135 -50.94 14.71 -61.14
C LYS X 135 -49.46 14.33 -61.14
N ASN X 136 -48.87 14.17 -62.32
CA ASN X 136 -47.43 13.93 -62.40
C ASN X 136 -46.64 15.16 -61.99
N PHE X 137 -47.18 16.36 -62.26
CA PHE X 137 -46.50 17.58 -61.87
C PHE X 137 -46.34 17.67 -60.36
N PHE X 138 -47.29 17.14 -59.60
CA PHE X 138 -47.20 17.19 -58.13
C PHE X 138 -46.03 16.36 -57.63
N VAL X 139 -45.76 15.22 -58.27
CA VAL X 139 -44.73 14.31 -57.79
C VAL X 139 -43.34 14.80 -58.19
N ASN X 140 -43.19 15.21 -59.46
CA ASN X 140 -41.87 15.60 -59.96
C ASN X 140 -41.38 16.88 -59.31
N TYR X 141 -42.28 17.83 -59.06
CA TYR X 141 -41.93 19.13 -58.50
C TYR X 141 -42.42 19.29 -57.06
N ARG X 142 -42.46 18.19 -56.31
CA ARG X 142 -42.97 18.23 -54.95
C ARG X 142 -42.05 19.04 -54.05
N ARG X 143 -40.76 18.69 -54.02
CA ARG X 143 -39.84 19.38 -53.12
C ARG X 143 -39.34 20.69 -53.71
N ARG X 144 -39.18 20.79 -55.02
CA ARG X 144 -38.66 22.00 -55.63
C ARG X 144 -39.66 23.14 -55.63
N PHE X 145 -40.95 22.87 -55.41
CA PHE X 145 -41.96 23.90 -55.35
C PHE X 145 -42.70 23.96 -54.02
N ASN X 146 -42.33 23.12 -53.04
CA ASN X 146 -42.95 23.10 -51.72
C ASN X 146 -44.46 22.91 -51.81
N ILE X 147 -44.87 21.86 -52.53
CA ILE X 147 -46.29 21.60 -52.72
C ILE X 147 -46.96 21.21 -51.41
N ASP X 148 -46.24 20.50 -50.54
CA ASP X 148 -46.81 20.13 -49.25
C ASP X 148 -47.17 21.37 -48.43
N GLU X 149 -46.31 22.39 -48.46
CA GLU X 149 -46.62 23.63 -47.75
C GLU X 149 -47.77 24.38 -48.42
N VAL X 150 -47.86 24.31 -49.75
CA VAL X 150 -48.96 24.97 -50.45
C VAL X 150 -50.27 24.26 -50.17
N LEU X 151 -50.25 22.92 -50.09
CA LEU X 151 -51.47 22.18 -49.79
C LEU X 151 -51.94 22.42 -48.37
N GLN X 152 -51.01 22.44 -47.40
CA GLN X 152 -51.39 22.68 -46.02
C GLN X 152 -51.87 24.11 -45.79
N GLU X 153 -51.51 25.05 -46.66
CA GLU X 153 -52.06 26.39 -46.57
C GLU X 153 -53.46 26.47 -47.17
N TRP X 154 -53.75 25.67 -48.19
CA TRP X 154 -55.10 25.57 -48.72
C TRP X 154 -56.04 24.95 -47.70
N GLU X 155 -55.58 23.92 -46.98
CA GLU X 155 -56.40 23.26 -45.98
C GLU X 155 -56.75 24.20 -44.83
N ALA X 156 -55.96 25.25 -44.62
CA ALA X 156 -56.25 26.22 -43.58
C ALA X 156 -57.41 27.13 -43.93
N GLU X 157 -57.85 27.12 -45.19
CA GLU X 157 -58.94 27.98 -45.63
C GLU X 157 -60.15 27.16 -46.05
N PRO Y 3 90.46 2.60 103.89
CA PRO Y 3 91.47 2.52 104.95
C PRO Y 3 91.75 3.87 105.60
N SER Y 4 91.08 4.15 106.72
CA SER Y 4 91.26 5.42 107.41
C SER Y 4 91.12 5.22 108.92
N GLY Y 5 91.64 4.11 109.42
CA GLY Y 5 91.57 3.84 110.86
C GLY Y 5 92.54 2.76 111.24
N VAL Y 6 92.93 2.78 112.52
CA VAL Y 6 93.86 1.85 113.15
C VAL Y 6 94.95 1.37 112.20
N GLU Y 7 95.53 2.30 111.45
CA GLU Y 7 96.62 2.00 110.52
C GLU Y 7 97.99 2.08 111.16
N GLY Y 8 98.10 2.57 112.39
CA GLY Y 8 99.36 2.58 113.09
C GLY Y 8 99.57 1.32 113.91
N ALA Y 9 98.93 0.24 113.50
CA ALA Y 9 98.98 -1.01 114.25
C ALA Y 9 98.77 -2.22 113.35
N ALA Y 10 97.58 -2.33 112.75
CA ALA Y 10 97.30 -3.46 111.87
C ALA Y 10 98.15 -3.42 110.62
N PHE Y 11 98.56 -2.23 110.18
CA PHE Y 11 99.42 -2.12 109.00
C PHE Y 11 100.83 -2.60 109.29
N GLN Y 12 101.30 -2.42 110.52
CA GLN Y 12 102.62 -2.90 110.92
C GLN Y 12 102.62 -4.34 111.40
N SER Y 13 101.44 -4.96 111.56
CA SER Y 13 101.33 -6.31 112.09
C SER Y 13 100.86 -7.32 111.04
N ARG Y 14 100.65 -6.89 109.80
CA ARG Y 14 100.27 -7.78 108.71
C ARG Y 14 98.94 -8.48 108.99
N LEU Y 15 98.00 -7.75 109.60
CA LEU Y 15 96.72 -8.31 109.98
C LEU Y 15 95.58 -7.43 109.47
N PRO Y 16 94.47 -8.02 109.04
CA PRO Y 16 93.32 -7.21 108.63
C PRO Y 16 92.69 -6.50 109.82
N HIS Y 17 92.24 -5.27 109.58
CA HIS Y 17 91.71 -4.45 110.65
C HIS Y 17 90.26 -4.77 110.98
N ASP Y 18 89.49 -5.26 110.00
CA ASP Y 18 88.06 -5.49 110.18
C ASP Y 18 87.71 -6.97 110.01
N ARG Y 19 88.65 -7.87 110.28
CA ARG Y 19 88.39 -9.29 110.16
C ARG Y 19 89.35 -10.05 111.06
N MET Y 20 88.86 -11.13 111.66
CA MET Y 20 89.67 -12.00 112.50
C MET Y 20 90.35 -13.07 111.65
N THR Y 21 91.61 -13.34 111.95
CA THR Y 21 92.37 -14.33 111.20
C THR Y 21 92.07 -15.75 111.71
N SER Y 22 92.62 -16.73 111.00
CA SER Y 22 92.47 -18.12 111.43
C SER Y 22 93.25 -18.39 112.72
N GLN Y 23 94.37 -17.71 112.91
CA GLN Y 23 95.12 -17.84 114.16
C GLN Y 23 94.32 -17.30 115.34
N GLU Y 24 93.64 -16.16 115.14
CA GLU Y 24 92.83 -15.59 116.21
C GLU Y 24 91.59 -16.44 116.48
N ALA Y 25 91.09 -17.15 115.47
CA ALA Y 25 89.95 -18.03 115.69
C ALA Y 25 90.33 -19.24 116.52
N ALA Y 26 91.54 -19.75 116.33
CA ALA Y 26 92.00 -20.90 117.14
C ALA Y 26 92.29 -20.48 118.57
N CYS Y 27 92.71 -19.23 118.78
CA CYS Y 27 92.99 -18.76 120.14
C CYS Y 27 91.71 -18.36 120.86
N PHE Y 28 90.79 -17.68 120.16
CA PHE Y 28 89.51 -17.27 120.71
C PHE Y 28 88.41 -17.83 119.84
N PRO Y 29 88.04 -19.11 120.00
CA PRO Y 29 86.94 -19.67 119.21
C PRO Y 29 85.57 -19.20 119.67
N ASP Y 30 85.46 -18.64 120.88
CA ASP Y 30 84.17 -18.19 121.38
C ASP Y 30 83.80 -16.80 120.85
N ILE Y 31 84.79 -15.99 120.52
CA ILE Y 31 84.51 -14.63 120.04
C ILE Y 31 84.09 -14.64 118.58
N ILE Y 32 84.83 -15.39 117.74
CA ILE Y 32 84.50 -15.43 116.32
C ILE Y 32 83.19 -16.16 116.06
N SER Y 33 82.77 -17.02 116.99
CA SER Y 33 81.52 -17.76 116.84
C SER Y 33 80.33 -17.06 117.48
N GLY Y 34 80.55 -15.95 118.17
CA GLY Y 34 79.48 -15.23 118.82
C GLY Y 34 78.90 -14.12 117.95
N PRO Y 35 78.35 -13.10 118.58
CA PRO Y 35 77.78 -11.99 117.82
C PRO Y 35 78.86 -11.16 117.14
N GLN Y 36 78.43 -10.35 116.17
CA GLN Y 36 79.37 -9.53 115.42
C GLN Y 36 79.89 -8.36 116.25
N GLN Y 37 79.10 -7.88 117.21
CA GLN Y 37 79.54 -6.76 118.04
C GLN Y 37 80.71 -7.19 118.94
N THR Y 38 80.66 -8.41 119.46
CA THR Y 38 81.78 -8.91 120.27
C THR Y 38 83.04 -9.05 119.43
N GLN Y 39 82.90 -9.42 118.16
CA GLN Y 39 84.06 -9.49 117.27
C GLN Y 39 84.66 -8.11 117.06
N LYS Y 40 83.81 -7.08 116.93
CA LYS Y 40 84.31 -5.73 116.75
C LYS Y 40 85.02 -5.23 118.01
N VAL Y 41 84.53 -5.62 119.18
CA VAL Y 41 85.20 -5.24 120.43
C VAL Y 41 86.55 -5.92 120.55
N PHE Y 42 86.61 -7.20 120.16
CA PHE Y 42 87.89 -7.92 120.19
C PHE Y 42 88.89 -7.31 119.23
N LEU Y 43 88.43 -6.93 118.02
CA LEU Y 43 89.34 -6.31 117.06
C LEU Y 43 89.81 -4.95 117.55
N PHE Y 44 88.94 -4.20 118.25
CA PHE Y 44 89.34 -2.89 118.73
C PHE Y 44 90.33 -2.99 119.89
N ILE Y 45 90.09 -3.93 120.82
CA ILE Y 45 91.03 -4.11 121.93
C ILE Y 45 92.37 -4.60 121.42
N ARG Y 46 92.36 -5.53 120.46
CA ARG Y 46 93.60 -6.01 119.87
C ARG Y 46 94.34 -4.89 119.14
N ASN Y 47 93.61 -4.13 118.32
CA ASN Y 47 94.25 -3.17 117.43
C ASN Y 47 94.61 -1.87 118.13
N ARG Y 48 93.98 -1.57 119.26
CA ARG Y 48 94.42 -0.46 120.09
C ARG Y 48 95.66 -0.84 120.89
N THR Y 49 95.73 -2.09 121.35
CA THR Y 49 96.91 -2.55 122.06
C THR Y 49 98.13 -2.56 121.14
N LEU Y 50 97.96 -3.02 119.90
CA LEU Y 50 99.05 -2.98 118.93
C LEU Y 50 99.46 -1.54 118.64
N GLN Y 51 98.52 -0.60 118.67
CA GLN Y 51 98.84 0.79 118.35
C GLN Y 51 99.68 1.43 119.45
N LEU Y 52 99.32 1.20 120.72
CA LEU Y 52 100.10 1.78 121.81
C LEU Y 52 101.49 1.18 121.90
N TRP Y 53 101.63 -0.12 121.58
CA TRP Y 53 102.96 -0.72 121.56
C TRP Y 53 103.82 -0.13 120.45
N LEU Y 54 103.25 0.04 119.26
CA LEU Y 54 104.02 0.57 118.14
C LEU Y 54 104.24 2.07 118.23
N ASP Y 55 103.49 2.77 119.08
CA ASP Y 55 103.78 4.18 119.33
C ASP Y 55 104.95 4.36 120.28
N ASN Y 56 105.19 3.38 121.14
CA ASN Y 56 106.33 3.41 122.08
C ASN Y 56 106.89 2.00 122.22
N PRO Y 57 107.65 1.54 121.23
CA PRO Y 57 108.22 0.20 121.29
C PRO Y 57 109.50 0.07 122.11
N LYS Y 58 109.91 1.12 122.81
CA LYS Y 58 111.14 1.11 123.57
C LYS Y 58 110.95 0.72 125.04
N ILE Y 59 109.71 0.59 125.50
CA ILE Y 59 109.42 0.16 126.86
C ILE Y 59 108.44 -1.00 126.81
N GLN Y 60 108.39 -1.75 127.91
CA GLN Y 60 107.49 -2.89 127.99
C GLN Y 60 106.05 -2.41 128.13
N LEU Y 61 105.16 -3.00 127.35
CA LEU Y 61 103.72 -2.68 127.40
C LEU Y 61 103.09 -3.53 128.49
N THR Y 62 102.93 -2.96 129.67
CA THR Y 62 102.38 -3.68 130.81
C THR Y 62 100.91 -3.99 130.59
N PHE Y 63 100.37 -4.86 131.44
CA PHE Y 63 98.98 -5.29 131.28
C PHE Y 63 98.00 -4.17 131.59
N GLU Y 64 98.23 -3.45 132.69
CA GLU Y 64 97.31 -2.39 133.13
C GLU Y 64 97.80 -1.02 132.69
N ALA Y 65 98.10 -0.90 131.39
CA ALA Y 65 98.46 0.39 130.80
C ALA Y 65 97.71 0.69 129.51
N THR Y 66 97.12 -0.31 128.86
CA THR Y 66 96.31 -0.12 127.66
C THR Y 66 94.81 -0.18 127.95
N LEU Y 67 94.37 -1.14 128.76
CA LEU Y 67 92.96 -1.24 129.11
C LEU Y 67 92.52 -0.09 130.01
N GLN Y 68 93.41 0.39 130.88
CA GLN Y 68 93.05 1.46 131.80
C GLN Y 68 92.74 2.77 131.07
N GLN Y 69 93.42 3.03 129.97
CA GLN Y 69 93.23 4.26 129.20
C GLN Y 69 92.05 4.19 128.25
N LEU Y 70 91.09 3.30 128.49
CA LEU Y 70 89.88 3.20 127.69
C LEU Y 70 88.65 3.44 128.55
N GLU Y 71 87.54 3.71 127.89
CA GLU Y 71 86.27 3.98 128.55
C GLU Y 71 85.40 2.73 128.61
N ALA Y 72 84.30 2.85 129.34
CA ALA Y 72 83.37 1.73 129.48
C ALA Y 72 82.64 1.49 128.15
N PRO Y 73 82.19 0.26 127.89
CA PRO Y 73 82.33 -0.93 128.73
C PRO Y 73 83.60 -1.73 128.44
N TYR Y 74 84.60 -1.08 127.82
CA TYR Y 74 85.82 -1.78 127.48
C TYR Y 74 86.63 -2.13 128.73
N ASN Y 75 86.72 -1.20 129.69
CA ASN Y 75 87.53 -1.37 130.89
C ASN Y 75 86.87 -2.28 131.94
N SER Y 76 86.23 -3.35 131.52
CA SER Y 76 85.57 -4.27 132.45
C SER Y 76 86.15 -5.67 132.43
N ASP Y 77 86.46 -6.22 131.25
CA ASP Y 77 86.99 -7.56 131.13
C ASP Y 77 88.51 -7.51 131.20
N THR Y 78 89.07 -7.94 132.34
CA THR Y 78 90.52 -7.89 132.51
C THR Y 78 91.19 -9.13 131.94
N VAL Y 79 90.56 -10.30 132.06
CA VAL Y 79 91.15 -11.51 131.53
C VAL Y 79 91.15 -11.54 130.01
N LEU Y 80 90.26 -10.76 129.37
CA LEU Y 80 90.29 -10.66 127.92
C LEU Y 80 91.54 -9.92 127.45
N VAL Y 81 91.89 -8.82 128.13
CA VAL Y 81 93.12 -8.11 127.79
C VAL Y 81 94.34 -8.97 128.04
N HIS Y 82 94.31 -9.74 129.15
CA HIS Y 82 95.42 -10.66 129.43
C HIS Y 82 95.56 -11.71 128.34
N ARG Y 83 94.45 -12.17 127.75
CA ARG Y 83 94.52 -13.12 126.65
C ARG Y 83 94.96 -12.45 125.36
N VAL Y 84 94.45 -11.24 125.08
CA VAL Y 84 94.87 -10.52 123.89
C VAL Y 84 96.33 -10.11 123.99
N HIS Y 85 96.75 -9.66 125.19
CA HIS Y 85 98.16 -9.34 125.39
C HIS Y 85 99.04 -10.57 125.17
N SER Y 86 98.62 -11.71 125.72
CA SER Y 86 99.40 -12.94 125.55
C SER Y 86 99.45 -13.37 124.10
N TYR Y 87 98.32 -13.26 123.39
CA TYR Y 87 98.31 -13.63 121.97
C TYR Y 87 99.28 -12.75 121.17
N LEU Y 88 99.32 -11.46 121.46
CA LEU Y 88 100.20 -10.56 120.72
C LEU Y 88 101.64 -10.63 121.20
N GLU Y 89 101.86 -10.97 122.48
CA GLU Y 89 103.21 -11.01 123.02
C GLU Y 89 103.94 -12.27 122.58
N ARG Y 90 103.28 -13.43 122.68
CA ARG Y 90 103.92 -14.68 122.29
C ARG Y 90 104.26 -14.69 120.81
N HIS Y 91 103.25 -14.44 119.97
CA HIS Y 91 103.41 -14.55 118.52
C HIS Y 91 104.28 -13.45 117.92
N GLY Y 92 104.88 -12.59 118.74
CA GLY Y 92 105.81 -11.60 118.24
C GLY Y 92 105.17 -10.37 117.64
N LEU Y 93 104.05 -9.91 118.20
CA LEU Y 93 103.38 -8.71 117.73
C LEU Y 93 103.49 -7.53 118.70
N ILE Y 94 103.55 -7.78 120.01
CA ILE Y 94 103.86 -6.76 121.00
C ILE Y 94 104.94 -7.31 121.91
N ASN Y 95 105.64 -6.39 122.58
CA ASN Y 95 106.77 -6.71 123.45
C ASN Y 95 107.77 -7.62 122.72
N PHE Y 96 108.26 -7.09 121.59
CA PHE Y 96 109.11 -7.84 120.68
C PHE Y 96 110.30 -6.99 120.28
N GLY Y 97 111.47 -7.61 120.23
CA GLY Y 97 112.70 -6.90 119.91
C GLY Y 97 113.48 -6.55 121.17
N ILE Y 98 113.95 -5.31 121.23
CA ILE Y 98 114.71 -4.81 122.39
C ILE Y 98 113.91 -3.66 122.99
N TYR Y 99 113.51 -3.82 124.26
CA TYR Y 99 112.68 -2.83 124.92
C TYR Y 99 113.00 -2.82 126.41
N LYS Y 100 112.74 -1.67 127.04
CA LYS Y 100 112.92 -1.55 128.48
C LYS Y 100 111.90 -2.42 129.20
N ARG Y 101 112.39 -3.34 130.03
CA ARG Y 101 111.53 -4.31 130.70
C ARG Y 101 111.13 -3.77 132.07
N ILE Y 102 109.83 -3.57 132.27
CA ILE Y 102 109.33 -3.06 133.55
C ILE Y 102 109.24 -4.18 134.57
N LYS Y 103 108.44 -5.19 134.28
CA LYS Y 103 108.32 -6.35 135.17
C LYS Y 103 109.57 -7.21 135.04
N PRO Y 104 110.28 -7.49 136.13
CA PRO Y 104 111.53 -8.26 136.02
C PRO Y 104 111.26 -9.70 135.62
N LEU Y 105 112.28 -10.30 135.03
CA LEU Y 105 112.20 -11.70 134.61
C LEU Y 105 112.12 -12.61 135.83
N PRO Y 106 111.46 -13.75 135.70
CA PRO Y 106 111.38 -14.69 136.84
C PRO Y 106 112.76 -15.26 137.17
N THR Y 107 113.10 -15.22 138.46
CA THR Y 107 114.41 -15.69 138.89
C THR Y 107 114.59 -17.19 138.73
N LYS Y 108 113.50 -17.95 138.68
CA LYS Y 108 113.55 -19.39 138.45
C LYS Y 108 112.88 -19.70 137.12
N LYS Y 109 113.62 -20.34 136.22
CA LYS Y 109 113.14 -20.61 134.87
C LYS Y 109 112.48 -21.98 134.82
N THR Y 110 111.66 -22.17 133.79
CA THR Y 110 110.92 -23.42 133.59
C THR Y 110 111.21 -23.94 132.18
N GLY Y 111 111.72 -25.17 132.11
CA GLY Y 111 112.03 -25.78 130.84
C GLY Y 111 113.40 -25.38 130.32
N LYS Y 112 113.91 -26.20 129.40
CA LYS Y 112 115.21 -25.98 128.79
C LYS Y 112 115.10 -26.20 127.29
N VAL Y 113 115.49 -25.20 126.51
CA VAL Y 113 115.40 -25.25 125.05
C VAL Y 113 116.77 -24.93 124.48
N ILE Y 114 117.23 -25.77 123.55
CA ILE Y 114 118.50 -25.58 122.86
C ILE Y 114 118.23 -25.07 121.46
N ILE Y 115 118.82 -23.94 121.11
CA ILE Y 115 118.67 -23.34 119.79
C ILE Y 115 119.94 -23.61 118.99
N ILE Y 116 119.80 -24.28 117.85
CA ILE Y 116 120.93 -24.63 117.00
C ILE Y 116 121.20 -23.46 116.07
N GLY Y 117 122.29 -22.74 116.32
CA GLY Y 117 122.66 -21.61 115.49
C GLY Y 117 122.24 -20.27 116.08
N SER Y 118 123.20 -19.36 116.24
CA SER Y 118 122.93 -18.03 116.80
C SER Y 118 122.68 -17.00 115.72
N GLY Y 119 122.02 -17.38 114.63
CA GLY Y 119 121.71 -16.44 113.58
C GLY Y 119 120.59 -15.49 113.98
N VAL Y 120 120.08 -14.78 112.98
CA VAL Y 120 118.99 -13.83 113.22
C VAL Y 120 117.77 -14.57 113.75
N SER Y 121 117.54 -15.79 113.27
CA SER Y 121 116.44 -16.60 113.79
C SER Y 121 116.74 -17.09 115.20
N GLY Y 122 117.97 -17.56 115.44
CA GLY Y 122 118.33 -18.05 116.76
C GLY Y 122 118.36 -16.95 117.80
N LEU Y 123 118.82 -15.76 117.42
CA LEU Y 123 118.86 -14.65 118.35
C LEU Y 123 117.45 -14.13 118.66
N ALA Y 124 116.59 -14.07 117.64
CA ALA Y 124 115.20 -13.68 117.89
C ALA Y 124 114.46 -14.73 118.71
N ALA Y 125 114.80 -16.00 118.52
CA ALA Y 125 114.17 -17.06 119.30
C ALA Y 125 114.61 -16.99 120.76
N ALA Y 126 115.89 -16.74 121.00
CA ALA Y 126 116.38 -16.61 122.37
C ALA Y 126 115.87 -15.34 123.03
N ARG Y 127 115.58 -14.30 122.23
CA ARG Y 127 115.04 -13.07 122.80
C ARG Y 127 113.63 -13.27 123.34
N GLN Y 128 112.80 -14.03 122.61
CA GLN Y 128 111.44 -14.27 123.06
C GLN Y 128 111.39 -15.29 124.19
N LEU Y 129 112.16 -16.38 124.08
CA LEU Y 129 112.09 -17.44 125.08
C LEU Y 129 112.63 -16.99 126.44
N GLN Y 130 113.66 -16.14 126.45
CA GLN Y 130 114.15 -15.63 127.73
C GLN Y 130 113.19 -14.62 128.34
N SER Y 131 112.54 -13.80 127.50
CA SER Y 131 111.51 -12.90 128.00
C SER Y 131 110.30 -13.65 128.52
N PHE Y 132 110.12 -14.91 128.12
CA PHE Y 132 109.00 -15.72 128.59
C PHE Y 132 109.32 -16.45 129.89
N GLY Y 133 110.61 -16.63 130.21
CA GLY Y 133 110.99 -17.24 131.47
C GLY Y 133 111.49 -18.67 131.33
N MET Y 134 112.22 -18.95 130.26
CA MET Y 134 112.76 -20.28 130.01
C MET Y 134 114.27 -20.22 129.89
N ASP Y 135 114.91 -21.36 130.13
CA ASP Y 135 116.36 -21.48 130.06
C ASP Y 135 116.76 -21.76 128.62
N VAL Y 136 117.62 -20.92 128.06
CA VAL Y 136 117.99 -20.98 126.65
C VAL Y 136 119.51 -20.99 126.54
N THR Y 137 120.02 -21.86 125.66
CA THR Y 137 121.44 -21.92 125.35
C THR Y 137 121.60 -22.10 123.85
N LEU Y 138 122.37 -21.22 123.23
CA LEU Y 138 122.59 -21.23 121.80
C LEU Y 138 123.89 -21.95 121.45
N LEU Y 139 123.90 -22.59 120.28
CA LEU Y 139 125.05 -23.34 119.81
C LEU Y 139 125.38 -22.88 118.39
N GLU Y 140 126.42 -22.07 118.26
CA GLU Y 140 126.83 -21.51 116.97
C GLU Y 140 128.17 -22.10 116.57
N ALA Y 141 128.29 -22.51 115.30
CA ALA Y 141 129.54 -23.03 114.79
C ALA Y 141 130.50 -21.91 114.40
N ARG Y 142 129.98 -20.78 113.94
CA ARG Y 142 130.82 -19.65 113.59
C ARG Y 142 131.41 -19.01 114.84
N ASP Y 143 132.39 -18.12 114.63
CA ASP Y 143 132.97 -17.34 115.71
C ASP Y 143 132.27 -16.00 115.90
N ARG Y 144 131.00 -15.90 115.48
CA ARG Y 144 130.25 -14.66 115.57
C ARG Y 144 128.77 -15.00 115.56
N VAL Y 145 127.93 -13.97 115.61
CA VAL Y 145 126.48 -14.14 115.57
C VAL Y 145 125.96 -13.60 114.24
N GLY Y 146 124.67 -13.77 113.99
CA GLY Y 146 124.04 -13.33 112.76
C GLY Y 146 124.03 -14.37 111.66
N GLY Y 147 125.05 -15.22 111.60
CA GLY Y 147 125.11 -16.27 110.60
C GLY Y 147 125.25 -15.74 109.18
N ARG Y 148 124.15 -15.73 108.45
CA ARG Y 148 124.14 -15.23 107.07
C ARG Y 148 124.10 -13.70 107.00
N VAL Y 149 124.36 -13.01 108.10
CA VAL Y 149 124.48 -11.57 108.13
C VAL Y 149 125.93 -11.26 108.49
N ALA Y 150 126.75 -10.99 107.47
CA ALA Y 150 128.16 -10.72 107.66
C ALA Y 150 128.48 -9.32 107.15
N THR Y 151 129.13 -8.52 108.00
CA THR Y 151 129.49 -7.14 107.68
C THR Y 151 130.99 -6.99 107.79
N PHE Y 152 131.64 -6.65 106.69
CA PHE Y 152 133.08 -6.42 106.67
C PHE Y 152 133.37 -5.06 107.28
N ARG Y 153 134.04 -5.05 108.44
CA ARG Y 153 134.40 -3.83 109.14
C ARG Y 153 135.91 -3.79 109.31
N LYS Y 154 136.54 -2.71 108.82
CA LYS Y 154 137.98 -2.55 108.92
C LYS Y 154 138.30 -1.06 108.88
N GLY Y 155 138.72 -0.52 110.01
CA GLY Y 155 138.99 0.91 110.12
C GLY Y 155 137.73 1.74 109.95
N ASN Y 156 137.57 2.36 108.78
CA ASN Y 156 136.36 3.09 108.44
C ASN Y 156 135.57 2.43 107.32
N TYR Y 157 136.08 1.35 106.74
CA TYR Y 157 135.39 0.65 105.66
C TYR Y 157 134.35 -0.29 106.24
N VAL Y 158 133.09 -0.08 105.89
CA VAL Y 158 131.98 -0.91 106.32
C VAL Y 158 131.21 -1.35 105.09
N ALA Y 159 130.95 -2.65 104.97
CA ALA Y 159 130.23 -3.18 103.82
C ALA Y 159 129.61 -4.52 104.20
N ASP Y 160 128.34 -4.70 103.84
CA ASP Y 160 127.63 -5.93 104.16
C ASP Y 160 127.93 -6.99 103.09
N LEU Y 161 128.50 -8.12 103.51
CA LEU Y 161 128.73 -9.23 102.59
C LEU Y 161 127.46 -9.98 102.27
N GLY Y 162 126.42 -9.84 103.08
CA GLY Y 162 125.14 -10.46 102.81
C GLY Y 162 124.09 -9.46 102.39
N ALA Y 163 122.90 -9.57 102.97
CA ALA Y 163 121.82 -8.67 102.63
C ALA Y 163 121.96 -7.34 103.36
N MET Y 164 121.48 -6.29 102.73
CA MET Y 164 121.66 -4.93 103.24
C MET Y 164 120.54 -4.02 102.75
N VAL Y 165 119.79 -4.47 101.76
CA VAL Y 165 118.75 -3.67 101.13
C VAL Y 165 117.44 -3.93 101.86
N VAL Y 166 117.05 -3.01 102.73
CA VAL Y 166 115.76 -3.12 103.41
C VAL Y 166 114.64 -2.88 102.41
N THR Y 167 113.72 -3.85 102.32
CA THR Y 167 112.62 -3.78 101.37
C THR Y 167 111.44 -3.00 101.96
N GLY Y 168 111.72 -1.75 102.30
CA GLY Y 168 110.69 -0.87 102.84
C GLY Y 168 110.36 -1.16 104.29
N LEU Y 169 109.81 -0.16 104.99
CA LEU Y 169 109.44 -0.31 106.38
C LEU Y 169 107.94 -0.44 106.58
N GLY Y 170 107.13 -0.22 105.54
CA GLY Y 170 105.69 -0.35 105.65
C GLY Y 170 105.25 -1.78 105.80
N GLY Y 171 104.84 -2.16 107.01
CA GLY Y 171 104.48 -3.54 107.27
C GLY Y 171 105.65 -4.44 107.58
N ASN Y 172 106.82 -3.87 107.89
CA ASN Y 172 108.02 -4.63 108.19
C ASN Y 172 108.34 -4.48 109.67
N PRO Y 173 108.54 -5.58 110.40
CA PRO Y 173 109.02 -5.46 111.78
C PRO Y 173 110.39 -4.80 111.90
N MET Y 174 111.10 -4.61 110.79
CA MET Y 174 112.36 -3.87 110.83
C MET Y 174 112.16 -2.40 111.15
N ALA Y 175 110.97 -1.85 110.89
CA ALA Y 175 110.69 -0.47 111.28
C ALA Y 175 110.74 -0.31 112.79
N VAL Y 176 110.34 -1.33 113.54
CA VAL Y 176 110.43 -1.28 114.99
C VAL Y 176 111.86 -1.56 115.45
N VAL Y 177 112.54 -2.49 114.77
CA VAL Y 177 113.92 -2.80 115.11
C VAL Y 177 114.81 -1.58 114.91
N SER Y 178 114.57 -0.82 113.84
CA SER Y 178 115.30 0.42 113.62
C SER Y 178 114.98 1.44 114.72
N LYS Y 179 113.76 1.43 115.25
CA LYS Y 179 113.44 2.32 116.35
C LYS Y 179 113.98 1.80 117.67
N GLN Y 180 114.41 0.55 117.71
CA GLN Y 180 114.96 -0.07 118.91
C GLN Y 180 116.48 -0.23 118.86
N VAL Y 181 117.01 -0.62 117.71
CA VAL Y 181 118.45 -0.80 117.53
C VAL Y 181 119.00 0.41 116.78
N ASN Y 182 120.21 0.84 117.15
CA ASN Y 182 120.84 1.99 116.51
C ASN Y 182 121.09 1.70 115.03
N MET Y 183 120.03 1.75 114.22
CA MET Y 183 120.13 1.55 112.79
C MET Y 183 120.08 2.90 112.08
N GLU Y 184 120.97 3.08 111.12
CA GLU Y 184 121.00 4.28 110.28
C GLU Y 184 120.56 3.87 108.89
N LEU Y 185 119.35 4.28 108.50
CA LEU Y 185 118.73 3.86 107.25
C LEU Y 185 118.88 4.95 106.19
N ALA Y 186 119.35 4.55 105.01
CA ALA Y 186 119.53 5.47 103.89
C ALA Y 186 118.73 4.97 102.69
N LYS Y 187 118.05 5.89 102.02
CA LYS Y 187 117.21 5.54 100.89
C LYS Y 187 118.05 5.19 99.66
N ILE Y 188 117.46 4.39 98.77
CA ILE Y 188 118.11 3.96 97.54
C ILE Y 188 117.50 4.75 96.38
N LYS Y 189 118.34 5.48 95.66
CA LYS Y 189 117.92 6.14 94.43
C LYS Y 189 117.88 5.10 93.33
N GLN Y 190 116.67 4.76 92.87
CA GLN Y 190 116.49 3.67 91.92
C GLN Y 190 117.02 3.99 90.52
N LYS Y 191 117.62 5.16 90.32
CA LYS Y 191 118.25 5.48 89.04
C LYS Y 191 119.49 4.62 88.86
N CYS Y 192 119.44 3.67 87.92
CA CYS Y 192 120.53 2.73 87.68
C CYS Y 192 120.96 2.79 86.22
N PRO Y 193 122.06 3.47 85.91
CA PRO Y 193 122.51 3.52 84.51
C PRO Y 193 123.22 2.23 84.11
N LEU Y 194 123.37 2.07 82.79
CA LEU Y 194 124.03 0.92 82.21
C LEU Y 194 125.09 1.41 81.23
N TYR Y 195 126.34 1.07 81.47
CA TYR Y 195 127.42 1.48 80.60
C TYR Y 195 127.64 0.45 79.49
N GLU Y 196 128.52 0.80 78.56
CA GLU Y 196 128.71 -0.02 77.37
C GLU Y 196 130.15 -0.46 77.21
N ALA Y 197 130.59 -0.61 75.97
CA ALA Y 197 131.96 -1.01 75.69
C ALA Y 197 132.43 -0.51 74.33
N ASN Y 198 132.49 0.80 74.15
CA ASN Y 198 132.95 1.41 72.91
C ASN Y 198 134.36 1.96 73.09
N GLY Y 199 134.88 2.59 72.04
CA GLY Y 199 136.22 3.15 72.08
C GLY Y 199 136.51 4.09 70.93
N GLN Y 200 135.51 4.85 70.53
CA GLN Y 200 135.66 5.83 69.46
C GLN Y 200 135.93 7.21 70.04
N ALA Y 201 136.00 8.21 69.16
CA ALA Y 201 136.28 9.59 69.55
C ALA Y 201 135.01 10.43 69.64
N VAL Y 202 134.20 10.46 68.59
CA VAL Y 202 132.98 11.24 68.55
C VAL Y 202 131.86 10.38 67.98
N PRO Y 203 130.82 10.07 68.75
CA PRO Y 203 129.70 9.30 68.22
C PRO Y 203 128.77 10.18 67.40
N LYS Y 204 127.84 9.52 66.71
CA LYS Y 204 126.86 10.22 65.88
C LYS Y 204 125.42 9.85 66.22
N GLU Y 205 125.14 8.58 66.49
CA GLU Y 205 123.79 8.14 66.82
C GLU Y 205 123.55 8.12 68.34
N LYS Y 206 123.87 9.23 68.99
CA LYS Y 206 123.71 9.36 70.44
C LYS Y 206 122.31 9.90 70.77
N ASP Y 207 121.33 9.04 70.55
CA ASP Y 207 119.93 9.38 70.82
C ASP Y 207 119.20 8.15 71.35
N GLU Y 208 118.06 8.39 71.97
CA GLU Y 208 117.24 7.31 72.52
C GLU Y 208 116.63 6.51 71.38
N MET Y 209 117.28 5.39 71.04
CA MET Y 209 116.78 4.51 69.97
C MET Y 209 116.77 3.07 70.45
N VAL Y 210 117.61 2.74 71.43
CA VAL Y 210 117.65 1.41 71.99
C VAL Y 210 117.12 1.35 73.43
N GLU Y 211 117.27 2.43 74.20
CA GLU Y 211 116.83 2.41 75.59
C GLU Y 211 115.30 2.39 75.69
N GLN Y 212 114.62 3.07 74.77
CA GLN Y 212 113.16 3.06 74.78
C GLN Y 212 112.62 1.69 74.40
N GLU Y 213 113.31 0.96 73.52
CA GLU Y 213 112.91 -0.41 73.22
C GLU Y 213 113.19 -1.35 74.38
N PHE Y 214 114.25 -1.07 75.15
CA PHE Y 214 114.55 -1.89 76.31
C PHE Y 214 113.45 -1.80 77.35
N ASN Y 215 112.96 -0.58 77.62
CA ASN Y 215 111.88 -0.40 78.57
C ASN Y 215 110.59 -1.07 78.08
N ARG Y 216 110.34 -1.02 76.78
CA ARG Y 216 109.19 -1.72 76.23
C ARG Y 216 109.33 -3.24 76.37
N LEU Y 217 110.56 -3.75 76.27
CA LEU Y 217 110.80 -5.16 76.47
C LEU Y 217 110.81 -5.53 77.94
N LEU Y 218 111.16 -4.58 78.82
CA LEU Y 218 111.01 -4.81 80.25
C LEU Y 218 109.55 -5.05 80.61
N GLU Y 219 108.64 -4.28 80.01
CA GLU Y 219 107.21 -4.49 80.26
C GLU Y 219 106.69 -5.71 79.53
N ALA Y 220 107.26 -6.03 78.37
CA ALA Y 220 106.82 -7.22 77.62
C ALA Y 220 107.16 -8.49 78.38
N THR Y 221 108.39 -8.61 78.87
CA THR Y 221 108.78 -9.77 79.65
C THR Y 221 108.15 -9.78 81.04
N SER Y 222 107.68 -8.62 81.52
CA SER Y 222 107.09 -8.56 82.85
C SER Y 222 105.75 -9.30 82.90
N TYR Y 223 104.91 -9.09 81.88
CA TYR Y 223 103.61 -9.75 81.84
C TYR Y 223 103.65 -11.09 81.11
N LEU Y 224 104.63 -11.31 80.24
CA LEU Y 224 104.77 -12.61 79.58
C LEU Y 224 105.18 -13.66 80.59
N SER Y 225 104.29 -13.93 81.55
CA SER Y 225 104.52 -14.86 82.64
C SER Y 225 103.21 -15.07 83.38
N HIS Y 226 103.28 -15.40 84.67
CA HIS Y 226 102.10 -15.52 85.52
C HIS Y 226 101.06 -16.45 84.92
N GLN Y 227 100.25 -15.92 84.00
CA GLN Y 227 99.13 -16.64 83.40
C GLN Y 227 99.66 -17.67 82.41
N LEU Y 228 100.13 -18.79 82.96
CA LEU Y 228 100.58 -19.95 82.17
C LEU Y 228 100.20 -21.19 82.97
N ASP Y 229 98.96 -21.64 82.81
CA ASP Y 229 98.47 -22.79 83.57
C ASP Y 229 99.14 -24.08 83.13
N PHE Y 230 99.12 -24.37 81.84
CA PHE Y 230 99.76 -25.57 81.30
C PHE Y 230 101.27 -25.34 81.25
N ASN Y 231 101.96 -25.83 82.26
CA ASN Y 231 103.42 -25.77 82.33
C ASN Y 231 104.04 -27.17 82.33
N VAL Y 232 103.57 -28.05 83.21
CA VAL Y 232 104.06 -29.42 83.25
C VAL Y 232 103.37 -30.21 82.15
N LEU Y 233 103.90 -30.12 80.93
CA LEU Y 233 103.32 -30.85 79.81
C LEU Y 233 103.57 -32.34 79.97
N ASN Y 234 102.74 -33.14 79.29
CA ASN Y 234 102.82 -34.59 79.40
C ASN Y 234 104.14 -35.10 78.82
N ASN Y 235 104.76 -36.04 79.55
CA ASN Y 235 106.02 -36.67 79.18
C ASN Y 235 107.19 -35.70 79.08
N LYS Y 236 106.99 -34.45 79.50
CA LYS Y 236 108.05 -33.44 79.43
C LYS Y 236 108.35 -32.90 80.83
N PRO Y 237 109.52 -33.19 81.38
CA PRO Y 237 109.87 -32.61 82.69
C PRO Y 237 110.15 -31.12 82.57
N VAL Y 238 110.09 -30.44 83.71
CA VAL Y 238 110.35 -29.00 83.73
C VAL Y 238 111.81 -28.72 83.40
N SER Y 239 112.73 -29.52 83.94
CA SER Y 239 114.17 -29.40 83.70
C SER Y 239 114.59 -28.00 84.13
N LEU Y 240 115.34 -27.26 83.31
CA LEU Y 240 115.76 -25.90 83.65
C LEU Y 240 115.50 -24.99 82.47
N GLY Y 241 115.06 -23.76 82.77
CA GLY Y 241 114.81 -22.78 81.74
C GLY Y 241 113.64 -23.09 80.84
N GLN Y 242 112.61 -23.75 81.36
CA GLN Y 242 111.44 -24.06 80.53
C GLN Y 242 110.68 -22.79 80.19
N ALA Y 243 110.39 -21.96 81.19
CA ALA Y 243 109.66 -20.72 80.95
C ALA Y 243 110.42 -19.80 80.02
N LEU Y 244 111.75 -19.72 80.19
CA LEU Y 244 112.55 -18.83 79.37
C LEU Y 244 112.65 -19.33 77.93
N GLU Y 245 112.76 -20.65 77.75
CA GLU Y 245 112.83 -21.20 76.40
C GLU Y 245 111.52 -21.06 75.65
N VAL Y 246 110.38 -21.15 76.36
CA VAL Y 246 109.09 -20.92 75.74
C VAL Y 246 108.95 -19.47 75.31
N VAL Y 247 109.47 -18.55 76.13
CA VAL Y 247 109.45 -17.13 75.76
C VAL Y 247 110.21 -16.90 74.46
N ILE Y 248 111.42 -17.46 74.37
CA ILE Y 248 112.24 -17.26 73.17
C ILE Y 248 111.55 -17.84 71.95
N GLN Y 249 110.99 -19.05 72.07
CA GLN Y 249 110.36 -19.69 70.92
C GLN Y 249 109.07 -18.99 70.52
N LEU Y 250 108.37 -18.38 71.48
CA LEU Y 250 107.16 -17.64 71.13
C LEU Y 250 107.46 -16.31 70.47
N GLN Y 251 108.56 -15.66 70.84
CA GLN Y 251 108.94 -14.42 70.18
C GLN Y 251 109.43 -14.67 68.76
N GLU Y 252 110.15 -15.77 68.56
CA GLU Y 252 110.56 -16.14 67.20
C GLU Y 252 109.35 -16.52 66.35
N LYS Y 253 108.38 -17.22 66.95
CA LYS Y 253 107.17 -17.58 66.23
C LYS Y 253 106.31 -16.35 65.94
N HIS Y 254 106.31 -15.37 66.83
CA HIS Y 254 105.55 -14.14 66.59
C HIS Y 254 106.15 -13.34 65.45
N VAL Y 255 107.48 -13.22 65.42
CA VAL Y 255 108.13 -12.56 64.29
C VAL Y 255 107.91 -13.35 63.02
N LYS Y 256 107.89 -14.68 63.13
CA LYS Y 256 107.61 -15.52 61.97
C LYS Y 256 106.20 -15.29 61.44
N ASP Y 257 105.21 -15.29 62.35
CA ASP Y 257 103.83 -15.08 61.93
C ASP Y 257 103.60 -13.67 61.39
N GLU Y 258 104.31 -12.68 61.93
CA GLU Y 258 104.20 -11.32 61.40
C GLU Y 258 104.73 -11.23 59.98
N GLN Y 259 105.75 -12.02 59.64
CA GLN Y 259 106.26 -12.03 58.28
C GLN Y 259 105.31 -12.78 57.35
N ILE Y 260 104.80 -13.93 57.78
CA ILE Y 260 103.87 -14.70 56.97
C ILE Y 260 102.62 -13.88 56.65
N GLU Y 261 102.07 -13.22 57.68
CA GLU Y 261 100.89 -12.39 57.46
C GLU Y 261 101.18 -11.22 56.54
N HIS Y 262 102.41 -10.71 56.54
CA HIS Y 262 102.76 -9.62 55.65
C HIS Y 262 102.85 -10.09 54.20
N TRP Y 263 103.51 -11.23 53.97
CA TRP Y 263 103.59 -11.76 52.61
C TRP Y 263 102.23 -12.28 52.13
N LYS Y 264 101.37 -12.71 53.06
CA LYS Y 264 100.02 -13.09 52.67
C LYS Y 264 99.18 -11.88 52.30
N LYS Y 265 99.41 -10.73 52.94
CA LYS Y 265 98.76 -9.50 52.51
C LYS Y 265 99.27 -9.04 51.15
N ILE Y 266 100.52 -9.36 50.82
CA ILE Y 266 101.07 -8.99 49.52
C ILE Y 266 100.47 -9.85 48.42
N VAL Y 267 100.50 -11.17 48.61
CA VAL Y 267 99.94 -12.07 47.61
C VAL Y 267 98.43 -11.92 47.48
N LYS Y 268 97.76 -11.40 48.52
CA LYS Y 268 96.33 -11.14 48.41
C LYS Y 268 96.06 -9.95 47.52
N THR Y 269 96.84 -8.87 47.67
CA THR Y 269 96.67 -7.71 46.81
C THR Y 269 97.19 -7.96 45.40
N GLN Y 270 98.24 -8.77 45.27
CA GLN Y 270 98.73 -9.12 43.94
C GLN Y 270 97.72 -9.97 43.17
N GLU Y 271 96.99 -10.84 43.86
CA GLU Y 271 95.94 -11.62 43.20
C GLU Y 271 94.78 -10.73 42.78
N GLU Y 272 94.44 -9.73 43.61
CA GLU Y 272 93.44 -8.74 43.19
C GLU Y 272 93.95 -7.96 41.99
N LEU Y 273 95.25 -7.67 41.95
CA LEU Y 273 95.84 -7.03 40.78
C LEU Y 273 95.79 -7.95 39.57
N LYS Y 274 96.03 -9.26 39.79
CA LYS Y 274 96.03 -10.20 38.67
C LYS Y 274 94.64 -10.31 38.05
N GLU Y 275 93.59 -10.30 38.88
CA GLU Y 275 92.23 -10.39 38.34
C GLU Y 275 91.82 -9.09 37.66
N LEU Y 276 92.23 -7.95 38.19
CA LEU Y 276 91.92 -6.68 37.55
C LEU Y 276 92.66 -6.53 36.23
N LEU Y 277 93.91 -7.02 36.17
CA LEU Y 277 94.67 -6.93 34.92
C LEU Y 277 94.13 -7.91 33.88
N ASN Y 278 93.61 -9.05 34.31
CA ASN Y 278 92.97 -9.98 33.37
C ASN Y 278 91.68 -9.39 32.82
N LYS Y 279 90.94 -8.63 33.64
CA LYS Y 279 89.73 -7.98 33.15
C LYS Y 279 90.04 -6.86 32.18
N MET Y 280 91.20 -6.20 32.36
CA MET Y 280 91.59 -5.15 31.42
C MET Y 280 92.04 -5.72 30.08
N VAL Y 281 92.61 -6.92 30.08
CA VAL Y 281 92.95 -7.58 28.83
C VAL Y 281 91.70 -7.90 28.03
N ASN Y 282 90.72 -8.53 28.68
CA ASN Y 282 89.47 -8.87 28.00
C ASN Y 282 88.72 -7.62 27.56
N LEU Y 283 88.79 -6.55 28.33
CA LEU Y 283 88.08 -5.33 27.96
C LEU Y 283 88.79 -4.61 26.81
N LYS Y 284 90.12 -4.64 26.80
CA LYS Y 284 90.85 -4.01 25.70
C LYS Y 284 90.60 -4.74 24.39
N GLU Y 285 90.48 -6.08 24.45
CA GLU Y 285 90.16 -6.83 23.24
C GLU Y 285 88.75 -6.50 22.74
N LYS Y 286 87.82 -6.25 23.67
CA LYS Y 286 86.47 -5.86 23.26
C LYS Y 286 86.47 -4.45 22.68
N ILE Y 287 87.31 -3.57 23.21
CA ILE Y 287 87.42 -2.22 22.66
C ILE Y 287 88.00 -2.25 21.27
N LYS Y 288 89.02 -3.09 21.05
CA LYS Y 288 89.63 -3.20 19.73
C LYS Y 288 88.66 -3.77 18.72
N GLU Y 289 87.82 -4.72 19.14
CA GLU Y 289 86.85 -5.30 18.22
C GLU Y 289 85.71 -4.34 17.94
N LEU Y 290 85.21 -3.65 18.97
CA LEU Y 290 84.11 -2.71 18.78
C LEU Y 290 84.53 -1.51 17.96
N HIS Y 291 85.79 -1.08 18.09
CA HIS Y 291 86.28 0.00 17.23
C HIS Y 291 86.30 -0.43 15.77
N GLN Y 292 86.80 -1.64 15.50
CA GLN Y 292 86.81 -2.16 14.14
C GLN Y 292 85.40 -2.32 13.59
N GLN Y 293 84.43 -2.59 14.46
CA GLN Y 293 83.05 -2.75 14.00
C GLN Y 293 82.44 -1.42 13.61
N TYR Y 294 82.74 -0.35 14.35
CA TYR Y 294 82.13 0.95 14.04
C TYR Y 294 82.88 1.66 12.92
N LYS Y 295 84.20 1.48 12.83
CA LYS Y 295 84.94 1.98 11.68
C LYS Y 295 84.42 1.41 10.37
N GLU Y 296 83.79 0.23 10.42
CA GLU Y 296 83.09 -0.32 9.27
C GLU Y 296 81.61 0.05 9.25
N ALA Y 297 81.02 0.36 10.39
CA ALA Y 297 79.61 0.71 10.47
C ALA Y 297 79.35 2.20 10.30
N SER Y 298 80.35 3.05 10.48
CA SER Y 298 80.20 4.48 10.28
C SER Y 298 80.42 4.90 8.84
N GLU Y 299 80.76 3.96 7.95
CA GLU Y 299 81.00 4.30 6.56
C GLU Y 299 79.69 4.47 5.78
N VAL Y 300 78.63 3.77 6.20
CA VAL Y 300 77.33 3.94 5.55
C VAL Y 300 76.80 5.34 5.86
N LYS Y 301 76.39 6.06 4.82
CA LYS Y 301 76.00 7.44 4.96
C LYS Y 301 74.50 7.62 4.69
N PRO Y 302 73.88 8.64 5.28
CA PRO Y 302 72.45 8.87 5.04
C PRO Y 302 72.18 9.23 3.60
N PRO Y 303 70.94 9.06 3.11
CA PRO Y 303 69.78 8.56 3.86
C PRO Y 303 69.73 7.03 4.00
N ARG Y 304 69.51 6.58 5.23
CA ARG Y 304 69.33 5.16 5.52
C ARG Y 304 68.10 4.99 6.40
N ASP Y 305 67.59 3.76 6.44
CA ASP Y 305 66.37 3.48 7.19
C ASP Y 305 66.61 3.67 8.69
N ILE Y 306 65.52 3.62 9.46
CA ILE Y 306 65.58 3.94 10.87
C ILE Y 306 66.36 2.89 11.66
N THR Y 307 66.45 1.66 11.16
CA THR Y 307 67.17 0.62 11.89
C THR Y 307 68.68 0.76 11.72
N ALA Y 308 69.14 1.17 10.54
CA ALA Y 308 70.57 1.43 10.36
C ALA Y 308 71.01 2.62 11.19
N GLU Y 309 70.19 3.68 11.23
CA GLU Y 309 70.48 4.79 12.12
C GLU Y 309 70.41 4.35 13.58
N PHE Y 310 69.47 3.46 13.90
CA PHE Y 310 69.40 2.91 15.25
C PHE Y 310 70.62 2.06 15.57
N LEU Y 311 71.10 1.29 14.59
CA LEU Y 311 72.25 0.43 14.84
C LEU Y 311 73.53 1.24 15.04
N VAL Y 312 73.66 2.35 14.31
CA VAL Y 312 74.86 3.19 14.47
C VAL Y 312 74.83 3.91 15.81
N LYS Y 313 73.68 4.47 16.19
CA LYS Y 313 73.58 5.15 17.49
C LYS Y 313 73.75 4.16 18.64
N SER Y 314 73.25 2.94 18.48
CA SER Y 314 73.36 1.94 19.54
C SER Y 314 74.81 1.52 19.75
N LYS Y 315 75.49 1.11 18.68
CA LYS Y 315 76.90 0.72 18.80
C LYS Y 315 77.79 1.89 19.18
N HIS Y 316 77.33 3.13 19.00
CA HIS Y 316 78.14 4.28 19.33
C HIS Y 316 78.27 4.43 20.84
N ARG Y 317 77.16 4.37 21.57
CA ARG Y 317 77.20 4.54 23.02
C ARG Y 317 77.60 3.25 23.72
N ASP Y 318 77.31 2.09 23.12
CA ASP Y 318 77.83 0.84 23.66
C ASP Y 318 79.35 0.84 23.70
N LEU Y 319 79.99 1.49 22.73
CA LEU Y 319 81.44 1.72 22.80
C LEU Y 319 81.77 2.82 23.79
N THR Y 320 80.93 3.85 23.88
CA THR Y 320 81.18 4.94 24.82
C THR Y 320 81.02 4.47 26.27
N ALA Y 321 80.02 3.63 26.53
CA ALA Y 321 79.79 3.15 27.89
C ALA Y 321 80.92 2.26 28.36
N LEU Y 322 81.45 1.41 27.47
CA LEU Y 322 82.57 0.55 27.86
C LEU Y 322 83.87 1.33 27.97
N CYS Y 323 84.02 2.41 27.20
CA CYS Y 323 85.16 3.30 27.40
C CYS Y 323 85.07 4.02 28.74
N LYS Y 324 83.85 4.35 29.18
CA LYS Y 324 83.68 4.91 30.52
C LYS Y 324 84.03 3.90 31.59
N GLU Y 325 83.70 2.62 31.36
CA GLU Y 325 84.09 1.57 32.30
C GLU Y 325 85.60 1.38 32.28
N TYR Y 326 86.22 1.46 31.10
CA TYR Y 326 87.67 1.33 31.01
C TYR Y 326 88.38 2.47 31.70
N ASP Y 327 87.79 3.67 31.71
CA ASP Y 327 88.41 4.79 32.39
C ASP Y 327 88.31 4.65 33.91
N GLU Y 328 87.19 4.12 34.40
CA GLU Y 328 87.03 3.92 35.84
C GLU Y 328 87.93 2.78 36.33
N LEU Y 329 88.05 1.71 35.53
CA LEU Y 329 88.99 0.65 35.87
C LEU Y 329 90.43 1.14 35.80
N ALA Y 330 90.72 2.08 34.89
CA ALA Y 330 92.05 2.69 34.87
C ALA Y 330 92.27 3.56 36.11
N GLU Y 331 91.21 4.18 36.63
CA GLU Y 331 91.32 4.92 37.89
C GLU Y 331 91.58 3.98 39.05
N THR Y 332 90.95 2.80 39.05
CA THR Y 332 91.22 1.81 40.09
C THR Y 332 92.63 1.23 39.96
N GLN Y 333 93.12 1.11 38.73
CA GLN Y 333 94.48 0.60 38.52
C GLN Y 333 95.51 1.52 39.16
N GLY Y 334 95.41 2.81 38.90
CA GLY Y 334 96.37 3.75 39.48
C GLY Y 334 96.30 3.83 40.98
N LYS Y 335 95.11 3.66 41.56
CA LYS Y 335 94.98 3.65 43.01
C LYS Y 335 95.58 2.40 43.63
N LEU Y 336 95.43 1.26 42.96
CA LEU Y 336 96.03 0.03 43.44
C LEU Y 336 97.54 -0.02 43.21
N GLU Y 337 98.01 0.66 42.15
CA GLU Y 337 99.45 0.70 41.90
C GLU Y 337 100.16 1.61 42.91
N GLU Y 338 99.56 2.76 43.23
CA GLU Y 338 100.14 3.64 44.24
C GLU Y 338 100.05 3.05 45.63
N LYS Y 339 99.09 2.13 45.86
CA LYS Y 339 99.05 1.42 47.13
C LYS Y 339 100.15 0.38 47.22
N LEU Y 340 100.43 -0.30 46.11
CA LEU Y 340 101.50 -1.29 46.10
C LEU Y 340 102.86 -0.61 46.28
N GLN Y 341 103.09 0.51 45.61
CA GLN Y 341 104.34 1.24 45.77
C GLN Y 341 104.46 1.79 47.19
N GLU Y 342 103.35 2.12 47.83
CA GLU Y 342 103.39 2.57 49.22
C GLU Y 342 103.70 1.42 50.17
N LEU Y 343 103.11 0.26 49.93
CA LEU Y 343 103.40 -0.91 50.77
C LEU Y 343 104.83 -1.39 50.58
N GLU Y 344 105.36 -1.26 49.36
CA GLU Y 344 106.75 -1.63 49.13
C GLU Y 344 107.71 -0.63 49.75
N ALA Y 345 107.36 0.65 49.75
CA ALA Y 345 108.19 1.68 50.34
C ALA Y 345 108.04 1.77 51.86
N ASN Y 346 107.05 1.08 52.43
CA ASN Y 346 106.83 1.06 53.88
C ASN Y 346 106.87 -0.39 54.36
N PRO Y 347 108.06 -0.96 54.51
CA PRO Y 347 108.17 -2.33 55.02
C PRO Y 347 107.83 -2.38 56.50
N PRO Y 348 107.11 -3.41 56.95
CA PRO Y 348 106.76 -3.49 58.38
C PRO Y 348 107.97 -3.59 59.29
N SER Y 349 108.88 -4.52 59.00
CA SER Y 349 110.08 -4.72 59.80
C SER Y 349 111.23 -3.83 59.35
N ASP Y 350 110.97 -2.85 58.49
CA ASP Y 350 111.99 -1.92 57.98
C ASP Y 350 113.09 -2.74 57.30
N VAL Y 351 114.36 -2.41 57.52
CA VAL Y 351 115.46 -3.16 56.94
C VAL Y 351 116.48 -3.48 58.03
N TYR Y 352 116.34 -2.81 59.18
CA TYR Y 352 117.23 -3.00 60.33
C TYR Y 352 118.68 -2.75 59.95
N LEU Y 353 118.91 -1.67 59.19
CA LEU Y 353 120.25 -1.28 58.75
C LEU Y 353 120.93 -2.40 57.96
N SER Y 354 120.18 -2.99 57.04
CA SER Y 354 120.69 -4.03 56.13
C SER Y 354 121.20 -5.24 56.90
N SER Y 355 120.38 -5.73 57.82
CA SER Y 355 120.66 -6.94 58.63
C SER Y 355 121.99 -6.72 59.35
N ARG Y 356 122.82 -7.75 59.48
CA ARG Y 356 124.17 -7.66 60.03
C ARG Y 356 124.17 -7.24 61.50
N ASP Y 357 123.47 -6.16 61.84
CA ASP Y 357 123.38 -5.67 63.22
C ASP Y 357 122.07 -6.19 63.82
N ARG Y 358 122.12 -7.41 64.35
CA ARG Y 358 120.97 -8.05 64.96
C ARG Y 358 121.31 -8.69 66.31
N GLN Y 359 122.58 -8.76 66.68
CA GLN Y 359 123.00 -9.40 67.93
C GLN Y 359 122.80 -8.52 69.16
N ILE Y 360 122.67 -7.21 68.97
CA ILE Y 360 122.54 -6.31 70.11
C ILE Y 360 121.30 -6.65 70.93
N LEU Y 361 120.22 -7.06 70.26
CA LEU Y 361 118.99 -7.40 70.97
C LEU Y 361 119.18 -8.62 71.86
N ASP Y 362 119.98 -9.60 71.41
CA ASP Y 362 120.18 -10.81 72.19
C ASP Y 362 121.05 -10.56 73.42
N TRP Y 363 121.97 -9.60 73.33
CA TRP Y 363 122.82 -9.29 74.49
C TRP Y 363 121.99 -8.75 75.64
N HIS Y 364 121.12 -7.78 75.36
CA HIS Y 364 120.29 -7.20 76.40
C HIS Y 364 119.18 -8.15 76.85
N PHE Y 365 118.84 -9.13 76.02
CA PHE Y 365 117.84 -10.12 76.43
C PHE Y 365 118.42 -11.08 77.47
N ALA Y 366 119.68 -11.48 77.30
CA ALA Y 366 120.30 -12.40 78.25
C ALA Y 366 120.53 -11.74 79.60
N ASN Y 367 120.78 -10.43 79.62
CA ASN Y 367 120.96 -9.73 80.89
C ASN Y 367 119.65 -9.65 81.65
N LEU Y 368 118.57 -9.29 80.97
CA LEU Y 368 117.25 -9.31 81.58
C LEU Y 368 116.79 -10.73 81.92
N GLU Y 369 117.35 -11.73 81.26
CA GLU Y 369 117.00 -13.14 81.51
C GLU Y 369 117.55 -13.57 82.86
N PHE Y 370 117.15 -12.87 83.91
CA PHE Y 370 117.66 -13.09 85.27
C PHE Y 370 116.90 -12.16 86.20
N ALA Y 371 116.79 -12.59 87.46
CA ALA Y 371 115.97 -11.97 88.47
C ALA Y 371 116.86 -11.35 89.55
N ASN Y 372 116.36 -11.30 90.78
CA ASN Y 372 117.08 -10.68 91.90
C ASN Y 372 118.06 -11.69 92.51
N ALA Y 373 119.21 -11.84 91.84
CA ALA Y 373 120.30 -12.69 92.30
C ALA Y 373 119.84 -14.14 92.51
N THR Y 374 118.96 -14.61 91.63
CA THR Y 374 118.51 -16.00 91.66
C THR Y 374 118.27 -16.47 90.24
N PRO Y 375 118.69 -17.69 89.89
CA PRO Y 375 118.52 -18.17 88.52
C PRO Y 375 117.05 -18.41 88.20
N LEU Y 376 116.63 -17.95 87.02
CA LEU Y 376 115.27 -18.19 86.56
C LEU Y 376 115.08 -19.59 85.99
N SER Y 377 116.17 -20.29 85.65
CA SER Y 377 116.06 -21.62 85.09
C SER Y 377 115.60 -22.62 86.14
N THR Y 378 115.93 -22.40 87.40
CA THR Y 378 115.59 -23.33 88.47
C THR Y 378 114.27 -22.99 89.16
N LEU Y 379 113.71 -21.81 88.93
CA LEU Y 379 112.48 -21.42 89.59
C LEU Y 379 111.27 -22.10 88.95
N SER Y 380 110.26 -22.33 89.78
CA SER Y 380 108.99 -22.89 89.31
C SER Y 380 108.12 -21.76 88.78
N LEU Y 381 107.82 -21.80 87.48
CA LEU Y 381 107.06 -20.73 86.85
C LEU Y 381 105.70 -20.53 87.51
N LYS Y 382 105.12 -21.59 88.06
CA LYS Y 382 103.78 -21.48 88.63
C LYS Y 382 103.79 -20.87 90.03
N HIS Y 383 104.89 -21.02 90.78
CA HIS Y 383 104.91 -20.60 92.17
C HIS Y 383 106.17 -19.82 92.54
N TRP Y 384 106.78 -19.13 91.58
CA TRP Y 384 107.99 -18.37 91.88
C TRP Y 384 107.71 -17.03 92.53
N ASP Y 385 106.48 -16.52 92.42
CA ASP Y 385 106.09 -15.26 93.05
C ASP Y 385 104.88 -15.45 93.95
N GLN Y 386 104.87 -16.54 94.73
CA GLN Y 386 103.76 -16.80 95.63
C GLN Y 386 103.72 -15.79 96.78
N ASP Y 387 104.87 -15.21 97.13
CA ASP Y 387 104.96 -14.21 98.17
C ASP Y 387 104.93 -12.78 97.62
N ASP Y 388 104.58 -12.61 96.35
CA ASP Y 388 104.60 -11.28 95.75
C ASP Y 388 103.44 -10.41 96.21
N ASP Y 389 102.37 -11.01 96.75
CA ASP Y 389 101.23 -10.24 97.24
C ASP Y 389 101.46 -9.70 98.66
N PHE Y 390 102.51 -10.15 99.34
CA PHE Y 390 102.80 -9.71 100.71
C PHE Y 390 103.96 -8.72 100.75
N GLU Y 391 104.26 -8.05 99.65
CA GLU Y 391 105.38 -7.11 99.62
C GLU Y 391 105.09 -5.91 100.51
N PHE Y 392 106.17 -5.26 100.93
CA PHE Y 392 106.11 -4.15 101.86
C PHE Y 392 106.12 -2.81 101.11
N THR Y 393 105.63 -1.78 101.78
CA THR Y 393 105.60 -0.43 101.23
C THR Y 393 106.76 0.39 101.78
N GLY Y 394 106.96 1.55 101.18
CA GLY Y 394 108.06 2.42 101.53
C GLY Y 394 109.25 2.25 100.59
N SER Y 395 110.12 3.26 100.60
CA SER Y 395 111.30 3.23 99.74
C SER Y 395 112.31 2.20 100.24
N HIS Y 396 113.05 1.64 99.29
CA HIS Y 396 114.10 0.68 99.64
C HIS Y 396 115.20 1.37 100.44
N LEU Y 397 115.63 0.73 101.52
CA LEU Y 397 116.60 1.31 102.44
C LEU Y 397 117.82 0.42 102.55
N THR Y 398 118.93 1.04 102.95
CA THR Y 398 120.17 0.33 103.25
C THR Y 398 120.68 0.77 104.60
N VAL Y 399 121.40 -0.13 105.27
CA VAL Y 399 121.95 0.15 106.59
C VAL Y 399 123.23 0.93 106.42
N ARG Y 400 123.21 2.21 106.83
CA ARG Y 400 124.32 3.12 106.58
C ARG Y 400 125.56 2.76 107.39
N ASN Y 401 125.41 2.05 108.51
CA ASN Y 401 126.52 1.75 109.40
C ASN Y 401 126.73 0.24 109.57
N GLY Y 402 126.43 -0.54 108.54
CA GLY Y 402 126.57 -1.98 108.62
C GLY Y 402 125.45 -2.64 109.39
N TYR Y 403 124.86 -3.69 108.81
CA TYR Y 403 123.68 -4.32 109.37
C TYR Y 403 124.01 -5.30 110.49
N SER Y 404 125.30 -5.55 110.76
CA SER Y 404 125.67 -6.44 111.86
C SER Y 404 125.38 -5.85 113.22
N CYS Y 405 124.96 -4.59 113.30
CA CYS Y 405 124.64 -3.96 114.57
C CYS Y 405 123.32 -4.46 115.16
N VAL Y 406 122.52 -5.16 114.39
CA VAL Y 406 121.23 -5.69 114.87
C VAL Y 406 121.43 -7.04 115.55
N PRO Y 407 122.12 -8.02 114.95
CA PRO Y 407 122.35 -9.28 115.68
C PRO Y 407 123.21 -9.12 116.91
N VAL Y 408 124.18 -8.19 116.90
CA VAL Y 408 124.98 -7.94 118.09
C VAL Y 408 124.13 -7.32 119.19
N ALA Y 409 123.20 -6.45 118.82
CA ALA Y 409 122.32 -5.83 119.82
C ALA Y 409 121.33 -6.85 120.38
N LEU Y 410 120.80 -7.73 119.53
CA LEU Y 410 119.88 -8.75 120.00
C LEU Y 410 120.57 -9.79 120.87
N ALA Y 411 121.89 -9.95 120.73
CA ALA Y 411 122.65 -10.92 121.51
C ALA Y 411 122.98 -10.42 122.92
N GLU Y 412 122.40 -9.30 123.34
CA GLU Y 412 122.67 -8.74 124.65
C GLU Y 412 121.94 -9.56 125.72
N GLY Y 413 122.70 -10.07 126.69
CA GLY Y 413 122.11 -10.83 127.78
C GLY Y 413 121.71 -12.24 127.44
N LEU Y 414 122.23 -12.79 126.35
CA LEU Y 414 121.93 -14.16 125.95
C LEU Y 414 123.10 -15.08 126.24
N ASP Y 415 122.81 -16.38 126.25
CA ASP Y 415 123.82 -17.41 126.50
C ASP Y 415 124.14 -18.06 125.16
N ILE Y 416 125.22 -17.60 124.52
CA ILE Y 416 125.63 -18.08 123.20
C ILE Y 416 126.95 -18.82 123.35
N LYS Y 417 127.00 -20.03 122.81
CA LYS Y 417 128.21 -20.85 122.81
C LYS Y 417 128.83 -20.77 121.42
N LEU Y 418 129.73 -19.81 121.23
CA LEU Y 418 130.40 -19.65 119.95
C LEU Y 418 131.39 -20.78 119.71
N ASN Y 419 131.71 -20.99 118.42
CA ASN Y 419 132.64 -22.03 117.99
C ASN Y 419 132.19 -23.41 118.47
N THR Y 420 130.92 -23.71 118.22
CA THR Y 420 130.31 -24.97 118.66
C THR Y 420 129.43 -25.51 117.53
N ALA Y 421 129.96 -26.47 116.79
CA ALA Y 421 129.23 -27.07 115.67
C ALA Y 421 128.48 -28.31 116.14
N VAL Y 422 127.19 -28.36 115.82
CA VAL Y 422 126.34 -29.47 116.24
C VAL Y 422 126.55 -30.65 115.31
N ARG Y 423 126.78 -31.83 115.89
CA ARG Y 423 126.97 -33.06 115.12
C ARG Y 423 125.68 -33.88 115.03
N GLN Y 424 125.12 -34.25 116.17
CA GLN Y 424 123.89 -35.04 116.21
C GLN Y 424 122.82 -34.32 117.01
N VAL Y 425 121.57 -34.65 116.71
CA VAL Y 425 120.41 -34.09 117.39
C VAL Y 425 119.51 -35.27 117.77
N ARG Y 426 119.59 -35.71 119.02
CA ARG Y 426 118.79 -36.83 119.50
C ARG Y 426 117.52 -36.29 120.16
N TYR Y 427 116.39 -36.91 119.85
CA TYR Y 427 115.10 -36.51 120.42
C TYR Y 427 114.28 -37.75 120.73
N THR Y 428 113.84 -37.87 121.98
CA THR Y 428 113.02 -39.00 122.41
C THR Y 428 111.75 -38.51 123.07
N ALA Y 429 110.99 -39.43 123.69
CA ALA Y 429 109.73 -39.10 124.32
C ALA Y 429 109.89 -38.50 125.72
N SER Y 430 111.12 -38.44 126.24
CA SER Y 430 111.36 -37.91 127.58
C SER Y 430 112.29 -36.71 127.61
N GLY Y 431 112.77 -36.25 126.46
CA GLY Y 431 113.66 -35.11 126.41
C GLY Y 431 114.52 -35.16 125.17
N CYS Y 432 115.53 -34.29 125.15
CA CYS Y 432 116.43 -34.19 124.01
C CYS Y 432 117.86 -33.98 124.52
N GLU Y 433 118.82 -34.47 123.74
CA GLU Y 433 120.23 -34.26 124.01
C GLU Y 433 120.93 -33.89 122.70
N VAL Y 434 121.72 -32.82 122.74
CA VAL Y 434 122.38 -32.29 121.55
C VAL Y 434 123.88 -32.56 121.68
N ILE Y 435 124.44 -33.23 120.68
CA ILE Y 435 125.87 -33.53 120.63
C ILE Y 435 126.54 -32.52 119.73
N ALA Y 436 127.63 -31.91 120.22
CA ALA Y 436 128.34 -30.89 119.48
C ALA Y 436 129.84 -31.01 119.75
N VAL Y 437 130.63 -30.39 118.87
CA VAL Y 437 132.08 -30.41 118.98
C VAL Y 437 132.59 -28.97 118.88
N ASN Y 438 133.86 -28.81 119.26
CA ASN Y 438 134.53 -27.51 119.18
C ASN Y 438 135.14 -27.33 117.80
N THR Y 439 134.99 -26.14 117.23
CA THR Y 439 135.55 -25.88 115.91
C THR Y 439 137.05 -25.72 115.97
N ALA Y 440 137.60 -25.29 117.11
CA ALA Y 440 139.05 -25.19 117.25
C ALA Y 440 139.68 -26.56 117.37
N SER Y 441 139.00 -27.51 117.99
CA SER Y 441 139.49 -28.88 118.11
C SER Y 441 138.30 -29.81 118.05
N THR Y 442 138.18 -30.57 116.96
CA THR Y 442 137.02 -31.44 116.76
C THR Y 442 136.95 -32.58 117.77
N SER Y 443 138.06 -32.86 118.48
CA SER Y 443 138.03 -33.94 119.46
C SER Y 443 137.25 -33.55 120.71
N GLN Y 444 137.18 -32.26 121.03
CA GLN Y 444 136.46 -31.80 122.20
C GLN Y 444 134.95 -31.83 121.93
N THR Y 445 134.24 -32.67 122.67
CA THR Y 445 132.82 -32.89 122.47
C THR Y 445 132.02 -32.38 123.66
N PHE Y 446 130.91 -31.70 123.37
CA PHE Y 446 130.03 -31.17 124.39
C PHE Y 446 128.65 -31.81 124.28
N ILE Y 447 128.00 -32.01 125.41
CA ILE Y 447 126.66 -32.60 125.49
C ILE Y 447 125.77 -31.66 126.28
N TYR Y 448 124.60 -31.34 125.73
CA TYR Y 448 123.61 -30.51 126.40
C TYR Y 448 122.27 -31.22 126.37
N LYS Y 449 121.73 -31.53 127.55
CA LYS Y 449 120.39 -32.07 127.68
C LYS Y 449 119.39 -30.93 127.81
N CYS Y 450 118.18 -31.16 127.32
CA CYS Y 450 117.16 -30.13 127.29
C CYS Y 450 115.79 -30.80 127.16
N ASP Y 451 114.74 -29.96 127.14
CA ASP Y 451 113.38 -30.43 126.97
C ASP Y 451 112.84 -30.19 125.55
N ALA Y 452 113.49 -29.33 124.78
CA ALA Y 452 113.07 -29.05 123.41
C ALA Y 452 114.24 -28.51 122.63
N VAL Y 453 114.22 -28.73 121.32
CA VAL Y 453 115.27 -28.28 120.42
C VAL Y 453 114.64 -27.49 119.29
N LEU Y 454 115.16 -26.29 119.03
CA LEU Y 454 114.72 -25.46 117.91
C LEU Y 454 115.84 -25.42 116.89
N CYS Y 455 115.64 -26.10 115.76
CA CYS Y 455 116.65 -26.20 114.71
C CYS Y 455 116.52 -25.04 113.75
N THR Y 456 117.52 -24.15 113.74
CA THR Y 456 117.54 -22.99 112.85
C THR Y 456 118.58 -23.14 111.75
N LEU Y 457 118.88 -24.37 111.37
CA LEU Y 457 119.87 -24.62 110.34
C LEU Y 457 119.37 -24.15 108.98
N PRO Y 458 120.27 -23.64 108.14
CA PRO Y 458 119.88 -23.25 106.78
C PRO Y 458 119.45 -24.45 105.96
N LEU Y 459 118.70 -24.17 104.89
CA LEU Y 459 118.24 -25.24 104.02
C LEU Y 459 119.41 -25.88 103.27
N GLY Y 460 120.46 -25.12 102.96
CA GLY Y 460 121.61 -25.69 102.31
C GLY Y 460 122.35 -26.69 103.18
N VAL Y 461 122.37 -26.47 104.50
CA VAL Y 461 122.96 -27.44 105.41
C VAL Y 461 122.11 -28.69 105.47
N LEU Y 462 120.79 -28.54 105.40
CA LEU Y 462 119.89 -29.69 105.43
C LEU Y 462 119.97 -30.49 104.13
N LYS Y 463 120.30 -29.84 103.02
CA LYS Y 463 120.46 -30.52 101.74
C LYS Y 463 121.81 -31.21 101.60
N GLN Y 464 122.72 -31.00 102.54
CA GLN Y 464 124.09 -31.51 102.40
C GLN Y 464 124.09 -33.03 102.48
N GLN Y 465 124.66 -33.68 101.47
CA GLN Y 465 124.82 -35.13 101.43
C GLN Y 465 126.30 -35.45 101.27
N PRO Y 466 126.94 -36.14 102.23
CA PRO Y 466 126.36 -36.71 103.46
C PRO Y 466 125.94 -35.65 104.48
N PRO Y 467 124.96 -35.97 105.32
CA PRO Y 467 124.45 -34.97 106.28
C PRO Y 467 125.52 -34.53 107.27
N ALA Y 468 125.60 -33.21 107.46
CA ALA Y 468 126.50 -32.67 108.48
C ALA Y 468 125.89 -32.74 109.88
N VAL Y 469 124.57 -32.84 109.97
CA VAL Y 469 123.87 -32.95 111.26
C VAL Y 469 122.97 -34.17 111.18
N GLN Y 470 123.25 -35.17 112.01
CA GLN Y 470 122.48 -36.42 112.02
C GLN Y 470 121.36 -36.34 113.04
N PHE Y 471 120.14 -36.66 112.61
CA PHE Y 471 118.97 -36.65 113.47
C PHE Y 471 118.66 -38.06 113.93
N VAL Y 472 118.47 -38.23 115.24
CA VAL Y 472 118.18 -39.54 115.82
C VAL Y 472 116.90 -39.45 116.65
N PRO Y 473 115.80 -40.09 116.22
CA PRO Y 473 115.67 -40.88 114.99
C PRO Y 473 115.65 -40.02 113.73
N PRO Y 474 115.90 -40.64 112.57
CA PRO Y 474 115.91 -39.87 111.32
C PRO Y 474 114.58 -39.17 111.07
N LEU Y 475 114.65 -38.06 110.34
CA LEU Y 475 113.45 -37.29 110.03
C LEU Y 475 112.52 -38.11 109.16
N PRO Y 476 111.21 -37.89 109.27
CA PRO Y 476 110.26 -38.62 108.41
C PRO Y 476 110.44 -38.24 106.95
N GLU Y 477 109.79 -39.03 106.09
CA GLU Y 477 109.97 -38.86 104.65
C GLU Y 477 109.41 -37.54 104.15
N TRP Y 478 108.30 -37.07 104.74
CA TRP Y 478 107.72 -35.81 104.28
C TRP Y 478 108.61 -34.62 104.62
N LYS Y 479 109.37 -34.70 105.71
CA LYS Y 479 110.30 -33.62 106.05
C LYS Y 479 111.50 -33.61 105.10
N THR Y 480 112.10 -34.78 104.87
CA THR Y 480 113.26 -34.85 103.98
C THR Y 480 112.87 -34.57 102.53
N SER Y 481 111.67 -34.98 102.12
CA SER Y 481 111.23 -34.70 100.75
C SER Y 481 110.98 -33.21 100.55
N ALA Y 482 110.43 -32.54 101.57
CA ALA Y 482 110.24 -31.10 101.49
C ALA Y 482 111.57 -30.37 101.40
N VAL Y 483 112.60 -30.90 102.07
CA VAL Y 483 113.94 -30.31 101.95
C VAL Y 483 114.49 -30.52 100.55
N GLN Y 484 114.23 -31.70 99.96
CA GLN Y 484 114.79 -32.00 98.65
C GLN Y 484 114.01 -31.31 97.53
N ARG Y 485 112.69 -31.22 97.65
CA ARG Y 485 111.91 -30.55 96.62
C ARG Y 485 112.25 -29.06 96.55
N MET Y 486 112.46 -28.43 97.70
CA MET Y 486 112.84 -27.02 97.73
C MET Y 486 114.24 -26.83 97.15
N GLY Y 487 114.60 -25.56 96.94
CA GLY Y 487 115.91 -25.23 96.45
C GLY Y 487 116.58 -24.21 97.36
N PHE Y 488 117.89 -24.09 97.21
CA PHE Y 488 118.68 -23.17 98.01
C PHE Y 488 119.63 -22.43 97.06
N GLY Y 489 119.34 -21.16 96.79
CA GLY Y 489 120.08 -20.40 95.81
C GLY Y 489 121.46 -19.99 96.27
N ASN Y 490 122.07 -19.09 95.50
CA ASN Y 490 123.42 -18.62 95.79
C ASN Y 490 123.63 -17.24 95.17
N LEU Y 491 124.39 -16.40 95.87
CA LEU Y 491 124.86 -15.13 95.33
C LEU Y 491 126.16 -14.79 96.02
N ASN Y 492 126.93 -13.91 95.38
CA ASN Y 492 128.23 -13.49 95.92
C ASN Y 492 128.38 -11.99 95.74
N LYS Y 493 129.12 -11.38 96.67
CA LYS Y 493 129.33 -9.94 96.67
C LYS Y 493 130.80 -9.64 96.82
N VAL Y 494 131.32 -8.79 95.94
CA VAL Y 494 132.73 -8.41 95.93
C VAL Y 494 132.84 -6.97 96.42
N VAL Y 495 133.50 -6.77 97.55
CA VAL Y 495 133.67 -5.47 98.16
C VAL Y 495 135.02 -4.89 97.73
N LEU Y 496 134.99 -3.72 97.12
CA LEU Y 496 136.20 -3.03 96.66
C LEU Y 496 136.33 -1.73 97.43
N CYS Y 497 137.31 -1.66 98.33
CA CYS Y 497 137.55 -0.48 99.15
C CYS Y 497 138.66 0.34 98.49
N PHE Y 498 138.31 1.52 97.99
CA PHE Y 498 139.26 2.42 97.36
C PHE Y 498 139.66 3.52 98.33
N ASP Y 499 140.46 4.47 97.85
CA ASP Y 499 140.93 5.58 98.66
C ASP Y 499 140.43 6.93 98.19
N ARG Y 500 139.66 6.98 97.11
CA ARG Y 500 139.17 8.24 96.57
C ARG Y 500 137.90 7.97 95.76
N VAL Y 501 137.02 8.96 95.72
CA VAL Y 501 135.79 8.87 94.96
C VAL Y 501 136.11 9.03 93.49
N PHE Y 502 135.79 8.00 92.69
CA PHE Y 502 136.08 8.01 91.26
C PHE Y 502 134.88 7.53 90.43
N TRP Y 503 133.68 7.58 90.98
CA TRP Y 503 132.46 7.31 90.22
C TRP Y 503 131.53 8.51 90.28
N ASP Y 504 130.23 8.28 90.15
CA ASP Y 504 129.25 9.34 90.30
C ASP Y 504 128.64 9.27 91.70
N PRO Y 505 128.88 10.25 92.57
CA PRO Y 505 128.37 10.16 93.94
C PRO Y 505 126.86 10.16 94.04
N SER Y 506 126.17 10.89 93.16
CA SER Y 506 124.72 10.98 93.23
C SER Y 506 124.01 9.71 92.80
N VAL Y 507 124.73 8.75 92.22
CA VAL Y 507 124.16 7.49 91.77
C VAL Y 507 124.53 6.40 92.79
N ASN Y 508 123.52 5.69 93.28
CA ASN Y 508 123.74 4.65 94.29
C ASN Y 508 124.04 3.29 93.69
N LEU Y 509 123.53 2.99 92.49
CA LEU Y 509 123.80 1.72 91.86
C LEU Y 509 123.85 1.89 90.34
N PHE Y 510 124.78 1.18 89.71
CA PHE Y 510 124.90 1.18 88.26
C PHE Y 510 125.24 -0.23 87.81
N GLY Y 511 124.61 -0.66 86.72
CA GLY Y 511 124.75 -2.02 86.23
C GLY Y 511 125.71 -2.13 85.08
N HIS Y 512 126.30 -3.32 84.94
CA HIS Y 512 127.24 -3.63 83.87
C HIS Y 512 126.61 -4.63 82.92
N VAL Y 513 126.72 -4.37 81.62
CA VAL Y 513 126.14 -5.23 80.59
C VAL Y 513 127.14 -6.32 80.25
N GLY Y 514 126.73 -7.57 80.42
CA GLY Y 514 127.61 -8.69 80.11
C GLY Y 514 127.75 -8.92 78.62
N SER Y 515 128.66 -9.83 78.28
CA SER Y 515 128.97 -10.14 76.88
C SER Y 515 128.21 -11.36 76.39
N THR Y 516 128.20 -12.43 77.17
CA THR Y 516 127.55 -13.69 76.78
C THR Y 516 126.39 -13.99 77.73
N THR Y 517 125.66 -15.06 77.42
CA THR Y 517 124.52 -15.45 78.24
C THR Y 517 124.96 -16.24 79.47
N ALA Y 518 126.00 -17.07 79.33
CA ALA Y 518 126.49 -17.85 80.46
C ALA Y 518 127.06 -16.94 81.55
N SER Y 519 127.59 -15.78 81.18
CA SER Y 519 128.12 -14.80 82.10
C SER Y 519 127.21 -13.58 82.23
N ARG Y 520 125.89 -13.82 82.18
CA ARG Y 520 124.94 -12.71 82.28
C ARG Y 520 124.93 -12.10 83.67
N GLY Y 521 125.23 -12.90 84.69
CA GLY Y 521 125.28 -12.43 86.07
C GLY Y 521 126.67 -12.18 86.60
N GLU Y 522 127.71 -12.27 85.77
CA GLU Y 522 129.08 -12.05 86.20
C GLU Y 522 129.32 -10.54 86.28
N LEU Y 523 129.26 -10.01 87.50
CA LEU Y 523 129.54 -8.59 87.77
C LEU Y 523 128.62 -7.69 86.96
N PHE Y 524 127.31 -7.82 87.24
CA PHE Y 524 126.30 -7.11 86.48
C PHE Y 524 125.76 -5.88 87.21
N LEU Y 525 126.19 -5.62 88.43
CA LEU Y 525 125.67 -4.49 89.20
C LEU Y 525 126.63 -4.15 90.33
N PHE Y 526 126.94 -2.87 90.47
CA PHE Y 526 127.74 -2.36 91.56
C PHE Y 526 126.90 -1.39 92.39
N TRP Y 527 127.22 -1.29 93.68
CA TRP Y 527 126.47 -0.47 94.61
C TRP Y 527 127.34 0.64 95.20
N ASN Y 528 126.67 1.69 95.66
CA ASN Y 528 127.32 2.84 96.27
C ASN Y 528 126.37 3.37 97.34
N LEU Y 529 126.73 3.23 98.61
CA LEU Y 529 125.83 3.69 99.66
C LEU Y 529 126.53 3.93 100.99
N TYR Y 530 127.66 3.27 101.24
CA TYR Y 530 128.32 3.46 102.51
C TYR Y 530 129.22 4.69 102.48
N LYS Y 531 129.71 5.07 103.67
CA LYS Y 531 130.43 6.32 103.83
C LYS Y 531 131.74 6.32 103.06
N ALA Y 532 132.62 5.36 103.36
CA ALA Y 532 133.90 5.28 102.68
C ALA Y 532 133.70 4.95 101.21
N PRO Y 533 134.59 5.42 100.33
CA PRO Y 533 134.46 5.11 98.90
C PRO Y 533 134.58 3.62 98.61
N ILE Y 534 133.45 2.92 98.62
CA ILE Y 534 133.41 1.47 98.48
C ILE Y 534 132.42 1.10 97.39
N LEU Y 535 132.83 0.21 96.49
CA LEU Y 535 131.95 -0.35 95.47
C LEU Y 535 131.69 -1.81 95.79
N LEU Y 536 130.43 -2.23 95.66
CA LEU Y 536 130.00 -3.58 96.00
C LEU Y 536 129.41 -4.23 94.75
N ALA Y 537 130.16 -5.14 94.15
CA ALA Y 537 129.72 -5.85 92.96
C ALA Y 537 128.95 -7.10 93.33
N LEU Y 538 128.04 -7.50 92.44
CA LEU Y 538 127.19 -8.67 92.64
C LEU Y 538 127.58 -9.77 91.65
N VAL Y 539 127.69 -10.99 92.16
CA VAL Y 539 127.92 -12.18 91.35
C VAL Y 539 126.76 -13.13 91.60
N ALA Y 540 126.04 -13.48 90.54
CA ALA Y 540 124.85 -14.31 90.68
C ALA Y 540 124.62 -15.08 89.39
N GLY Y 541 123.67 -16.02 89.44
CA GLY Y 541 123.33 -16.83 88.29
C GLY Y 541 124.18 -18.06 88.14
N GLU Y 542 124.37 -18.51 86.90
CA GLU Y 542 125.27 -19.63 86.66
C GLU Y 542 126.70 -19.28 87.03
N ALA Y 543 127.05 -17.99 87.00
CA ALA Y 543 128.39 -17.58 87.39
C ALA Y 543 128.57 -17.59 88.90
N ALA Y 544 127.48 -17.56 89.67
CA ALA Y 544 127.59 -17.53 91.13
C ALA Y 544 128.34 -18.74 91.66
N GLY Y 545 128.13 -19.91 91.05
CA GLY Y 545 128.85 -21.10 91.45
C GLY Y 545 130.19 -21.25 90.77
N ILE Y 546 130.31 -20.68 89.55
CA ILE Y 546 131.56 -20.79 88.81
C ILE Y 546 132.60 -19.81 89.33
N MET Y 547 132.18 -18.60 89.69
CA MET Y 547 133.12 -17.60 90.17
C MET Y 547 133.72 -17.97 91.53
N GLU Y 548 133.10 -18.92 92.25
CA GLU Y 548 133.69 -19.38 93.50
C GLU Y 548 134.95 -20.20 93.26
N ALA Y 549 135.02 -20.92 92.14
CA ALA Y 549 136.21 -21.67 91.77
C ALA Y 549 137.29 -20.79 91.16
N ILE Y 550 137.08 -19.48 91.11
CA ILE Y 550 138.04 -18.53 90.57
C ILE Y 550 138.64 -17.74 91.72
N SER Y 551 139.97 -17.54 91.66
CA SER Y 551 140.67 -16.88 92.74
C SER Y 551 140.19 -15.43 92.91
N ASP Y 552 140.52 -14.85 94.07
CA ASP Y 552 140.10 -13.48 94.36
C ASP Y 552 140.78 -12.47 93.46
N ALA Y 553 142.03 -12.73 93.06
CA ALA Y 553 142.77 -11.76 92.25
C ALA Y 553 142.17 -11.64 90.86
N VAL Y 554 141.70 -12.74 90.28
CA VAL Y 554 141.11 -12.69 88.95
C VAL Y 554 139.76 -11.99 88.99
N ILE Y 555 138.99 -12.19 90.07
CA ILE Y 555 137.68 -11.55 90.18
C ILE Y 555 137.85 -10.04 90.33
N VAL Y 556 138.77 -9.61 91.19
CA VAL Y 556 139.03 -8.18 91.35
C VAL Y 556 139.62 -7.60 90.07
N GLY Y 557 140.47 -8.37 89.38
CA GLY Y 557 141.01 -7.91 88.11
C GLY Y 557 139.93 -7.70 87.07
N ARG Y 558 138.91 -8.54 87.08
CA ARG Y 558 137.77 -8.33 86.18
C ARG Y 558 136.94 -7.13 86.63
N CYS Y 559 136.82 -6.92 87.93
CA CYS Y 559 136.13 -5.73 88.43
C CYS Y 559 136.85 -4.46 88.02
N LEU Y 560 138.17 -4.44 88.14
CA LEU Y 560 138.94 -3.26 87.74
C LEU Y 560 138.90 -3.06 86.23
N ALA Y 561 139.01 -4.14 85.46
CA ALA Y 561 138.97 -4.03 84.01
C ALA Y 561 137.64 -3.46 83.54
N ILE Y 562 136.54 -3.80 84.22
CA ILE Y 562 135.25 -3.21 83.89
C ILE Y 562 135.24 -1.73 84.23
N LEU Y 563 135.73 -1.37 85.43
CA LEU Y 563 135.72 0.02 85.85
C LEU Y 563 136.65 0.87 84.98
N LYS Y 564 137.79 0.30 84.57
CA LYS Y 564 138.70 1.04 83.70
C LYS Y 564 138.07 1.30 82.34
N GLY Y 565 137.31 0.35 81.82
CA GLY Y 565 136.54 0.59 80.61
C GLY Y 565 135.34 1.48 80.79
N ILE Y 566 135.04 1.89 82.03
CA ILE Y 566 133.87 2.72 82.32
C ILE Y 566 134.31 4.16 82.53
N PHE Y 567 135.23 4.38 83.47
CA PHE Y 567 135.67 5.73 83.83
C PHE Y 567 137.01 6.11 83.23
N GLY Y 568 137.73 5.16 82.63
CA GLY Y 568 139.06 5.43 82.12
C GLY Y 568 140.12 4.60 82.81
N SER Y 569 141.20 4.27 82.09
CA SER Y 569 142.23 3.44 82.67
C SER Y 569 142.97 4.15 83.80
N SER Y 570 143.09 5.47 83.72
CA SER Y 570 143.79 6.24 84.75
C SER Y 570 142.88 6.67 85.89
N ALA Y 571 141.58 6.79 85.65
CA ALA Y 571 140.64 7.18 86.69
C ALA Y 571 140.41 6.09 87.72
N VAL Y 572 140.80 4.86 87.42
CA VAL Y 572 140.53 3.71 88.30
C VAL Y 572 141.81 3.29 88.99
N PRO Y 573 142.02 3.64 90.26
CA PRO Y 573 143.23 3.20 90.97
C PRO Y 573 143.04 1.79 91.50
N GLN Y 574 144.12 1.25 92.09
CA GLN Y 574 144.05 -0.07 92.69
C GLN Y 574 143.30 0.00 94.02
N PRO Y 575 142.47 -0.99 94.32
CA PRO Y 575 141.71 -0.94 95.58
C PRO Y 575 142.61 -1.17 96.79
N LYS Y 576 142.26 -0.52 97.89
CA LYS Y 576 143.03 -0.67 99.12
C LYS Y 576 142.88 -2.08 99.68
N GLU Y 577 141.66 -2.62 99.68
CA GLU Y 577 141.39 -3.95 100.20
C GLU Y 577 140.55 -4.73 99.19
N THR Y 578 140.54 -6.05 99.36
CA THR Y 578 139.79 -6.94 98.48
C THR Y 578 139.07 -7.97 99.34
N VAL Y 579 137.75 -8.05 99.19
CA VAL Y 579 136.92 -8.99 99.93
C VAL Y 579 135.95 -9.65 98.96
N VAL Y 580 135.96 -10.98 98.91
CA VAL Y 580 135.08 -11.75 98.05
C VAL Y 580 134.37 -12.81 98.90
N SER Y 581 133.05 -12.89 98.77
CA SER Y 581 132.26 -13.84 99.54
C SER Y 581 132.05 -15.12 98.74
N ARG Y 582 131.95 -16.24 99.47
CA ARG Y 582 131.70 -17.56 98.88
C ARG Y 582 130.69 -18.27 99.79
N TRP Y 583 129.41 -18.03 99.55
CA TRP Y 583 128.37 -18.57 100.42
C TRP Y 583 128.13 -20.06 100.17
N ARG Y 584 128.32 -20.53 98.93
CA ARG Y 584 128.16 -21.95 98.67
C ARG Y 584 129.32 -22.74 99.26
N ALA Y 585 130.52 -22.19 99.21
CA ALA Y 585 131.67 -22.88 99.81
C ALA Y 585 131.66 -22.77 101.33
N ASP Y 586 130.86 -21.88 101.88
CA ASP Y 586 130.75 -21.74 103.34
C ASP Y 586 130.08 -22.99 103.91
N PRO Y 587 130.78 -23.76 104.75
CA PRO Y 587 130.17 -24.99 105.28
C PRO Y 587 129.05 -24.75 106.26
N TRP Y 588 128.81 -23.50 106.68
CA TRP Y 588 127.74 -23.18 107.61
C TRP Y 588 126.56 -22.50 106.93
N ALA Y 589 126.51 -22.53 105.60
CA ALA Y 589 125.38 -21.96 104.88
C ALA Y 589 125.06 -22.81 103.66
N ARG Y 590 126.10 -23.27 102.96
CA ARG Y 590 125.96 -24.09 101.75
C ARG Y 590 125.08 -23.40 100.72
N GLY Y 591 125.35 -22.11 100.50
CA GLY Y 591 124.60 -21.28 99.60
C GLY Y 591 124.16 -20.02 100.31
N SER Y 592 123.10 -19.41 99.80
CA SER Y 592 122.65 -18.13 100.35
C SER Y 592 121.22 -18.20 100.89
N TYR Y 593 120.23 -18.10 100.01
CA TYR Y 593 118.86 -17.86 100.42
C TYR Y 593 117.89 -18.70 99.59
N SER Y 594 116.75 -19.02 100.19
CA SER Y 594 115.82 -19.99 99.63
C SER Y 594 115.19 -19.48 98.35
N TYR Y 595 114.58 -20.40 97.61
CA TYR Y 595 114.00 -20.12 96.31
C TYR Y 595 113.08 -21.27 95.94
N VAL Y 596 111.90 -20.94 95.40
CA VAL Y 596 110.92 -21.93 95.02
C VAL Y 596 111.40 -22.66 93.77
N ALA Y 597 111.89 -23.89 93.94
CA ALA Y 597 112.42 -24.66 92.83
C ALA Y 597 111.28 -25.29 92.02
N ALA Y 598 111.63 -25.69 90.80
CA ALA Y 598 110.67 -26.34 89.92
C ALA Y 598 110.22 -27.67 90.52
N GLY Y 599 108.91 -27.83 90.66
CA GLY Y 599 108.34 -29.00 91.29
C GLY Y 599 107.92 -28.81 92.72
N SER Y 600 108.21 -27.66 93.32
CA SER Y 600 107.84 -27.33 94.69
C SER Y 600 106.81 -26.20 94.68
N SER Y 601 106.41 -25.79 95.87
CA SER Y 601 105.42 -24.72 96.04
C SER Y 601 105.57 -24.16 97.45
N GLY Y 602 104.62 -23.30 97.83
CA GLY Y 602 104.62 -22.74 99.17
C GLY Y 602 104.26 -23.72 100.27
N ASN Y 603 103.69 -24.87 99.91
CA ASN Y 603 103.34 -25.87 100.92
C ASN Y 603 104.57 -26.44 101.61
N ASP Y 604 105.71 -26.49 100.90
CA ASP Y 604 106.93 -27.00 101.51
C ASP Y 604 107.43 -26.07 102.61
N TYR Y 605 107.16 -24.77 102.50
CA TYR Y 605 107.54 -23.85 103.56
C TYR Y 605 106.76 -24.13 104.85
N ASP Y 606 105.47 -24.43 104.71
CA ASP Y 606 104.67 -24.78 105.89
C ASP Y 606 105.08 -26.14 106.46
N LEU Y 607 105.48 -27.08 105.59
CA LEU Y 607 105.96 -28.37 106.08
C LEU Y 607 107.25 -28.23 106.87
N MET Y 608 108.10 -27.26 106.50
CA MET Y 608 109.32 -27.03 107.26
C MET Y 608 109.02 -26.39 108.61
N ALA Y 609 107.90 -25.66 108.71
CA ALA Y 609 107.52 -25.03 109.97
C ALA Y 609 106.87 -26.02 110.94
N GLN Y 610 106.42 -27.17 110.46
CA GLN Y 610 105.78 -28.14 111.34
C GLN Y 610 106.84 -28.88 112.15
N PRO Y 611 106.61 -29.06 113.45
CA PRO Y 611 107.60 -29.73 114.30
C PRO Y 611 107.64 -31.24 114.07
N ILE Y 612 108.55 -31.93 114.76
CA ILE Y 612 108.68 -33.37 114.70
C ILE Y 612 108.35 -33.94 116.06
N THR Y 613 107.46 -34.93 116.09
CA THR Y 613 107.05 -35.57 117.33
C THR Y 613 107.63 -36.98 117.38
N PRO Y 614 108.53 -37.28 118.30
CA PRO Y 614 109.10 -38.64 118.36
C PRO Y 614 108.09 -39.64 118.89
N GLY Y 615 108.37 -40.91 118.59
CA GLY Y 615 107.54 -42.00 119.06
C GLY Y 615 107.72 -42.25 120.54
N PRO Y 616 106.81 -43.01 121.13
CA PRO Y 616 106.93 -43.31 122.56
C PRO Y 616 108.07 -44.27 122.84
N SER Y 617 108.72 -44.07 123.99
CA SER Y 617 109.84 -44.91 124.38
C SER Y 617 109.37 -46.26 124.93
N ILE Y 618 108.20 -46.30 125.54
CA ILE Y 618 107.62 -47.53 126.10
C ILE Y 618 106.46 -47.95 125.21
N PRO Y 619 106.39 -49.21 124.79
CA PRO Y 619 105.26 -49.66 123.96
C PRO Y 619 103.96 -49.59 124.74
N GLY Y 620 103.04 -48.75 124.26
CA GLY Y 620 101.77 -48.52 124.93
C GLY Y 620 101.64 -47.15 125.57
N ALA Y 621 102.69 -46.34 125.53
CA ALA Y 621 102.62 -45.01 126.12
C ALA Y 621 101.77 -44.09 125.25
N PRO Y 622 101.15 -43.06 125.85
CA PRO Y 622 100.34 -42.13 125.05
C PRO Y 622 101.19 -41.27 124.11
N GLN Y 623 100.53 -40.39 123.37
CA GLN Y 623 101.22 -39.55 122.39
C GLN Y 623 102.18 -38.60 123.10
N PRO Y 624 103.49 -38.67 122.83
CA PRO Y 624 104.43 -37.77 123.50
C PRO Y 624 104.27 -36.32 123.08
N ILE Y 625 105.08 -35.45 123.67
CA ILE Y 625 105.04 -34.01 123.36
C ILE Y 625 106.01 -33.74 122.22
N PRO Y 626 105.63 -32.93 121.23
CA PRO Y 626 106.58 -32.56 120.17
C PRO Y 626 107.83 -31.91 120.76
N ARG Y 627 108.98 -32.40 120.31
CA ARG Y 627 110.26 -32.01 120.90
C ARG Y 627 111.14 -31.21 119.96
N LEU Y 628 111.03 -31.39 118.65
CA LEU Y 628 111.93 -30.77 117.69
C LEU Y 628 111.13 -29.83 116.77
N PHE Y 629 111.40 -28.53 116.88
CA PHE Y 629 110.83 -27.53 116.01
C PHE Y 629 111.93 -26.93 115.13
N PHE Y 630 111.53 -26.44 113.96
CA PHE Y 630 112.46 -25.84 113.01
C PHE Y 630 112.11 -24.38 112.79
N ALA Y 631 113.14 -23.54 112.67
CA ALA Y 631 112.96 -22.13 112.35
C ALA Y 631 113.82 -21.76 111.15
N GLY Y 632 113.83 -20.48 110.80
CA GLY Y 632 114.61 -19.99 109.67
C GLY Y 632 113.72 -19.51 108.54
N GLU Y 633 114.36 -18.79 107.62
CA GLU Y 633 113.65 -18.22 106.48
C GLU Y 633 113.02 -19.29 105.59
N HIS Y 634 113.54 -20.51 105.63
CA HIS Y 634 112.96 -21.62 104.87
C HIS Y 634 111.75 -22.24 105.57
N THR Y 635 111.31 -21.67 106.69
CA THR Y 635 110.15 -22.18 107.42
C THR Y 635 108.96 -21.24 107.38
N ILE Y 636 109.10 -20.04 106.81
CA ILE Y 636 108.01 -19.09 106.67
C ILE Y 636 107.58 -19.06 105.21
N ARG Y 637 106.26 -19.05 104.99
CA ARG Y 637 105.71 -19.15 103.65
C ARG Y 637 105.53 -17.79 102.97
N ASN Y 638 105.23 -16.74 103.75
CA ASN Y 638 104.87 -15.46 103.17
C ASN Y 638 106.06 -14.51 103.01
N TYR Y 639 107.09 -14.66 103.83
CA TYR Y 639 108.24 -13.75 103.81
C TYR Y 639 109.53 -14.56 103.84
N PRO Y 640 109.82 -15.31 102.78
CA PRO Y 640 111.01 -16.16 102.79
C PRO Y 640 112.25 -15.40 102.34
N ALA Y 641 113.40 -16.02 102.63
CA ALA Y 641 114.68 -15.63 102.04
C ALA Y 641 115.10 -14.21 102.44
N THR Y 642 114.77 -13.80 103.66
CA THR Y 642 115.15 -12.48 104.16
C THR Y 642 115.58 -12.60 105.62
N VAL Y 643 116.64 -11.86 106.00
CA VAL Y 643 116.84 -11.47 107.42
C VAL Y 643 115.49 -11.38 108.10
N HIS Y 644 114.72 -10.36 107.70
CA HIS Y 644 113.45 -10.06 108.34
C HIS Y 644 112.41 -11.16 108.15
N GLY Y 645 112.71 -12.17 107.33
CA GLY Y 645 111.92 -13.39 107.31
C GLY Y 645 112.54 -14.43 108.21
N ALA Y 646 113.88 -14.55 108.17
CA ALA Y 646 114.59 -15.34 109.17
C ALA Y 646 114.41 -14.73 110.56
N LEU Y 647 114.17 -13.42 110.63
CA LEU Y 647 113.90 -12.77 111.91
C LEU Y 647 112.53 -13.17 112.45
N LEU Y 648 111.49 -13.07 111.61
CA LEU Y 648 110.15 -13.43 112.05
C LEU Y 648 110.02 -14.91 112.36
N SER Y 649 110.80 -15.75 111.68
CA SER Y 649 110.76 -17.18 111.97
C SER Y 649 111.26 -17.48 113.38
N GLY Y 650 112.27 -16.74 113.83
CA GLY Y 650 112.75 -16.91 115.19
C GLY Y 650 111.75 -16.43 116.23
N LEU Y 651 111.04 -15.35 115.91
CA LEU Y 651 110.02 -14.84 116.84
C LEU Y 651 108.82 -15.78 116.90
N ARG Y 652 108.44 -16.36 115.77
CA ARG Y 652 107.27 -17.22 115.71
C ARG Y 652 107.50 -18.53 116.45
N GLU Y 653 108.55 -19.26 116.06
CA GLU Y 653 108.81 -20.57 116.64
C GLU Y 653 109.16 -20.49 118.12
N ALA Y 654 109.64 -19.34 118.60
CA ALA Y 654 109.88 -19.18 120.03
C ALA Y 654 108.58 -18.92 120.78
N GLY Y 655 107.72 -18.07 120.24
CA GLY Y 655 106.43 -17.81 120.86
C GLY Y 655 105.45 -18.94 120.76
N ARG Y 656 105.78 -20.00 120.02
CA ARG Y 656 104.91 -21.17 119.93
C ARG Y 656 104.86 -21.96 121.22
N ILE Y 657 105.63 -21.57 122.24
CA ILE Y 657 105.59 -22.24 123.54
C ILE Y 657 104.20 -22.12 124.16
N ALA Y 658 103.50 -21.03 123.90
CA ALA Y 658 102.14 -20.89 124.41
C ALA Y 658 101.17 -21.78 123.65
N ASP Y 659 101.38 -21.95 122.34
CA ASP Y 659 100.55 -22.83 121.54
C ASP Y 659 100.85 -24.30 121.80
N GLN Y 660 101.98 -24.60 122.43
CA GLN Y 660 102.36 -25.98 122.70
C GLN Y 660 101.92 -26.46 124.08
N PHE Y 661 102.09 -25.63 125.10
CA PHE Y 661 101.75 -26.00 126.47
C PHE Y 661 100.64 -25.09 127.01
N LEU Y 662 99.75 -25.68 127.80
CA LEU Y 662 98.65 -24.95 128.41
C LEU Y 662 98.38 -25.55 129.78
N GLY Y 663 97.89 -24.72 130.70
CA GLY Y 663 97.58 -25.16 132.04
C GLY Y 663 96.51 -26.22 132.08
N ALA Y 664 96.85 -27.40 132.62
CA ALA Y 664 95.92 -28.52 132.71
C ALA Y 664 95.98 -29.09 134.11
N MET Y 665 94.81 -29.26 134.73
CA MET Y 665 94.71 -29.81 136.07
C MET Y 665 94.42 -31.31 136.00
N TYR Y 666 94.91 -32.03 137.00
CA TYR Y 666 94.73 -33.48 137.08
C TYR Y 666 93.60 -33.90 138.01
N THR Y 667 93.15 -33.01 138.89
CA THR Y 667 92.07 -33.36 139.80
C THR Y 667 90.71 -33.37 139.12
N LEU Y 668 90.51 -32.50 138.14
CA LEU Y 668 89.24 -32.44 137.41
C LEU Y 668 89.42 -32.89 135.96
N ARG Z 25 82.55 -2.86 58.52
CA ARG Z 25 82.65 -2.40 59.91
C ARG Z 25 84.10 -2.38 60.36
N LYS Z 26 84.54 -3.44 61.03
CA LYS Z 26 85.91 -3.57 61.49
C LYS Z 26 86.46 -4.93 61.07
N PRO Z 27 87.76 -5.03 60.85
CA PRO Z 27 88.37 -6.31 60.45
C PRO Z 27 88.20 -7.35 61.53
N PRO Z 28 88.25 -8.64 61.17
CA PRO Z 28 88.11 -9.69 62.18
C PRO Z 28 89.25 -9.65 63.19
N LYS Z 29 88.96 -10.16 64.39
CA LYS Z 29 89.94 -10.20 65.46
C LYS Z 29 91.07 -11.15 65.09
N GLY Z 30 92.27 -10.61 64.90
CA GLY Z 30 93.41 -11.41 64.49
C GLY Z 30 94.30 -11.86 65.63
N MET Z 31 93.70 -12.20 66.76
CA MET Z 31 94.44 -12.69 67.93
C MET Z 31 93.62 -13.79 68.60
N PHE Z 32 94.22 -14.99 68.69
CA PHE Z 32 93.58 -16.12 69.36
C PHE Z 32 94.38 -16.51 70.61
N LEU Z 33 95.58 -17.05 70.45
CA LEU Z 33 96.39 -17.52 71.56
C LEU Z 33 95.62 -18.51 72.43
N SER Z 34 94.90 -19.42 71.77
CA SER Z 34 94.08 -20.39 72.48
C SER Z 34 94.96 -21.44 73.16
N GLN Z 35 94.35 -22.17 74.10
CA GLN Z 35 95.08 -23.19 74.83
C GLN Z 35 95.34 -24.41 73.96
N GLU Z 36 94.40 -24.75 73.06
CA GLU Z 36 94.60 -25.89 72.17
C GLU Z 36 95.73 -25.65 71.18
N ASP Z 37 95.92 -24.41 70.76
CA ASP Z 37 97.00 -24.10 69.82
C ASP Z 37 98.36 -24.28 70.47
N VAL Z 38 98.54 -23.73 71.68
CA VAL Z 38 99.81 -23.86 72.39
C VAL Z 38 100.06 -25.33 72.73
N GLU Z 39 99.01 -26.06 73.11
CA GLU Z 39 99.17 -27.48 73.38
C GLU Z 39 99.53 -28.25 72.13
N ALA Z 40 99.06 -27.79 70.96
CA ALA Z 40 99.39 -28.47 69.71
C ALA Z 40 100.77 -28.08 69.19
N VAL Z 41 101.24 -26.87 69.51
CA VAL Z 41 102.57 -26.45 69.08
C VAL Z 41 103.63 -27.28 69.80
N SER Z 42 103.64 -27.24 71.14
CA SER Z 42 104.63 -27.94 71.94
C SER Z 42 106.04 -27.59 71.49
N ALA Z 43 106.62 -28.43 70.64
CA ALA Z 43 107.95 -28.23 70.07
C ALA Z 43 108.99 -28.00 71.17
N ASN Z 44 109.27 -29.09 71.88
CA ASN Z 44 110.20 -29.04 73.00
C ASN Z 44 111.61 -28.66 72.55
N ALA Z 45 112.20 -29.49 71.69
CA ALA Z 45 113.53 -29.24 71.15
C ALA Z 45 113.55 -29.10 69.63
N THR Z 46 112.63 -29.75 68.93
CA THR Z 46 112.52 -29.63 67.47
C THR Z 46 111.65 -28.43 67.11
N ALA Z 47 111.90 -27.29 67.75
CA ALA Z 47 111.14 -26.07 67.49
C ALA Z 47 111.78 -25.26 66.37
N ALA Z 48 112.98 -24.70 66.63
CA ALA Z 48 113.63 -23.86 65.65
C ALA Z 48 113.90 -24.61 64.36
N THR Z 49 114.21 -25.92 64.46
CA THR Z 49 114.45 -26.71 63.25
C THR Z 49 113.21 -26.77 62.37
N THR Z 50 112.02 -26.78 62.97
CA THR Z 50 110.77 -26.78 62.22
C THR Z 50 110.25 -25.38 61.95
N VAL Z 51 110.42 -24.46 62.91
CA VAL Z 51 109.89 -23.11 62.76
C VAL Z 51 110.67 -22.35 61.69
N LEU Z 52 112.00 -22.46 61.69
CA LEU Z 52 112.81 -21.72 60.72
C LEU Z 52 112.55 -22.20 59.30
N ARG Z 53 112.30 -23.50 59.10
CA ARG Z 53 112.00 -24.00 57.77
C ARG Z 53 110.65 -23.50 57.28
N GLN Z 54 109.74 -23.16 58.19
CA GLN Z 54 108.46 -22.61 57.78
C GLN Z 54 108.62 -21.24 57.13
N LEU Z 55 109.67 -20.51 57.49
CA LEU Z 55 109.95 -19.23 56.83
C LEU Z 55 110.53 -19.44 55.44
N ASP Z 56 111.48 -20.37 55.31
CA ASP Z 56 112.12 -20.60 54.02
C ASP Z 56 111.11 -21.04 52.97
N MET Z 57 110.24 -22.00 53.33
CA MET Z 57 109.18 -22.41 52.42
C MET Z 57 108.23 -21.26 52.12
N GLU Z 58 107.93 -20.44 53.14
CA GLU Z 58 107.08 -19.28 52.93
C GLU Z 58 107.79 -18.19 52.13
N LEU Z 59 109.08 -18.00 52.39
CA LEU Z 59 109.83 -16.97 51.67
C LEU Z 59 109.96 -17.31 50.19
N VAL Z 60 110.19 -18.59 49.88
CA VAL Z 60 110.27 -18.99 48.48
C VAL Z 60 108.87 -19.01 47.86
N SER Z 61 107.83 -19.29 48.65
CA SER Z 61 106.47 -19.32 48.12
C SER Z 61 106.01 -17.96 47.62
N VAL Z 62 106.64 -16.88 48.07
CA VAL Z 62 106.30 -15.54 47.63
C VAL Z 62 107.34 -14.98 46.65
N LYS Z 63 108.61 -15.38 46.75
CA LYS Z 63 109.62 -14.90 45.81
C LYS Z 63 109.28 -15.29 44.38
N ARG Z 64 108.97 -16.59 44.16
CA ARG Z 64 108.56 -17.02 42.83
C ARG Z 64 107.23 -16.40 42.43
N GLN Z 65 106.32 -16.20 43.39
CA GLN Z 65 105.03 -15.63 43.07
C GLN Z 65 105.15 -14.16 42.67
N ILE Z 66 106.09 -13.42 43.27
CA ILE Z 66 106.38 -12.07 42.79
C ILE Z 66 106.93 -12.14 41.37
N GLN Z 67 107.78 -13.14 41.08
CA GLN Z 67 108.30 -13.31 39.73
C GLN Z 67 107.20 -13.63 38.74
N ASN Z 68 106.16 -14.36 39.16
CA ASN Z 68 105.07 -14.68 38.25
C ASN Z 68 104.24 -13.45 37.92
N ILE Z 69 103.93 -12.63 38.95
CA ILE Z 69 103.17 -11.41 38.69
C ILE Z 69 104.04 -10.39 37.96
N LYS Z 70 105.34 -10.35 38.27
CA LYS Z 70 106.25 -9.52 37.49
C LYS Z 70 106.27 -9.95 36.03
N GLN Z 71 106.12 -11.26 35.78
CA GLN Z 71 105.99 -11.74 34.42
C GLN Z 71 104.69 -11.26 33.78
N THR Z 72 103.62 -11.16 34.58
CA THR Z 72 102.35 -10.68 34.05
C THR Z 72 102.40 -9.20 33.71
N ASN Z 73 103.07 -8.40 34.55
CA ASN Z 73 103.14 -6.97 34.31
C ASN Z 73 103.98 -6.64 33.08
N SER Z 74 104.93 -7.51 32.73
CA SER Z 74 105.78 -7.26 31.58
C SER Z 74 104.99 -7.35 30.28
N ALA Z 75 104.17 -8.39 30.14
CA ALA Z 75 103.33 -8.52 28.96
C ALA Z 75 102.26 -7.43 28.88
N LEU Z 76 101.89 -6.85 30.02
CA LEU Z 76 100.93 -5.75 30.03
C LEU Z 76 101.58 -4.42 29.69
N LYS Z 77 102.83 -4.22 30.12
CA LYS Z 77 103.61 -3.07 29.64
C LYS Z 77 103.90 -3.18 28.15
N GLU Z 78 103.80 -4.37 27.58
CA GLU Z 78 103.93 -4.57 26.14
C GLU Z 78 102.63 -4.27 25.40
N LYS Z 79 101.49 -4.32 26.10
CA LYS Z 79 100.20 -4.06 25.48
C LYS Z 79 99.77 -2.60 25.60
N LEU Z 80 100.31 -1.87 26.57
CA LEU Z 80 99.99 -0.46 26.75
C LEU Z 80 100.87 0.46 25.92
N ASP Z 81 101.79 -0.08 25.13
CA ASP Z 81 102.64 0.73 24.28
C ASP Z 81 101.79 1.40 23.20
N GLY Z 82 101.72 2.73 23.25
CA GLY Z 82 100.86 3.47 22.34
C GLY Z 82 99.41 3.43 22.79
N GLY Z 83 99.07 4.27 23.77
CA GLY Z 83 97.72 4.27 24.30
C GLY Z 83 96.69 4.72 23.29
N ILE Z 84 95.44 4.35 23.55
CA ILE Z 84 94.34 4.69 22.67
C ILE Z 84 94.06 6.20 22.73
N GLU Z 85 94.54 6.92 21.71
CA GLU Z 85 94.37 8.37 21.63
C GLU Z 85 93.70 8.79 20.32
N PRO Z 86 94.18 8.35 19.15
CA PRO Z 86 93.49 8.74 17.90
C PRO Z 86 92.16 8.05 17.71
N TYR Z 87 91.84 7.03 18.50
CA TYR Z 87 90.57 6.32 18.41
C TYR Z 87 89.48 6.99 19.22
N ARG Z 88 89.81 8.05 19.97
CA ARG Z 88 88.83 8.76 20.78
C ARG Z 88 87.95 9.63 19.89
N LEU Z 89 86.67 9.72 20.25
CA LEU Z 89 85.70 10.50 19.50
C LEU Z 89 85.31 11.77 20.25
N PRO Z 90 85.07 12.87 19.53
CA PRO Z 90 84.74 14.13 20.21
C PRO Z 90 83.35 14.10 20.83
N GLU Z 91 83.10 15.09 21.67
CA GLU Z 91 81.82 15.20 22.36
C GLU Z 91 80.75 15.76 21.42
N VAL Z 92 79.52 15.26 21.57
CA VAL Z 92 78.40 15.67 20.75
C VAL Z 92 77.62 16.75 21.49
N ILE Z 93 77.25 17.81 20.77
CA ILE Z 93 76.51 18.94 21.33
C ILE Z 93 75.14 18.95 20.66
N GLN Z 94 74.12 18.47 21.38
CA GLN Z 94 72.75 18.44 20.88
C GLN Z 94 71.81 18.82 22.00
N LYS Z 95 70.97 19.82 21.75
CA LYS Z 95 70.00 20.24 22.76
C LYS Z 95 68.88 19.23 22.90
N CYS Z 96 68.23 19.27 24.07
CA CYS Z 96 67.12 18.38 24.36
C CYS Z 96 65.82 19.03 23.90
N ASN Z 97 65.06 18.30 23.07
CA ASN Z 97 63.82 18.81 22.51
C ASN Z 97 62.63 18.22 23.26
N ALA Z 98 61.58 19.04 23.41
CA ALA Z 98 60.36 18.62 24.09
C ALA Z 98 59.32 18.07 23.13
N ARG Z 99 59.53 18.18 21.82
CA ARG Z 99 58.59 17.70 20.83
C ARG Z 99 58.92 16.24 20.49
N TRP Z 100 57.95 15.36 20.65
CA TRP Z 100 58.12 13.94 20.39
C TRP Z 100 57.62 13.65 18.98
N THR Z 101 58.55 13.48 18.05
CA THR Z 101 58.20 13.19 16.67
C THR Z 101 57.99 11.68 16.48
N THR Z 102 57.45 11.32 15.32
CA THR Z 102 57.22 9.91 15.02
C THR Z 102 58.53 9.14 14.92
N GLU Z 103 59.56 9.76 14.33
CA GLU Z 103 60.86 9.11 14.25
C GLU Z 103 61.43 8.86 15.63
N GLU Z 104 61.30 9.84 16.53
CA GLU Z 104 61.84 9.67 17.89
C GLU Z 104 61.06 8.63 18.68
N GLN Z 105 59.76 8.47 18.40
CA GLN Z 105 58.98 7.43 19.06
C GLN Z 105 59.38 6.05 18.55
N LEU Z 106 59.71 5.93 17.26
CA LEU Z 106 60.15 4.65 16.72
C LEU Z 106 61.53 4.28 17.25
N LEU Z 107 62.42 5.26 17.38
CA LEU Z 107 63.73 5.00 17.99
C LEU Z 107 63.60 4.56 19.43
N ALA Z 108 62.60 5.08 20.15
CA ALA Z 108 62.40 4.69 21.54
C ALA Z 108 61.93 3.25 21.64
N VAL Z 109 60.96 2.86 20.81
CA VAL Z 109 60.43 1.50 20.85
C VAL Z 109 61.52 0.49 20.56
N GLN Z 110 62.35 0.76 19.54
CA GLN Z 110 63.47 -0.13 19.25
C GLN Z 110 64.51 -0.12 20.37
N ALA Z 111 64.67 1.03 21.04
CA ALA Z 111 65.60 1.08 22.17
C ALA Z 111 65.06 0.32 23.36
N ILE Z 112 63.74 0.34 23.57
CA ILE Z 112 63.15 -0.47 24.64
C ILE Z 112 63.35 -1.95 24.35
N ARG Z 113 63.19 -2.35 23.08
CA ARG Z 113 63.29 -3.75 22.72
C ARG Z 113 64.71 -4.28 22.90
N LYS Z 114 65.71 -3.44 22.66
CA LYS Z 114 67.10 -3.88 22.74
C LYS Z 114 67.68 -3.75 24.15
N TYR Z 115 67.36 -2.68 24.86
CA TYR Z 115 67.96 -2.40 26.16
C TYR Z 115 67.04 -2.64 27.34
N GLY Z 116 65.74 -2.49 27.16
CA GLY Z 116 64.80 -2.75 28.25
C GLY Z 116 64.56 -1.51 29.11
N ARG Z 117 64.94 -1.59 30.38
CA ARG Z 117 64.70 -0.52 31.33
C ARG Z 117 65.90 0.42 31.47
N ASP Z 118 66.96 0.23 30.69
CA ASP Z 118 68.09 1.13 30.74
C ASP Z 118 67.68 2.49 30.20
N PHE Z 119 67.28 3.40 31.09
CA PHE Z 119 66.79 4.71 30.65
C PHE Z 119 67.88 5.51 29.97
N GLN Z 120 69.13 5.39 30.45
CA GLN Z 120 70.23 6.10 29.83
C GLN Z 120 70.48 5.62 28.41
N ALA Z 121 70.21 4.35 28.13
CA ALA Z 121 70.42 3.82 26.79
C ALA Z 121 69.42 4.42 25.80
N ILE Z 122 68.14 4.42 26.16
CA ILE Z 122 67.12 4.98 25.29
C ILE Z 122 67.32 6.48 25.10
N SER Z 123 67.77 7.18 26.14
CA SER Z 123 67.99 8.61 26.03
C SER Z 123 69.15 8.93 25.10
N ASP Z 124 70.19 8.11 25.13
CA ASP Z 124 71.35 8.35 24.28
C ASP Z 124 71.11 7.95 22.83
N VAL Z 125 70.26 6.93 22.60
CA VAL Z 125 69.97 6.51 21.24
C VAL Z 125 69.16 7.57 20.52
N ILE Z 126 68.10 8.07 21.16
CA ILE Z 126 67.29 9.13 20.55
C ILE Z 126 68.12 10.39 20.37
N GLY Z 127 68.81 10.81 21.43
CA GLY Z 127 69.71 11.95 21.34
C GLY Z 127 69.18 13.21 22.01
N ASN Z 128 67.99 13.64 21.63
CA ASN Z 128 67.40 14.88 22.12
C ASN Z 128 66.30 14.63 23.17
N LYS Z 129 66.40 13.54 23.92
CA LYS Z 129 65.46 13.24 24.99
C LYS Z 129 66.25 12.83 26.22
N SER Z 130 65.88 13.39 27.38
CA SER Z 130 66.61 13.15 28.61
C SER Z 130 66.11 11.87 29.29
N VAL Z 131 66.68 11.59 30.46
CA VAL Z 131 66.32 10.37 31.19
C VAL Z 131 64.89 10.48 31.73
N VAL Z 132 64.54 11.63 32.29
CA VAL Z 132 63.19 11.80 32.84
C VAL Z 132 62.16 11.81 31.73
N GLN Z 133 62.54 12.25 30.53
CA GLN Z 133 61.59 12.26 29.41
C GLN Z 133 61.34 10.85 28.88
N VAL Z 134 62.30 9.95 29.03
CA VAL Z 134 62.08 8.56 28.65
C VAL Z 134 61.31 7.83 29.75
N LYS Z 135 61.58 8.17 31.02
CA LYS Z 135 60.82 7.57 32.11
C LYS Z 135 59.35 7.97 32.05
N ASN Z 136 59.08 9.21 31.63
CA ASN Z 136 57.70 9.63 31.40
C ASN Z 136 57.14 9.01 30.13
N PHE Z 137 58.01 8.67 29.17
CA PHE Z 137 57.55 8.05 27.93
C PHE Z 137 57.01 6.65 28.18
N PHE Z 138 57.48 5.98 29.23
CA PHE Z 138 56.98 4.64 29.53
C PHE Z 138 55.53 4.69 30.03
N VAL Z 139 55.18 5.73 30.78
CA VAL Z 139 53.86 5.79 31.39
C VAL Z 139 52.82 6.35 30.42
N ASN Z 140 53.17 7.45 29.73
CA ASN Z 140 52.21 8.08 28.84
C ASN Z 140 51.91 7.24 27.61
N TYR Z 141 52.84 6.39 27.20
CA TYR Z 141 52.67 5.53 26.03
C TYR Z 141 52.74 4.05 26.41
N ARG Z 142 52.25 3.70 27.60
CA ARG Z 142 52.27 2.30 28.01
C ARG Z 142 51.24 1.50 27.24
N ARG Z 143 50.00 2.00 27.14
CA ARG Z 143 48.96 1.30 26.41
C ARG Z 143 49.01 1.57 24.92
N ARG Z 144 49.53 2.73 24.51
CA ARG Z 144 49.56 3.10 23.10
C ARG Z 144 50.73 2.49 22.34
N PHE Z 145 51.66 1.85 23.02
CA PHE Z 145 52.81 1.23 22.36
C PHE Z 145 53.08 -0.19 22.81
N ASN Z 146 52.27 -0.75 23.71
CA ASN Z 146 52.43 -2.12 24.20
C ASN Z 146 53.84 -2.33 24.78
N ILE Z 147 54.17 -1.49 25.76
CA ILE Z 147 55.49 -1.54 26.38
C ILE Z 147 55.65 -2.81 27.21
N ASP Z 148 54.58 -3.28 27.86
CA ASP Z 148 54.66 -4.50 28.66
C ASP Z 148 55.04 -5.69 27.80
N GLU Z 149 54.52 -5.76 26.56
CA GLU Z 149 54.88 -6.85 25.67
C GLU Z 149 56.31 -6.71 25.18
N VAL Z 150 56.80 -5.48 25.01
CA VAL Z 150 58.17 -5.28 24.55
C VAL Z 150 59.16 -5.59 25.68
N LEU Z 151 58.81 -5.24 26.92
CA LEU Z 151 59.69 -5.51 28.04
C LEU Z 151 59.81 -7.01 28.30
N GLN Z 152 58.70 -7.74 28.21
CA GLN Z 152 58.75 -9.18 28.43
C GLN Z 152 59.48 -9.91 27.31
N GLU Z 153 59.58 -9.30 26.13
CA GLU Z 153 60.40 -9.87 25.06
C GLU Z 153 61.88 -9.65 25.30
N TRP Z 154 62.24 -8.52 25.91
CA TRP Z 154 63.63 -8.29 26.29
C TRP Z 154 64.06 -9.23 27.40
N GLU Z 155 63.16 -9.51 28.35
CA GLU Z 155 63.46 -10.44 29.43
C GLU Z 155 63.66 -11.86 28.93
N ALA Z 156 63.13 -12.20 27.76
CA ALA Z 156 63.34 -13.53 27.19
C ALA Z 156 64.73 -13.68 26.60
N GLU Z 157 65.50 -12.61 26.47
CA GLU Z 157 66.85 -12.68 25.93
C GLU Z 157 67.87 -12.27 26.97
PA FAD CA . -70.71 -32.86 -146.13
O1A FAD CA . -70.45 -34.32 -146.07
O2A FAD CA . -72.19 -32.47 -146.07
O5B FAD CA . -70.05 -32.24 -147.41
C5B FAD CA . -69.63 -33.07 -148.52
C4B FAD CA . -70.68 -33.06 -149.60
O4B FAD CA . -70.08 -33.37 -150.87
C3B FAD CA . -71.81 -34.07 -149.42
O3B FAD CA . -73.05 -33.54 -149.86
C2B FAD CA . -71.35 -35.25 -150.27
O2B FAD CA . -72.44 -36.04 -150.73
C1B FAD CA . -70.68 -34.52 -151.43
N9A FAD CA . -69.67 -35.30 -152.12
C8A FAD CA . -68.85 -36.26 -151.58
N7A FAD CA . -68.03 -36.80 -152.43
C5A FAD CA . -68.30 -36.15 -153.62
C6A FAD CA . -67.78 -36.27 -154.92
N6A FAD CA . -66.80 -37.12 -155.25
N1A FAD CA . -68.29 -35.47 -155.88
C2A FAD CA . -69.26 -34.62 -155.57
N3A FAD CA . -69.85 -34.43 -154.38
C4A FAD CA . -69.32 -35.22 -153.44
N1 FAD CA . -72.61 -32.73 -135.76
C2 FAD CA . -73.16 -32.16 -134.65
O2 FAD CA . -73.08 -30.95 -134.43
N3 FAD CA . -73.83 -32.96 -133.73
C4 FAD CA . -74.01 -34.33 -133.82
O4 FAD CA . -74.62 -34.93 -132.94
C4X FAD CA . -73.42 -34.92 -135.01
N5 FAD CA . -73.55 -36.20 -135.17
C5X FAD CA . -72.98 -36.77 -136.30
C6 FAD CA . -73.09 -38.14 -136.50
C7 FAD CA . -72.55 -38.76 -137.62
C7M FAD CA . -72.70 -40.25 -137.80
C8 FAD CA . -71.87 -37.98 -138.57
C8M FAD CA . -71.28 -38.62 -139.79
C9 FAD CA . -71.74 -36.62 -138.37
C9A FAD CA . -72.29 -36.00 -137.25
N10 FAD CA . -72.20 -34.61 -137.04
C10 FAD CA . -72.74 -34.04 -135.92
C1' FAD CA . -71.47 -33.76 -138.00
C2' FAD CA . -72.36 -33.17 -139.09
O2' FAD CA . -73.13 -34.20 -139.70
C3' FAD CA . -71.49 -32.48 -140.13
O3' FAD CA . -70.87 -31.35 -139.55
C4' FAD CA . -72.22 -32.06 -141.40
O4' FAD CA . -73.41 -32.85 -141.55
C5' FAD CA . -71.36 -32.17 -142.64
O5' FAD CA . -71.07 -30.85 -143.14
P FAD CA . -70.27 -30.63 -144.47
O1P FAD CA . -71.16 -29.99 -145.53
O2P FAD CA . -69.00 -29.93 -144.20
O3P FAD CA . -69.96 -32.12 -144.95
PA FAD DA . 95.75 95.41 62.20
O1A FAD DA . 95.12 95.92 63.43
O2A FAD DA . 97.15 94.83 62.37
O5B FAD DA . 95.76 96.52 61.08
C5B FAD DA . 95.56 97.92 61.41
C4B FAD DA . 96.89 98.63 61.48
O4B FAD DA . 96.69 100.04 61.29
C3B FAD DA . 97.63 98.47 62.81
O3B FAD DA . 99.03 98.38 62.60
C2B FAD DA . 97.24 99.75 63.56
O2B FAD DA . 98.22 100.13 64.50
C1B FAD DA . 97.18 100.75 62.42
N9A FAD DA . 96.29 101.89 62.66
C8A FAD DA . 95.18 101.91 63.44
N7A FAD DA . 94.57 103.08 63.48
C5A FAD DA . 95.36 103.88 62.67
C6A FAD DA . 95.26 105.23 62.30
N6A FAD DA . 94.29 106.05 62.71
N1A FAD DA . 96.21 105.73 61.48
C2A FAD DA . 97.18 104.92 61.05
N3A FAD DA . 97.38 103.62 61.34
C4A FAD DA . 96.42 103.17 62.15
N1 FAD DA . 94.00 85.48 65.29
C2 FAD DA . 94.28 84.16 65.13
O2 FAD DA . 94.27 83.63 64.00
N3 FAD DA . 94.58 83.37 66.22
C4 FAD DA . 94.62 83.80 67.54
O4 FAD DA . 94.90 83.00 68.43
C4X FAD DA . 94.32 85.20 67.71
N5 FAD DA . 94.35 85.69 68.91
C5X FAD DA . 94.07 87.04 69.07
C6 FAD DA . 94.12 87.59 70.35
C7 FAD DA . 93.81 88.93 70.57
C7M FAD DA . 93.83 89.48 71.97
C8 FAD DA . 93.51 89.76 69.47
C8M FAD DA . 93.21 91.22 69.67
C9 FAD DA . 93.48 89.22 68.20
C9A FAD DA . 93.76 87.87 67.99
N10 FAD DA . 93.75 87.30 66.70
C10 FAD DA . 94.03 85.97 66.52
C1' FAD DA . 93.45 88.12 65.51
C2' FAD DA . 94.70 88.70 64.86
O2' FAD DA . 95.45 89.47 65.80
C3' FAD DA . 94.29 89.59 63.69
O3' FAD DA . 93.76 88.78 62.65
C4' FAD DA . 95.44 90.43 63.12
O4' FAD DA . 96.42 90.64 64.14
C5' FAD DA . 94.97 91.75 62.56
O5' FAD DA . 95.54 91.93 61.25
P FAD DA . 95.34 93.27 60.44
O1P FAD DA . 96.69 93.77 59.91
O2P FAD DA . 94.29 93.11 59.41
O3P FAD DA . 94.84 94.27 61.55
PA FAD EA . -140.57 -32.12 -40.19
O1A FAD EA . -141.25 -30.92 -40.74
O2A FAD EA . -140.68 -33.37 -41.07
O5B FAD EA . -141.10 -32.42 -38.74
C5B FAD EA . -142.41 -31.99 -38.32
C4B FAD EA . -143.49 -32.75 -39.07
O4B FAD EA . -144.61 -32.99 -38.19
C3B FAD EA . -144.07 -32.03 -40.28
O3B FAD EA . -144.51 -32.96 -41.27
C2B FAD EA . -145.22 -31.24 -39.66
O2B FAD EA . -146.24 -30.96 -40.62
C1B FAD EA . -145.72 -32.20 -38.58
N9A FAD EA . -146.25 -31.54 -37.39
C8A FAD EA . -146.11 -30.22 -37.06
N7A FAD EA . -146.69 -29.89 -35.93
C5A FAD EA . -147.26 -31.07 -35.50
C6A FAD EA . -148.01 -31.40 -34.35
N6A FAD EA . -148.35 -30.52 -33.40
N1A FAD EA . -148.42 -32.68 -34.21
C2A FAD EA . -148.08 -33.57 -35.15
N3A FAD EA . -147.37 -33.37 -36.27
C4A FAD EA . -146.99 -32.10 -36.38
N1 FAD EA . -132.90 -30.80 -48.06
C2 FAD EA . -132.34 -31.31 -49.19
O2 FAD EA . -131.52 -32.24 -49.15
N3 FAD EA . -132.69 -30.78 -50.43
C4 FAD EA . -133.59 -29.76 -50.64
O4 FAD EA . -133.85 -29.35 -51.77
C4X FAD EA . -134.18 -29.21 -49.43
N5 FAD EA . -135.03 -28.24 -49.54
C5X FAD EA . -135.60 -27.72 -48.40
C6 FAD EA . -136.52 -26.69 -48.52
C7 FAD EA . -137.10 -26.11 -47.39
C7M FAD EA . -138.09 -24.99 -47.55
C8 FAD EA . -136.78 -26.62 -46.11
C8M FAD EA . -137.41 -26.04 -44.88
C9 FAD EA . -135.87 -27.66 -46.00
C9A FAD EA . -135.27 -28.21 -47.13
N10 FAD EA . -134.34 -29.27 -47.03
C10 FAD EA . -133.77 -29.80 -48.18
C1' FAD EA . -133.97 -29.83 -45.73
C2' FAD EA . -134.94 -30.89 -45.24
O2' FAD EA . -136.15 -30.86 -46.00
C3' FAD EA . -135.27 -30.64 -43.76
O3' FAD EA . -134.13 -30.11 -43.12
C4' FAD EA . -135.73 -31.90 -43.02
O4' FAD EA . -136.49 -32.71 -43.91
C5' FAD EA . -136.52 -31.61 -41.77
O5' FAD EA . -137.23 -32.81 -41.38
P FAD EA . -137.90 -32.93 -39.96
O1P FAD EA . -138.59 -34.30 -39.84
O2P FAD EA . -136.91 -32.65 -38.88
O3P FAD EA . -139.03 -31.82 -39.98
PA FAD FA . 121.13 -18.00 109.57
O1A FAD FA . 121.99 -18.40 108.43
O2A FAD FA . 121.70 -16.88 110.43
O5B FAD FA . 120.81 -19.26 110.46
C5B FAD FA . 121.70 -20.39 110.53
C4B FAD FA . 122.58 -20.29 111.74
O4B FAD FA . 123.03 -21.61 112.13
C3B FAD FA . 123.85 -19.45 111.57
O3B FAD FA . 124.17 -18.76 112.76
C2B FAD FA . 124.90 -20.50 111.20
O2B FAD FA . 126.21 -20.09 111.55
C1B FAD FA . 124.44 -21.67 112.07
N9A FAD FA . 124.82 -22.98 111.54
C8A FAD FA . 124.80 -23.39 110.24
N7A FAD FA . 125.20 -24.62 110.05
C5A FAD FA . 125.52 -25.06 111.32
C6A FAD FA . 126.00 -26.29 111.82
N6A FAD FA . 126.27 -27.35 111.04
N1A FAD FA . 126.22 -26.40 113.15
C2A FAD FA . 125.95 -25.34 113.92
N3A FAD FA . 125.50 -24.14 113.58
C4A FAD FA . 125.30 -24.06 112.25
N1 FAD FA . 116.78 -9.77 104.65
C2 FAD FA . 116.38 -8.47 104.56
O2 FAD FA . 115.46 -8.02 105.28
N3 FAD FA . 116.99 -7.64 103.64
C4 FAD FA . 118.02 -7.99 102.78
O4 FAD FA . 118.48 -7.16 102.00
C4X FAD FA . 118.44 -9.39 102.90
N5 FAD FA . 119.39 -9.80 102.13
C5X FAD FA . 119.80 -11.12 102.24
C6 FAD FA . 120.82 -11.57 101.40
C7 FAD FA . 121.29 -12.88 101.46
C7M FAD FA . 122.40 -13.32 100.55
C8 FAD FA . 120.71 -13.77 102.37
C8M FAD FA . 121.18 -15.19 102.47
C9 FAD FA . 119.67 -13.33 103.19
C9A FAD FA . 119.22 -12.02 103.15
N10 FAD FA . 118.19 -11.53 104.00
C10 FAD FA . 117.77 -10.20 103.87
C1' FAD FA . 117.50 -12.42 104.99
C2' FAD FA . 118.41 -13.04 106.06
O2' FAD FA . 119.79 -12.65 105.92
C3' FAD FA . 118.30 -14.56 106.05
O3' FAD FA . 117.01 -14.98 105.60
C4' FAD FA . 118.58 -15.17 107.43
O4' FAD FA . 119.61 -16.15 107.29
C5' FAD FA . 117.37 -15.75 108.12
O5' FAD FA . 117.73 -16.08 109.49
P FAD FA . 118.36 -17.47 109.86
O1P FAD FA . 118.73 -17.48 111.35
O2P FAD FA . 117.47 -18.58 109.44
O3P FAD FA . 119.72 -17.53 109.03
#